data_6SVL
#
_entry.id   6SVL
#
_cell.length_a   89.519
_cell.length_b   107.430
_cell.length_c   109.369
_cell.angle_alpha   71.540
_cell.angle_beta   86.250
_cell.angle_gamma   73.380
#
_symmetry.space_group_name_H-M   'P 1'
#
loop_
_entity.id
_entity.type
_entity.pdbx_description
1 polymer Fab_heavy_chain
2 polymer Fab_light_chain
3 polymer 'Myeloid-derived growth factor'
4 non-polymer GLYCEROL
5 water water
#
loop_
_entity_poly.entity_id
_entity_poly.type
_entity_poly.pdbx_seq_one_letter_code
_entity_poly.pdbx_strand_id
1 'polypeptide(L)'
;EVQLQQSGAELVRPGALVKLSCKASGFNIKDYYMHWVKQRPEQGLEWIGRIDPENSNNIYDPKFQGKASITADTSSNTAY
LQLSSLTSEDTAVYYCARGGFDTNHYAMDYWGQGTSVTVSSASTKGPSVFPLAPSSKSTSGGTAALGCLVKDYFPEPVTV
SWNSGALTSGVHTFPAVLQSSGLYSLSSVVTVPSSSLGTQTYICNVNHKPSNTKVDKRVEPKSCDKTHEQKLISEEDLHH
HHHH
;
A,D,G,H,K,O
2 'polypeptide(L)'
;MGWSLILLFLVAVATRVLSDIQMTQSPASLSVSVGETVTITCRASENIYSNLAWYQQKQGKSPQLLVYAATNLADGVPSR
FSGSGSGTQYSLKINSLQSEDFGNYYCQHFWGTPPWTFGGGTKLEIKRTVAAPSVFIFPPSDEQLKSGTASVVCLLNNFY
PREAKVQWKVDNALQSGNSQESVTEQDSKDSTYSLSSTLTLSKADYEKHKVYACEVTHQGLSSPVTKSFNRGEC
;
B,E,I,L,M,P
3 'polypeptide(L)'
;VSEPTTVAFDVRPGGVVHSFSHNVGPGDKYTCMFTYASQGGTNEQWQMSLGTSEDHQHFTCTIWRPQGKSYLYFTQFKAE
VRGAEIEYAMAYSKAAFERESDVPLKTEEFEVTKTAVAHRPGAFKAELSKLVIVAKASRTEL
;
C,F,J,N,Q,R
#
# COMPACT_ATOMS: atom_id res chain seq x y z
N GLU A 1 19.34 30.18 -8.32
CA GLU A 1 20.06 30.16 -7.05
C GLU A 1 19.20 29.46 -5.99
N VAL A 2 19.81 28.53 -5.24
CA VAL A 2 19.10 27.81 -4.19
C VAL A 2 19.13 28.63 -2.91
N GLN A 3 17.95 28.79 -2.27
CA GLN A 3 17.87 29.49 -1.00
C GLN A 3 16.80 28.88 -0.11
N LEU A 4 17.06 28.80 1.19
CA LEU A 4 16.13 28.34 2.22
C LEU A 4 15.93 29.52 3.14
N GLN A 5 14.73 30.07 3.12
CA GLN A 5 14.42 31.27 3.88
C GLN A 5 13.57 30.95 5.09
N GLN A 6 14.15 31.07 6.29
CA GLN A 6 13.44 30.75 7.52
C GLN A 6 12.73 31.95 8.12
N SER A 7 11.70 31.65 8.90
CA SER A 7 10.89 32.63 9.59
C SER A 7 11.67 33.30 10.73
N GLY A 8 11.16 34.44 11.21
CA GLY A 8 11.79 35.26 12.24
C GLY A 8 11.87 34.67 13.63
N ALA A 9 12.71 35.30 14.49
CA ALA A 9 12.92 34.90 15.87
C ALA A 9 11.61 34.81 16.65
N GLU A 10 11.52 33.86 17.58
CA GLU A 10 10.32 33.67 18.40
C GLU A 10 10.62 33.81 19.87
N LEU A 11 9.73 34.48 20.61
CA LEU A 11 9.78 34.59 22.05
C LEU A 11 8.46 33.98 22.50
N VAL A 12 8.54 32.83 23.19
CA VAL A 12 7.35 32.08 23.61
C VAL A 12 7.41 31.61 25.05
N ARG A 13 6.25 31.54 25.68
CA ARG A 13 6.17 31.16 27.10
C ARG A 13 6.39 29.66 27.31
N PRO A 14 6.94 29.24 28.48
CA PRO A 14 7.03 27.79 28.78
C PRO A 14 5.65 27.14 28.70
N GLY A 15 5.61 25.91 28.17
CA GLY A 15 4.40 25.13 28.01
C GLY A 15 3.69 25.38 26.70
N ALA A 16 4.05 26.48 26.00
CA ALA A 16 3.44 26.85 24.74
C ALA A 16 4.03 26.10 23.53
N LEU A 17 3.66 26.54 22.33
CA LEU A 17 3.98 25.87 21.06
C LEU A 17 4.34 26.92 20.02
N VAL A 18 5.26 26.55 19.11
N VAL A 18 5.25 26.54 19.10
CA VAL A 18 5.67 27.39 17.99
CA VAL A 18 5.72 27.41 18.01
C VAL A 18 5.62 26.60 16.71
C VAL A 18 5.75 26.62 16.71
N LYS A 19 5.44 27.30 15.58
CA LYS A 19 5.50 26.70 14.25
C LYS A 19 6.49 27.56 13.44
N LEU A 20 7.58 26.95 13.02
CA LEU A 20 8.67 27.63 12.27
C LEU A 20 8.53 27.27 10.81
N SER A 21 8.88 28.20 9.91
CA SER A 21 8.78 27.91 8.48
C SER A 21 10.11 28.01 7.77
N CYS A 22 10.21 27.31 6.66
CA CYS A 22 11.42 27.25 5.83
C CYS A 22 10.98 27.25 4.38
N LYS A 23 10.99 28.41 3.73
CA LYS A 23 10.58 28.55 2.35
C LYS A 23 11.73 28.28 1.40
N ALA A 24 11.56 27.30 0.50
CA ALA A 24 12.57 26.94 -0.48
C ALA A 24 12.38 27.70 -1.79
N SER A 25 13.51 28.13 -2.37
CA SER A 25 13.56 28.83 -3.66
C SER A 25 14.64 28.18 -4.52
N GLY A 26 14.41 28.07 -5.84
CA GLY A 26 15.42 27.53 -6.75
C GLY A 26 15.45 26.02 -6.92
N PHE A 27 14.53 25.30 -6.26
CA PHE A 27 14.42 23.85 -6.37
C PHE A 27 13.03 23.47 -5.88
N ASN A 28 12.59 22.26 -6.21
CA ASN A 28 11.28 21.76 -5.79
C ASN A 28 11.48 20.94 -4.51
N ILE A 29 10.76 21.27 -3.40
CA ILE A 29 10.91 20.52 -2.14
C ILE A 29 10.56 19.02 -2.30
N LYS A 30 9.76 18.64 -3.30
CA LYS A 30 9.45 17.21 -3.50
C LYS A 30 10.68 16.40 -3.91
N ASP A 31 11.78 17.06 -4.32
CA ASP A 31 12.97 16.37 -4.79
C ASP A 31 14.04 16.10 -3.71
N TYR A 32 13.76 16.51 -2.47
CA TYR A 32 14.71 16.36 -1.37
C TYR A 32 14.00 16.08 -0.09
N TYR A 33 14.70 15.52 0.88
CA TYR A 33 14.18 15.50 2.23
C TYR A 33 14.35 16.94 2.73
N MET A 34 13.50 17.38 3.64
CA MET A 34 13.76 18.62 4.37
C MET A 34 14.03 18.19 5.80
N HIS A 35 15.24 18.47 6.27
CA HIS A 35 15.71 18.10 7.61
C HIS A 35 15.63 19.31 8.53
N TRP A 36 15.47 19.06 9.84
CA TRP A 36 15.50 20.12 10.86
C TRP A 36 16.55 19.73 11.87
N VAL A 37 17.34 20.73 12.28
CA VAL A 37 18.49 20.57 13.17
C VAL A 37 18.38 21.60 14.29
N LYS A 38 18.66 21.18 15.53
CA LYS A 38 18.64 22.02 16.72
C LYS A 38 20.05 22.33 17.18
N GLN A 39 20.24 23.55 17.70
CA GLN A 39 21.50 23.92 18.31
C GLN A 39 21.24 24.81 19.51
N ARG A 40 21.38 24.22 20.70
CA ARG A 40 21.24 24.94 21.97
C ARG A 40 22.46 25.85 22.16
N PRO A 41 22.30 26.97 22.92
CA PRO A 41 23.45 27.88 23.13
C PRO A 41 24.69 27.16 23.66
N GLU A 42 25.83 27.41 22.99
CA GLU A 42 27.14 26.84 23.28
C GLU A 42 27.19 25.31 23.09
N GLN A 43 26.19 24.71 22.38
CA GLN A 43 26.16 23.27 22.19
C GLN A 43 26.31 22.89 20.71
N GLY A 44 26.38 21.59 20.48
CA GLY A 44 26.54 21.02 19.15
C GLY A 44 25.24 20.90 18.38
N LEU A 45 25.36 20.42 17.14
CA LEU A 45 24.20 20.23 16.27
C LEU A 45 23.50 18.96 16.65
N GLU A 46 22.16 18.99 16.65
N GLU A 46 22.16 18.97 16.67
CA GLU A 46 21.35 17.82 16.93
CA GLU A 46 21.41 17.75 16.95
C GLU A 46 20.35 17.63 15.79
C GLU A 46 20.28 17.58 15.92
N TRP A 47 20.31 16.46 15.18
CA TRP A 47 19.33 16.16 14.14
C TRP A 47 17.96 15.93 14.82
N ILE A 48 16.93 16.68 14.38
CA ILE A 48 15.57 16.53 14.98
C ILE A 48 14.77 15.48 14.21
N GLY A 49 14.66 15.70 12.92
CA GLY A 49 13.87 14.85 12.05
C GLY A 49 13.86 15.34 10.63
N ARG A 50 13.04 14.68 9.80
CA ARG A 50 12.95 15.05 8.40
C ARG A 50 11.56 14.74 7.87
N ILE A 51 11.27 15.31 6.71
CA ILE A 51 10.06 14.97 5.97
C ILE A 51 10.44 14.74 4.51
N ASP A 52 9.79 13.77 3.85
CA ASP A 52 9.92 13.59 2.40
C ASP A 52 8.64 14.27 1.87
N PRO A 53 8.74 15.51 1.29
CA PRO A 53 7.50 16.24 0.87
C PRO A 53 6.74 15.57 -0.27
N GLU A 54 7.33 14.62 -0.97
CA GLU A 54 6.61 13.92 -2.04
C GLU A 54 5.56 12.96 -1.49
N ASN A 55 5.83 12.31 -0.34
CA ASN A 55 4.87 11.32 0.21
C ASN A 55 4.43 11.62 1.65
N SER A 56 4.96 12.73 2.26
CA SER A 56 4.66 13.20 3.63
C SER A 56 5.29 12.34 4.73
N ASN A 57 6.14 11.33 4.38
CA ASN A 57 6.77 10.49 5.41
C ASN A 57 7.67 11.33 6.26
N ASN A 58 7.43 11.32 7.57
CA ASN A 58 8.24 12.10 8.51
C ASN A 58 8.67 11.22 9.66
N ILE A 59 9.91 11.40 10.14
CA ILE A 59 10.53 10.59 11.18
C ILE A 59 11.42 11.49 12.02
N TYR A 60 11.63 11.12 13.29
CA TYR A 60 12.36 11.93 14.26
C TYR A 60 13.36 11.11 15.05
N ASP A 61 14.25 11.81 15.75
CA ASP A 61 15.10 11.20 16.74
C ASP A 61 14.10 10.92 17.91
N PRO A 62 14.03 9.69 18.47
CA PRO A 62 13.08 9.42 19.57
C PRO A 62 13.23 10.34 20.79
N LYS A 63 14.43 10.91 21.01
CA LYS A 63 14.71 11.81 22.15
C LYS A 63 13.79 13.01 22.21
N PHE A 64 13.15 13.38 21.11
CA PHE A 64 12.25 14.52 21.10
C PHE A 64 10.90 14.15 21.76
N GLN A 65 10.65 12.82 21.91
CA GLN A 65 9.46 12.21 22.52
C GLN A 65 8.14 12.82 22.00
N GLY A 66 8.00 12.90 20.67
CA GLY A 66 6.80 13.42 20.03
C GLY A 66 6.54 14.91 20.13
N LYS A 67 7.51 15.69 20.65
CA LYS A 67 7.43 17.14 20.82
C LYS A 67 7.66 17.94 19.52
N ALA A 68 8.24 17.29 18.51
CA ALA A 68 8.44 17.89 17.21
C ALA A 68 7.49 17.31 16.17
N SER A 69 6.91 18.16 15.32
CA SER A 69 6.05 17.73 14.22
C SER A 69 6.49 18.48 12.97
N ILE A 70 6.95 17.75 11.95
CA ILE A 70 7.41 18.32 10.71
C ILE A 70 6.34 18.13 9.64
N THR A 71 5.98 19.23 8.96
CA THR A 71 5.00 19.21 7.87
C THR A 71 5.58 19.91 6.64
N ALA A 72 4.89 19.80 5.51
CA ALA A 72 5.32 20.47 4.29
C ALA A 72 4.11 20.86 3.48
N ASP A 73 4.24 21.94 2.73
N ASP A 73 4.23 21.97 2.73
CA ASP A 73 3.23 22.50 1.86
CA ASP A 73 3.19 22.47 1.85
C ASP A 73 3.89 22.57 0.49
C ASP A 73 3.81 22.61 0.47
N THR A 74 3.47 21.68 -0.44
CA THR A 74 4.12 21.68 -1.75
C THR A 74 3.72 22.87 -2.63
N SER A 75 2.48 23.39 -2.54
N SER A 75 2.49 23.39 -2.51
CA SER A 75 2.10 24.54 -3.37
CA SER A 75 2.05 24.55 -3.30
C SER A 75 2.94 25.78 -3.02
C SER A 75 2.93 25.77 -3.00
N SER A 76 3.22 26.00 -1.72
CA SER A 76 4.07 27.14 -1.32
C SER A 76 5.58 26.77 -1.25
N ASN A 77 5.94 25.50 -1.55
CA ASN A 77 7.33 25.00 -1.53
C ASN A 77 8.02 25.30 -0.17
N THR A 78 7.29 25.06 0.93
CA THR A 78 7.73 25.38 2.29
C THR A 78 7.60 24.18 3.21
N ALA A 79 8.58 24.00 4.10
CA ALA A 79 8.55 22.98 5.13
C ALA A 79 8.43 23.69 6.48
N TYR A 80 7.88 22.96 7.48
CA TYR A 80 7.61 23.54 8.79
C TYR A 80 8.03 22.63 9.91
N LEU A 81 8.38 23.24 11.06
CA LEU A 81 8.71 22.51 12.28
C LEU A 81 7.86 23.09 13.38
N GLN A 82 7.04 22.23 14.00
CA GLN A 82 6.19 22.65 15.13
C GLN A 82 6.75 22.00 16.40
N LEU A 83 6.98 22.81 17.44
CA LEU A 83 7.52 22.33 18.72
C LEU A 83 6.50 22.60 19.80
N SER A 84 6.11 21.58 20.57
CA SER A 84 5.10 21.75 21.61
C SER A 84 5.66 21.52 23.02
N SER A 85 4.84 21.88 24.06
CA SER A 85 5.17 21.76 25.50
C SER A 85 6.57 22.30 25.75
N LEU A 86 6.83 23.50 25.23
CA LEU A 86 8.14 24.11 25.28
C LEU A 86 8.71 24.29 26.68
N THR A 87 10.01 24.02 26.86
CA THR A 87 10.73 24.24 28.13
C THR A 87 12.00 24.99 27.81
N SER A 88 12.76 25.41 28.84
CA SER A 88 14.04 26.10 28.61
C SER A 88 15.03 25.25 27.81
N GLU A 89 14.84 23.92 27.77
CA GLU A 89 15.72 23.02 27.00
C GLU A 89 15.46 23.19 25.49
N ASP A 90 14.32 23.84 25.15
CA ASP A 90 13.96 24.08 23.75
C ASP A 90 14.48 25.43 23.24
N THR A 91 15.07 26.27 24.13
CA THR A 91 15.68 27.52 23.70
C THR A 91 16.89 27.13 22.86
N ALA A 92 16.91 27.53 21.59
CA ALA A 92 17.92 27.10 20.64
C ALA A 92 17.72 27.79 19.33
N VAL A 93 18.66 27.57 18.41
CA VAL A 93 18.53 28.02 17.04
C VAL A 93 18.13 26.73 16.30
N TYR A 94 17.14 26.85 15.42
CA TYR A 94 16.62 25.73 14.62
C TYR A 94 16.92 26.02 13.17
N TYR A 95 17.58 25.06 12.49
CA TYR A 95 17.90 25.18 11.08
C TYR A 95 17.12 24.19 10.26
N CYS A 96 16.72 24.60 9.04
CA CYS A 96 16.18 23.66 8.07
C CYS A 96 17.30 23.43 7.06
N ALA A 97 17.36 22.24 6.45
CA ALA A 97 18.42 21.95 5.48
C ALA A 97 17.91 20.89 4.53
N ARG A 98 18.21 21.03 3.26
CA ARG A 98 17.75 20.03 2.30
C ARG A 98 18.80 18.93 2.15
N GLY A 99 18.37 17.70 1.93
CA GLY A 99 19.27 16.57 1.68
C GLY A 99 18.65 15.61 0.69
N GLY A 100 19.49 14.83 0.01
CA GLY A 100 19.06 13.85 -0.99
C GLY A 100 18.76 12.45 -0.48
N PHE A 101 18.73 11.50 -1.43
CA PHE A 101 18.24 10.14 -1.22
C PHE A 101 19.21 9.02 -1.50
N ASP A 102 20.51 9.33 -1.62
CA ASP A 102 21.49 8.27 -1.86
C ASP A 102 22.84 8.71 -1.33
N THR A 103 23.81 7.78 -1.22
CA THR A 103 25.13 8.06 -0.66
C THR A 103 25.72 9.41 -1.10
N ASN A 104 25.74 9.68 -2.43
CA ASN A 104 26.36 10.91 -2.95
C ASN A 104 25.48 12.15 -2.81
N HIS A 105 24.28 12.02 -2.23
CA HIS A 105 23.39 13.16 -2.08
C HIS A 105 22.76 13.33 -0.70
N TYR A 106 22.93 12.39 0.27
CA TYR A 106 22.29 12.51 1.60
C TYR A 106 22.67 13.79 2.33
N ALA A 107 24.00 14.11 2.34
CA ALA A 107 24.54 15.26 3.07
C ALA A 107 23.85 16.55 2.68
N MET A 108 23.57 17.39 3.66
CA MET A 108 22.81 18.63 3.45
C MET A 108 23.68 19.75 2.94
N ASP A 109 23.48 20.05 1.65
CA ASP A 109 24.29 21.04 0.94
C ASP A 109 23.81 22.46 1.11
N TYR A 110 22.48 22.68 1.29
CA TYR A 110 21.92 24.01 1.48
C TYR A 110 21.16 24.06 2.78
N TRP A 111 21.41 25.11 3.57
CA TRP A 111 20.82 25.30 4.88
C TRP A 111 20.13 26.65 4.96
N GLY A 112 19.07 26.71 5.78
CA GLY A 112 18.42 27.97 6.10
C GLY A 112 19.34 28.80 7.01
N GLN A 113 18.95 30.05 7.26
CA GLN A 113 19.79 30.94 8.11
C GLN A 113 19.60 30.69 9.61
N GLY A 114 18.61 29.86 9.97
CA GLY A 114 18.32 29.54 11.35
C GLY A 114 17.25 30.48 11.91
N THR A 115 16.48 29.95 12.86
CA THR A 115 15.45 30.69 13.59
C THR A 115 15.74 30.50 15.06
N SER A 116 15.89 31.60 15.77
CA SER A 116 16.12 31.57 17.20
C SER A 116 14.78 31.48 17.92
N VAL A 117 14.64 30.52 18.84
CA VAL A 117 13.46 30.36 19.69
C VAL A 117 13.92 30.56 21.13
N THR A 118 13.28 31.50 21.86
CA THR A 118 13.59 31.75 23.26
C THR A 118 12.35 31.39 24.05
N VAL A 119 12.46 30.42 24.97
CA VAL A 119 11.37 29.98 25.82
C VAL A 119 11.52 30.72 27.15
N SER A 120 10.62 31.68 27.42
CA SER A 120 10.70 32.49 28.64
C SER A 120 9.34 33.15 28.88
N SER A 121 9.01 33.37 30.17
CA SER A 121 7.78 34.06 30.56
C SER A 121 8.03 35.60 30.66
N ALA A 122 9.30 36.04 30.48
CA ALA A 122 9.69 37.45 30.56
C ALA A 122 9.20 38.27 29.36
N SER A 123 8.93 39.55 29.60
CA SER A 123 8.45 40.46 28.57
C SER A 123 9.58 41.12 27.78
N THR A 124 9.26 41.51 26.55
CA THR A 124 10.15 42.19 25.63
C THR A 124 10.48 43.58 26.22
N LYS A 125 11.74 44.01 26.11
CA LYS A 125 12.20 45.32 26.58
C LYS A 125 13.31 45.84 25.67
N GLY A 126 13.16 47.08 25.22
CA GLY A 126 14.12 47.75 24.37
C GLY A 126 15.33 48.25 25.13
N PRO A 127 16.51 48.37 24.48
CA PRO A 127 17.70 48.83 25.20
C PRO A 127 17.85 50.34 25.32
N SER A 128 18.69 50.75 26.27
CA SER A 128 19.14 52.11 26.48
C SER A 128 20.53 52.11 25.82
N VAL A 129 20.86 53.16 25.06
CA VAL A 129 22.16 53.24 24.37
C VAL A 129 22.98 54.37 24.97
N PHE A 130 24.16 54.03 25.52
CA PHE A 130 25.04 55.01 26.15
C PHE A 130 26.39 55.09 25.43
N PRO A 131 26.98 56.28 25.32
CA PRO A 131 28.29 56.37 24.64
C PRO A 131 29.44 55.95 25.56
N LEU A 132 30.49 55.39 24.94
CA LEU A 132 31.74 55.04 25.61
C LEU A 132 32.71 56.05 24.96
N ALA A 133 32.75 57.25 25.54
CA ALA A 133 33.51 58.41 25.05
C ALA A 133 35.02 58.20 24.99
N PRO A 134 35.68 58.59 23.86
CA PRO A 134 37.14 58.42 23.77
C PRO A 134 37.88 59.38 24.69
N ALA A 144 43.51 55.26 19.98
CA ALA A 144 42.28 55.74 20.62
C ALA A 144 41.11 54.77 20.44
N ALA A 145 40.28 54.59 21.49
CA ALA A 145 39.12 53.70 21.45
C ALA A 145 37.85 54.39 21.92
N LEU A 146 36.74 54.07 21.27
CA LEU A 146 35.42 54.58 21.61
C LEU A 146 34.38 53.49 21.36
N GLY A 147 33.16 53.69 21.88
CA GLY A 147 32.12 52.70 21.68
C GLY A 147 30.73 53.07 22.13
N CYS A 148 29.86 52.06 22.15
CA CYS A 148 28.46 52.15 22.59
C CYS A 148 28.09 51.01 23.51
N LEU A 149 27.41 51.33 24.62
CA LEU A 149 26.91 50.39 25.61
C LEU A 149 25.40 50.24 25.41
N VAL A 150 24.98 49.04 24.97
CA VAL A 150 23.59 48.69 24.66
C VAL A 150 23.09 47.89 25.87
N LYS A 151 22.44 48.59 26.80
CA LYS A 151 22.04 48.04 28.08
C LYS A 151 20.54 47.82 28.29
N ASP A 152 20.20 46.72 29.00
CA ASP A 152 18.91 46.33 29.55
C ASP A 152 17.82 46.03 28.52
N TYR A 153 18.08 45.02 27.70
CA TYR A 153 17.12 44.58 26.69
C TYR A 153 16.78 43.08 26.83
N PHE A 154 15.64 42.67 26.25
CA PHE A 154 15.19 41.29 26.24
C PHE A 154 14.17 41.14 25.11
N PRO A 155 14.15 40.03 24.34
CA PRO A 155 15.12 38.91 24.33
C PRO A 155 16.30 39.31 23.44
N GLU A 156 17.20 38.38 23.16
CA GLU A 156 18.27 38.67 22.21
C GLU A 156 17.65 38.54 20.82
N PRO A 157 18.24 39.14 19.74
CA PRO A 157 19.51 39.86 19.64
C PRO A 157 19.41 41.37 19.38
N VAL A 158 20.54 42.07 19.49
CA VAL A 158 20.76 43.46 19.15
C VAL A 158 21.82 43.47 18.01
N THR A 159 21.63 44.32 16.97
CA THR A 159 22.60 44.48 15.89
C THR A 159 23.21 45.85 16.06
N VAL A 160 24.52 45.95 15.85
CA VAL A 160 25.21 47.22 15.96
C VAL A 160 26.06 47.43 14.71
N SER A 161 25.98 48.62 14.12
CA SER A 161 26.84 49.01 13.01
C SER A 161 27.42 50.38 13.36
N TRP A 162 28.50 50.77 12.68
CA TRP A 162 29.13 52.07 12.90
C TRP A 162 29.10 52.85 11.60
N ASN A 163 28.72 54.15 11.65
CA ASN A 163 28.63 55.03 10.49
C ASN A 163 27.88 54.38 9.32
N SER A 164 26.70 53.80 9.63
CA SER A 164 25.78 53.09 8.74
C SER A 164 26.43 51.91 7.98
N GLY A 165 27.43 51.29 8.62
CA GLY A 165 28.15 50.15 8.07
C GLY A 165 29.41 50.51 7.30
N ALA A 166 29.71 51.82 7.16
CA ALA A 166 30.90 52.29 6.46
C ALA A 166 32.17 52.10 7.30
N LEU A 167 32.02 51.97 8.63
CA LEU A 167 33.14 51.75 9.55
C LEU A 167 33.07 50.32 10.06
N THR A 168 33.98 49.46 9.60
CA THR A 168 34.03 48.04 9.96
C THR A 168 35.39 47.67 10.52
N SER A 169 36.46 48.32 10.03
CA SER A 169 37.83 48.07 10.49
C SER A 169 38.01 48.52 11.94
N GLY A 170 38.54 47.62 12.75
CA GLY A 170 38.77 47.87 14.17
C GLY A 170 37.54 47.76 15.05
N VAL A 171 36.38 47.37 14.49
CA VAL A 171 35.14 47.24 15.26
C VAL A 171 35.08 45.90 15.98
N HIS A 172 34.71 45.90 17.28
CA HIS A 172 34.44 44.68 18.03
C HIS A 172 33.10 44.82 18.72
N THR A 173 32.14 44.01 18.32
CA THR A 173 30.81 43.97 18.92
C THR A 173 30.80 42.69 19.74
N PHE A 174 30.75 42.85 21.05
CA PHE A 174 30.86 41.72 21.97
C PHE A 174 29.61 40.90 22.11
N PRO A 175 29.73 39.60 22.45
CA PRO A 175 28.53 38.82 22.80
C PRO A 175 27.84 39.47 24.02
N ALA A 176 26.51 39.44 24.04
CA ALA A 176 25.76 40.00 25.16
C ALA A 176 25.97 39.13 26.42
N VAL A 177 25.82 39.75 27.59
CA VAL A 177 25.88 39.07 28.88
C VAL A 177 24.49 39.17 29.48
N LEU A 178 24.03 38.13 30.15
CA LEU A 178 22.75 38.19 30.83
C LEU A 178 23.01 38.69 32.24
N GLN A 179 22.40 39.83 32.60
CA GLN A 179 22.56 40.42 33.93
C GLN A 179 21.64 39.73 34.93
N SER A 180 21.91 39.90 36.25
CA SER A 180 21.11 39.33 37.35
C SER A 180 19.64 39.79 37.29
N SER A 181 19.38 40.94 36.61
CA SER A 181 18.04 41.51 36.40
C SER A 181 17.23 40.66 35.40
N GLY A 182 17.90 39.79 34.65
CA GLY A 182 17.28 38.97 33.61
C GLY A 182 17.28 39.65 32.26
N LEU A 183 17.97 40.81 32.17
CA LEU A 183 18.10 41.58 30.93
C LEU A 183 19.52 41.49 30.41
N TYR A 184 19.67 41.61 29.08
CA TYR A 184 20.97 41.56 28.43
C TYR A 184 21.66 42.91 28.36
N SER A 185 22.98 42.88 28.20
CA SER A 185 23.79 44.08 28.04
C SER A 185 24.93 43.72 27.11
N LEU A 186 25.24 44.61 26.18
CA LEU A 186 26.26 44.36 25.15
C LEU A 186 27.06 45.64 24.91
N SER A 187 28.35 45.51 24.58
CA SER A 187 29.16 46.68 24.22
C SER A 187 29.68 46.50 22.80
N SER A 188 29.84 47.59 22.08
CA SER A 188 30.43 47.61 20.75
C SER A 188 31.49 48.70 20.79
N VAL A 189 32.71 48.35 20.39
CA VAL A 189 33.83 49.28 20.42
C VAL A 189 34.51 49.40 19.06
N VAL A 190 35.33 50.44 18.89
CA VAL A 190 36.10 50.66 17.67
C VAL A 190 37.36 51.42 18.05
N THR A 191 38.49 51.02 17.47
CA THR A 191 39.75 51.74 17.66
C THR A 191 39.94 52.60 16.42
N VAL A 192 40.28 53.88 16.63
CA VAL A 192 40.43 54.90 15.57
C VAL A 192 41.69 55.74 15.80
N PRO A 193 42.20 56.49 14.79
CA PRO A 193 43.37 57.36 15.05
C PRO A 193 42.99 58.45 16.05
N SER A 194 43.89 58.70 17.01
CA SER A 194 43.70 59.72 18.05
C SER A 194 43.53 61.14 17.45
N SER A 195 44.10 61.38 16.25
CA SER A 195 44.02 62.65 15.52
C SER A 195 42.61 62.92 14.97
N SER A 196 41.80 61.85 14.76
CA SER A 196 40.44 61.97 14.21
C SER A 196 39.39 62.42 15.24
N LEU A 197 39.77 62.31 16.55
CA LEU A 197 38.98 62.72 17.70
C LEU A 197 39.02 64.23 17.70
N GLY A 198 37.89 64.78 17.34
CA GLY A 198 37.71 66.22 17.22
C GLY A 198 37.12 66.59 15.88
N THR A 199 37.54 65.89 14.80
CA THR A 199 37.06 66.18 13.43
C THR A 199 36.13 65.12 12.82
N GLN A 200 36.30 63.84 13.18
CA GLN A 200 35.49 62.74 12.63
C GLN A 200 34.29 62.38 13.47
N THR A 201 33.13 62.21 12.81
CA THR A 201 31.85 61.83 13.42
C THR A 201 31.76 60.31 13.51
N TYR A 202 31.44 59.81 14.71
CA TYR A 202 31.25 58.38 14.98
C TYR A 202 29.87 58.17 15.55
N ILE A 203 29.06 57.41 14.82
CA ILE A 203 27.70 57.10 15.22
C ILE A 203 27.52 55.60 15.24
N CYS A 204 27.01 55.06 16.36
CA CYS A 204 26.68 53.65 16.44
C CYS A 204 25.19 53.52 16.12
N ASN A 205 24.85 52.56 15.27
CA ASN A 205 23.49 52.31 14.84
C ASN A 205 23.03 51.01 15.46
N VAL A 206 22.22 51.16 16.50
CA VAL A 206 21.69 50.04 17.30
C VAL A 206 20.28 49.73 16.86
N ASN A 207 20.00 48.45 16.62
CA ASN A 207 18.69 47.97 16.25
C ASN A 207 18.34 46.73 17.08
N HIS A 208 17.20 46.79 17.77
CA HIS A 208 16.64 45.67 18.54
C HIS A 208 15.25 45.45 17.94
N LYS A 209 15.13 44.46 17.02
CA LYS A 209 13.89 44.12 16.33
C LYS A 209 12.73 43.77 17.26
N PRO A 210 12.88 42.90 18.32
CA PRO A 210 11.72 42.54 19.15
C PRO A 210 10.94 43.71 19.75
N SER A 211 11.62 44.83 20.08
CA SER A 211 10.96 46.00 20.65
C SER A 211 10.81 47.14 19.63
N ASN A 212 11.25 46.89 18.36
CA ASN A 212 11.23 47.86 17.24
C ASN A 212 12.03 49.14 17.57
N THR A 213 13.10 48.97 18.36
CA THR A 213 14.00 50.03 18.79
C THR A 213 15.11 50.17 17.75
N LYS A 214 15.33 51.41 17.31
CA LYS A 214 16.39 51.83 16.41
C LYS A 214 16.93 53.13 16.98
N VAL A 215 18.18 53.10 17.42
CA VAL A 215 18.84 54.25 18.04
C VAL A 215 20.15 54.53 17.30
N ASP A 216 20.39 55.80 16.95
CA ASP A 216 21.62 56.24 16.33
C ASP A 216 22.26 57.16 17.35
N LYS A 217 23.35 56.70 17.96
CA LYS A 217 24.02 57.44 19.01
C LYS A 217 25.37 57.97 18.56
N ARG A 218 25.54 59.29 18.67
CA ARG A 218 26.77 59.98 18.32
C ARG A 218 27.72 59.85 19.52
N VAL A 219 28.96 59.44 19.26
CA VAL A 219 29.96 59.26 20.31
C VAL A 219 31.02 60.33 20.15
N GLU A 220 31.07 61.29 21.10
CA GLU A 220 31.99 62.43 21.06
C GLU A 220 33.01 62.40 22.20
N PRO A 221 34.22 63.02 22.03
CA PRO A 221 35.22 63.04 23.12
C PRO A 221 34.73 63.73 24.40
N ASP B 20 20.29 2.87 17.41
CA ASP B 20 20.85 4.10 16.87
C ASP B 20 22.37 4.03 16.82
N ILE B 21 22.99 4.83 15.92
CA ILE B 21 24.44 4.87 15.74
C ILE B 21 24.96 6.18 16.34
N GLN B 22 25.93 6.05 17.24
CA GLN B 22 26.55 7.21 17.90
C GLN B 22 27.88 7.52 17.21
N MET B 23 28.17 8.80 17.04
CA MET B 23 29.39 9.32 16.41
C MET B 23 30.23 9.97 17.50
N THR B 24 31.49 9.52 17.61
CA THR B 24 32.43 10.05 18.59
C THR B 24 33.49 10.85 17.81
N GLN B 25 33.51 12.15 18.03
CA GLN B 25 34.44 13.07 17.38
C GLN B 25 35.60 13.38 18.29
N SER B 26 36.82 13.35 17.74
CA SER B 26 38.03 13.65 18.48
C SER B 26 39.05 14.44 17.65
N PRO B 27 39.81 15.37 18.26
CA PRO B 27 39.72 15.83 19.64
C PRO B 27 38.55 16.80 19.77
N ALA B 28 38.13 17.12 21.00
CA ALA B 28 37.04 18.05 21.21
C ALA B 28 37.53 19.48 20.89
N SER B 29 38.85 19.74 21.04
CA SER B 29 39.42 21.05 20.77
C SER B 29 40.85 20.95 20.25
N LEU B 30 41.26 21.89 19.39
CA LEU B 30 42.62 21.94 18.80
C LEU B 30 43.05 23.38 18.63
N SER B 31 44.36 23.65 18.77
CA SER B 31 44.93 24.98 18.54
C SER B 31 46.13 24.71 17.65
N VAL B 32 46.06 25.13 16.38
CA VAL B 32 47.08 24.84 15.36
C VAL B 32 47.49 26.12 14.60
N SER B 33 48.79 26.24 14.27
CA SER B 33 49.34 27.41 13.59
C SER B 33 49.02 27.42 12.11
N VAL B 34 49.01 28.62 11.50
CA VAL B 34 48.83 28.80 10.07
C VAL B 34 49.94 28.03 9.34
N GLY B 35 49.56 27.26 8.30
CA GLY B 35 50.49 26.47 7.51
C GLY B 35 50.64 25.03 7.95
N GLU B 36 50.19 24.71 9.17
CA GLU B 36 50.27 23.34 9.67
C GLU B 36 49.10 22.48 9.17
N THR B 37 49.17 21.16 9.43
CA THR B 37 48.09 20.25 9.06
C THR B 37 47.20 19.93 10.27
N VAL B 38 45.87 19.95 10.07
CA VAL B 38 44.88 19.61 11.11
C VAL B 38 44.26 18.27 10.70
N THR B 39 44.09 17.34 11.66
CA THR B 39 43.40 16.07 11.47
C THR B 39 42.35 15.92 12.56
N ILE B 40 41.10 15.77 12.16
CA ILE B 40 39.95 15.61 13.06
C ILE B 40 39.37 14.23 12.74
N THR B 41 39.06 13.45 13.76
CA THR B 41 38.55 12.09 13.54
C THR B 41 37.13 11.92 14.04
N CYS B 42 36.42 11.03 13.40
CA CYS B 42 35.05 10.68 13.73
C CYS B 42 34.97 9.14 13.75
N ARG B 43 34.50 8.56 14.86
CA ARG B 43 34.32 7.11 15.00
C ARG B 43 32.84 6.77 15.17
N ALA B 44 32.31 5.87 14.33
CA ALA B 44 30.92 5.43 14.43
C ALA B 44 30.87 4.17 15.31
N SER B 45 29.75 3.97 16.06
CA SER B 45 29.56 2.80 16.93
C SER B 45 29.44 1.48 16.15
N GLU B 46 29.20 1.56 14.84
CA GLU B 46 29.15 0.42 13.93
C GLU B 46 29.47 0.88 12.50
N ASN B 47 29.71 -0.07 11.60
CA ASN B 47 30.04 0.22 10.20
C ASN B 47 28.95 1.10 9.54
N ILE B 48 29.36 2.29 9.04
CA ILE B 48 28.42 3.23 8.40
C ILE B 48 28.65 3.30 6.86
N TYR B 49 29.51 2.40 6.33
CA TYR B 49 29.74 2.21 4.89
C TYR B 49 29.99 3.53 4.13
N SER B 50 30.83 4.42 4.70
CA SER B 50 31.26 5.71 4.12
C SER B 50 30.13 6.74 3.98
N ASN B 51 28.98 6.50 4.64
CA ASN B 51 27.86 7.46 4.62
C ASN B 51 28.10 8.47 5.73
N LEU B 52 29.05 9.35 5.48
CA LEU B 52 29.57 10.29 6.47
C LEU B 52 29.91 11.62 5.80
N ALA B 53 29.48 12.72 6.42
CA ALA B 53 29.76 14.06 5.93
C ALA B 53 30.44 14.88 7.00
N TRP B 54 31.11 15.95 6.58
CA TRP B 54 31.78 16.91 7.46
C TRP B 54 31.26 18.30 7.15
N TYR B 55 30.96 19.08 8.21
CA TYR B 55 30.47 20.44 8.10
C TYR B 55 31.38 21.37 8.91
N GLN B 56 31.48 22.64 8.47
CA GLN B 56 32.17 23.70 9.21
C GLN B 56 31.09 24.67 9.67
N GLN B 57 31.22 25.22 10.88
CA GLN B 57 30.29 26.24 11.32
C GLN B 57 31.07 27.34 12.04
N LYS B 58 30.79 28.58 11.63
CA LYS B 58 31.31 29.77 12.29
C LYS B 58 30.23 30.36 13.19
N GLN B 59 30.64 31.17 14.21
CA GLN B 59 29.71 31.80 15.18
C GLN B 59 28.62 32.61 14.48
N GLY B 60 27.39 32.35 14.88
CA GLY B 60 26.21 33.01 14.34
C GLY B 60 25.88 32.71 12.89
N LYS B 61 26.52 31.66 12.32
CA LYS B 61 26.28 31.27 10.92
C LYS B 61 25.77 29.85 10.80
N SER B 62 25.09 29.56 9.69
CA SER B 62 24.61 28.21 9.43
C SER B 62 25.80 27.29 9.13
N PRO B 63 25.72 25.99 9.46
CA PRO B 63 26.79 25.06 9.05
C PRO B 63 26.92 25.01 7.53
N GLN B 64 28.11 24.69 7.02
N GLN B 64 28.13 24.66 7.05
CA GLN B 64 28.33 24.58 5.58
CA GLN B 64 28.47 24.59 5.63
C GLN B 64 29.02 23.27 5.29
C GLN B 64 29.01 23.19 5.36
N LEU B 65 28.50 22.52 4.32
CA LEU B 65 29.01 21.21 3.92
C LEU B 65 30.44 21.33 3.36
N LEU B 66 31.36 20.50 3.86
CA LEU B 66 32.75 20.48 3.37
C LEU B 66 33.02 19.24 2.55
N VAL B 67 32.71 18.06 3.14
CA VAL B 67 32.99 16.76 2.55
C VAL B 67 31.78 15.88 2.67
N TYR B 68 31.47 15.09 1.63
CA TYR B 68 30.33 14.17 1.65
C TYR B 68 30.75 12.79 1.21
N ALA B 69 30.00 11.75 1.63
CA ALA B 69 30.27 10.34 1.33
C ALA B 69 31.75 10.02 1.64
N ALA B 70 32.20 10.51 2.82
CA ALA B 70 33.51 10.36 3.44
C ALA B 70 34.69 11.04 2.74
N THR B 71 34.74 11.03 1.39
CA THR B 71 35.92 11.48 0.64
C THR B 71 35.71 12.53 -0.46
N ASN B 72 34.47 12.97 -0.69
CA ASN B 72 34.21 13.94 -1.78
C ASN B 72 34.12 15.37 -1.31
N LEU B 73 34.85 16.28 -2.00
CA LEU B 73 34.78 17.71 -1.65
C LEU B 73 33.51 18.31 -2.20
N ALA B 74 32.79 19.08 -1.38
CA ALA B 74 31.59 19.76 -1.81
C ALA B 74 31.97 20.93 -2.73
N ASP B 75 31.01 21.40 -3.57
CA ASP B 75 31.24 22.50 -4.52
C ASP B 75 31.70 23.76 -3.79
N GLY B 76 32.75 24.41 -4.31
CA GLY B 76 33.30 25.63 -3.76
C GLY B 76 34.18 25.48 -2.52
N VAL B 77 34.37 24.26 -2.00
CA VAL B 77 35.23 24.04 -0.84
C VAL B 77 36.71 24.07 -1.28
N PRO B 78 37.62 24.82 -0.59
CA PRO B 78 39.04 24.85 -0.99
C PRO B 78 39.68 23.45 -0.99
N SER B 79 40.65 23.24 -1.91
CA SER B 79 41.33 21.96 -2.06
C SER B 79 42.16 21.54 -0.84
N ARG B 80 42.45 22.46 0.12
CA ARG B 80 43.21 22.11 1.32
C ARG B 80 42.43 21.14 2.24
N PHE B 81 41.12 21.03 2.04
CA PHE B 81 40.23 20.12 2.77
C PHE B 81 40.15 18.78 2.07
N SER B 82 40.20 17.70 2.85
CA SER B 82 40.04 16.35 2.32
C SER B 82 39.49 15.43 3.39
N GLY B 83 38.81 14.39 2.95
CA GLY B 83 38.26 13.40 3.86
C GLY B 83 38.78 12.03 3.51
N SER B 84 38.95 11.17 4.53
CA SER B 84 39.36 9.79 4.30
C SER B 84 38.63 8.86 5.29
N GLY B 85 38.68 7.58 5.00
CA GLY B 85 38.15 6.56 5.89
C GLY B 85 37.16 5.62 5.26
N SER B 86 36.80 4.60 6.05
CA SER B 86 35.83 3.54 5.73
C SER B 86 35.51 2.84 7.08
N GLY B 87 34.55 1.92 7.05
CA GLY B 87 34.14 1.15 8.21
C GLY B 87 33.54 2.03 9.29
N THR B 88 34.24 2.10 10.41
CA THR B 88 33.84 2.92 11.56
C THR B 88 34.71 4.17 11.77
N GLN B 89 35.83 4.32 11.07
CA GLN B 89 36.80 5.40 11.33
C GLN B 89 37.00 6.34 10.16
N TYR B 90 36.80 7.64 10.41
CA TYR B 90 36.85 8.68 9.40
C TYR B 90 37.67 9.86 9.84
N SER B 91 38.31 10.55 8.89
CA SER B 91 39.09 11.73 9.23
C SER B 91 38.86 12.86 8.24
N LEU B 92 38.90 14.09 8.76
CA LEU B 92 38.88 15.31 7.98
C LEU B 92 40.26 15.89 8.15
N LYS B 93 40.91 16.23 7.03
CA LYS B 93 42.24 16.79 7.04
C LYS B 93 42.23 18.17 6.44
N ILE B 94 42.93 19.11 7.10
CA ILE B 94 43.13 20.44 6.56
C ILE B 94 44.63 20.59 6.36
N ASN B 95 45.06 20.70 5.11
CA ASN B 95 46.47 20.94 4.78
C ASN B 95 46.68 22.45 4.77
N SER B 96 47.89 22.91 5.07
CA SER B 96 48.24 24.35 5.04
C SER B 96 47.11 25.23 5.61
N LEU B 97 46.81 25.01 6.88
CA LEU B 97 45.78 25.75 7.61
C LEU B 97 45.88 27.27 7.37
N GLN B 98 44.72 27.91 7.12
CA GLN B 98 44.66 29.36 6.92
C GLN B 98 43.95 30.01 8.11
N SER B 99 44.21 31.31 8.37
CA SER B 99 43.61 32.02 9.53
C SER B 99 42.08 31.96 9.53
N GLU B 100 41.45 31.91 8.34
CA GLU B 100 39.99 31.85 8.26
C GLU B 100 39.39 30.44 8.57
N ASP B 101 40.24 29.43 8.86
CA ASP B 101 39.75 28.05 9.09
C ASP B 101 39.32 27.78 10.53
N PHE B 102 39.40 28.78 11.41
CA PHE B 102 38.96 28.55 12.78
C PHE B 102 37.43 28.33 12.79
N GLY B 103 36.93 27.64 13.79
CA GLY B 103 35.48 27.41 13.91
C GLY B 103 35.21 26.04 14.46
N ASN B 104 33.95 25.58 14.31
CA ASN B 104 33.58 24.27 14.79
C ASN B 104 33.34 23.35 13.61
N TYR B 105 33.73 22.09 13.77
CA TYR B 105 33.60 21.10 12.73
C TYR B 105 32.75 19.97 13.25
N TYR B 106 31.85 19.41 12.42
CA TYR B 106 31.00 18.31 12.85
C TYR B 106 30.93 17.25 11.80
N CYS B 107 30.89 15.99 12.22
CA CYS B 107 30.61 14.88 11.30
C CYS B 107 29.14 14.49 11.49
N GLN B 108 28.55 13.81 10.49
CA GLN B 108 27.16 13.31 10.54
C GLN B 108 27.13 12.04 9.70
N HIS B 109 26.41 11.03 10.16
CA HIS B 109 26.24 9.78 9.42
C HIS B 109 24.85 9.71 8.81
N PHE B 110 24.69 8.91 7.75
CA PHE B 110 23.42 8.70 7.05
C PHE B 110 23.16 7.21 6.85
N TRP B 111 23.55 6.40 7.83
CA TRP B 111 23.41 4.95 7.77
C TRP B 111 22.28 4.40 8.63
N GLY B 112 21.47 3.55 8.01
CA GLY B 112 20.36 2.86 8.65
C GLY B 112 19.17 3.75 8.94
N THR B 113 18.23 3.21 9.72
CA THR B 113 17.05 3.96 10.13
C THR B 113 17.48 5.19 10.92
N PRO B 114 16.94 6.40 10.61
CA PRO B 114 17.29 7.59 11.41
C PRO B 114 17.06 7.38 12.92
N PRO B 115 17.72 8.12 13.83
CA PRO B 115 18.44 9.38 13.62
C PRO B 115 19.77 9.31 12.89
N TRP B 116 19.99 10.31 12.02
CA TRP B 116 21.22 10.52 11.27
C TRP B 116 21.99 11.57 12.07
N THR B 117 22.64 11.06 13.12
CA THR B 117 23.25 11.84 14.18
C THR B 117 24.56 12.52 13.82
N PHE B 118 24.82 13.64 14.51
CA PHE B 118 26.06 14.38 14.38
C PHE B 118 27.04 13.95 15.50
N GLY B 119 28.33 14.11 15.23
CA GLY B 119 29.36 13.98 16.24
C GLY B 119 29.25 15.18 17.17
N GLY B 120 29.97 15.13 18.29
CA GLY B 120 29.94 16.16 19.32
C GLY B 120 30.62 17.47 18.95
N GLY B 121 31.39 17.47 17.86
CA GLY B 121 32.08 18.66 17.38
C GLY B 121 33.52 18.79 17.81
N THR B 122 34.30 19.52 17.02
CA THR B 122 35.70 19.85 17.28
C THR B 122 35.83 21.34 17.11
N LYS B 123 36.34 22.02 18.14
CA LYS B 123 36.55 23.45 18.07
C LYS B 123 38.01 23.70 17.64
N LEU B 124 38.20 24.37 16.51
CA LEU B 124 39.53 24.66 16.01
C LEU B 124 39.89 26.12 16.22
N GLU B 125 40.96 26.37 16.97
CA GLU B 125 41.50 27.71 17.19
C GLU B 125 42.77 27.84 16.33
N ILE B 126 43.06 29.04 15.83
CA ILE B 126 44.30 29.31 15.11
C ILE B 126 45.32 29.73 16.17
N LYS B 127 46.42 29.00 16.29
CA LYS B 127 47.48 29.38 17.22
C LYS B 127 48.35 30.43 16.51
N ARG B 128 48.80 31.46 17.23
CA ARG B 128 49.68 32.51 16.67
C ARG B 128 50.64 32.98 17.76
N THR B 129 51.51 33.94 17.45
CA THR B 129 52.44 34.50 18.43
C THR B 129 51.67 35.27 19.50
N VAL B 130 52.27 35.39 20.69
CA VAL B 130 51.65 36.12 21.79
C VAL B 130 51.47 37.58 21.37
N ALA B 131 50.28 38.16 21.59
CA ALA B 131 50.02 39.57 21.30
C ALA B 131 49.44 40.18 22.58
N ALA B 132 50.05 41.27 23.11
CA ALA B 132 49.57 41.92 24.35
C ALA B 132 48.31 42.74 24.06
N PRO B 133 47.35 42.84 25.00
CA PRO B 133 46.18 43.69 24.74
C PRO B 133 46.50 45.19 24.85
N SER B 134 45.73 46.02 24.13
CA SER B 134 45.73 47.46 24.29
C SER B 134 44.54 47.67 25.25
N VAL B 135 44.79 48.35 26.37
CA VAL B 135 43.75 48.49 27.40
C VAL B 135 43.14 49.89 27.43
N PHE B 136 41.79 49.96 27.52
CA PHE B 136 41.06 51.21 27.56
C PHE B 136 40.01 51.15 28.67
N ILE B 137 39.85 52.24 29.42
CA ILE B 137 38.84 52.35 30.50
C ILE B 137 37.84 53.46 30.15
N PHE B 138 36.54 53.20 30.33
CA PHE B 138 35.50 54.17 30.04
C PHE B 138 34.65 54.45 31.28
N PRO B 139 34.55 55.71 31.71
CA PRO B 139 33.65 56.02 32.84
C PRO B 139 32.19 55.90 32.40
N PRO B 140 31.21 55.80 33.33
CA PRO B 140 29.81 55.82 32.89
C PRO B 140 29.50 57.20 32.30
N SER B 141 28.62 57.25 31.31
CA SER B 141 28.21 58.51 30.68
C SER B 141 27.33 59.29 31.65
N ASP B 142 27.25 60.63 31.47
CA ASP B 142 26.37 61.47 32.28
C ASP B 142 24.91 61.06 32.08
N GLU B 143 24.55 60.65 30.83
CA GLU B 143 23.22 60.17 30.44
C GLU B 143 22.78 58.98 31.31
N GLN B 144 23.67 57.97 31.50
CA GLN B 144 23.36 56.79 32.32
C GLN B 144 23.21 57.13 33.79
N LEU B 145 24.09 58.01 34.32
CA LEU B 145 24.04 58.41 35.72
C LEU B 145 22.68 58.98 36.14
N LYS B 146 22.00 59.71 35.23
CA LYS B 146 20.66 60.28 35.44
C LYS B 146 19.61 59.19 35.74
N SER B 147 19.81 57.97 35.22
CA SER B 147 18.90 56.83 35.40
C SER B 147 19.11 56.02 36.70
N GLY B 148 20.16 56.35 37.48
CA GLY B 148 20.44 55.71 38.76
C GLY B 148 21.46 54.58 38.76
N THR B 149 22.02 54.23 37.59
CA THR B 149 23.02 53.16 37.48
C THR B 149 24.32 53.68 36.84
N ALA B 150 25.45 52.99 37.11
CA ALA B 150 26.77 53.30 36.60
C ALA B 150 27.45 52.02 36.11
N SER B 151 27.74 51.98 34.81
CA SER B 151 28.45 50.88 34.17
C SER B 151 29.80 51.44 33.73
N VAL B 152 30.88 50.89 34.30
CA VAL B 152 32.27 51.26 34.02
C VAL B 152 32.81 50.15 33.13
N VAL B 153 33.36 50.50 31.96
CA VAL B 153 33.81 49.50 31.00
C VAL B 153 35.32 49.48 30.80
N CYS B 154 35.89 48.27 30.74
CA CYS B 154 37.30 48.06 30.45
C CYS B 154 37.43 47.18 29.21
N LEU B 155 38.11 47.71 28.19
CA LEU B 155 38.35 47.01 26.94
C LEU B 155 39.79 46.51 26.84
N LEU B 156 39.96 45.23 26.48
CA LEU B 156 41.26 44.61 26.22
C LEU B 156 41.18 44.31 24.74
N ASN B 157 41.98 45.00 23.92
CA ASN B 157 41.88 44.87 22.46
C ASN B 157 43.01 44.11 21.76
N ASN B 158 42.62 43.20 20.84
CA ASN B 158 43.46 42.41 19.93
C ASN B 158 44.64 41.73 20.63
N PHE B 159 44.33 40.70 21.40
CA PHE B 159 45.37 39.98 22.11
C PHE B 159 45.34 38.50 21.83
N TYR B 160 46.43 37.81 22.16
CA TYR B 160 46.56 36.37 22.03
C TYR B 160 47.59 35.85 23.09
N PRO B 161 47.35 34.73 23.82
CA PRO B 161 46.17 33.83 23.81
C PRO B 161 44.92 34.49 24.44
N ARG B 162 43.80 33.77 24.38
CA ARG B 162 42.49 34.21 24.89
C ARG B 162 42.51 34.49 26.42
N GLU B 163 43.38 33.78 27.17
CA GLU B 163 43.44 33.90 28.62
C GLU B 163 43.97 35.24 29.08
N ALA B 164 43.15 35.98 29.86
CA ALA B 164 43.55 37.29 30.39
C ALA B 164 42.83 37.49 31.70
N LYS B 165 43.43 38.25 32.61
CA LYS B 165 42.82 38.50 33.91
C LYS B 165 42.55 39.99 34.06
N VAL B 166 41.31 40.36 34.37
CA VAL B 166 40.89 41.74 34.61
C VAL B 166 40.52 41.84 36.08
N GLN B 167 41.11 42.79 36.79
CA GLN B 167 40.80 43.05 38.19
C GLN B 167 40.35 44.49 38.29
N TRP B 168 39.15 44.71 38.84
CA TRP B 168 38.62 46.06 39.05
C TRP B 168 39.01 46.57 40.43
N LYS B 169 39.39 47.85 40.54
CA LYS B 169 39.72 48.50 41.81
C LYS B 169 38.98 49.82 41.91
N VAL B 170 38.36 50.08 43.08
CA VAL B 170 37.59 51.30 43.36
C VAL B 170 38.22 51.88 44.62
N ASP B 171 38.91 53.05 44.50
CA ASP B 171 39.68 53.68 45.58
C ASP B 171 40.70 52.68 46.15
N ASN B 172 41.34 51.89 45.23
CA ASN B 172 42.32 50.83 45.47
C ASN B 172 41.73 49.57 46.13
N ALA B 173 40.40 49.53 46.40
CA ALA B 173 39.75 48.35 46.97
C ALA B 173 39.40 47.37 45.85
N LEU B 174 39.93 46.14 45.93
CA LEU B 174 39.72 45.07 44.96
C LEU B 174 38.21 44.70 44.90
N GLN B 175 37.64 44.68 43.69
CA GLN B 175 36.22 44.38 43.48
C GLN B 175 35.95 42.92 43.17
N SER B 176 34.79 42.44 43.61
CA SER B 176 34.38 41.06 43.40
C SER B 176 32.86 40.95 43.34
N GLY B 177 32.40 40.11 42.40
CA GLY B 177 30.99 39.80 42.21
C GLY B 177 30.12 40.85 41.54
N ASN B 178 30.70 42.01 41.16
CA ASN B 178 29.97 43.10 40.53
C ASN B 178 30.45 43.42 39.09
N SER B 179 31.09 42.44 38.43
CA SER B 179 31.55 42.59 37.06
C SER B 179 31.19 41.39 36.18
N GLN B 180 31.08 41.63 34.87
CA GLN B 180 30.82 40.60 33.88
C GLN B 180 31.68 40.87 32.69
N GLU B 181 32.12 39.83 32.02
CA GLU B 181 32.92 39.99 30.83
C GLU B 181 32.47 39.09 29.70
N SER B 182 32.85 39.48 28.48
CA SER B 182 32.61 38.69 27.28
C SER B 182 33.77 38.86 26.33
N VAL B 183 33.99 37.84 25.50
CA VAL B 183 35.12 37.77 24.59
C VAL B 183 34.60 37.56 23.17
N THR B 184 35.22 38.22 22.19
CA THR B 184 34.85 38.04 20.80
C THR B 184 35.36 36.70 20.27
N GLU B 185 34.82 36.31 19.10
CA GLU B 185 35.30 35.17 18.36
C GLU B 185 36.69 35.60 17.81
N GLN B 186 37.56 34.63 17.57
CA GLN B 186 38.90 34.89 17.06
C GLN B 186 38.80 35.66 15.72
N ASP B 187 39.68 36.64 15.51
CA ASP B 187 39.66 37.44 14.28
C ASP B 187 40.12 36.60 13.08
N SER B 188 39.36 36.65 11.96
CA SER B 188 39.66 35.84 10.77
C SER B 188 40.99 36.18 10.09
N LYS B 189 41.51 37.40 10.30
CA LYS B 189 42.75 37.84 9.69
C LYS B 189 43.96 37.79 10.61
N ASP B 190 43.89 38.38 11.81
CA ASP B 190 45.06 38.43 12.70
C ASP B 190 45.03 37.40 13.87
N SER B 191 43.96 36.57 13.96
CA SER B 191 43.80 35.49 14.94
C SER B 191 43.83 35.97 16.41
N THR B 192 43.48 37.25 16.66
CA THR B 192 43.45 37.78 18.02
C THR B 192 42.03 37.73 18.58
N TYR B 193 41.91 38.10 19.87
CA TYR B 193 40.67 38.20 20.61
C TYR B 193 40.57 39.58 21.23
N SER B 194 39.35 39.98 21.56
CA SER B 194 39.15 41.20 22.32
C SER B 194 38.21 40.82 23.46
N LEU B 195 38.30 41.54 24.57
CA LEU B 195 37.51 41.29 25.76
C LEU B 195 36.96 42.61 26.31
N SER B 196 35.70 42.57 26.75
CA SER B 196 35.03 43.71 27.37
C SER B 196 34.63 43.27 28.76
N SER B 197 34.96 44.07 29.78
CA SER B 197 34.55 43.80 31.16
C SER B 197 33.74 45.01 31.65
N THR B 198 32.57 44.77 32.26
CA THR B 198 31.74 45.85 32.78
C THR B 198 31.60 45.73 34.27
N LEU B 199 31.92 46.81 35.00
CA LEU B 199 31.75 46.92 36.43
C LEU B 199 30.42 47.67 36.63
N THR B 200 29.47 47.08 37.36
CA THR B 200 28.17 47.72 37.60
C THR B 200 28.03 48.13 39.05
N LEU B 201 27.73 49.41 39.28
CA LEU B 201 27.49 49.98 40.59
C LEU B 201 26.24 50.84 40.52
N SER B 202 25.63 51.14 41.68
CA SER B 202 24.51 52.06 41.73
C SER B 202 25.12 53.45 41.59
N LYS B 203 24.31 54.46 41.18
CA LYS B 203 24.77 55.86 41.07
C LYS B 203 25.33 56.34 42.42
N ALA B 204 24.63 56.01 43.54
CA ALA B 204 25.04 56.38 44.89
C ALA B 204 26.41 55.83 45.26
N ASP B 205 26.67 54.54 44.99
CA ASP B 205 27.97 53.90 45.25
C ASP B 205 29.07 54.52 44.38
N TYR B 206 28.75 54.80 43.09
CA TYR B 206 29.69 55.42 42.16
C TYR B 206 30.15 56.81 42.63
N GLU B 207 29.20 57.63 43.13
CA GLU B 207 29.49 58.98 43.58
C GLU B 207 30.20 59.02 44.94
N LYS B 208 30.26 57.88 45.66
CA LYS B 208 30.95 57.79 46.95
C LYS B 208 32.46 57.58 46.78
N HIS B 209 32.93 57.24 45.56
CA HIS B 209 34.35 56.96 45.31
C HIS B 209 34.97 57.81 44.20
N LYS B 210 36.31 57.92 44.20
CA LYS B 210 37.05 58.75 43.25
C LYS B 210 37.80 57.98 42.15
N VAL B 211 38.72 57.07 42.54
CA VAL B 211 39.60 56.35 41.60
C VAL B 211 38.99 55.03 41.12
N TYR B 212 38.81 54.89 39.80
CA TYR B 212 38.28 53.69 39.18
C TYR B 212 39.35 53.13 38.28
N ALA B 213 39.80 51.90 38.54
CA ALA B 213 40.90 51.28 37.81
C ALA B 213 40.61 49.85 37.34
N CYS B 214 41.14 49.51 36.16
CA CYS B 214 41.09 48.20 35.51
C CYS B 214 42.55 47.71 35.41
N GLU B 215 42.90 46.63 36.14
CA GLU B 215 44.26 46.06 36.11
C GLU B 215 44.21 44.79 35.27
N VAL B 216 45.07 44.71 34.26
CA VAL B 216 45.11 43.62 33.28
C VAL B 216 46.40 42.83 33.39
N THR B 217 46.27 41.51 33.51
CA THR B 217 47.36 40.55 33.54
C THR B 217 47.21 39.68 32.29
N HIS B 218 48.30 39.57 31.53
CA HIS B 218 48.29 38.76 30.30
C HIS B 218 49.70 38.32 30.01
N GLN B 219 49.84 37.15 29.37
CA GLN B 219 51.14 36.59 28.95
C GLN B 219 51.99 37.58 28.12
N GLY B 220 51.35 38.46 27.33
CA GLY B 220 52.05 39.44 26.48
C GLY B 220 52.58 40.66 27.21
N LEU B 221 52.23 40.82 28.48
CA LEU B 221 52.65 41.97 29.28
C LEU B 221 53.74 41.60 30.26
N SER B 222 54.88 42.36 30.26
CA SER B 222 56.01 42.17 31.19
C SER B 222 55.57 42.34 32.66
N SER B 223 54.61 43.25 32.88
CA SER B 223 54.05 43.50 34.22
C SER B 223 52.57 43.84 34.01
N PRO B 224 51.66 43.70 35.01
CA PRO B 224 50.27 44.08 34.77
C PRO B 224 50.10 45.54 34.35
N VAL B 225 49.10 45.82 33.50
CA VAL B 225 48.80 47.17 33.01
C VAL B 225 47.54 47.68 33.71
N THR B 226 47.62 48.88 34.27
CA THR B 226 46.46 49.50 34.92
C THR B 226 46.00 50.73 34.12
N LYS B 227 44.69 50.80 33.84
CA LYS B 227 44.09 51.97 33.23
C LYS B 227 43.12 52.54 34.27
N SER B 228 43.21 53.85 34.52
CA SER B 228 42.35 54.44 35.55
C SER B 228 41.88 55.84 35.19
N PHE B 229 40.88 56.32 35.94
CA PHE B 229 40.35 57.68 35.84
C PHE B 229 39.92 58.11 37.24
N VAL C 7 26.76 1.31 -2.71
CA VAL C 7 26.16 2.60 -2.34
C VAL C 7 24.79 2.37 -1.75
N ALA C 8 24.36 3.27 -0.87
CA ALA C 8 23.04 3.18 -0.28
C ALA C 8 22.10 4.11 -1.04
N PHE C 9 20.83 3.78 -1.11
CA PHE C 9 19.82 4.63 -1.76
C PHE C 9 18.47 4.37 -1.12
N ASP C 10 17.63 5.39 -1.03
CA ASP C 10 16.33 5.26 -0.39
C ASP C 10 15.23 4.95 -1.38
N VAL C 11 14.45 3.90 -1.06
CA VAL C 11 13.28 3.53 -1.85
C VAL C 11 12.13 4.37 -1.25
N ARG C 12 11.52 5.21 -2.08
CA ARG C 12 10.50 6.17 -1.70
C ARG C 12 9.11 5.71 -2.14
N PRO C 13 8.23 5.29 -1.19
CA PRO C 13 6.87 4.89 -1.59
C PRO C 13 5.99 6.10 -1.92
N GLY C 14 4.76 5.84 -2.30
CA GLY C 14 3.81 6.90 -2.63
C GLY C 14 3.27 6.81 -4.04
N GLY C 15 3.93 6.05 -4.90
CA GLY C 15 3.44 5.83 -6.26
C GLY C 15 4.22 6.49 -7.38
N VAL C 16 5.07 7.46 -7.06
CA VAL C 16 5.89 8.10 -8.07
C VAL C 16 6.95 7.06 -8.52
N VAL C 17 7.18 6.98 -9.84
CA VAL C 17 8.18 6.09 -10.42
C VAL C 17 9.57 6.74 -10.20
N HIS C 18 10.46 6.03 -9.50
CA HIS C 18 11.82 6.53 -9.24
C HIS C 18 12.86 5.56 -9.76
N SER C 19 14.08 6.05 -9.95
CA SER C 19 15.17 5.20 -10.39
C SER C 19 16.45 5.58 -9.65
N PHE C 20 17.36 4.63 -9.53
CA PHE C 20 18.67 4.84 -8.97
C PHE C 20 19.65 4.05 -9.81
N SER C 21 20.76 4.67 -10.19
CA SER C 21 21.79 3.99 -10.97
C SER C 21 23.18 4.28 -10.43
N HIS C 22 24.12 3.36 -10.71
CA HIS C 22 25.51 3.48 -10.33
C HIS C 22 26.37 2.76 -11.36
N ASN C 23 27.59 3.24 -11.58
CA ASN C 23 28.57 2.70 -12.53
C ASN C 23 29.66 1.89 -11.83
N THR C 31 26.87 -0.12 -16.04
CA THR C 31 25.90 0.60 -15.21
C THR C 31 24.81 -0.36 -14.74
N CYS C 32 24.35 -0.19 -13.49
CA CYS C 32 23.23 -0.94 -12.93
C CYS C 32 22.18 0.06 -12.48
N MET C 33 20.94 -0.06 -13.02
CA MET C 33 19.84 0.83 -12.69
C MET C 33 18.65 0.07 -12.10
N PHE C 34 18.03 0.63 -11.06
CA PHE C 34 16.85 0.06 -10.41
C PHE C 34 15.71 1.09 -10.52
N THR C 35 14.60 0.71 -11.18
CA THR C 35 13.43 1.56 -11.39
C THR C 35 12.25 0.90 -10.64
N TYR C 36 11.48 1.69 -9.89
CA TYR C 36 10.40 1.10 -9.10
C TYR C 36 9.30 2.14 -8.82
N ALA C 37 8.16 1.66 -8.34
CA ALA C 37 7.11 2.47 -7.73
C ALA C 37 6.63 1.60 -6.60
N SER C 38 6.39 2.19 -5.42
CA SER C 38 5.96 1.40 -4.28
C SER C 38 5.02 2.15 -3.37
N GLN C 39 4.41 1.42 -2.44
CA GLN C 39 3.50 1.95 -1.45
C GLN C 39 3.91 1.38 -0.10
N GLY C 40 3.73 2.16 0.96
CA GLY C 40 4.11 1.75 2.30
C GLY C 40 4.20 2.89 3.26
N GLY C 41 4.58 2.59 4.49
CA GLY C 41 4.61 3.59 5.56
C GLY C 41 5.87 4.43 5.71
N THR C 42 7.01 3.91 5.26
CA THR C 42 8.29 4.63 5.46
C THR C 42 9.19 4.56 4.24
N ASN C 43 10.16 5.49 4.15
CA ASN C 43 11.18 5.42 3.11
C ASN C 43 12.17 4.37 3.63
N GLU C 44 12.67 3.47 2.77
CA GLU C 44 13.61 2.44 3.21
C GLU C 44 14.97 2.63 2.59
N GLN C 45 16.03 2.53 3.40
CA GLN C 45 17.37 2.59 2.84
C GLN C 45 17.75 1.21 2.35
N TRP C 46 18.06 1.13 1.06
CA TRP C 46 18.53 -0.09 0.40
C TRP C 46 19.98 0.12 -0.01
N GLN C 47 20.61 -0.94 -0.52
CA GLN C 47 21.98 -0.90 -1.01
C GLN C 47 22.07 -1.48 -2.40
N MET C 48 23.04 -0.98 -3.16
CA MET C 48 23.39 -1.48 -4.48
C MET C 48 24.88 -1.78 -4.46
N SER C 49 25.25 -3.05 -4.76
CA SER C 49 26.65 -3.46 -4.82
C SER C 49 26.97 -3.88 -6.25
N LEU C 50 28.13 -3.44 -6.76
CA LEU C 50 28.59 -3.70 -8.13
C LEU C 50 30.00 -4.27 -8.11
N CYS C 61 25.56 -7.21 -10.27
CA CYS C 61 24.84 -6.17 -9.52
C CYS C 61 23.84 -6.78 -8.55
N THR C 62 23.91 -6.38 -7.26
CA THR C 62 23.01 -6.84 -6.20
C THR C 62 22.31 -5.61 -5.61
N ILE C 63 20.97 -5.66 -5.58
CA ILE C 63 20.11 -4.61 -5.04
C ILE C 63 19.37 -5.28 -3.87
N TRP C 64 19.54 -4.77 -2.64
CA TRP C 64 18.89 -5.38 -1.49
C TRP C 64 18.62 -4.41 -0.35
N ARG C 65 17.68 -4.81 0.52
CA ARG C 65 17.30 -4.10 1.73
C ARG C 65 18.15 -4.73 2.87
N PRO C 66 19.12 -3.98 3.47
CA PRO C 66 19.99 -4.56 4.52
C PRO C 66 19.25 -5.15 5.72
N SER C 70 12.16 -6.01 3.59
CA SER C 70 11.38 -4.89 3.07
C SER C 70 9.90 -4.99 3.45
N TYR C 71 9.31 -3.87 3.91
CA TYR C 71 7.88 -3.80 4.31
C TYR C 71 7.07 -2.97 3.30
N LEU C 72 7.68 -2.67 2.15
CA LEU C 72 7.07 -1.90 1.08
C LEU C 72 6.37 -2.81 0.09
N TYR C 73 5.34 -2.29 -0.58
CA TYR C 73 4.60 -3.07 -1.56
C TYR C 73 4.90 -2.45 -2.90
N PHE C 74 5.68 -3.17 -3.73
CA PHE C 74 6.08 -2.72 -5.05
C PHE C 74 4.98 -2.91 -6.06
N THR C 75 4.64 -1.83 -6.79
CA THR C 75 3.64 -1.93 -7.85
C THR C 75 4.35 -2.26 -9.15
N GLN C 76 5.66 -1.98 -9.21
CA GLN C 76 6.51 -2.28 -10.36
C GLN C 76 7.98 -2.28 -9.94
N PHE C 77 8.80 -3.06 -10.65
CA PHE C 77 10.24 -3.09 -10.43
C PHE C 77 10.95 -3.52 -11.69
N LYS C 78 12.11 -2.90 -11.93
CA LYS C 78 12.94 -3.25 -13.08
C LYS C 78 14.38 -2.94 -12.74
N ALA C 79 15.26 -3.94 -12.89
CA ALA C 79 16.68 -3.71 -12.69
C ALA C 79 17.32 -3.97 -14.04
N GLU C 80 18.15 -3.02 -14.52
CA GLU C 80 18.77 -3.11 -15.86
C GLU C 80 20.27 -2.93 -15.78
N VAL C 81 20.97 -3.51 -16.76
CA VAL C 81 22.43 -3.37 -16.88
C VAL C 81 22.79 -2.73 -18.21
N ALA C 89 19.87 -14.13 -13.35
CA ALA C 89 19.21 -13.19 -12.46
C ALA C 89 18.25 -13.92 -11.52
N MET C 90 18.12 -13.42 -10.30
CA MET C 90 17.23 -13.96 -9.28
C MET C 90 16.60 -12.83 -8.48
N ALA C 91 15.34 -12.99 -8.11
CA ALA C 91 14.57 -12.06 -7.29
C ALA C 91 14.07 -12.80 -6.06
N TYR C 92 14.07 -12.11 -4.92
CA TYR C 92 13.69 -12.67 -3.62
C TYR C 92 12.70 -11.79 -2.88
N SER C 93 11.75 -12.42 -2.18
CA SER C 93 10.76 -11.70 -1.36
C SER C 93 11.37 -11.36 0.01
N LYS C 94 12.31 -12.20 0.50
CA LYS C 94 13.00 -12.05 1.78
C LYS C 94 14.46 -12.47 1.62
N ALA C 95 15.38 -11.79 2.31
CA ALA C 95 16.82 -12.09 2.25
C ALA C 95 17.44 -12.26 3.64
N VAL C 103 14.53 -16.18 0.43
CA VAL C 103 13.24 -16.71 -0.02
C VAL C 103 13.03 -16.21 -1.46
N PRO C 104 13.26 -17.05 -2.49
CA PRO C 104 13.07 -16.55 -3.86
C PRO C 104 11.62 -16.28 -4.23
N LEU C 105 11.42 -15.42 -5.23
CA LEU C 105 10.09 -15.17 -5.76
C LEU C 105 9.72 -16.39 -6.58
N LYS C 106 8.42 -16.58 -6.82
CA LYS C 106 7.97 -17.67 -7.70
C LYS C 106 8.37 -17.25 -9.13
N THR C 107 8.76 -18.22 -9.97
CA THR C 107 9.17 -18.02 -11.37
C THR C 107 8.23 -17.10 -12.15
N GLU C 108 6.91 -17.27 -11.96
CA GLU C 108 5.84 -16.49 -12.60
C GLU C 108 5.84 -15.00 -12.25
N GLU C 109 6.38 -14.62 -11.07
CA GLU C 109 6.40 -13.24 -10.55
C GLU C 109 7.31 -12.26 -11.30
N PHE C 110 8.32 -12.77 -12.00
CA PHE C 110 9.30 -11.93 -12.70
C PHE C 110 9.73 -12.50 -14.04
N GLU C 111 10.39 -11.65 -14.87
CA GLU C 111 10.90 -12.03 -16.18
C GLU C 111 12.33 -11.50 -16.36
N VAL C 112 13.22 -12.40 -16.83
CA VAL C 112 14.62 -12.10 -17.09
C VAL C 112 14.77 -11.99 -18.62
N THR C 113 15.18 -10.83 -19.10
CA THR C 113 15.33 -10.55 -20.53
C THR C 113 16.79 -10.26 -20.89
N LYS C 114 17.00 -9.78 -22.13
CA LYS C 114 18.23 -9.27 -22.72
C LYS C 114 18.26 -7.83 -22.17
N THR C 115 18.96 -7.68 -21.03
CA THR C 115 19.38 -6.49 -20.25
C THR C 115 18.57 -6.18 -18.98
N ALA C 116 17.41 -6.84 -18.73
CA ALA C 116 16.63 -6.49 -17.54
C ALA C 116 16.00 -7.67 -16.78
N VAL C 117 15.70 -7.43 -15.49
CA VAL C 117 14.95 -8.30 -14.58
C VAL C 117 13.77 -7.45 -14.09
N ALA C 118 12.56 -7.80 -14.52
CA ALA C 118 11.37 -7.02 -14.20
C ALA C 118 10.22 -7.83 -13.65
N HIS C 119 9.32 -7.16 -12.90
CA HIS C 119 8.11 -7.78 -12.37
C HIS C 119 7.21 -8.20 -13.55
N ARG C 120 6.47 -9.31 -13.38
CA ARG C 120 5.51 -9.73 -14.39
C ARG C 120 4.16 -9.15 -13.93
N PRO C 121 3.59 -8.18 -14.68
CA PRO C 121 2.32 -7.57 -14.24
C PRO C 121 1.20 -8.60 -14.05
N GLY C 122 0.50 -8.48 -12.93
CA GLY C 122 -0.60 -9.38 -12.58
C GLY C 122 -0.22 -10.68 -11.90
N ALA C 123 1.09 -11.02 -11.89
CA ALA C 123 1.58 -12.25 -11.26
C ALA C 123 2.47 -11.93 -10.06
N PHE C 124 3.24 -10.81 -10.13
CA PHE C 124 4.12 -10.36 -9.05
C PHE C 124 3.28 -10.04 -7.82
N LYS C 125 3.63 -10.64 -6.66
CA LYS C 125 2.89 -10.49 -5.40
C LYS C 125 3.28 -9.25 -4.55
N ALA C 126 3.99 -8.24 -5.15
CA ALA C 126 4.35 -6.94 -4.56
C ALA C 126 5.44 -6.97 -3.47
N GLU C 127 6.00 -8.15 -3.16
CA GLU C 127 7.06 -8.19 -2.14
C GLU C 127 8.41 -8.45 -2.79
N LEU C 128 9.38 -7.52 -2.60
CA LEU C 128 10.74 -7.61 -3.13
C LEU C 128 11.71 -7.13 -2.06
N SER C 129 12.71 -7.97 -1.72
CA SER C 129 13.73 -7.60 -0.72
C SER C 129 15.15 -7.71 -1.26
N LYS C 130 15.34 -8.43 -2.38
CA LYS C 130 16.65 -8.64 -2.98
C LYS C 130 16.56 -9.03 -4.46
N LEU C 131 17.46 -8.46 -5.29
CA LEU C 131 17.63 -8.74 -6.72
C LEU C 131 19.12 -8.97 -6.98
N VAL C 132 19.46 -10.05 -7.73
CA VAL C 132 20.85 -10.39 -8.09
C VAL C 132 20.93 -10.51 -9.60
N ILE C 133 21.90 -9.82 -10.23
CA ILE C 133 22.11 -9.88 -11.67
C ILE C 133 23.59 -10.18 -11.98
N VAL C 134 23.84 -11.28 -12.73
CA VAL C 134 25.17 -11.66 -13.17
C VAL C 134 25.14 -11.53 -14.69
N ALA C 135 25.93 -10.59 -15.23
CA ALA C 135 25.96 -10.30 -16.67
C ALA C 135 27.35 -10.39 -17.29
N GLU D 1 -14.63 14.83 23.24
CA GLU D 1 -13.97 13.98 24.22
C GLU D 1 -14.98 13.27 25.19
N VAL D 2 -14.49 12.37 26.03
CA VAL D 2 -15.34 11.65 26.98
C VAL D 2 -15.40 12.48 28.26
N GLN D 3 -16.60 12.62 28.82
CA GLN D 3 -16.77 13.32 30.09
C GLN D 3 -17.78 12.64 30.98
N LEU D 4 -17.51 12.61 32.26
CA LEU D 4 -18.40 12.09 33.31
C LEU D 4 -18.64 13.22 34.28
N GLN D 5 -19.83 13.79 34.22
CA GLN D 5 -20.17 14.97 34.99
C GLN D 5 -20.96 14.56 36.22
N GLN D 6 -20.32 14.72 37.38
CA GLN D 6 -20.98 14.35 38.63
C GLN D 6 -21.72 15.52 39.26
N SER D 7 -22.71 15.18 40.07
CA SER D 7 -23.53 16.16 40.80
C SER D 7 -22.72 16.86 41.92
N GLY D 8 -23.29 17.96 42.44
CA GLY D 8 -22.63 18.83 43.42
C GLY D 8 -22.44 18.26 44.80
N ALA D 9 -21.62 18.95 45.65
CA ALA D 9 -21.36 18.53 47.04
C ALA D 9 -22.66 18.39 47.83
N GLU D 10 -22.71 17.39 48.72
CA GLU D 10 -23.91 17.12 49.52
C GLU D 10 -23.65 17.25 51.02
N LEU D 11 -24.63 17.80 51.75
CA LEU D 11 -24.61 17.84 53.21
C LEU D 11 -25.89 17.07 53.59
N VAL D 12 -25.75 15.98 54.35
CA VAL D 12 -26.88 15.13 54.69
C VAL D 12 -26.81 14.68 56.15
N ARG D 13 -27.96 14.56 56.78
CA ARG D 13 -28.04 14.20 58.21
C ARG D 13 -27.75 12.72 58.44
N PRO D 14 -27.19 12.33 59.61
CA PRO D 14 -27.03 10.90 59.90
C PRO D 14 -28.38 10.17 59.86
N GLY D 15 -28.37 8.97 59.30
CA GLY D 15 -29.59 8.14 59.20
C GLY D 15 -30.32 8.38 57.89
N ALA D 16 -30.01 9.51 57.21
CA ALA D 16 -30.69 9.85 55.96
C ALA D 16 -30.06 9.19 54.74
N LEU D 17 -30.39 9.68 53.55
CA LEU D 17 -30.04 9.08 52.28
C LEU D 17 -29.68 10.17 51.28
N VAL D 18 -28.76 9.84 50.36
CA VAL D 18 -28.33 10.69 49.26
C VAL D 18 -28.37 9.93 47.95
N LYS D 19 -28.65 10.64 46.85
CA LYS D 19 -28.59 10.07 45.51
C LYS D 19 -27.66 10.96 44.68
N LEU D 20 -26.57 10.36 44.21
CA LEU D 20 -25.55 11.09 43.45
C LEU D 20 -25.73 10.72 41.99
N SER D 21 -25.41 11.66 41.07
CA SER D 21 -25.53 11.38 39.65
C SER D 21 -24.23 11.52 38.92
N CYS D 22 -24.13 10.82 37.80
CA CYS D 22 -22.94 10.79 36.96
C CYS D 22 -23.42 10.78 35.51
N LYS D 23 -23.43 11.95 34.87
CA LYS D 23 -23.92 12.07 33.49
C LYS D 23 -22.79 11.88 32.51
N ALA D 24 -22.93 10.90 31.62
CA ALA D 24 -21.92 10.59 30.62
C ALA D 24 -22.14 11.35 29.30
N SER D 25 -21.06 11.77 28.68
CA SER D 25 -21.12 12.34 27.33
C SER D 25 -19.92 11.82 26.55
N GLY D 26 -20.07 11.71 25.23
CA GLY D 26 -19.03 11.21 24.33
C GLY D 26 -19.01 9.70 24.17
N PHE D 27 -19.94 8.99 24.81
CA PHE D 27 -20.09 7.53 24.68
C PHE D 27 -21.47 7.15 25.23
N ASN D 28 -21.92 5.93 24.92
CA ASN D 28 -23.21 5.40 25.33
C ASN D 28 -22.97 4.55 26.58
N ILE D 29 -23.66 4.87 27.70
CA ILE D 29 -23.46 4.09 28.95
C ILE D 29 -23.80 2.59 28.80
N LYS D 30 -24.62 2.20 27.80
CA LYS D 30 -24.91 0.77 27.60
C LYS D 30 -23.66 -0.01 27.17
N ASP D 31 -22.60 0.70 26.75
CA ASP D 31 -21.39 0.04 26.24
C ASP D 31 -20.29 -0.21 27.27
N TYR D 32 -20.53 0.19 28.52
CA TYR D 32 -19.54 0.07 29.60
C TYR D 32 -20.21 -0.22 30.90
N TYR D 33 -19.48 -0.78 31.85
CA TYR D 33 -19.95 -0.80 33.20
C TYR D 33 -19.77 0.63 33.73
N MET D 34 -20.63 1.04 34.67
N MET D 34 -20.61 1.05 34.66
CA MET D 34 -20.40 2.29 35.40
CA MET D 34 -20.39 2.30 35.38
C MET D 34 -20.09 1.86 36.82
C MET D 34 -20.08 1.86 36.80
N HIS D 35 -18.87 2.14 37.26
CA HIS D 35 -18.38 1.77 38.59
C HIS D 35 -18.50 2.97 39.51
N TRP D 36 -18.61 2.72 40.81
CA TRP D 36 -18.56 3.77 41.82
C TRP D 36 -17.47 3.41 42.80
N VAL D 37 -16.72 4.45 43.24
CA VAL D 37 -15.54 4.31 44.10
C VAL D 37 -15.65 5.33 45.22
N LYS D 38 -15.35 4.89 46.46
CA LYS D 38 -15.41 5.74 47.65
C LYS D 38 -13.98 6.09 48.10
N GLN D 39 -13.81 7.31 48.62
CA GLN D 39 -12.55 7.72 49.20
C GLN D 39 -12.81 8.60 50.40
N ARG D 40 -12.62 8.03 51.59
CA ARG D 40 -12.75 8.77 52.86
C ARG D 40 -11.58 9.76 52.98
N PRO D 41 -11.76 10.88 53.72
CA PRO D 41 -10.67 11.88 53.81
C PRO D 41 -9.33 11.29 54.21
N GLU D 42 -8.30 11.57 53.41
CA GLU D 42 -6.92 11.10 53.57
C GLU D 42 -6.78 9.57 53.51
N GLN D 43 -7.78 8.84 52.97
CA GLN D 43 -7.73 7.38 52.90
C GLN D 43 -7.64 6.90 51.43
N GLY D 44 -7.55 5.59 51.25
CA GLY D 44 -7.41 4.96 49.94
C GLY D 44 -8.72 4.81 49.18
N LEU D 45 -8.62 4.34 47.94
CA LEU D 45 -9.78 4.12 47.10
C LEU D 45 -10.45 2.81 47.49
N GLU D 46 -11.78 2.80 47.49
CA GLU D 46 -12.54 1.60 47.82
C GLU D 46 -13.59 1.39 46.72
N TRP D 47 -13.56 0.23 46.08
CA TRP D 47 -14.54 -0.08 45.04
C TRP D 47 -15.89 -0.36 45.71
N ILE D 48 -16.93 0.38 45.32
CA ILE D 48 -18.27 0.19 45.90
C ILE D 48 -19.06 -0.87 45.15
N GLY D 49 -19.20 -0.67 43.86
CA GLY D 49 -19.98 -1.56 43.02
C GLY D 49 -20.04 -1.07 41.60
N ARG D 50 -20.87 -1.73 40.79
CA ARG D 50 -21.01 -1.34 39.42
C ARG D 50 -22.40 -1.69 38.90
N ILE D 51 -22.73 -1.14 37.74
CA ILE D 51 -23.95 -1.53 37.01
C ILE D 51 -23.59 -1.71 35.54
N ASP D 52 -24.23 -2.70 34.87
CA ASP D 52 -24.15 -2.85 33.42
C ASP D 52 -25.47 -2.19 32.94
N PRO D 53 -25.43 -0.97 32.37
CA PRO D 53 -26.69 -0.28 32.01
C PRO D 53 -27.48 -0.96 30.90
N GLU D 54 -26.87 -1.90 30.16
CA GLU D 54 -27.60 -2.60 29.11
C GLU D 54 -28.61 -3.61 29.68
N ASN D 55 -28.28 -4.26 30.81
CA ASN D 55 -29.17 -5.28 31.39
C ASN D 55 -29.58 -4.99 32.84
N SER D 56 -29.07 -3.87 33.44
CA SER D 56 -29.33 -3.43 34.83
C SER D 56 -28.67 -4.30 35.90
N ASN D 57 -27.80 -5.27 35.52
CA ASN D 57 -27.12 -6.10 36.52
C ASN D 57 -26.21 -5.21 37.35
N ASN D 58 -26.38 -5.27 38.67
CA ASN D 58 -25.58 -4.45 39.57
C ASN D 58 -25.08 -5.31 40.73
N ILE D 59 -23.85 -5.09 41.18
CA ILE D 59 -23.21 -5.91 42.23
C ILE D 59 -22.30 -5.00 43.04
N TYR D 60 -22.07 -5.35 44.32
CA TYR D 60 -21.34 -4.52 45.27
C TYR D 60 -20.32 -5.29 46.06
N ASP D 61 -19.41 -4.55 46.71
CA ASP D 61 -18.53 -5.15 47.69
C ASP D 61 -19.48 -5.44 48.88
N PRO D 62 -19.48 -6.69 49.45
CA PRO D 62 -20.36 -6.99 50.61
C PRO D 62 -20.22 -6.05 51.80
N LYS D 63 -19.05 -5.39 51.98
CA LYS D 63 -18.82 -4.43 53.07
C LYS D 63 -19.81 -3.26 53.03
N PHE D 64 -20.47 -3.03 51.89
CA PHE D 64 -21.38 -1.90 51.88
C PHE D 64 -22.72 -2.27 52.56
N GLN D 65 -22.87 -3.56 52.95
CA GLN D 65 -24.01 -4.14 53.67
C GLN D 65 -25.39 -3.74 53.12
N GLY D 66 -25.52 -3.71 51.79
CA GLY D 66 -26.76 -3.34 51.12
C GLY D 66 -27.13 -1.86 51.22
N LYS D 67 -26.22 -1.02 51.74
CA LYS D 67 -26.41 0.43 51.91
C LYS D 67 -26.21 1.23 50.61
N ALA D 68 -25.64 0.61 49.59
CA ALA D 68 -25.44 1.25 48.31
C ALA D 68 -26.38 0.65 47.26
N SER D 69 -26.97 1.51 46.40
CA SER D 69 -27.88 1.08 45.33
C SER D 69 -27.47 1.86 44.09
N ILE D 70 -27.00 1.14 43.07
CA ILE D 70 -26.56 1.75 41.83
C ILE D 70 -27.63 1.53 40.77
N THR D 71 -28.05 2.63 40.10
CA THR D 71 -29.05 2.57 39.05
C THR D 71 -28.54 3.29 37.83
N ALA D 72 -29.29 3.20 36.71
CA ALA D 72 -28.94 3.90 35.50
C ALA D 72 -30.19 4.31 34.76
N ASP D 73 -30.11 5.42 34.03
CA ASP D 73 -31.17 5.92 33.17
C ASP D 73 -30.58 6.04 31.78
N THR D 74 -30.96 5.14 30.88
CA THR D 74 -30.35 5.14 29.55
C THR D 74 -30.79 6.31 28.67
N SER D 75 -32.03 6.82 28.77
CA SER D 75 -32.44 7.97 27.94
C SER D 75 -31.59 9.22 28.26
N SER D 76 -31.26 9.43 29.53
CA SER D 76 -30.42 10.59 29.92
C SER D 76 -28.91 10.23 30.00
N ASN D 77 -28.53 8.98 29.67
CA ASN D 77 -27.13 8.51 29.67
C ASN D 77 -26.42 8.79 31.04
N THR D 78 -27.14 8.51 32.14
CA THR D 78 -26.68 8.85 33.49
C THR D 78 -26.78 7.65 34.41
N ALA D 79 -25.78 7.50 35.27
CA ALA D 79 -25.74 6.46 36.30
C ALA D 79 -25.85 7.15 37.65
N TYR D 80 -26.36 6.43 38.63
CA TYR D 80 -26.60 6.99 39.96
C TYR D 80 -26.10 6.08 41.05
N LEU D 81 -25.75 6.67 42.20
CA LEU D 81 -25.39 5.94 43.40
C LEU D 81 -26.25 6.50 44.52
N GLN D 82 -27.04 5.62 45.14
CA GLN D 82 -27.87 5.99 46.28
C GLN D 82 -27.29 5.32 47.51
N LEU D 83 -27.03 6.12 48.56
CA LEU D 83 -26.47 5.65 49.82
C LEU D 83 -27.47 5.90 50.92
N SER D 84 -27.84 4.84 51.67
CA SER D 84 -28.83 4.97 52.72
C SER D 84 -28.26 4.72 54.12
N SER D 85 -29.06 5.02 55.17
CA SER D 85 -28.70 4.88 56.61
C SER D 85 -27.32 5.46 56.85
N LEU D 86 -27.10 6.69 56.38
CA LEU D 86 -25.80 7.33 56.42
C LEU D 86 -25.24 7.52 57.82
N THR D 87 -23.92 7.26 57.98
CA THR D 87 -23.18 7.48 59.22
C THR D 87 -21.96 8.33 58.88
N SER D 88 -21.19 8.73 59.89
CA SER D 88 -19.95 9.51 59.69
C SER D 88 -18.91 8.74 58.86
N GLU D 89 -19.02 7.40 58.80
CA GLU D 89 -18.12 6.56 58.00
C GLU D 89 -18.40 6.75 56.49
N ASP D 90 -19.58 7.32 56.17
CA ASP D 90 -19.98 7.60 54.79
C ASP D 90 -19.51 8.96 54.29
N THR D 91 -18.96 9.81 55.19
CA THR D 91 -18.39 11.09 54.75
C THR D 91 -17.15 10.75 53.89
N ALA D 92 -17.20 11.13 52.61
CA ALA D 92 -16.17 10.77 51.64
C ALA D 92 -16.42 11.49 50.32
N VAL D 93 -15.47 11.31 49.39
CA VAL D 93 -15.65 11.75 48.01
C VAL D 93 -16.04 10.45 47.28
N TYR D 94 -17.06 10.53 46.42
CA TYR D 94 -17.55 9.39 45.63
C TYR D 94 -17.29 9.68 44.16
N TYR D 95 -16.59 8.77 43.48
CA TYR D 95 -16.30 8.89 42.05
C TYR D 95 -17.09 7.90 41.24
N CYS D 96 -17.49 8.29 40.03
CA CYS D 96 -18.04 7.34 39.07
C CYS D 96 -16.92 7.14 38.03
N ALA D 97 -16.87 5.98 37.39
CA ALA D 97 -15.80 5.71 36.42
C ALA D 97 -16.32 4.65 35.47
N ARG D 98 -16.02 4.78 34.19
CA ARG D 98 -16.50 3.77 33.23
C ARG D 98 -15.42 2.70 33.05
N GLY D 99 -15.84 1.45 32.83
CA GLY D 99 -14.91 0.35 32.56
C GLY D 99 -15.52 -0.62 31.57
N GLY D 100 -14.67 -1.36 30.85
CA GLY D 100 -15.12 -2.33 29.85
C GLY D 100 -15.37 -3.74 30.36
N PHE D 101 -15.41 -4.69 29.41
CA PHE D 101 -15.86 -6.07 29.63
C PHE D 101 -14.87 -7.16 29.33
N ASP D 102 -13.59 -6.84 29.18
CA ASP D 102 -12.60 -7.88 28.90
C ASP D 102 -11.25 -7.42 29.41
N THR D 103 -10.26 -8.34 29.48
CA THR D 103 -8.93 -8.02 30.05
C THR D 103 -8.37 -6.66 29.63
N ASN D 104 -8.38 -6.37 28.30
CA ASN D 104 -7.79 -5.15 27.77
C ASN D 104 -8.66 -3.92 27.93
N HIS D 105 -9.87 -4.08 28.53
CA HIS D 105 -10.78 -2.95 28.69
C HIS D 105 -11.38 -2.79 30.09
N TYR D 106 -11.19 -3.75 31.04
CA TYR D 106 -11.81 -3.64 32.39
C TYR D 106 -11.41 -2.37 33.14
N ALA D 107 -10.13 -2.02 33.11
CA ALA D 107 -9.63 -0.87 33.87
C ALA D 107 -10.35 0.40 33.49
N MET D 108 -10.61 1.26 34.48
CA MET D 108 -11.39 2.48 34.28
C MET D 108 -10.57 3.61 33.76
N ASP D 109 -10.78 3.94 32.49
CA ASP D 109 -10.00 4.95 31.79
C ASP D 109 -10.50 6.37 31.97
N TYR D 110 -11.83 6.56 32.15
CA TYR D 110 -12.42 7.89 32.37
C TYR D 110 -13.17 7.90 33.68
N TRP D 111 -12.97 8.96 34.47
CA TRP D 111 -13.54 9.11 35.79
C TRP D 111 -14.24 10.47 35.89
N GLY D 112 -15.27 10.50 36.73
CA GLY D 112 -15.93 11.74 37.10
C GLY D 112 -15.01 12.55 37.99
N GLN D 113 -15.38 13.81 38.28
CA GLN D 113 -14.56 14.69 39.12
C GLN D 113 -14.72 14.42 40.64
N GLY D 114 -15.69 13.59 41.01
CA GLY D 114 -15.92 13.26 42.42
C GLY D 114 -16.96 14.19 43.01
N THR D 115 -17.77 13.64 43.90
CA THR D 115 -18.80 14.36 44.65
C THR D 115 -18.49 14.17 46.12
N SER D 116 -18.30 15.29 46.84
CA SER D 116 -18.08 15.28 48.28
C SER D 116 -19.41 15.12 49.03
N VAL D 117 -19.50 14.16 49.95
CA VAL D 117 -20.70 13.96 50.78
C VAL D 117 -20.25 14.11 52.23
N THR D 118 -20.89 15.02 52.97
CA THR D 118 -20.62 15.23 54.39
C THR D 118 -21.85 14.77 55.16
N VAL D 119 -21.68 13.81 56.08
CA VAL D 119 -22.77 13.31 56.93
C VAL D 119 -22.67 14.02 58.26
N SER D 120 -23.61 14.93 58.52
CA SER D 120 -23.57 15.73 59.75
C SER D 120 -24.96 16.32 60.02
N SER D 121 -25.28 16.52 61.31
CA SER D 121 -26.54 17.16 61.70
C SER D 121 -26.34 18.70 61.84
N ALA D 122 -25.10 19.20 61.64
CA ALA D 122 -24.77 20.63 61.71
C ALA D 122 -25.31 21.42 60.51
N SER D 123 -25.67 22.69 60.77
CA SER D 123 -26.25 23.53 59.74
C SER D 123 -25.19 24.20 58.89
N THR D 124 -25.57 24.50 57.66
CA THR D 124 -24.73 25.18 56.67
C THR D 124 -24.43 26.60 57.17
N LYS D 125 -23.18 27.03 56.99
CA LYS D 125 -22.76 28.38 57.34
C LYS D 125 -21.74 28.90 56.32
N GLY D 126 -22.00 30.08 55.78
CA GLY D 126 -21.11 30.73 54.83
C GLY D 126 -19.90 31.33 55.51
N PRO D 127 -18.75 31.43 54.82
CA PRO D 127 -17.55 32.00 55.48
C PRO D 127 -17.48 33.51 55.55
N SER D 128 -16.64 34.01 56.46
CA SER D 128 -16.26 35.41 56.57
C SER D 128 -14.88 35.41 55.88
N VAL D 129 -14.60 36.41 55.05
CA VAL D 129 -13.33 36.46 54.33
C VAL D 129 -12.55 37.67 54.78
N PHE D 130 -11.35 37.44 55.32
CA PHE D 130 -10.49 38.50 55.85
C PHE D 130 -9.20 38.61 55.07
N PRO D 131 -8.68 39.82 54.83
CA PRO D 131 -7.41 39.93 54.12
C PRO D 131 -6.20 39.61 54.99
N LEU D 132 -5.15 39.08 54.36
CA LEU D 132 -3.84 38.83 54.97
C LEU D 132 -2.98 39.84 54.19
N ALA D 133 -2.95 41.09 54.68
CA ALA D 133 -2.31 42.24 54.03
C ALA D 133 -0.80 42.09 53.82
N PRO D 134 -0.26 42.39 52.61
CA PRO D 134 1.19 42.29 52.41
C PRO D 134 1.95 43.37 53.17
N THR D 143 10.26 39.93 46.88
CA THR D 143 9.04 39.11 46.93
C THR D 143 8.16 39.42 48.15
N ALA D 144 6.85 39.65 47.92
CA ALA D 144 5.88 39.89 48.99
C ALA D 144 4.85 38.78 49.03
N ALA D 145 4.32 38.46 50.21
CA ALA D 145 3.26 37.47 50.37
C ALA D 145 2.01 38.16 50.85
N LEU D 146 0.88 37.76 50.27
CA LEU D 146 -0.43 38.29 50.67
C LEU D 146 -1.45 37.17 50.59
N GLY D 147 -2.60 37.35 51.17
CA GLY D 147 -3.59 36.29 51.11
C GLY D 147 -4.94 36.63 51.68
N CYS D 148 -5.80 35.63 51.87
N CYS D 148 -5.76 35.59 51.87
CA CYS D 148 -7.08 35.84 52.53
CA CYS D 148 -7.09 35.67 52.42
C CYS D 148 -7.50 34.61 53.33
C CYS D 148 -7.28 34.57 53.44
N LEU D 149 -7.99 34.89 54.54
CA LEU D 149 -8.37 33.94 55.56
C LEU D 149 -9.88 33.74 55.38
N VAL D 150 -10.28 32.50 55.09
CA VAL D 150 -11.66 32.09 54.82
C VAL D 150 -12.10 31.36 56.08
N LYS D 151 -12.79 32.06 56.95
CA LYS D 151 -13.11 31.57 58.28
C LYS D 151 -14.54 31.24 58.56
N ASP D 152 -14.73 30.21 59.40
CA ASP D 152 -16.00 29.80 59.99
C ASP D 152 -17.08 29.43 58.99
N TYR D 153 -16.83 28.38 58.22
CA TYR D 153 -17.80 27.88 57.25
C TYR D 153 -18.05 26.39 57.48
N PHE D 154 -19.20 25.92 56.97
CA PHE D 154 -19.58 24.52 57.06
C PHE D 154 -20.64 24.27 55.99
N PRO D 155 -20.57 23.12 55.26
CA PRO D 155 -19.53 22.08 55.30
C PRO D 155 -18.41 22.42 54.30
N GLU D 156 -17.49 21.50 54.10
CA GLU D 156 -16.51 21.60 53.02
C GLU D 156 -17.28 21.27 51.70
N PRO D 157 -16.81 21.69 50.51
CA PRO D 157 -15.57 22.45 50.24
C PRO D 157 -15.83 23.93 49.93
N VAL D 158 -14.76 24.74 49.88
CA VAL D 158 -14.82 26.14 49.41
C VAL D 158 -13.85 26.17 48.21
N THR D 159 -14.06 27.07 47.28
CA THR D 159 -13.10 27.24 46.19
C THR D 159 -12.54 28.64 46.35
N VAL D 160 -11.24 28.79 46.15
CA VAL D 160 -10.59 30.10 46.21
C VAL D 160 -9.82 30.32 44.92
N SER D 161 -10.01 31.48 44.32
CA SER D 161 -9.20 31.87 43.17
C SER D 161 -8.67 33.28 43.43
N TRP D 162 -7.69 33.71 42.62
CA TRP D 162 -7.09 35.02 42.71
C TRP D 162 -7.28 35.74 41.39
N ASN D 163 -7.79 36.99 41.44
CA ASN D 163 -8.09 37.82 40.24
C ASN D 163 -8.93 37.05 39.21
N SER D 164 -10.00 36.42 39.69
CA SER D 164 -10.96 35.60 38.92
C SER D 164 -10.31 34.41 38.19
N GLY D 165 -9.17 33.94 38.74
CA GLY D 165 -8.45 32.80 38.17
C GLY D 165 -7.34 33.20 37.25
N ALA D 166 -7.18 34.52 36.99
CA ALA D 166 -6.13 35.03 36.10
C ALA D 166 -4.75 34.99 36.79
N LEU D 167 -4.72 34.92 38.14
CA LEU D 167 -3.46 34.81 38.89
C LEU D 167 -3.36 33.41 39.49
N THR D 168 -2.41 32.61 38.98
CA THR D 168 -2.27 31.22 39.44
C THR D 168 -0.84 30.93 39.95
N SER D 169 0.15 31.59 39.35
CA SER D 169 1.54 31.42 39.71
C SER D 169 1.77 31.91 41.16
N GLY D 170 2.44 31.06 41.96
CA GLY D 170 2.78 31.35 43.35
C GLY D 170 1.63 31.23 44.35
N VAL D 171 0.48 30.73 43.89
CA VAL D 171 -0.70 30.61 44.76
C VAL D 171 -0.59 29.31 45.57
N HIS D 172 -0.90 29.39 46.87
CA HIS D 172 -1.02 28.21 47.73
C HIS D 172 -2.34 28.33 48.48
N THR D 173 -3.27 27.42 48.18
CA THR D 173 -4.55 27.37 48.91
C THR D 173 -4.39 26.15 49.80
N PHE D 174 -4.40 26.41 51.10
CA PHE D 174 -4.13 25.35 52.08
C PHE D 174 -5.35 24.48 52.36
N PRO D 175 -5.13 23.22 52.78
CA PRO D 175 -6.26 22.39 53.26
C PRO D 175 -6.95 23.10 54.44
N ALA D 176 -8.28 23.00 54.51
CA ALA D 176 -9.00 23.59 55.64
C ALA D 176 -8.68 22.82 56.93
N VAL D 177 -8.82 23.51 58.06
CA VAL D 177 -8.67 22.91 59.38
C VAL D 177 -10.04 22.96 60.03
N LEU D 178 -10.36 21.94 60.81
CA LEU D 178 -11.63 21.87 61.52
C LEU D 178 -11.42 22.46 62.90
N GLN D 179 -12.05 23.60 63.18
CA GLN D 179 -11.95 24.22 64.49
C GLN D 179 -12.80 23.49 65.54
N SER D 180 -12.55 23.76 66.84
CA SER D 180 -13.29 23.14 67.95
C SER D 180 -14.79 23.48 67.91
N SER D 181 -15.16 24.59 67.23
CA SER D 181 -16.56 25.02 67.02
C SER D 181 -17.29 24.09 66.01
N GLY D 182 -16.55 23.27 65.26
CA GLY D 182 -17.11 22.41 64.24
C GLY D 182 -17.15 23.10 62.88
N LEU D 183 -16.58 24.33 62.81
CA LEU D 183 -16.54 25.11 61.57
C LEU D 183 -15.13 25.07 61.01
N TYR D 184 -15.03 25.13 59.69
CA TYR D 184 -13.72 25.09 59.02
C TYR D 184 -13.13 26.47 58.85
N SER D 185 -11.81 26.50 58.65
CA SER D 185 -11.08 27.72 58.39
C SER D 185 -9.97 27.36 57.41
N LEU D 186 -9.79 28.19 56.39
CA LEU D 186 -8.76 27.95 55.37
C LEU D 186 -8.02 29.25 55.05
N SER D 187 -6.75 29.15 54.62
CA SER D 187 -6.04 30.33 54.15
C SER D 187 -5.61 30.06 52.70
N SER D 188 -5.55 31.12 51.92
CA SER D 188 -5.04 31.09 50.55
C SER D 188 -4.07 32.25 50.46
N VAL D 189 -2.87 31.96 50.00
CA VAL D 189 -1.84 32.99 49.87
C VAL D 189 -1.30 33.04 48.46
N VAL D 190 -0.62 34.14 48.13
CA VAL D 190 0.09 34.29 46.86
C VAL D 190 1.36 35.11 47.10
N THR D 191 2.50 34.69 46.52
CA THR D 191 3.73 35.46 46.60
C THR D 191 3.83 36.21 45.26
N VAL D 192 4.09 37.52 45.32
CA VAL D 192 4.15 38.38 44.13
C VAL D 192 5.39 39.28 44.17
N PRO D 193 5.83 39.91 43.06
CA PRO D 193 6.97 40.85 43.17
C PRO D 193 6.55 42.03 44.04
N SER D 194 7.41 42.45 44.99
CA SER D 194 7.15 43.57 45.90
C SER D 194 6.90 44.88 45.15
N SER D 195 7.45 45.02 43.93
CA SER D 195 7.29 46.19 43.05
C SER D 195 5.86 46.29 42.48
N SER D 196 5.10 45.17 42.44
CA SER D 196 3.73 45.16 41.91
C SER D 196 2.69 45.66 42.91
N LEU D 197 3.00 45.69 44.23
CA LEU D 197 2.06 46.07 45.29
C LEU D 197 1.35 47.43 45.10
N GLY D 198 2.03 48.41 44.52
CA GLY D 198 1.44 49.72 44.29
C GLY D 198 0.60 49.85 43.03
N THR D 199 0.87 48.99 42.01
CA THR D 199 0.20 49.06 40.71
C THR D 199 -0.80 47.94 40.40
N GLN D 200 -0.61 46.75 40.99
CA GLN D 200 -1.48 45.60 40.74
C GLN D 200 -2.52 45.39 41.84
N THR D 201 -3.78 45.18 41.46
CA THR D 201 -4.90 44.90 42.35
C THR D 201 -4.99 43.39 42.58
N TYR D 202 -5.14 42.97 43.84
CA TYR D 202 -5.24 41.57 44.22
C TYR D 202 -6.56 41.31 44.90
N ILE D 203 -7.34 40.43 44.30
CA ILE D 203 -8.66 40.09 44.81
C ILE D 203 -8.74 38.59 45.00
N CYS D 204 -9.19 38.16 46.18
CA CYS D 204 -9.43 36.74 46.33
C CYS D 204 -10.92 36.48 46.19
N ASN D 205 -11.26 35.50 45.36
CA ASN D 205 -12.63 35.14 45.07
C ASN D 205 -12.95 33.84 45.75
N VAL D 206 -13.87 33.93 46.70
CA VAL D 206 -14.27 32.77 47.50
C VAL D 206 -15.67 32.31 47.11
N ASN D 207 -15.85 31.02 46.89
CA ASN D 207 -17.15 30.47 46.56
C ASN D 207 -17.44 29.28 47.46
N HIS D 208 -18.51 29.40 48.26
CA HIS D 208 -18.99 28.33 49.14
C HIS D 208 -20.36 27.93 48.62
N LYS D 209 -20.37 26.98 47.66
CA LYS D 209 -21.59 26.49 47.00
C LYS D 209 -22.63 25.93 47.99
N PRO D 210 -22.28 25.11 49.03
CA PRO D 210 -23.31 24.64 49.97
C PRO D 210 -24.16 25.71 50.64
N SER D 211 -23.64 26.94 50.80
CA SER D 211 -24.40 28.05 51.40
C SER D 211 -24.75 29.14 50.38
N ASN D 212 -24.46 28.90 49.08
CA ASN D 212 -24.66 29.88 48.00
C ASN D 212 -23.99 31.24 48.32
N THR D 213 -22.75 31.20 48.88
CA THR D 213 -21.98 32.38 49.27
C THR D 213 -20.86 32.61 48.26
N LYS D 214 -20.74 33.84 47.78
CA LYS D 214 -19.71 34.30 46.84
C LYS D 214 -19.20 35.61 47.38
N VAL D 215 -17.90 35.65 47.73
CA VAL D 215 -17.28 36.84 48.30
C VAL D 215 -16.04 37.18 47.50
N ASP D 216 -15.87 38.46 47.15
CA ASP D 216 -14.67 38.95 46.49
C ASP D 216 -14.01 39.91 47.48
N LYS D 217 -12.79 39.59 47.91
CA LYS D 217 -12.10 40.44 48.88
C LYS D 217 -10.83 41.04 48.29
N ARG D 218 -10.79 42.37 48.21
CA ARG D 218 -9.62 43.11 47.75
C ARG D 218 -8.59 43.08 48.90
N VAL D 219 -7.34 42.71 48.59
CA VAL D 219 -6.28 42.63 49.58
C VAL D 219 -5.29 43.75 49.29
N GLU D 220 -5.25 44.75 50.19
CA GLU D 220 -4.40 45.93 50.03
C GLU D 220 -3.23 45.99 51.01
N PRO D 221 -2.07 46.60 50.63
CA PRO D 221 -0.96 46.74 51.60
C PRO D 221 -1.30 47.50 52.89
N ASP E 20 -13.63 -13.50 48.39
CA ASP E 20 -13.15 -12.25 47.82
C ASP E 20 -11.63 -12.24 47.76
N ILE E 21 -11.06 -11.46 46.84
CA ILE E 21 -9.62 -11.37 46.65
C ILE E 21 -9.11 -10.04 47.20
N GLN E 22 -8.12 -10.13 48.09
CA GLN E 22 -7.48 -8.96 48.71
C GLN E 22 -6.15 -8.69 48.05
N MET E 23 -5.82 -7.41 47.91
CA MET E 23 -4.60 -6.91 47.29
C MET E 23 -3.76 -6.26 48.35
N THR E 24 -2.51 -6.69 48.43
CA THR E 24 -1.54 -6.17 49.37
C THR E 24 -0.52 -5.34 48.61
N GLN E 25 -0.60 -4.04 48.82
CA GLN E 25 0.28 -3.11 48.14
C GLN E 25 1.45 -2.70 49.05
N SER E 26 2.65 -2.68 48.51
CA SER E 26 3.83 -2.28 49.26
C SER E 26 4.82 -1.50 48.39
N PRO E 27 5.63 -0.57 48.97
CA PRO E 27 5.57 -0.08 50.36
C PRO E 27 4.40 0.89 50.50
N ALA E 28 3.98 1.21 51.73
CA ALA E 28 2.89 2.15 51.93
C ALA E 28 3.37 3.58 51.61
N SER E 29 4.67 3.86 51.77
CA SER E 29 5.24 5.18 51.46
C SER E 29 6.67 5.07 50.93
N LEU E 30 7.05 5.97 50.01
CA LEU E 30 8.39 6.05 49.39
C LEU E 30 8.80 7.49 49.20
N SER E 31 10.10 7.77 49.32
CA SER E 31 10.65 9.09 49.06
C SER E 31 11.86 8.82 48.14
N VAL E 32 11.76 9.23 46.89
CA VAL E 32 12.78 8.91 45.87
C VAL E 32 13.17 10.16 45.09
N SER E 33 14.48 10.29 44.75
CA SER E 33 15.02 11.47 44.07
C SER E 33 14.71 11.49 42.58
N VAL E 34 14.71 12.69 41.98
CA VAL E 34 14.52 12.85 40.54
C VAL E 34 15.66 12.07 39.83
N GLY E 35 15.30 11.30 38.79
CA GLY E 35 16.23 10.50 38.01
C GLY E 35 16.39 9.07 38.48
N GLU E 36 15.89 8.76 39.70
CA GLU E 36 16.01 7.40 40.22
C GLU E 36 14.84 6.54 39.76
N THR E 37 14.90 5.23 40.05
CA THR E 37 13.83 4.31 39.67
C THR E 37 12.93 4.00 40.89
N VAL E 38 11.62 4.00 40.68
CA VAL E 38 10.62 3.67 41.71
C VAL E 38 10.02 2.31 41.35
N THR E 39 9.89 1.40 42.33
CA THR E 39 9.22 0.10 42.14
C THR E 39 8.18 -0.05 43.23
N ILE E 40 6.93 -0.25 42.81
CA ILE E 40 5.78 -0.41 43.71
C ILE E 40 5.24 -1.79 43.40
N THR E 41 4.92 -2.57 44.44
CA THR E 41 4.46 -3.94 44.20
C THR E 41 3.05 -4.18 44.72
N CYS E 42 2.39 -5.10 44.08
CA CYS E 42 1.04 -5.45 44.43
C CYS E 42 0.96 -7.00 44.47
N ARG E 43 0.49 -7.57 45.59
CA ARG E 43 0.33 -9.02 45.76
C ARG E 43 -1.12 -9.43 46.03
N ALA E 44 -1.69 -10.31 45.21
CA ALA E 44 -3.08 -10.78 45.37
C ALA E 44 -3.17 -12.02 46.31
N SER E 45 -4.30 -12.23 47.01
CA SER E 45 -4.50 -13.40 47.88
C SER E 45 -4.60 -14.72 47.09
N GLU E 46 -4.83 -14.61 45.77
CA GLU E 46 -4.85 -15.75 44.84
C GLU E 46 -4.50 -15.28 43.42
N ASN E 47 -4.14 -16.20 42.50
CA ASN E 47 -3.80 -15.88 41.10
C ASN E 47 -4.92 -15.04 40.43
N ILE E 48 -4.55 -13.85 39.84
CA ILE E 48 -5.50 -12.95 39.17
C ILE E 48 -5.32 -12.89 37.62
N TYR E 49 -4.35 -13.67 37.06
CA TYR E 49 -4.13 -13.86 35.61
C TYR E 49 -3.93 -12.54 34.81
N SER E 50 -3.12 -11.63 35.36
CA SER E 50 -2.73 -10.34 34.76
C SER E 50 -3.87 -9.33 34.61
N ASN E 51 -5.01 -9.59 35.26
CA ASN E 51 -6.14 -8.66 35.28
C ASN E 51 -5.89 -7.66 36.39
N LEU E 52 -4.98 -6.71 36.10
CA LEU E 52 -4.54 -5.74 37.07
C LEU E 52 -4.20 -4.42 36.43
N ALA E 53 -4.61 -3.36 37.07
CA ALA E 53 -4.34 -2.03 36.61
C ALA E 53 -3.66 -1.20 37.68
N TRP E 54 -3.02 -0.12 37.25
CA TRP E 54 -2.34 0.83 38.12
C TRP E 54 -2.86 2.22 37.84
N TYR E 55 -3.15 2.98 38.91
CA TYR E 55 -3.67 4.35 38.82
C TYR E 55 -2.78 5.27 39.62
N GLN E 56 -2.72 6.54 39.20
CA GLN E 56 -2.03 7.63 39.93
C GLN E 56 -3.13 8.59 40.36
N GLN E 57 -3.03 9.14 41.56
CA GLN E 57 -3.96 10.14 42.00
C GLN E 57 -3.22 11.28 42.70
N LYS E 58 -3.54 12.52 42.27
CA LYS E 58 -3.04 13.74 42.87
C LYS E 58 -4.13 14.31 43.79
N GLN E 59 -3.76 15.10 44.81
CA GLN E 59 -4.73 15.65 45.78
C GLN E 59 -5.81 16.48 45.10
N GLY E 60 -7.04 16.25 45.49
CA GLY E 60 -8.20 16.94 44.94
C GLY E 60 -8.53 16.58 43.51
N LYS E 61 -7.86 15.55 42.94
CA LYS E 61 -8.09 15.14 41.55
C LYS E 61 -8.57 13.70 41.45
N SER E 62 -9.22 13.39 40.32
CA SER E 62 -9.67 12.04 40.09
C SER E 62 -8.45 11.15 39.78
N PRO E 63 -8.50 9.86 40.11
CA PRO E 63 -7.40 8.96 39.73
C PRO E 63 -7.26 8.91 38.20
N GLN E 64 -6.05 8.58 37.72
CA GLN E 64 -5.77 8.48 36.29
C GLN E 64 -5.17 7.12 36.04
N LEU E 65 -5.67 6.43 35.01
CA LEU E 65 -5.16 5.11 34.64
C LEU E 65 -3.75 5.24 34.05
N LEU E 66 -2.82 4.42 34.54
CA LEU E 66 -1.44 4.42 34.03
C LEU E 66 -1.15 3.20 33.20
N VAL E 67 -1.46 2.02 33.76
CA VAL E 67 -1.16 0.72 33.14
C VAL E 67 -2.37 -0.17 33.32
N TYR E 68 -2.67 -0.97 32.30
CA TYR E 68 -3.80 -1.89 32.32
C TYR E 68 -3.36 -3.26 31.84
N ALA E 69 -4.10 -4.31 32.27
CA ALA E 69 -3.81 -5.72 31.96
C ALA E 69 -2.32 -6.02 32.28
N ALA E 70 -1.88 -5.55 33.45
CA ALA E 70 -0.55 -5.67 34.09
C ALA E 70 0.61 -4.97 33.37
N THR E 71 0.67 -5.00 32.01
CA THR E 71 1.84 -4.54 31.26
C THR E 71 1.61 -3.47 30.17
N ASN E 72 0.36 -3.06 29.92
CA ASN E 72 0.09 -2.09 28.87
C ASN E 72 0.00 -0.66 29.34
N LEU E 73 0.72 0.26 28.69
CA LEU E 73 0.63 1.69 29.00
C LEU E 73 -0.65 2.27 28.45
N ALA E 74 -1.39 3.02 29.27
CA ALA E 74 -2.60 3.69 28.85
C ALA E 74 -2.24 4.85 27.91
N ASP E 75 -3.17 5.26 27.03
CA ASP E 75 -2.97 6.37 26.08
C ASP E 75 -2.52 7.65 26.80
N GLY E 76 -1.48 8.28 26.26
CA GLY E 76 -0.93 9.52 26.81
C GLY E 76 -0.02 9.39 28.02
N VAL E 77 0.17 8.18 28.55
CA VAL E 77 1.04 7.98 29.72
C VAL E 77 2.52 8.00 29.25
N PRO E 78 3.42 8.77 29.93
CA PRO E 78 4.83 8.80 29.50
C PRO E 78 5.48 7.43 29.52
N SER E 79 6.44 7.19 28.60
CA SER E 79 7.13 5.91 28.47
C SER E 79 7.97 5.50 29.69
N ARG E 80 8.24 6.46 30.65
CA ARG E 80 9.01 6.15 31.86
C ARG E 80 8.25 5.19 32.79
N PHE E 81 6.92 5.10 32.63
CA PHE E 81 6.07 4.17 33.39
C PHE E 81 6.02 2.83 32.70
N SER E 82 6.06 1.74 33.49
CA SER E 82 5.89 0.39 32.95
C SER E 82 5.33 -0.53 34.03
N GLY E 83 4.69 -1.59 33.61
CA GLY E 83 4.16 -2.58 34.52
C GLY E 83 4.69 -3.93 34.14
N SER E 84 4.87 -4.80 35.14
CA SER E 84 5.26 -6.19 34.90
C SER E 84 4.58 -7.10 35.91
N GLY E 85 4.64 -8.39 35.69
CA GLY E 85 4.06 -9.31 36.66
C GLY E 85 3.27 -10.42 36.05
N SER E 86 2.97 -11.42 36.89
CA SER E 86 2.16 -12.59 36.55
C SER E 86 1.71 -13.25 37.85
N GLY E 87 0.74 -14.16 37.73
CA GLY E 87 0.21 -14.93 38.84
C GLY E 87 -0.35 -14.07 39.94
N THR E 88 0.37 -14.03 41.07
CA THR E 88 -0.03 -13.24 42.23
C THR E 88 0.80 -11.96 42.46
N GLN E 89 1.91 -11.79 41.74
CA GLN E 89 2.92 -10.74 41.94
C GLN E 89 3.02 -9.75 40.78
N TYR E 90 2.79 -8.47 41.06
CA TYR E 90 2.83 -7.42 40.04
C TYR E 90 3.62 -6.20 40.48
N SER E 91 4.28 -5.52 39.54
CA SER E 91 5.03 -4.30 39.86
C SER E 91 4.79 -3.17 38.88
N LEU E 92 4.78 -1.94 39.40
CA LEU E 92 4.74 -0.71 38.63
C LEU E 92 6.13 -0.12 38.79
N LYS E 93 6.76 0.25 37.67
CA LYS E 93 8.10 0.82 37.69
C LYS E 93 8.05 2.19 37.05
N ILE E 94 8.74 3.16 37.66
CA ILE E 94 8.90 4.47 37.08
C ILE E 94 10.40 4.64 36.90
N ASN E 95 10.86 4.65 35.66
CA ASN E 95 12.27 4.89 35.35
C ASN E 95 12.45 6.41 35.30
N SER E 96 13.66 6.89 35.60
CA SER E 96 14.01 8.31 35.55
C SER E 96 12.90 9.22 36.12
N LEU E 97 12.58 9.01 37.41
CA LEU E 97 11.52 9.74 38.11
C LEU E 97 11.61 11.25 37.85
N GLN E 98 10.44 11.87 37.62
CA GLN E 98 10.35 13.30 37.39
C GLN E 98 9.60 13.96 38.55
N SER E 99 9.83 15.26 38.78
CA SER E 99 9.19 15.99 39.88
C SER E 99 7.67 15.92 39.85
N GLU E 100 7.07 15.82 38.64
CA GLU E 100 5.61 15.75 38.51
C GLU E 100 5.01 14.37 38.86
N ASP E 101 5.85 13.37 39.19
CA ASP E 101 5.41 12.00 39.50
C ASP E 101 5.03 11.77 40.97
N PHE E 102 5.04 12.82 41.79
CA PHE E 102 4.59 12.65 43.18
C PHE E 102 3.09 12.29 43.16
N GLY E 103 2.61 11.66 44.22
CA GLY E 103 1.20 11.35 44.33
C GLY E 103 0.98 9.99 44.96
N ASN E 104 -0.28 9.54 44.93
CA ASN E 104 -0.65 8.25 45.46
C ASN E 104 -0.87 7.31 44.31
N TYR E 105 -0.42 6.08 44.46
CA TYR E 105 -0.55 5.07 43.41
C TYR E 105 -1.37 3.92 43.95
N TYR E 106 -2.23 3.32 43.10
CA TYR E 106 -3.07 2.21 43.56
C TYR E 106 -3.12 1.15 42.51
N CYS E 107 -3.15 -0.11 42.94
CA CYS E 107 -3.41 -1.22 42.02
C CYS E 107 -4.87 -1.62 42.20
N GLN E 108 -5.44 -2.32 41.21
CA GLN E 108 -6.81 -2.84 41.27
C GLN E 108 -6.85 -4.08 40.43
N HIS E 109 -7.55 -5.10 40.89
CA HIS E 109 -7.71 -6.35 40.15
C HIS E 109 -9.11 -6.44 39.55
N PHE E 110 -9.26 -7.27 38.50
CA PHE E 110 -10.53 -7.50 37.82
C PHE E 110 -10.74 -8.99 37.63
N TRP E 111 -10.34 -9.79 38.61
CA TRP E 111 -10.47 -11.25 38.53
C TRP E 111 -11.59 -11.82 39.38
N GLY E 112 -12.40 -12.68 38.75
CA GLY E 112 -13.48 -13.39 39.41
C GLY E 112 -14.67 -12.53 39.75
N THR E 113 -15.60 -13.10 40.54
CA THR E 113 -16.79 -12.39 40.98
C THR E 113 -16.35 -11.14 41.79
N PRO E 114 -16.91 -9.95 41.49
CA PRO E 114 -16.57 -8.76 42.28
C PRO E 114 -16.77 -8.99 43.79
N PRO E 115 -16.14 -8.21 44.70
CA PRO E 115 -15.44 -6.95 44.48
C PRO E 115 -14.11 -6.99 43.72
N TRP E 116 -13.92 -5.98 42.86
CA TRP E 116 -12.70 -5.73 42.08
C TRP E 116 -11.96 -4.67 42.88
N THR E 117 -11.29 -5.15 43.92
CA THR E 117 -10.67 -4.35 44.98
C THR E 117 -9.38 -3.65 44.61
N PHE E 118 -9.15 -2.53 45.28
CA PHE E 118 -7.91 -1.77 45.15
C PHE E 118 -6.94 -2.19 46.23
N GLY E 119 -5.64 -2.00 45.96
CA GLY E 119 -4.57 -2.14 46.96
C GLY E 119 -4.72 -0.97 47.90
N GLY E 120 -4.00 -1.01 49.02
CA GLY E 120 -4.03 0.04 50.05
C GLY E 120 -3.42 1.37 49.64
N GLY E 121 -2.64 1.37 48.57
CA GLY E 121 -2.01 2.59 48.08
C GLY E 121 -0.57 2.78 48.51
N THR E 122 0.17 3.55 47.71
CA THR E 122 1.57 3.88 47.97
C THR E 122 1.65 5.38 47.80
N LYS E 123 2.14 6.08 48.82
CA LYS E 123 2.31 7.51 48.74
C LYS E 123 3.77 7.77 48.31
N LEU E 124 3.94 8.40 47.13
CA LEU E 124 5.25 8.70 46.61
C LEU E 124 5.58 10.16 46.77
N GLU E 125 6.67 10.43 47.49
CA GLU E 125 7.17 11.78 47.66
C GLU E 125 8.42 11.88 46.78
N ILE E 126 8.66 13.06 46.20
CA ILE E 126 9.89 13.30 45.45
C ILE E 126 10.94 13.80 46.49
N LYS E 127 12.02 13.06 46.66
CA LYS E 127 13.07 13.49 47.59
C LYS E 127 13.93 14.53 46.87
N ARG E 128 14.30 15.58 47.57
CA ARG E 128 15.16 16.64 47.01
C ARG E 128 16.05 17.15 48.11
N THR E 129 16.91 18.13 47.80
CA THR E 129 17.79 18.70 48.80
C THR E 129 16.99 19.51 49.82
N VAL E 130 17.56 19.68 51.03
CA VAL E 130 16.83 20.43 52.06
C VAL E 130 16.68 21.89 51.58
N ALA E 131 15.53 22.51 51.87
CA ALA E 131 15.30 23.92 51.51
C ALA E 131 14.62 24.59 52.69
N ALA E 132 15.21 25.65 53.22
CA ALA E 132 14.64 26.34 54.36
C ALA E 132 13.35 27.09 53.94
N PRO E 133 12.36 27.22 54.85
CA PRO E 133 11.18 28.04 54.51
C PRO E 133 11.49 29.54 54.55
N SER E 134 10.71 30.32 53.78
CA SER E 134 10.66 31.79 53.85
C SER E 134 9.47 32.03 54.76
N VAL E 135 9.68 32.76 55.86
CA VAL E 135 8.63 32.94 56.88
C VAL E 135 8.00 34.33 56.80
N PHE E 136 6.67 34.38 56.92
CA PHE E 136 5.89 35.62 56.88
C PHE E 136 4.84 35.59 57.98
N ILE E 137 4.60 36.73 58.61
CA ILE E 137 3.60 36.81 59.69
C ILE E 137 2.54 37.86 59.31
N PHE E 138 1.26 37.57 59.59
CA PHE E 138 0.17 38.46 59.29
C PHE E 138 -0.63 38.76 60.54
N PRO E 139 -0.75 40.06 60.93
CA PRO E 139 -1.62 40.38 62.07
C PRO E 139 -3.09 40.21 61.70
N PRO E 140 -4.02 40.13 62.69
CA PRO E 140 -5.44 40.07 62.31
C PRO E 140 -5.83 41.39 61.64
N SER E 141 -6.74 41.31 60.67
CA SER E 141 -7.25 42.47 59.95
C SER E 141 -8.14 43.27 60.89
N ASP E 142 -8.31 44.58 60.61
CA ASP E 142 -9.19 45.44 61.38
C ASP E 142 -10.65 44.94 61.26
N GLU E 143 -11.02 44.43 60.07
CA GLU E 143 -12.32 43.85 59.76
C GLU E 143 -12.67 42.69 60.73
N GLN E 144 -11.73 41.75 60.95
CA GLN E 144 -11.96 40.63 61.87
C GLN E 144 -12.08 41.08 63.32
N LEU E 145 -11.23 42.04 63.76
CA LEU E 145 -11.24 42.55 65.13
C LEU E 145 -12.63 43.07 65.55
N LYS E 146 -13.36 43.69 64.61
CA LYS E 146 -14.73 44.20 64.82
C LYS E 146 -15.71 43.09 65.25
N SER E 147 -15.47 41.84 64.81
CA SER E 147 -16.30 40.67 65.12
C SER E 147 -16.01 39.99 66.49
N GLY E 148 -14.95 40.44 67.19
CA GLY E 148 -14.58 39.91 68.50
C GLY E 148 -13.52 38.82 68.56
N THR E 149 -12.98 38.41 67.38
CA THR E 149 -11.92 37.39 67.31
C THR E 149 -10.68 37.95 66.59
N ALA E 150 -9.48 37.36 66.84
CA ALA E 150 -8.22 37.76 66.21
C ALA E 150 -7.47 36.52 65.76
N SER E 151 -7.22 36.40 64.47
CA SER E 151 -6.45 35.28 63.94
C SER E 151 -5.13 35.82 63.48
N VAL E 152 -4.04 35.22 63.94
CA VAL E 152 -2.70 35.64 63.57
C VAL E 152 -2.19 34.52 62.72
N VAL E 153 -1.65 34.84 61.52
CA VAL E 153 -1.25 33.79 60.58
C VAL E 153 0.24 33.82 60.30
N CYS E 154 0.88 32.66 60.31
CA CYS E 154 2.29 32.47 60.02
C CYS E 154 2.38 31.57 58.81
N LEU E 155 3.08 32.03 57.77
CA LEU E 155 3.27 31.29 56.52
C LEU E 155 4.73 30.83 56.42
N LEU E 156 4.93 29.54 56.19
CA LEU E 156 6.25 28.93 55.93
C LEU E 156 6.21 28.52 54.47
N ASN E 157 6.96 29.24 53.64
CA ASN E 157 6.85 29.02 52.22
C ASN E 157 7.99 28.27 51.55
N ASN E 158 7.64 27.27 50.71
CA ASN E 158 8.54 26.53 49.82
C ASN E 158 9.75 25.90 50.52
N PHE E 159 9.47 24.91 51.35
CA PHE E 159 10.49 24.20 52.14
C PHE E 159 10.50 22.70 51.91
N TYR E 160 11.59 22.07 52.31
CA TYR E 160 11.75 20.60 52.21
C TYR E 160 12.78 20.19 53.28
N PRO E 161 12.57 19.13 54.08
CA PRO E 161 11.44 18.17 54.10
C PRO E 161 10.17 18.73 54.71
N ARG E 162 9.10 17.94 54.66
CA ARG E 162 7.78 18.35 55.14
C ARG E 162 7.74 18.69 56.64
N GLU E 163 8.57 18.03 57.46
CA GLU E 163 8.62 18.25 58.91
C GLU E 163 9.07 19.66 59.27
N ALA E 164 8.24 20.40 60.01
CA ALA E 164 8.59 21.77 60.44
C ALA E 164 7.88 22.01 61.75
N LYS E 165 8.45 22.88 62.58
CA LYS E 165 7.83 23.16 63.87
C LYS E 165 7.59 24.67 63.95
N VAL E 166 6.36 25.05 64.31
CA VAL E 166 5.98 26.45 64.48
C VAL E 166 5.66 26.60 65.94
N GLN E 167 6.27 27.59 66.60
CA GLN E 167 5.96 27.87 68.00
C GLN E 167 5.50 29.32 68.05
N TRP E 168 4.28 29.55 68.57
CA TRP E 168 3.76 30.90 68.71
C TRP E 168 4.18 31.46 70.07
N LYS E 169 4.52 32.76 70.10
CA LYS E 169 4.88 33.46 71.36
C LYS E 169 4.12 34.78 71.42
N VAL E 170 3.55 35.09 72.58
CA VAL E 170 2.77 36.31 72.82
C VAL E 170 3.43 36.95 74.03
N ASP E 171 4.11 38.12 73.80
CA ASP E 171 4.90 38.82 74.83
C ASP E 171 5.94 37.86 75.44
N ASN E 172 6.57 37.02 74.57
CA ASN E 172 7.55 35.97 74.87
C ASN E 172 6.97 34.76 75.61
N ALA E 173 5.65 34.72 75.88
CA ALA E 173 5.04 33.56 76.53
C ALA E 173 4.70 32.52 75.46
N LEU E 174 5.26 31.30 75.59
CA LEU E 174 5.00 30.21 74.63
C LEU E 174 3.55 29.79 74.68
N GLN E 175 2.92 29.71 73.52
CA GLN E 175 1.50 29.38 73.36
C GLN E 175 1.34 27.89 73.13
N SER E 176 0.21 27.35 73.59
CA SER E 176 -0.11 25.95 73.36
C SER E 176 -1.61 25.77 73.33
N GLY E 177 -2.08 24.89 72.46
CA GLY E 177 -3.50 24.54 72.33
C GLY E 177 -4.40 25.52 71.62
N ASN E 178 -3.88 26.66 71.16
CA ASN E 178 -4.66 27.72 70.51
C ASN E 178 -4.20 28.01 69.06
N SER E 179 -3.55 27.02 68.43
CA SER E 179 -3.11 27.10 67.04
C SER E 179 -3.42 25.86 66.24
N GLN E 180 -3.56 26.02 64.92
CA GLN E 180 -3.79 24.91 64.00
C GLN E 180 -3.02 25.19 62.76
N GLU E 181 -2.58 24.12 62.08
CA GLU E 181 -1.82 24.27 60.86
C GLU E 181 -2.21 23.26 59.80
N SER E 182 -1.85 23.57 58.57
CA SER E 182 -2.07 22.69 57.43
C SER E 182 -0.96 22.90 56.39
N VAL E 183 -0.72 21.86 55.62
CA VAL E 183 0.41 21.80 54.68
C VAL E 183 -0.10 21.53 53.27
N THR E 184 0.50 22.16 52.26
CA THR E 184 0.12 21.91 50.87
C THR E 184 0.71 20.60 50.38
N GLU E 185 0.22 20.16 49.20
CA GLU E 185 0.76 19.02 48.50
C GLU E 185 2.12 19.46 47.96
N GLN E 186 3.03 18.50 47.72
CA GLN E 186 4.34 18.81 47.17
C GLN E 186 4.18 19.54 45.82
N ASP E 187 4.98 20.58 45.60
CA ASP E 187 4.98 21.35 44.35
C ASP E 187 5.49 20.49 43.16
N SER E 188 4.76 20.53 42.03
CA SER E 188 5.12 19.72 40.86
C SER E 188 6.46 20.08 40.20
N LYS E 189 6.95 21.32 40.41
CA LYS E 189 8.20 21.76 39.80
C LYS E 189 9.40 21.75 40.76
N ASP E 190 9.26 22.31 41.97
CA ASP E 190 10.43 22.38 42.87
C ASP E 190 10.37 21.37 44.05
N SER E 191 9.31 20.53 44.13
CA SER E 191 9.17 19.47 45.14
C SER E 191 9.15 19.98 46.59
N THR E 192 8.78 21.26 46.79
CA THR E 192 8.70 21.81 48.14
C THR E 192 7.26 21.77 48.66
N TYR E 193 7.12 22.09 49.95
CA TYR E 193 5.85 22.19 50.67
C TYR E 193 5.70 23.61 51.20
N SER E 194 4.49 24.00 51.57
CA SER E 194 4.27 25.28 52.27
C SER E 194 3.34 24.94 53.41
N LEU E 195 3.38 25.74 54.46
CA LEU E 195 2.60 25.49 55.66
C LEU E 195 2.01 26.82 56.13
N SER E 196 0.76 26.74 56.60
CA SER E 196 0.08 27.90 57.17
C SER E 196 -0.30 27.51 58.59
N SER E 197 0.03 28.36 59.58
CA SER E 197 -0.36 28.14 60.96
C SER E 197 -1.21 29.34 61.42
N THR E 198 -2.32 29.09 62.12
CA THR E 198 -3.17 30.19 62.63
C THR E 198 -3.24 30.12 64.14
N LEU E 199 -2.95 31.25 64.79
CA LEU E 199 -3.10 31.41 66.23
C LEU E 199 -4.44 32.12 66.44
N THR E 200 -5.34 31.56 67.25
CA THR E 200 -6.66 32.18 67.50
C THR E 200 -6.79 32.65 68.93
N LEU E 201 -7.11 33.93 69.12
CA LEU E 201 -7.32 34.54 70.42
C LEU E 201 -8.59 35.36 70.37
N SER E 202 -9.16 35.69 71.54
CA SER E 202 -10.32 36.60 71.57
C SER E 202 -9.75 38.00 71.32
N LYS E 203 -10.59 38.96 70.87
CA LYS E 203 -10.19 40.36 70.65
C LYS E 203 -9.60 40.94 71.96
N ALA E 204 -10.26 40.65 73.10
CA ALA E 204 -9.84 41.12 74.42
C ALA E 204 -8.43 40.65 74.79
N ASP E 205 -8.13 39.35 74.57
CA ASP E 205 -6.81 38.78 74.85
C ASP E 205 -5.77 39.38 73.91
N TYR E 206 -6.13 39.56 72.61
CA TYR E 206 -5.23 40.15 71.61
C TYR E 206 -4.80 41.59 72.01
N GLU E 207 -5.77 42.40 72.47
CA GLU E 207 -5.51 43.79 72.86
C GLU E 207 -4.74 43.93 74.18
N LYS E 208 -4.63 42.83 74.97
CA LYS E 208 -3.88 42.82 76.24
C LYS E 208 -2.38 42.64 76.02
N HIS E 209 -1.95 42.24 74.81
CA HIS E 209 -0.53 41.99 74.56
C HIS E 209 0.05 42.77 73.38
N LYS E 210 1.39 42.92 73.36
CA LYS E 210 2.08 43.70 72.33
C LYS E 210 2.81 42.88 71.24
N VAL E 211 3.76 42.01 71.63
CA VAL E 211 4.61 41.26 70.71
C VAL E 211 4.01 39.92 70.32
N TYR E 212 3.79 39.73 69.00
CA TYR E 212 3.27 38.48 68.45
C TYR E 212 4.34 37.92 67.58
N ALA E 213 4.78 36.70 67.92
CA ALA E 213 5.87 36.08 67.19
C ALA E 213 5.60 34.66 66.80
N CYS E 214 6.07 34.32 65.62
CA CYS E 214 6.03 33.01 65.11
C CYS E 214 7.51 32.52 65.02
N GLU E 215 7.90 31.46 65.77
CA GLU E 215 9.28 30.92 65.72
C GLU E 215 9.25 29.60 64.95
N VAL E 216 10.09 29.50 63.91
CA VAL E 216 10.12 28.34 63.02
C VAL E 216 11.40 27.54 63.18
N THR E 217 11.26 26.24 63.38
CA THR E 217 12.36 25.29 63.46
C THR E 217 12.22 24.35 62.25
N HIS E 218 13.32 24.13 61.54
CA HIS E 218 13.29 23.33 60.32
C HIS E 218 14.71 22.88 60.01
N GLN E 219 14.84 21.69 59.40
CA GLN E 219 16.14 21.13 59.04
C GLN E 219 16.99 22.10 58.18
N GLY E 220 16.31 22.97 57.40
CA GLY E 220 17.02 23.93 56.55
C GLY E 220 17.55 25.16 57.26
N LEU E 221 17.24 25.29 58.54
CA LEU E 221 17.66 26.44 59.32
C LEU E 221 18.63 25.97 60.40
N SER E 222 19.87 26.54 60.45
CA SER E 222 20.85 26.12 61.48
C SER E 222 20.41 26.55 62.88
N SER E 223 19.61 27.62 62.98
CA SER E 223 18.98 28.06 64.23
C SER E 223 17.56 28.57 63.91
N PRO E 224 16.60 28.50 64.87
CA PRO E 224 15.21 28.91 64.54
C PRO E 224 15.06 30.35 64.04
N VAL E 225 14.11 30.58 63.14
CA VAL E 225 13.81 31.88 62.57
C VAL E 225 12.54 32.43 63.23
N THR E 226 12.59 33.68 63.70
CA THR E 226 11.41 34.30 64.29
C THR E 226 10.94 35.48 63.43
N LYS E 227 9.62 35.51 63.14
CA LYS E 227 9.00 36.66 62.50
C LYS E 227 8.02 37.19 63.51
N SER E 228 8.00 38.51 63.70
CA SER E 228 7.15 39.12 64.70
C SER E 228 6.63 40.49 64.28
N PHE E 229 5.63 40.97 65.00
CA PHE E 229 5.10 42.31 64.86
C PHE E 229 4.68 42.80 66.23
N ASN E 230 4.58 44.14 66.38
CA ASN E 230 4.05 44.75 67.60
C ASN E 230 2.67 45.26 67.28
N ARG E 231 1.66 44.89 68.09
CA ARG E 231 0.28 45.32 67.91
C ARG E 231 0.19 46.83 68.18
N THR F 5 -2.41 -15.05 24.85
CA THR F 5 -2.60 -16.48 25.06
C THR F 5 -3.95 -16.68 25.74
N THR F 6 -4.15 -16.17 26.96
CA THR F 6 -5.43 -16.26 27.67
C THR F 6 -5.93 -14.88 28.05
N VAL F 7 -7.21 -14.61 27.78
CA VAL F 7 -7.86 -13.34 28.10
C VAL F 7 -9.20 -13.62 28.75
N ALA F 8 -9.60 -12.76 29.68
CA ALA F 8 -10.90 -12.88 30.31
C ALA F 8 -11.89 -11.97 29.58
N PHE F 9 -13.16 -12.36 29.54
CA PHE F 9 -14.23 -11.56 28.94
C PHE F 9 -15.53 -11.86 29.66
N ASP F 10 -16.40 -10.86 29.77
CA ASP F 10 -17.65 -11.01 30.48
C ASP F 10 -18.77 -11.35 29.54
N VAL F 11 -19.52 -12.41 29.88
CA VAL F 11 -20.69 -12.83 29.15
C VAL F 11 -21.83 -12.01 29.77
N ARG F 12 -22.50 -11.20 28.93
CA ARG F 12 -23.54 -10.27 29.36
C ARG F 12 -24.93 -10.80 29.00
N PRO F 13 -25.75 -11.20 30.00
CA PRO F 13 -27.11 -11.65 29.67
C PRO F 13 -28.03 -10.46 29.36
N GLY F 14 -29.29 -10.76 29.08
CA GLY F 14 -30.29 -9.74 28.79
C GLY F 14 -30.91 -9.87 27.41
N GLY F 15 -30.29 -10.64 26.52
CA GLY F 15 -30.85 -10.89 25.19
C GLY F 15 -30.13 -10.23 24.03
N VAL F 16 -29.27 -9.21 24.30
CA VAL F 16 -28.50 -8.56 23.24
C VAL F 16 -27.46 -9.58 22.74
N VAL F 17 -27.27 -9.65 21.43
CA VAL F 17 -26.28 -10.52 20.81
C VAL F 17 -24.92 -9.84 20.95
N HIS F 18 -23.97 -10.50 21.60
CA HIS F 18 -22.63 -9.97 21.80
C HIS F 18 -21.59 -10.92 21.24
N SER F 19 -20.38 -10.41 21.00
CA SER F 19 -19.29 -11.23 20.50
C SER F 19 -18.00 -10.81 21.18
N PHE F 20 -17.06 -11.75 21.27
CA PHE F 20 -15.73 -11.49 21.79
C PHE F 20 -14.78 -12.25 20.91
N SER F 21 -13.71 -11.59 20.47
CA SER F 21 -12.70 -12.23 19.63
C SER F 21 -11.29 -11.91 20.09
N HIS F 22 -10.35 -12.81 19.76
CA HIS F 22 -8.95 -12.67 20.08
C HIS F 22 -8.12 -13.36 19.00
N ASN F 23 -6.91 -12.83 18.73
CA ASN F 23 -5.99 -13.35 17.71
C ASN F 23 -4.86 -14.15 18.33
N THR F 31 -7.87 -16.15 14.24
CA THR F 31 -8.78 -15.47 15.15
C THR F 31 -9.79 -16.47 15.68
N CYS F 32 -10.19 -16.32 16.94
CA CYS F 32 -11.25 -17.12 17.53
C CYS F 32 -12.30 -16.13 18.01
N MET F 33 -13.56 -16.37 17.67
CA MET F 33 -14.66 -15.49 18.04
C MET F 33 -15.79 -16.27 18.68
N PHE F 34 -16.37 -15.72 19.73
CA PHE F 34 -17.49 -16.31 20.44
C PHE F 34 -18.66 -15.32 20.36
N THR F 35 -19.78 -15.74 19.76
CA THR F 35 -21.00 -14.92 19.62
C THR F 35 -22.10 -15.60 20.41
N TYR F 36 -22.86 -14.83 21.22
CA TYR F 36 -23.88 -15.43 22.06
C TYR F 36 -24.98 -14.44 22.38
N ALA F 37 -26.08 -14.94 22.96
CA ALA F 37 -27.13 -14.15 23.59
C ALA F 37 -27.53 -15.02 24.76
N SER F 38 -27.76 -14.41 25.93
CA SER F 38 -28.09 -15.20 27.12
C SER F 38 -29.00 -14.47 28.06
N GLN F 39 -29.54 -15.20 29.04
CA GLN F 39 -30.38 -14.67 30.11
C GLN F 39 -29.84 -15.20 31.44
N GLY F 40 -29.98 -14.41 32.48
CA GLY F 40 -29.49 -14.79 33.80
C GLY F 40 -29.45 -13.61 34.74
N GLY F 41 -29.05 -13.90 35.98
CA GLY F 41 -28.99 -12.89 37.02
C GLY F 41 -27.74 -12.06 37.12
N THR F 42 -26.60 -12.53 36.56
CA THR F 42 -25.34 -11.79 36.71
C THR F 42 -24.52 -11.82 35.44
N ASN F 43 -23.58 -10.85 35.29
CA ASN F 43 -22.63 -10.92 34.18
C ASN F 43 -21.60 -11.95 34.65
N GLU F 44 -21.12 -12.81 33.78
CA GLU F 44 -20.18 -13.85 34.17
C GLU F 44 -18.85 -13.69 33.49
N GLN F 45 -17.78 -13.77 34.26
CA GLN F 45 -16.45 -13.69 33.66
C GLN F 45 -16.06 -15.06 33.13
N TRP F 46 -15.75 -15.12 31.84
CA TRP F 46 -15.27 -16.31 31.16
C TRP F 46 -13.84 -16.07 30.70
N GLN F 47 -13.20 -17.11 30.18
CA GLN F 47 -11.86 -17.02 29.62
C GLN F 47 -11.83 -17.59 28.23
N MET F 48 -10.95 -17.04 27.40
CA MET F 48 -10.69 -17.55 26.04
C MET F 48 -9.19 -17.77 26.00
N SER F 49 -8.77 -19.00 25.69
CA SER F 49 -7.34 -19.34 25.60
C SER F 49 -7.06 -19.81 24.18
N LEU F 50 -5.96 -19.31 23.59
CA LEU F 50 -5.54 -19.61 22.22
C LEU F 50 -4.14 -20.15 22.24
N GLY F 51 -3.96 -21.30 21.59
CA GLY F 51 -2.66 -21.96 21.48
C GLY F 51 -2.39 -22.43 20.07
N THR F 52 -1.11 -22.50 19.70
CA THR F 52 -0.64 -22.96 18.38
C THR F 52 0.21 -24.22 18.55
N PHE F 59 -4.08 -22.70 16.61
CA PHE F 59 -4.58 -24.04 16.36
C PHE F 59 -5.69 -24.48 17.32
N THR F 60 -5.65 -24.08 18.62
CA THR F 60 -6.66 -24.49 19.59
C THR F 60 -7.29 -23.28 20.29
N CYS F 61 -8.62 -23.24 20.32
CA CYS F 61 -9.34 -22.20 21.03
C CYS F 61 -10.23 -22.85 22.07
N THR F 62 -10.08 -22.43 23.34
CA THR F 62 -10.88 -22.92 24.45
C THR F 62 -11.60 -21.73 25.07
N ILE F 63 -12.93 -21.85 25.21
CA ILE F 63 -13.78 -20.81 25.78
C ILE F 63 -14.48 -21.46 26.97
N TRP F 64 -14.29 -20.92 28.17
CA TRP F 64 -14.88 -21.54 29.36
C TRP F 64 -15.12 -20.60 30.52
N ARG F 65 -15.98 -21.06 31.42
CA ARG F 65 -16.31 -20.37 32.66
C ARG F 65 -15.36 -20.94 33.74
N PRO F 66 -14.41 -20.11 34.28
CA PRO F 66 -13.41 -20.62 35.23
C PRO F 66 -13.86 -21.49 36.41
N GLN F 67 -15.07 -21.37 36.96
CA GLN F 67 -15.43 -22.27 38.08
C GLN F 67 -15.87 -23.67 37.60
N GLY F 68 -16.10 -23.81 36.30
CA GLY F 68 -16.59 -25.03 35.70
C GLY F 68 -18.09 -25.02 35.45
N LYS F 69 -18.87 -24.17 36.19
CA LYS F 69 -20.31 -24.12 35.96
C LYS F 69 -20.88 -22.73 35.77
N SER F 70 -21.43 -22.51 34.57
CA SER F 70 -22.11 -21.28 34.21
C SER F 70 -23.55 -21.36 34.72
N TYR F 71 -24.06 -20.25 35.25
CA TYR F 71 -25.44 -20.18 35.73
C TYR F 71 -26.32 -19.36 34.78
N LEU F 72 -25.82 -19.10 33.55
CA LEU F 72 -26.55 -18.37 32.52
C LEU F 72 -27.31 -19.32 31.63
N TYR F 73 -28.31 -18.83 30.95
CA TYR F 73 -29.11 -19.64 30.04
C TYR F 73 -28.93 -19.05 28.66
N PHE F 74 -28.17 -19.75 27.82
CA PHE F 74 -27.87 -19.29 26.47
C PHE F 74 -29.02 -19.56 25.52
N THR F 75 -29.41 -18.53 24.75
CA THR F 75 -30.45 -18.67 23.74
C THR F 75 -29.82 -18.98 22.39
N GLN F 76 -28.52 -18.68 22.27
CA GLN F 76 -27.73 -18.95 21.07
C GLN F 76 -26.25 -18.89 21.42
N PHE F 77 -25.44 -19.64 20.67
CA PHE F 77 -23.99 -19.57 20.81
C PHE F 77 -23.37 -20.01 19.49
N LYS F 78 -22.22 -19.41 19.18
CA LYS F 78 -21.46 -19.75 17.99
C LYS F 78 -20.01 -19.40 18.25
N ALA F 79 -19.11 -20.37 18.09
CA ALA F 79 -17.68 -20.11 18.21
C ALA F 79 -17.10 -20.36 16.84
N GLU F 80 -16.35 -19.38 16.31
CA GLU F 80 -15.79 -19.45 14.96
C GLU F 80 -14.30 -19.22 14.97
N VAL F 81 -13.63 -19.77 13.96
CA VAL F 81 -12.21 -19.56 13.74
C VAL F 81 -11.99 -18.89 12.38
N ARG F 82 -11.01 -17.98 12.31
CA ARG F 82 -10.62 -17.29 11.07
C ARG F 82 -9.20 -17.68 10.72
N GLY F 83 -8.95 -17.95 9.45
CA GLY F 83 -7.64 -18.38 8.95
C GLY F 83 -7.38 -19.85 9.18
N ALA F 84 -8.42 -20.60 9.61
CA ALA F 84 -8.33 -22.02 9.91
C ALA F 84 -9.64 -22.80 9.65
N GLU F 85 -9.53 -24.14 9.57
CA GLU F 85 -10.64 -25.07 9.36
C GLU F 85 -10.70 -26.03 10.57
N ILE F 86 -11.90 -26.19 11.16
CA ILE F 86 -12.13 -27.06 12.32
C ILE F 86 -11.88 -28.55 12.01
N GLU F 87 -11.04 -29.19 12.85
CA GLU F 87 -10.73 -30.62 12.78
C GLU F 87 -11.54 -31.36 13.83
N TYR F 88 -11.69 -30.73 15.01
CA TYR F 88 -12.38 -31.28 16.18
C TYR F 88 -13.02 -30.15 16.97
N ALA F 89 -14.21 -30.38 17.50
CA ALA F 89 -14.88 -29.41 18.38
C ALA F 89 -15.78 -30.14 19.37
N MET F 90 -15.81 -29.63 20.60
CA MET F 90 -16.64 -30.20 21.67
C MET F 90 -17.25 -29.09 22.49
N ALA F 91 -18.49 -29.31 22.92
CA ALA F 91 -19.25 -28.38 23.76
C ALA F 91 -19.66 -29.12 25.05
N TYR F 92 -19.63 -28.40 26.18
CA TYR F 92 -19.89 -28.97 27.50
C TYR F 92 -20.87 -28.11 28.30
N SER F 93 -21.76 -28.77 29.07
CA SER F 93 -22.69 -28.06 29.97
C SER F 93 -21.95 -27.70 31.28
N LYS F 94 -20.90 -28.46 31.59
CA LYS F 94 -20.04 -28.28 32.76
C LYS F 94 -18.57 -28.56 32.41
N ALA F 95 -17.67 -27.66 32.79
CA ALA F 95 -16.22 -27.77 32.56
C ALA F 95 -15.55 -28.44 33.76
N ALA F 96 -14.46 -29.19 33.50
CA ALA F 96 -13.67 -29.87 34.53
C ALA F 96 -13.05 -28.85 35.47
N SER F 101 -15.37 -33.68 36.76
CA SER F 101 -15.01 -33.87 35.34
C SER F 101 -15.93 -33.09 34.38
N ASP F 102 -15.51 -33.02 33.09
CA ASP F 102 -16.25 -32.38 32.00
C ASP F 102 -17.57 -33.12 31.78
N VAL F 103 -18.65 -32.37 31.50
CA VAL F 103 -19.96 -32.97 31.18
C VAL F 103 -20.29 -32.50 29.75
N PRO F 104 -20.12 -33.35 28.72
CA PRO F 104 -20.41 -32.87 27.36
C PRO F 104 -21.90 -32.64 27.10
N LEU F 105 -22.18 -31.83 26.08
CA LEU F 105 -23.54 -31.60 25.62
C LEU F 105 -23.98 -32.84 24.84
N LYS F 106 -25.27 -33.11 24.81
CA LYS F 106 -25.73 -34.24 23.98
C LYS F 106 -25.43 -33.83 22.53
N THR F 107 -25.06 -34.79 21.68
CA THR F 107 -24.72 -34.58 20.27
C THR F 107 -25.75 -33.71 19.53
N GLU F 108 -27.05 -33.94 19.79
CA GLU F 108 -28.18 -33.21 19.20
C GLU F 108 -28.23 -31.72 19.52
N GLU F 109 -27.61 -31.28 20.63
CA GLU F 109 -27.64 -29.89 21.08
C GLU F 109 -26.81 -28.93 20.23
N PHE F 110 -25.79 -29.43 19.50
CA PHE F 110 -24.90 -28.55 18.76
C PHE F 110 -24.46 -29.12 17.43
N GLU F 111 -23.95 -28.25 16.54
CA GLU F 111 -23.50 -28.63 15.20
C GLU F 111 -22.07 -28.12 14.98
N VAL F 112 -21.25 -28.92 14.29
CA VAL F 112 -19.88 -28.55 13.99
C VAL F 112 -19.74 -28.47 12.46
N THR F 113 -19.33 -27.31 11.96
CA THR F 113 -19.11 -27.07 10.52
C THR F 113 -17.61 -26.81 10.27
N LYS F 114 -17.26 -26.43 9.03
CA LYS F 114 -15.91 -26.12 8.58
C LYS F 114 -15.22 -25.02 9.41
N THR F 115 -15.94 -23.95 9.78
CA THR F 115 -15.34 -22.85 10.55
C THR F 115 -16.06 -22.54 11.86
N ALA F 116 -17.20 -23.21 12.15
CA ALA F 116 -17.93 -22.89 13.38
C ALA F 116 -18.51 -24.07 14.17
N VAL F 117 -18.72 -23.86 15.48
CA VAL F 117 -19.41 -24.75 16.40
C VAL F 117 -20.57 -23.92 16.94
N ALA F 118 -21.81 -24.38 16.72
CA ALA F 118 -22.98 -23.58 17.10
C ALA F 118 -24.08 -24.41 17.73
N HIS F 119 -25.00 -23.76 18.46
CA HIS F 119 -26.14 -24.44 19.06
C HIS F 119 -27.10 -24.94 17.98
N ARG F 120 -27.84 -26.00 18.27
CA ARG F 120 -28.88 -26.49 17.36
C ARG F 120 -30.20 -25.96 17.91
N PRO F 121 -30.86 -25.01 17.19
CA PRO F 121 -32.14 -24.45 17.69
C PRO F 121 -33.19 -25.52 17.98
N GLY F 122 -33.83 -25.41 19.15
CA GLY F 122 -34.87 -26.35 19.53
C GLY F 122 -34.40 -27.63 20.21
N ALA F 123 -33.10 -27.95 20.12
CA ALA F 123 -32.51 -29.13 20.77
C ALA F 123 -31.55 -28.72 21.89
N PHE F 124 -30.87 -27.57 21.73
CA PHE F 124 -29.95 -27.05 22.73
C PHE F 124 -30.71 -26.75 24.04
N LYS F 125 -30.20 -27.27 25.17
CA LYS F 125 -30.85 -27.15 26.49
C LYS F 125 -30.45 -25.89 27.27
N ALA F 126 -29.81 -24.90 26.60
CA ALA F 126 -29.46 -23.57 27.16
C ALA F 126 -28.24 -23.54 28.13
N GLU F 127 -27.70 -24.71 28.53
CA GLU F 127 -26.57 -24.71 29.47
C GLU F 127 -25.26 -24.96 28.73
N LEU F 128 -24.30 -24.06 28.92
CA LEU F 128 -22.97 -24.12 28.31
C LEU F 128 -21.93 -23.58 29.26
N SER F 129 -20.88 -24.35 29.48
CA SER F 129 -19.79 -23.91 30.36
C SER F 129 -18.42 -23.99 29.70
N LYS F 130 -18.31 -24.68 28.56
CA LYS F 130 -17.02 -24.83 27.86
C LYS F 130 -17.19 -25.22 26.40
N LEU F 131 -16.33 -24.67 25.55
CA LEU F 131 -16.21 -25.01 24.12
C LEU F 131 -14.74 -25.20 23.83
N VAL F 132 -14.41 -26.24 23.06
CA VAL F 132 -13.03 -26.52 22.64
C VAL F 132 -13.04 -26.66 21.11
N ILE F 133 -12.15 -25.93 20.43
CA ILE F 133 -12.01 -26.01 18.98
C ILE F 133 -10.55 -26.33 18.65
N VAL F 134 -10.32 -27.37 17.84
CA VAL F 134 -8.99 -27.70 17.35
C VAL F 134 -9.11 -27.50 15.82
N ALA F 135 -8.30 -26.58 15.28
CA ALA F 135 -8.36 -26.23 13.86
C ALA F 135 -7.01 -26.27 13.17
N LYS F 136 -7.01 -26.40 11.84
CA LYS F 136 -5.82 -26.47 10.98
C LYS F 136 -5.77 -25.29 10.01
N ALA F 137 -4.53 -24.84 9.65
CA ALA F 137 -4.29 -23.73 8.73
C ALA F 137 -4.81 -24.03 7.31
N GLU G 1 24.77 -36.04 -1.06
CA GLU G 1 24.01 -37.14 -0.50
C GLU G 1 24.87 -37.86 0.55
N VAL G 2 24.28 -38.19 1.70
CA VAL G 2 25.01 -38.88 2.76
C VAL G 2 25.00 -40.37 2.49
N GLN G 3 26.19 -40.99 2.55
CA GLN G 3 26.32 -42.43 2.38
C GLN G 3 27.40 -42.99 3.30
N LEU G 4 27.16 -44.18 3.85
CA LEU G 4 28.11 -44.93 4.67
C LEU G 4 28.31 -46.23 3.93
N GLN G 5 29.51 -46.41 3.39
CA GLN G 5 29.82 -47.58 2.58
C GLN G 5 30.71 -48.55 3.34
N GLN G 6 30.15 -49.70 3.70
CA GLN G 6 30.89 -50.70 4.47
C GLN G 6 31.59 -51.69 3.58
N SER G 7 32.63 -52.31 4.14
CA SER G 7 33.43 -53.32 3.47
C SER G 7 32.67 -54.64 3.29
N GLY G 8 33.19 -55.52 2.41
CA GLY G 8 32.54 -56.79 2.05
C GLY G 8 32.53 -57.85 3.12
N ALA G 9 31.75 -58.92 2.89
CA ALA G 9 31.56 -60.05 3.80
C ALA G 9 32.89 -60.70 4.14
N GLU G 10 33.02 -61.17 5.39
CA GLU G 10 34.24 -61.79 5.86
C GLU G 10 34.02 -63.21 6.32
N LEU G 11 34.98 -64.09 6.02
CA LEU G 11 35.02 -65.47 6.49
C LEU G 11 36.34 -65.57 7.22
N VAL G 12 36.29 -65.83 8.53
CA VAL G 12 37.48 -65.85 9.38
C VAL G 12 37.49 -67.00 10.36
N ARG G 13 38.67 -67.55 10.61
CA ARG G 13 38.82 -68.69 11.51
C ARG G 13 38.62 -68.34 12.98
N PRO G 14 38.11 -69.28 13.83
CA PRO G 14 38.04 -68.99 15.28
C PRO G 14 39.42 -68.64 15.85
N GLY G 15 39.46 -67.69 16.76
CA GLY G 15 40.68 -67.20 17.40
C GLY G 15 41.34 -66.06 16.64
N ALA G 16 40.97 -65.90 15.36
CA ALA G 16 41.55 -64.86 14.51
C ALA G 16 40.89 -63.48 14.73
N LEU G 17 41.16 -62.54 13.84
CA LEU G 17 40.76 -61.14 13.95
C LEU G 17 40.29 -60.64 12.59
N VAL G 18 39.36 -59.67 12.60
CA VAL G 18 38.84 -58.99 11.41
C VAL G 18 38.83 -57.49 11.62
N LYS G 19 39.09 -56.72 10.55
CA LYS G 19 39.00 -55.27 10.57
C LYS G 19 37.99 -54.87 9.50
N LEU G 20 36.90 -54.22 9.93
CA LEU G 20 35.82 -53.80 9.04
C LEU G 20 35.93 -52.30 8.80
N SER G 21 35.58 -51.83 7.60
CA SER G 21 35.63 -50.40 7.31
C SER G 21 34.26 -49.82 6.99
N CYS G 22 34.16 -48.51 7.18
CA CYS G 22 32.93 -47.75 6.96
C CYS G 22 33.32 -46.40 6.39
N LYS G 23 33.27 -46.27 5.06
CA LYS G 23 33.66 -45.03 4.39
C LYS G 23 32.50 -44.06 4.31
N ALA G 24 32.68 -42.86 4.88
CA ALA G 24 31.63 -41.83 4.86
C ALA G 24 31.77 -40.89 3.64
N SER G 25 30.64 -40.56 3.02
CA SER G 25 30.61 -39.57 1.95
C SER G 25 29.44 -38.60 2.20
N GLY G 26 29.62 -37.34 1.80
CA GLY G 26 28.62 -36.30 1.95
C GLY G 26 28.59 -35.58 3.28
N PHE G 27 29.55 -35.89 4.17
CA PHE G 27 29.70 -35.24 5.48
C PHE G 27 31.11 -35.52 5.98
N ASN G 28 31.56 -34.76 6.95
CA ASN G 28 32.89 -34.91 7.54
C ASN G 28 32.73 -35.76 8.81
N ILE G 29 33.46 -36.91 8.91
CA ILE G 29 33.33 -37.78 10.11
C ILE G 29 33.69 -37.06 11.42
N LYS G 30 34.47 -35.96 11.36
CA LYS G 30 34.80 -35.21 12.60
C LYS G 30 33.57 -34.53 13.21
N ASP G 31 32.45 -34.46 12.44
CA ASP G 31 31.24 -33.77 12.91
C ASP G 31 30.20 -34.65 13.60
N TYR G 32 30.47 -35.94 13.72
CA TYR G 32 29.55 -36.92 14.27
C TYR G 32 30.30 -38.00 15.00
N TYR G 33 29.63 -38.69 15.90
CA TYR G 33 30.17 -39.93 16.39
C TYR G 33 29.97 -40.95 15.29
N MET G 34 30.82 -41.99 15.24
N MET G 34 30.83 -41.98 15.23
CA MET G 34 30.63 -43.13 14.35
CA MET G 34 30.58 -43.13 14.36
C MET G 34 30.38 -44.31 15.30
C MET G 34 30.36 -44.27 15.33
N HIS G 35 29.15 -44.83 15.30
CA HIS G 35 28.74 -45.93 16.16
C HIS G 35 28.87 -47.23 15.41
N TRP G 36 29.08 -48.33 16.15
CA TRP G 36 29.05 -49.68 15.57
C TRP G 36 28.02 -50.50 16.34
N VAL G 37 27.26 -51.29 15.60
CA VAL G 37 26.14 -52.09 16.11
C VAL G 37 26.26 -53.53 15.59
N LYS G 38 26.00 -54.51 16.48
CA LYS G 38 26.07 -55.95 16.14
C LYS G 38 24.68 -56.52 16.07
N GLN G 39 24.49 -57.49 15.14
CA GLN G 39 23.23 -58.20 15.06
C GLN G 39 23.51 -59.65 14.68
N ARG G 40 23.40 -60.54 15.67
CA ARG G 40 23.56 -61.98 15.46
C ARG G 40 22.36 -62.51 14.64
N PRO G 41 22.54 -63.60 13.87
CA PRO G 41 21.42 -64.09 13.02
C PRO G 41 20.13 -64.27 13.79
N GLU G 42 19.05 -63.65 13.28
CA GLU G 42 17.69 -63.67 13.85
C GLU G 42 17.60 -63.06 15.26
N GLN G 43 18.62 -62.26 15.68
CA GLN G 43 18.61 -61.64 17.01
C GLN G 43 18.47 -60.11 16.91
N GLY G 44 18.45 -59.44 18.05
CA GLY G 44 18.27 -58.00 18.12
C GLY G 44 19.55 -57.19 17.93
N LEU G 45 19.39 -55.87 17.89
CA LEU G 45 20.52 -54.96 17.71
C LEU G 45 21.25 -54.81 19.03
N GLU G 46 22.59 -54.75 18.96
CA GLU G 46 23.39 -54.56 20.17
C GLU G 46 24.42 -53.45 19.91
N TRP G 47 24.38 -52.37 20.71
CA TRP G 47 25.34 -51.27 20.55
C TRP G 47 26.72 -51.77 21.02
N ILE G 48 27.75 -51.65 20.15
CA ILE G 48 29.09 -52.10 20.50
C ILE G 48 29.89 -50.96 21.13
N GLY G 49 29.92 -49.84 20.43
CA GLY G 49 30.72 -48.70 20.87
C GLY G 49 30.69 -47.57 19.87
N ARG G 50 31.48 -46.53 20.14
CA ARG G 50 31.54 -45.40 19.24
C ARG G 50 32.91 -44.76 19.29
N ILE G 51 33.17 -43.89 18.32
CA ILE G 51 34.36 -43.07 18.28
C ILE G 51 33.96 -41.65 17.94
N ASP G 52 34.63 -40.64 18.58
CA ASP G 52 34.46 -39.25 18.18
C ASP G 52 35.72 -39.01 17.33
N PRO G 53 35.61 -38.95 15.98
CA PRO G 53 36.83 -38.81 15.14
C PRO G 53 37.58 -37.49 15.33
N GLU G 54 36.95 -36.46 15.93
CA GLU G 54 37.67 -35.20 16.14
C GLU G 54 38.75 -35.33 17.25
N ASN G 55 38.49 -36.15 18.28
CA ASN G 55 39.45 -36.29 19.37
C ASN G 55 39.93 -37.72 19.62
N SER G 56 39.42 -38.71 18.83
CA SER G 56 39.75 -40.15 18.92
C SER G 56 39.18 -40.85 20.16
N ASN G 57 38.35 -40.16 20.98
CA ASN G 57 37.74 -40.80 22.14
C ASN G 57 36.83 -41.92 21.70
N ASN G 58 37.07 -43.11 22.24
CA ASN G 58 36.25 -44.28 21.89
C ASN G 58 35.85 -45.01 23.16
N ILE G 59 34.64 -45.55 23.19
CA ILE G 59 34.07 -46.21 24.39
C ILE G 59 33.17 -47.32 23.93
N TYR G 60 33.04 -48.36 24.78
CA TYR G 60 32.31 -49.59 24.41
C TYR G 60 31.35 -50.04 25.47
N ASP G 61 30.46 -50.95 25.09
CA ASP G 61 29.63 -51.64 26.07
C ASP G 61 30.67 -52.60 26.74
N PRO G 62 30.70 -52.71 28.10
CA PRO G 62 31.68 -53.61 28.76
C PRO G 62 31.68 -55.06 28.26
N LYS G 63 30.54 -55.56 27.71
CA LYS G 63 30.48 -56.91 27.13
C LYS G 63 31.52 -57.10 25.98
N PHE G 64 31.96 -55.98 25.33
CA PHE G 64 32.96 -55.98 24.23
C PHE G 64 34.34 -55.39 24.58
N GLN G 65 34.58 -55.02 25.84
CA GLN G 65 35.90 -54.48 26.21
C GLN G 65 36.95 -55.56 25.99
N GLY G 66 37.96 -55.23 25.17
CA GLY G 66 39.02 -56.17 24.84
C GLY G 66 38.74 -57.04 23.63
N LYS G 67 37.52 -56.97 23.09
CA LYS G 67 37.13 -57.72 21.91
C LYS G 67 37.09 -56.74 20.74
N ALA G 68 36.58 -55.51 20.98
CA ALA G 68 36.35 -54.53 19.93
C ALA G 68 37.29 -53.34 20.07
N SER G 69 37.79 -52.87 18.91
CA SER G 69 38.63 -51.68 18.84
C SER G 69 38.12 -50.83 17.68
N ILE G 70 37.63 -49.63 17.99
CA ILE G 70 37.10 -48.71 16.99
C ILE G 70 38.13 -47.63 16.73
N THR G 71 38.47 -47.43 15.44
CA THR G 71 39.44 -46.42 15.01
C THR G 71 38.84 -45.57 13.91
N ALA G 72 39.53 -44.49 13.54
CA ALA G 72 39.09 -43.63 12.46
C ALA G 72 40.28 -43.06 11.75
N ASP G 73 40.14 -42.84 10.44
CA ASP G 73 41.19 -42.20 9.64
C ASP G 73 40.52 -40.97 9.03
N THR G 74 40.87 -39.78 9.54
CA THR G 74 40.19 -38.57 9.09
C THR G 74 40.57 -38.18 7.67
N SER G 75 41.82 -38.42 7.20
CA SER G 75 42.16 -38.04 5.80
C SER G 75 41.31 -38.82 4.79
N SER G 76 40.98 -40.10 5.07
CA SER G 76 40.15 -40.90 4.17
C SER G 76 38.65 -40.90 4.57
N ASN G 77 38.28 -40.13 5.64
CA ASN G 77 36.89 -40.02 6.12
C ASN G 77 36.25 -41.41 6.38
N THR G 78 37.01 -42.31 7.01
CA THR G 78 36.60 -43.69 7.23
C THR G 78 36.75 -44.09 8.70
N ALA G 79 35.79 -44.86 9.20
CA ALA G 79 35.83 -45.40 10.55
C ALA G 79 36.00 -46.92 10.41
N TYR G 80 36.56 -47.55 11.43
CA TYR G 80 36.85 -48.98 11.40
C TYR G 80 36.45 -49.67 12.70
N LEU G 81 36.13 -50.95 12.60
CA LEU G 81 35.87 -51.78 13.76
C LEU G 81 36.76 -53.02 13.62
N GLN G 82 37.59 -53.26 14.63
CA GLN G 82 38.44 -54.45 14.66
C GLN G 82 37.95 -55.36 15.78
N LEU G 83 37.72 -56.63 15.45
CA LEU G 83 37.22 -57.64 16.38
C LEU G 83 38.25 -58.73 16.51
N SER G 84 38.69 -59.03 17.73
CA SER G 84 39.73 -60.02 17.97
C SER G 84 39.24 -61.25 18.74
N SER G 85 40.10 -62.32 18.82
CA SER G 85 39.85 -63.61 19.50
C SER G 85 38.44 -64.10 19.14
N LEU G 86 38.16 -64.13 17.84
CA LEU G 86 36.82 -64.44 17.33
C LEU G 86 36.31 -65.82 17.70
N THR G 87 35.03 -65.90 18.06
CA THR G 87 34.33 -67.16 18.37
C THR G 87 33.05 -67.18 17.54
N SER G 88 32.30 -68.31 17.58
CA SER G 88 31.03 -68.42 16.88
C SER G 88 30.00 -67.36 17.37
N GLU G 89 30.22 -66.83 18.58
CA GLU G 89 29.35 -65.80 19.17
C GLU G 89 29.53 -64.46 18.42
N ASP G 90 30.63 -64.35 17.65
CA ASP G 90 30.94 -63.15 16.86
C ASP G 90 30.38 -63.20 15.44
N THR G 91 29.80 -64.37 15.02
CA THR G 91 29.18 -64.46 13.70
C THR G 91 27.93 -63.55 13.78
N ALA G 92 27.89 -62.52 12.94
CA ALA G 92 26.83 -61.51 12.97
C ALA G 92 26.99 -60.56 11.80
N VAL G 93 26.02 -59.66 11.64
CA VAL G 93 26.11 -58.54 10.71
C VAL G 93 26.51 -57.36 11.62
N TYR G 94 27.48 -56.56 11.16
CA TYR G 94 27.97 -55.38 11.89
C TYR G 94 27.65 -54.15 11.07
N TYR G 95 26.97 -53.18 11.69
CA TYR G 95 26.61 -51.92 11.05
C TYR G 95 27.39 -50.76 11.63
N CYS G 96 27.72 -49.78 10.79
CA CYS G 96 28.26 -48.51 11.26
C CYS G 96 27.10 -47.52 11.07
N ALA G 97 27.01 -46.50 11.90
CA ALA G 97 25.94 -45.52 11.84
C ALA G 97 26.44 -44.21 12.43
N ARG G 98 26.06 -43.09 11.84
CA ARG G 98 26.52 -41.80 12.38
C ARG G 98 25.48 -41.26 13.37
N GLY G 99 25.94 -40.54 14.39
CA GLY G 99 25.05 -39.91 15.36
C GLY G 99 25.66 -38.60 15.85
N GLY G 100 24.81 -37.70 16.29
CA GLY G 100 25.22 -36.37 16.78
C GLY G 100 25.55 -36.30 18.25
N PHE G 101 25.59 -35.05 18.77
CA PHE G 101 26.11 -34.73 20.10
C PHE G 101 25.14 -34.07 21.05
N ASP G 102 23.83 -34.09 20.76
CA ASP G 102 22.89 -33.45 21.68
C ASP G 102 21.54 -34.14 21.52
N THR G 103 20.60 -33.89 22.41
CA THR G 103 19.29 -34.55 22.43
C THR G 103 18.66 -34.71 21.05
N ASN G 104 18.57 -33.60 20.30
CA ASN G 104 17.92 -33.61 18.97
C ASN G 104 18.75 -34.21 17.87
N HIS G 105 20.00 -34.64 18.17
CA HIS G 105 20.86 -35.21 17.14
C HIS G 105 21.53 -36.52 17.49
N TYR G 106 21.40 -37.05 18.74
CA TYR G 106 22.11 -38.32 19.12
C TYR G 106 21.70 -39.50 18.24
N ALA G 107 20.39 -39.65 18.01
CA ALA G 107 19.85 -40.78 17.24
C ALA G 107 20.50 -40.93 15.88
N MET G 108 20.80 -42.18 15.50
CA MET G 108 21.52 -42.44 14.24
C MET G 108 20.62 -42.42 13.03
N ASP G 109 20.78 -41.38 12.23
CA ASP G 109 19.92 -41.13 11.07
C ASP G 109 20.40 -41.83 9.81
N TYR G 110 21.73 -42.00 9.65
CA TYR G 110 22.29 -42.70 8.50
C TYR G 110 23.07 -43.91 8.94
N TRP G 111 22.86 -45.04 8.27
CA TRP G 111 23.49 -46.31 8.60
C TRP G 111 24.17 -46.90 7.36
N GLY G 112 25.24 -47.65 7.60
CA GLY G 112 25.89 -48.42 6.54
C GLY G 112 25.00 -49.61 6.19
N GLN G 113 25.36 -50.33 5.13
CA GLN G 113 24.54 -51.46 4.66
C GLN G 113 24.77 -52.75 5.46
N GLY G 114 25.78 -52.72 6.34
CA GLY G 114 26.13 -53.87 7.16
C GLY G 114 27.18 -54.73 6.49
N THR G 115 28.01 -55.37 7.31
CA THR G 115 29.05 -56.32 6.89
C THR G 115 28.80 -57.61 7.63
N SER G 116 28.62 -58.71 6.86
CA SER G 116 28.45 -60.03 7.45
C SER G 116 29.83 -60.62 7.81
N VAL G 117 29.98 -61.11 9.04
CA VAL G 117 31.20 -61.79 9.48
C VAL G 117 30.80 -63.22 9.86
N THR G 118 31.47 -64.23 9.27
CA THR G 118 31.23 -65.62 9.60
C THR G 118 32.50 -66.17 10.23
N VAL G 119 32.40 -66.68 11.46
CA VAL G 119 33.54 -67.26 12.17
C VAL G 119 33.46 -68.76 12.00
N SER G 120 34.38 -69.34 11.22
CA SER G 120 34.36 -70.77 10.95
C SER G 120 35.72 -71.21 10.41
N SER G 121 36.09 -72.47 10.68
CA SER G 121 37.33 -73.04 10.15
C SER G 121 37.08 -73.71 8.78
N ALA G 122 35.79 -73.79 8.34
CA ALA G 122 35.37 -74.40 7.07
C ALA G 122 35.79 -73.55 5.86
N SER G 123 36.08 -74.22 4.77
CA SER G 123 36.51 -73.55 3.55
C SER G 123 35.33 -73.09 2.69
N THR G 124 35.57 -72.04 1.92
CA THR G 124 34.64 -71.48 0.97
C THR G 124 34.30 -72.53 -0.10
N LYS G 125 33.02 -72.62 -0.48
CA LYS G 125 32.57 -73.54 -1.52
C LYS G 125 31.44 -72.86 -2.32
N GLY G 126 31.59 -72.85 -3.64
CA GLY G 126 30.60 -72.26 -4.54
C GLY G 126 29.40 -73.18 -4.72
N PRO G 127 28.19 -72.65 -5.01
CA PRO G 127 27.01 -73.52 -5.14
C PRO G 127 26.84 -74.20 -6.48
N SER G 128 26.02 -75.26 -6.49
CA SER G 128 25.54 -75.94 -7.68
C SER G 128 24.12 -75.35 -7.84
N VAL G 129 23.73 -74.99 -9.07
CA VAL G 129 22.41 -74.39 -9.28
C VAL G 129 21.57 -75.34 -10.12
N PHE G 130 20.42 -75.77 -9.59
CA PHE G 130 19.54 -76.71 -10.27
C PHE G 130 18.18 -76.09 -10.58
N PRO G 131 17.56 -76.41 -11.72
CA PRO G 131 16.23 -75.84 -12.00
C PRO G 131 15.11 -76.53 -11.22
N LEU G 132 14.07 -75.77 -10.88
CA LEU G 132 12.84 -76.27 -10.28
C LEU G 132 11.85 -76.03 -11.44
N ALA G 133 11.76 -77.04 -12.33
CA ALA G 133 11.00 -76.94 -13.59
C ALA G 133 9.49 -76.80 -13.39
N PRO G 134 8.82 -75.86 -14.12
CA PRO G 134 7.36 -75.72 -13.96
C PRO G 134 6.66 -76.96 -14.48
N SER G 135 5.69 -77.45 -13.69
CA SER G 135 4.90 -78.66 -13.94
C SER G 135 3.95 -78.46 -15.13
N GLY G 142 -3.82 -71.59 -14.86
CA GLY G 142 -3.76 -70.14 -14.77
C GLY G 142 -2.38 -69.63 -14.37
N THR G 143 -1.94 -70.02 -13.15
CA THR G 143 -0.64 -69.62 -12.58
C THR G 143 0.31 -70.81 -12.44
N ALA G 144 1.58 -70.65 -12.89
CA ALA G 144 2.58 -71.72 -12.76
C ALA G 144 3.69 -71.26 -11.81
N ALA G 145 4.36 -72.21 -11.16
CA ALA G 145 5.51 -71.85 -10.32
C ALA G 145 6.76 -72.52 -10.86
N LEU G 146 7.88 -71.82 -10.77
CA LEU G 146 9.16 -72.36 -11.22
C LEU G 146 10.25 -71.74 -10.34
N GLY G 147 11.45 -72.28 -10.38
CA GLY G 147 12.50 -71.71 -9.54
C GLY G 147 13.86 -72.30 -9.75
N CYS G 148 14.77 -71.99 -8.82
CA CYS G 148 16.14 -72.49 -8.80
C CYS G 148 16.49 -72.95 -7.40
N LEU G 149 17.22 -74.07 -7.30
CA LEU G 149 17.72 -74.63 -6.05
C LEU G 149 19.22 -74.36 -6.07
N VAL G 150 19.69 -73.57 -5.10
CA VAL G 150 21.07 -73.11 -4.94
C VAL G 150 21.65 -73.95 -3.82
N LYS G 151 22.35 -75.02 -4.19
CA LYS G 151 22.78 -76.02 -3.24
C LYS G 151 24.25 -76.12 -2.96
N ASP G 152 24.57 -76.49 -1.70
CA ASP G 152 25.90 -76.84 -1.20
C ASP G 152 26.95 -75.74 -1.32
N TYR G 153 26.72 -74.64 -0.61
CA TYR G 153 27.68 -73.54 -0.64
C TYR G 153 28.01 -73.16 0.77
N PHE G 154 29.12 -72.48 0.90
CA PHE G 154 29.59 -71.97 2.18
C PHE G 154 30.58 -70.80 1.92
N PRO G 155 30.51 -69.72 2.69
CA PRO G 155 29.53 -69.41 3.74
C PRO G 155 28.34 -68.66 3.12
N GLU G 156 27.45 -68.13 3.97
CA GLU G 156 26.38 -67.26 3.49
C GLU G 156 27.05 -65.88 3.19
N PRO G 157 26.44 -65.00 2.35
CA PRO G 157 25.15 -65.12 1.66
C PRO G 157 25.28 -65.41 0.16
N VAL G 158 24.15 -65.74 -0.48
CA VAL G 158 24.03 -65.84 -1.94
C VAL G 158 22.94 -64.85 -2.32
N THR G 159 23.04 -64.23 -3.50
CA THR G 159 21.98 -63.31 -3.97
C THR G 159 21.38 -64.00 -5.19
N VAL G 160 20.10 -63.84 -5.38
CA VAL G 160 19.41 -64.42 -6.54
C VAL G 160 18.54 -63.32 -7.16
N SER G 161 18.65 -63.17 -8.49
CA SER G 161 17.76 -62.28 -9.24
C SER G 161 17.16 -63.11 -10.37
N TRP G 162 16.09 -62.62 -10.97
CA TRP G 162 15.45 -63.28 -12.08
C TRP G 162 15.48 -62.37 -13.28
N ASN G 163 15.85 -62.93 -14.44
CA ASN G 163 15.91 -62.21 -15.72
C ASN G 163 16.66 -60.89 -15.61
N SER G 164 17.86 -60.96 -14.98
CA SER G 164 18.78 -59.84 -14.71
C SER G 164 18.13 -58.70 -13.92
N GLY G 165 17.14 -59.04 -13.10
CA GLY G 165 16.44 -58.07 -12.25
C GLY G 165 15.17 -57.52 -12.84
N ALA G 166 14.84 -57.90 -14.10
CA ALA G 166 13.62 -57.44 -14.78
C ALA G 166 12.35 -58.12 -14.19
N LEU G 167 12.53 -59.29 -13.57
CA LEU G 167 11.41 -60.04 -12.96
C LEU G 167 11.52 -59.99 -11.46
N THR G 168 10.60 -59.27 -10.82
CA THR G 168 10.60 -59.10 -9.35
C THR G 168 9.24 -59.49 -8.76
N SER G 169 8.17 -59.25 -9.51
CA SER G 169 6.80 -59.55 -9.10
C SER G 169 6.60 -61.08 -8.99
N GLY G 170 6.09 -61.52 -7.83
CA GLY G 170 5.83 -62.92 -7.53
C GLY G 170 7.06 -63.72 -7.14
N VAL G 171 8.24 -63.07 -6.99
CA VAL G 171 9.49 -63.76 -6.64
C VAL G 171 9.55 -63.98 -5.12
N HIS G 172 9.96 -65.19 -4.70
CA HIS G 172 10.23 -65.47 -3.29
C HIS G 172 11.57 -66.16 -3.20
N THR G 173 12.54 -65.52 -2.56
CA THR G 173 13.86 -66.10 -2.35
C THR G 173 13.90 -66.43 -0.87
N PHE G 174 13.96 -67.71 -0.58
CA PHE G 174 13.86 -68.20 0.80
C PHE G 174 15.12 -68.06 1.61
N PRO G 175 15.02 -67.98 2.95
CA PRO G 175 16.22 -68.06 3.77
C PRO G 175 16.93 -69.40 3.55
N ALA G 176 18.27 -69.39 3.51
CA ALA G 176 19.02 -70.63 3.36
C ALA G 176 18.85 -71.53 4.61
N VAL G 177 19.00 -72.84 4.42
CA VAL G 177 19.00 -73.81 5.52
C VAL G 177 20.40 -74.36 5.60
N LEU G 178 20.88 -74.63 6.80
CA LEU G 178 22.20 -75.23 6.96
C LEU G 178 21.97 -76.75 7.01
N GLN G 179 22.55 -77.47 6.05
CA GLN G 179 22.43 -78.93 5.99
C GLN G 179 23.38 -79.59 6.99
N SER G 180 23.15 -80.90 7.28
CA SER G 180 24.00 -81.69 8.21
C SER G 180 25.45 -81.78 7.71
N SER G 181 25.67 -81.57 6.39
CA SER G 181 27.01 -81.54 5.78
C SER G 181 27.81 -80.26 6.19
N GLY G 182 27.11 -79.26 6.74
CA GLY G 182 27.74 -77.99 7.11
C GLY G 182 27.69 -76.99 5.96
N LEU G 183 27.00 -77.36 4.85
CA LEU G 183 26.83 -76.51 3.68
C LEU G 183 25.39 -76.00 3.61
N TYR G 184 25.21 -74.81 3.05
CA TYR G 184 23.87 -74.20 2.94
C TYR G 184 23.17 -74.59 1.65
N SER G 185 21.83 -74.46 1.66
CA SER G 185 21.01 -74.71 0.49
C SER G 185 19.88 -73.69 0.54
N LEU G 186 19.53 -73.12 -0.61
CA LEU G 186 18.48 -72.10 -0.69
C LEU G 186 17.65 -72.31 -1.94
N SER G 187 16.36 -71.95 -1.90
CA SER G 187 15.53 -72.00 -3.10
C SER G 187 15.02 -70.61 -3.41
N SER G 188 14.83 -70.31 -4.70
CA SER G 188 14.22 -69.06 -5.16
C SER G 188 13.16 -69.47 -6.15
N VAL G 189 11.94 -68.96 -5.97
CA VAL G 189 10.81 -69.31 -6.83
C VAL G 189 10.12 -68.07 -7.37
N VAL G 190 9.33 -68.25 -8.41
CA VAL G 190 8.51 -67.19 -8.96
C VAL G 190 7.21 -67.83 -9.51
N THR G 191 6.10 -67.16 -9.31
CA THR G 191 4.85 -67.61 -9.90
C THR G 191 4.63 -66.71 -11.13
N VAL G 192 4.23 -67.32 -12.24
CA VAL G 192 4.05 -66.61 -13.50
C VAL G 192 2.77 -67.08 -14.19
N PRO G 193 2.24 -66.34 -15.17
CA PRO G 193 1.07 -66.86 -15.89
C PRO G 193 1.50 -68.13 -16.63
N SER G 194 0.71 -69.21 -16.56
CA SER G 194 1.00 -70.46 -17.29
C SER G 194 1.18 -70.19 -18.80
N SER G 195 0.42 -69.22 -19.37
CA SER G 195 0.48 -68.84 -20.78
C SER G 195 1.87 -68.32 -21.18
N SER G 196 2.68 -67.87 -20.21
CA SER G 196 4.01 -67.34 -20.54
C SER G 196 5.07 -68.43 -20.69
N LEU G 197 4.82 -69.65 -20.16
CA LEU G 197 5.79 -70.76 -20.16
C LEU G 197 6.40 -71.12 -21.53
N GLY G 198 5.62 -71.02 -22.60
CA GLY G 198 6.13 -71.34 -23.94
C GLY G 198 6.90 -70.21 -24.62
N THR G 199 6.61 -68.95 -24.25
CA THR G 199 7.17 -67.78 -24.92
C THR G 199 8.21 -67.00 -24.12
N GLN G 200 8.10 -66.97 -22.78
CA GLN G 200 8.99 -66.21 -21.91
C GLN G 200 10.15 -67.06 -21.37
N THR G 201 11.37 -66.53 -21.45
CA THR G 201 12.57 -67.18 -20.95
C THR G 201 12.75 -66.81 -19.49
N TYR G 202 13.01 -67.81 -18.63
CA TYR G 202 13.24 -67.56 -17.21
C TYR G 202 14.62 -68.00 -16.83
N ILE G 203 15.42 -67.04 -16.35
CA ILE G 203 16.79 -67.29 -15.95
C ILE G 203 16.99 -66.80 -14.53
N CYS G 204 17.53 -67.67 -13.65
CA CYS G 204 17.89 -67.20 -12.32
C CYS G 204 19.38 -66.85 -12.33
N ASN G 205 19.73 -65.68 -11.81
CA ASN G 205 21.11 -65.20 -11.75
C ASN G 205 21.53 -65.32 -10.30
N VAL G 206 22.47 -66.22 -10.05
CA VAL G 206 22.99 -66.52 -8.71
C VAL G 206 24.36 -65.92 -8.53
N ASN G 207 24.57 -65.22 -7.43
CA ASN G 207 25.87 -64.66 -7.13
C ASN G 207 26.31 -65.04 -5.73
N HIS G 208 27.43 -65.79 -5.63
CA HIS G 208 28.02 -66.18 -4.36
C HIS G 208 29.39 -65.49 -4.33
N LYS G 209 29.41 -64.24 -3.83
CA LYS G 209 30.62 -63.40 -3.77
C LYS G 209 31.78 -64.03 -2.98
N PRO G 210 31.57 -64.71 -1.81
CA PRO G 210 32.72 -65.31 -1.11
C PRO G 210 33.58 -66.27 -1.93
N SER G 211 33.00 -66.94 -2.94
CA SER G 211 33.73 -67.87 -3.81
C SER G 211 33.91 -67.34 -5.24
N ASN G 212 33.50 -66.07 -5.49
CA ASN G 212 33.50 -65.43 -6.82
C ASN G 212 32.77 -66.29 -7.86
N THR G 213 31.61 -66.86 -7.47
CA THR G 213 30.79 -67.71 -8.32
C THR G 213 29.55 -66.92 -8.79
N LYS G 214 29.37 -66.89 -10.11
CA LYS G 214 28.23 -66.26 -10.79
C LYS G 214 27.72 -67.30 -11.76
N VAL G 215 26.46 -67.71 -11.57
CA VAL G 215 25.82 -68.76 -12.36
C VAL G 215 24.48 -68.21 -12.88
N ASP G 216 24.20 -68.44 -14.16
CA ASP G 216 22.91 -68.12 -14.76
C ASP G 216 22.28 -69.46 -15.16
N LYS G 217 21.11 -69.76 -14.62
CA LYS G 217 20.47 -71.03 -14.95
C LYS G 217 19.12 -70.80 -15.61
N ARG G 218 18.98 -71.29 -16.84
CA ARG G 218 17.73 -71.23 -17.59
C ARG G 218 16.80 -72.28 -17.00
N VAL G 219 15.54 -71.90 -16.70
CA VAL G 219 14.57 -72.83 -16.11
C VAL G 219 13.48 -73.07 -17.16
N GLU G 220 13.42 -74.30 -17.69
CA GLU G 220 12.49 -74.67 -18.76
C GLU G 220 11.43 -75.68 -18.31
N PRO G 221 10.21 -75.69 -18.93
CA PRO G 221 9.18 -76.68 -18.56
C PRO G 221 9.59 -78.14 -18.77
N GLU H 1 -17.23 23.07 -14.12
CA GLU H 1 -17.85 22.69 -12.84
C GLU H 1 -16.78 22.03 -11.91
N VAL H 2 -16.94 22.16 -10.58
CA VAL H 2 -16.15 21.45 -9.57
C VAL H 2 -16.28 19.94 -9.85
N GLN H 3 -15.17 19.22 -9.64
CA GLN H 3 -15.16 17.77 -9.76
C GLN H 3 -14.09 17.18 -8.84
N LEU H 4 -14.36 16.00 -8.26
CA LEU H 4 -13.41 15.25 -7.46
C LEU H 4 -13.16 14.00 -8.25
N GLN H 5 -11.92 13.85 -8.73
CA GLN H 5 -11.56 12.75 -9.63
C GLN H 5 -10.77 11.69 -8.91
N GLN H 6 -11.41 10.55 -8.65
CA GLN H 6 -10.74 9.49 -7.91
C GLN H 6 -10.04 8.52 -8.83
N SER H 7 -9.04 7.85 -8.28
CA SER H 7 -8.22 6.86 -9.00
C SER H 7 -9.01 5.58 -9.28
N GLY H 8 -8.47 4.74 -10.16
CA GLY H 8 -9.14 3.53 -10.63
C GLY H 8 -9.26 2.39 -9.61
N ALA H 9 -10.06 1.38 -9.97
CA ALA H 9 -10.32 0.21 -9.11
C ALA H 9 -9.03 -0.50 -8.73
N GLU H 10 -8.98 -1.00 -7.48
CA GLU H 10 -7.79 -1.70 -6.99
C GLU H 10 -8.14 -3.16 -6.66
N LEU H 11 -7.20 -4.05 -6.96
CA LEU H 11 -7.29 -5.49 -6.67
C LEU H 11 -6.05 -5.77 -5.85
N VAL H 12 -6.22 -6.07 -4.56
CA VAL H 12 -5.10 -6.21 -3.64
C VAL H 12 -5.20 -7.44 -2.75
N ARG H 13 -4.04 -8.02 -2.43
CA ARG H 13 -3.98 -9.23 -1.62
C ARG H 13 -4.29 -8.96 -0.16
N PRO H 14 -4.87 -9.94 0.60
CA PRO H 14 -5.02 -9.74 2.05
C PRO H 14 -3.66 -9.47 2.72
N GLY H 15 -3.65 -8.57 3.69
CA GLY H 15 -2.45 -8.17 4.42
C GLY H 15 -1.69 -7.02 3.77
N ALA H 16 -2.00 -6.75 2.48
CA ALA H 16 -1.33 -5.69 1.74
C ALA H 16 -1.92 -4.31 2.00
N LEU H 17 -1.48 -3.33 1.20
CA LEU H 17 -1.78 -1.91 1.39
C LEU H 17 -2.13 -1.27 0.05
N VAL H 18 -2.95 -0.23 0.10
CA VAL H 18 -3.36 0.52 -1.10
C VAL H 18 -3.34 2.01 -0.78
N LYS H 19 -3.06 2.84 -1.78
CA LYS H 19 -3.12 4.30 -1.68
C LYS H 19 -4.07 4.80 -2.79
N LEU H 20 -5.17 5.42 -2.40
CA LEU H 20 -6.18 5.93 -3.30
C LEU H 20 -5.99 7.45 -3.43
N SER H 21 -6.27 8.00 -4.62
CA SER H 21 -6.15 9.43 -4.83
C SER H 21 -7.47 10.08 -5.17
N CYS H 22 -7.54 11.38 -4.90
CA CYS H 22 -8.74 12.20 -5.14
C CYS H 22 -8.25 13.56 -5.59
N LYS H 23 -8.24 13.79 -6.89
CA LYS H 23 -7.77 15.04 -7.47
C LYS H 23 -8.92 16.04 -7.55
N ALA H 24 -8.74 17.21 -6.99
CA ALA H 24 -9.76 18.23 -7.06
C ALA H 24 -9.59 19.14 -8.29
N SER H 25 -10.70 19.37 -9.03
CA SER H 25 -10.73 20.28 -10.18
C SER H 25 -11.73 21.40 -9.87
N GLY H 26 -11.38 22.65 -10.19
CA GLY H 26 -12.31 23.77 -10.04
C GLY H 26 -12.36 24.45 -8.69
N PHE H 27 -11.48 24.06 -7.75
CA PHE H 27 -11.38 24.70 -6.42
C PHE H 27 -10.03 24.34 -5.85
N ASN H 28 -9.62 25.07 -4.81
CA ASN H 28 -8.34 24.83 -4.13
C ASN H 28 -8.61 23.93 -2.91
N ILE H 29 -7.90 22.79 -2.81
CA ILE H 29 -8.10 21.87 -1.66
C ILE H 29 -7.80 22.50 -0.29
N LYS H 30 -6.97 23.57 -0.26
CA LYS H 30 -6.72 24.24 1.04
C LYS H 30 -7.97 24.93 1.60
N ASP H 31 -9.02 25.11 0.76
CA ASP H 31 -10.23 25.83 1.19
C ASP H 31 -11.34 24.93 1.77
N TYR H 32 -11.09 23.63 1.86
CA TYR H 32 -12.09 22.69 2.35
C TYR H 32 -11.42 21.56 3.11
N TYR H 33 -12.17 20.88 3.96
CA TYR H 33 -11.67 19.61 4.45
C TYR H 33 -11.89 18.63 3.28
N MET H 34 -11.06 17.58 3.21
N MET H 34 -11.04 17.60 3.18
CA MET H 34 -11.25 16.50 2.26
CA MET H 34 -11.30 16.51 2.27
C MET H 34 -11.58 15.29 3.14
C MET H 34 -11.61 15.33 3.18
N HIS H 35 -12.83 14.81 3.05
CA HIS H 35 -13.32 13.70 3.85
C HIS H 35 -13.22 12.43 3.02
N TRP H 36 -13.08 11.27 3.70
CA TRP H 36 -13.11 9.96 3.06
C TRP H 36 -14.20 9.13 3.73
N VAL H 37 -14.95 8.42 2.92
CA VAL H 37 -16.13 7.66 3.33
C VAL H 37 -16.08 6.27 2.72
N LYS H 38 -16.39 5.23 3.52
CA LYS H 38 -16.39 3.84 3.09
C LYS H 38 -17.80 3.34 2.89
N GLN H 39 -17.99 2.47 1.88
CA GLN H 39 -19.26 1.82 1.67
C GLN H 39 -19.03 0.38 1.21
N ARG H 40 -19.25 -0.56 2.14
CA ARG H 40 -19.13 -1.99 1.85
C ARG H 40 -20.29 -2.41 0.94
N PRO H 41 -20.14 -3.49 0.14
CA PRO H 41 -21.21 -3.89 -0.80
C PRO H 41 -22.58 -4.03 -0.14
N GLU H 42 -23.57 -3.31 -0.67
CA GLU H 42 -24.96 -3.24 -0.21
C GLU H 42 -25.11 -2.74 1.24
N GLN H 43 -24.10 -2.02 1.75
CA GLN H 43 -24.15 -1.50 3.12
C GLN H 43 -24.19 0.05 3.11
N GLY H 44 -24.21 0.64 4.30
CA GLY H 44 -24.32 2.06 4.51
C GLY H 44 -23.01 2.81 4.40
N LEU H 45 -23.09 4.14 4.48
CA LEU H 45 -21.92 5.01 4.45
C LEU H 45 -21.26 5.02 5.81
N GLU H 46 -19.92 5.00 5.83
CA GLU H 46 -19.19 5.09 7.10
C GLU H 46 -18.10 6.17 6.94
N TRP H 47 -18.12 7.19 7.81
CA TRP H 47 -17.10 8.24 7.77
C TRP H 47 -15.75 7.67 8.26
N ILE H 48 -14.69 7.79 7.44
CA ILE H 48 -13.36 7.27 7.81
C ILE H 48 -12.55 8.32 8.54
N GLY H 49 -12.43 9.48 7.90
CA GLY H 49 -11.62 10.56 8.43
C GLY H 49 -11.57 11.75 7.51
N ARG H 50 -10.75 12.73 7.85
CA ARG H 50 -10.62 13.91 7.04
C ARG H 50 -9.23 14.50 7.19
N ILE H 51 -8.90 15.41 6.27
CA ILE H 51 -7.68 16.19 6.37
C ILE H 51 -8.03 17.64 6.08
N ASP H 52 -7.37 18.58 6.79
CA ASP H 52 -7.46 20.00 6.46
C ASP H 52 -6.14 20.22 5.67
N PRO H 53 -6.19 20.37 4.31
CA PRO H 53 -4.93 20.49 3.53
C PRO H 53 -4.15 21.77 3.80
N GLU H 54 -4.77 22.77 4.44
CA GLU H 54 -4.03 24.00 4.74
C GLU H 54 -2.98 23.79 5.89
N ASN H 55 -3.29 22.95 6.87
CA ASN H 55 -2.38 22.73 8.00
C ASN H 55 -1.97 21.26 8.22
N SER H 56 -2.47 20.34 7.37
CA SER H 56 -2.21 18.88 7.42
C SER H 56 -2.87 18.15 8.58
N ASN H 57 -3.77 18.82 9.36
CA ASN H 57 -4.43 18.16 10.48
C ASN H 57 -5.34 17.09 9.95
N ASN H 58 -5.15 15.87 10.44
CA ASN H 58 -5.99 14.75 10.00
C ASN H 58 -6.49 13.97 11.20
N ILE H 59 -7.73 13.47 11.13
CA ILE H 59 -8.37 12.78 12.26
C ILE H 59 -9.28 11.69 11.69
N TYR H 60 -9.52 10.63 12.46
CA TYR H 60 -10.25 9.45 11.99
C TYR H 60 -11.28 8.98 12.99
N ASP H 61 -12.16 8.09 12.52
CA ASP H 61 -13.03 7.34 13.41
C ASP H 61 -12.06 6.32 14.07
N PRO H 62 -12.03 6.19 15.43
CA PRO H 62 -11.09 5.25 16.07
C PRO H 62 -11.27 3.79 15.63
N LYS H 63 -12.46 3.39 15.11
CA LYS H 63 -12.73 2.04 14.63
C LYS H 63 -11.83 1.64 13.47
N PHE H 64 -11.19 2.64 12.81
CA PHE H 64 -10.31 2.25 11.72
C PHE H 64 -8.99 1.68 12.28
N GLN H 65 -8.83 1.73 13.64
CA GLN H 65 -7.68 1.23 14.42
C GLN H 65 -6.32 1.62 13.79
N GLY H 66 -6.19 2.86 13.35
CA GLY H 66 -4.96 3.36 12.74
C GLY H 66 -4.62 2.77 11.38
N LYS H 67 -5.52 1.95 10.78
CA LYS H 67 -5.31 1.36 9.44
C LYS H 67 -5.45 2.38 8.30
N ALA H 68 -6.15 3.50 8.52
CA ALA H 68 -6.31 4.54 7.51
C ALA H 68 -5.35 5.71 7.75
N SER H 69 -4.73 6.21 6.68
CA SER H 69 -3.82 7.35 6.74
C SER H 69 -4.19 8.30 5.60
N ILE H 70 -4.65 9.50 5.94
CA ILE H 70 -5.06 10.50 4.95
C ILE H 70 -3.96 11.55 4.81
N THR H 71 -3.56 11.85 3.56
CA THR H 71 -2.54 12.86 3.27
C THR H 71 -3.05 13.78 2.18
N ALA H 72 -2.28 14.85 1.89
CA ALA H 72 -2.66 15.78 0.83
C ALA H 72 -1.41 16.37 0.21
N ASP H 73 -1.52 16.71 -1.07
CA ASP H 73 -0.43 17.32 -1.82
C ASP H 73 -1.02 18.57 -2.43
N THR H 74 -0.63 19.74 -1.88
CA THR H 74 -1.28 20.96 -2.35
C THR H 74 -0.80 21.39 -3.73
N SER H 75 0.46 21.11 -4.17
CA SER H 75 0.86 21.52 -5.52
C SER H 75 0.03 20.79 -6.60
N SER H 76 -0.30 19.53 -6.36
CA SER H 76 -1.10 18.76 -7.34
C SER H 76 -2.60 18.80 -7.00
N ASN H 77 -3.00 19.54 -5.93
CA ASN H 77 -4.41 19.73 -5.52
C ASN H 77 -5.13 18.38 -5.33
N THR H 78 -4.44 17.43 -4.66
CA THR H 78 -4.92 16.06 -4.51
C THR H 78 -4.85 15.60 -3.06
N ALA H 79 -5.87 14.85 -2.61
CA ALA H 79 -5.89 14.24 -1.28
C ALA H 79 -5.79 12.73 -1.50
N TYR H 80 -5.30 12.02 -0.49
CA TYR H 80 -5.07 10.57 -0.60
C TYR H 80 -5.54 9.82 0.62
N LEU H 81 -5.92 8.57 0.43
CA LEU H 81 -6.30 7.66 1.50
C LEU H 81 -5.45 6.40 1.36
N GLN H 82 -4.68 6.08 2.40
CA GLN H 82 -3.88 4.86 2.42
C GLN H 82 -4.47 3.90 3.42
N LEU H 83 -4.71 2.65 3.00
CA LEU H 83 -5.32 1.61 3.83
C LEU H 83 -4.33 0.46 3.96
N SER H 84 -3.99 0.08 5.19
CA SER H 84 -3.02 -0.99 5.42
C SER H 84 -3.64 -2.25 6.06
N SER H 85 -2.86 -3.36 6.12
CA SER H 85 -3.23 -4.66 6.69
C SER H 85 -4.62 -5.06 6.22
N LEU H 86 -4.83 -5.00 4.90
CA LEU H 86 -6.16 -5.24 4.30
C LEU H 86 -6.75 -6.61 4.57
N THR H 87 -8.05 -6.63 4.86
CA THR H 87 -8.84 -7.86 5.08
C THR H 87 -10.06 -7.78 4.19
N SER H 88 -10.88 -8.85 4.17
CA SER H 88 -12.10 -8.88 3.40
C SER H 88 -13.10 -7.79 3.86
N GLU H 89 -12.99 -7.32 5.11
CA GLU H 89 -13.85 -6.25 5.64
C GLU H 89 -13.52 -4.90 4.95
N ASP H 90 -12.34 -4.83 4.29
CA ASP H 90 -11.91 -3.62 3.59
C ASP H 90 -12.39 -3.58 2.14
N THR H 91 -12.97 -4.69 1.61
CA THR H 91 -13.53 -4.68 0.26
C THR H 91 -14.74 -3.71 0.31
N ALA H 92 -14.67 -2.63 -0.46
CA ALA H 92 -15.69 -1.56 -0.43
C ALA H 92 -15.42 -0.57 -1.50
N VAL H 93 -16.34 0.39 -1.64
CA VAL H 93 -16.13 1.56 -2.48
C VAL H 93 -15.75 2.66 -1.50
N TYR H 94 -14.75 3.45 -1.84
CA TYR H 94 -14.24 4.55 -1.00
C TYR H 94 -14.49 5.84 -1.76
N TYR H 95 -15.17 6.79 -1.11
CA TYR H 95 -15.47 8.10 -1.70
C TYR H 95 -14.66 9.16 -1.00
N CYS H 96 -14.25 10.18 -1.77
CA CYS H 96 -13.69 11.39 -1.16
C CYS H 96 -14.82 12.43 -1.36
N ALA H 97 -14.91 13.41 -0.45
CA ALA H 97 -15.95 14.43 -0.55
C ALA H 97 -15.40 15.70 0.13
N ARG H 98 -15.70 16.86 -0.45
CA ARG H 98 -15.18 18.10 0.16
C ARG H 98 -16.26 18.66 1.12
N GLY H 99 -15.83 19.30 2.20
CA GLY H 99 -16.75 19.94 3.14
C GLY H 99 -16.11 21.18 3.73
N GLY H 100 -16.95 22.12 4.18
CA GLY H 100 -16.54 23.39 4.74
C GLY H 100 -16.27 23.35 6.26
N PHE H 101 -16.24 24.56 6.85
CA PHE H 101 -15.76 24.81 8.20
C PHE H 101 -16.71 25.47 9.14
N ASP H 102 -18.02 25.49 8.83
CA ASP H 102 -18.97 26.10 9.75
C ASP H 102 -20.33 25.46 9.52
N THR H 103 -21.29 25.70 10.42
CA THR H 103 -22.62 25.07 10.37
C THR H 103 -23.22 25.00 8.96
N ASN H 104 -23.27 26.14 8.27
CA ASN H 104 -23.88 26.19 6.92
C ASN H 104 -23.03 25.66 5.80
N HIS H 105 -21.82 25.17 6.10
CA HIS H 105 -20.93 24.64 5.07
C HIS H 105 -20.27 23.31 5.36
N TYR H 106 -20.46 22.70 6.59
CA TYR H 106 -19.78 21.42 6.91
C TYR H 106 -20.17 20.30 5.94
N ALA H 107 -21.48 20.18 5.67
CA ALA H 107 -22.01 19.09 4.82
C ALA H 107 -21.31 19.05 3.46
N MET H 108 -21.03 17.83 2.99
CA MET H 108 -20.27 17.63 1.77
C MET H 108 -21.12 17.77 0.52
N ASP H 109 -20.87 18.86 -0.22
CA ASP H 109 -21.68 19.18 -1.42
C ASP H 109 -21.20 18.49 -2.70
N TYR H 110 -19.89 18.27 -2.81
CA TYR H 110 -19.30 17.54 -3.94
C TYR H 110 -18.60 16.29 -3.49
N TRP H 111 -18.86 15.20 -4.19
CA TRP H 111 -18.33 13.89 -3.90
C TRP H 111 -17.63 13.35 -5.15
N GLY H 112 -16.62 12.53 -4.93
CA GLY H 112 -15.93 11.84 -6.01
C GLY H 112 -16.82 10.71 -6.48
N GLN H 113 -16.38 10.01 -7.54
CA GLN H 113 -17.18 8.96 -8.14
C GLN H 113 -16.98 7.62 -7.44
N GLY H 114 -16.03 7.58 -6.48
CA GLY H 114 -15.75 6.38 -5.71
C GLY H 114 -14.69 5.51 -6.37
N THR H 115 -13.93 4.79 -5.55
CA THR H 115 -12.88 3.85 -5.97
C THR H 115 -13.20 2.52 -5.33
N SER H 116 -13.35 1.50 -6.16
CA SER H 116 -13.61 0.17 -5.67
C SER H 116 -12.28 -0.49 -5.25
N VAL H 117 -12.23 -1.09 -4.04
CA VAL H 117 -11.08 -1.85 -3.58
C VAL H 117 -11.58 -3.28 -3.34
N THR H 118 -10.91 -4.28 -3.94
CA THR H 118 -11.28 -5.70 -3.77
C THR H 118 -10.10 -6.39 -3.13
N VAL H 119 -10.33 -7.01 -1.95
CA VAL H 119 -9.28 -7.72 -1.21
C VAL H 119 -9.41 -9.21 -1.56
N SER H 120 -8.42 -9.74 -2.30
CA SER H 120 -8.43 -11.13 -2.76
C SER H 120 -7.02 -11.58 -3.12
N SER H 121 -6.72 -12.87 -2.92
CA SER H 121 -5.43 -13.47 -3.28
C SER H 121 -5.45 -14.03 -4.71
N ALA H 122 -6.59 -13.88 -5.43
CA ALA H 122 -6.73 -14.41 -6.78
C ALA H 122 -6.01 -13.54 -7.81
N SER H 123 -5.49 -14.18 -8.89
CA SER H 123 -4.89 -13.52 -10.06
C SER H 123 -5.96 -13.57 -11.17
N THR H 124 -5.77 -12.88 -12.34
CA THR H 124 -6.76 -12.94 -13.43
C THR H 124 -7.08 -14.38 -13.81
N LYS H 125 -8.39 -14.71 -13.85
CA LYS H 125 -8.86 -16.06 -14.16
C LYS H 125 -10.18 -15.96 -14.88
N GLY H 126 -10.28 -16.66 -15.99
CA GLY H 126 -11.48 -16.74 -16.79
C GLY H 126 -12.50 -17.68 -16.17
N PRO H 127 -13.81 -17.46 -16.38
CA PRO H 127 -14.81 -18.33 -15.76
C PRO H 127 -15.04 -19.65 -16.47
N SER H 128 -15.62 -20.60 -15.73
CA SER H 128 -16.12 -21.85 -16.24
C SER H 128 -17.61 -21.58 -16.34
N VAL H 129 -18.25 -21.99 -17.44
CA VAL H 129 -19.67 -21.74 -17.65
C VAL H 129 -20.41 -23.05 -17.64
N PHE H 130 -21.36 -23.20 -16.71
CA PHE H 130 -22.12 -24.44 -16.57
C PHE H 130 -23.59 -24.21 -16.81
N PRO H 131 -24.31 -25.16 -17.45
CA PRO H 131 -25.74 -24.95 -17.65
C PRO H 131 -26.56 -25.20 -16.39
N LEU H 132 -27.67 -24.47 -16.27
CA LEU H 132 -28.67 -24.64 -15.21
C LEU H 132 -29.84 -25.16 -16.05
N ALA H 133 -29.87 -26.50 -16.24
CA ALA H 133 -30.81 -27.19 -17.12
C ALA H 133 -32.28 -27.06 -16.71
N PRO H 134 -33.19 -26.73 -17.68
CA PRO H 134 -34.61 -26.64 -17.34
C PRO H 134 -35.24 -28.02 -17.16
N THR H 143 -44.60 -22.24 -17.33
CA THR H 143 -43.33 -21.51 -17.33
C THR H 143 -42.20 -22.38 -16.77
N ALA H 144 -41.09 -22.46 -17.53
CA ALA H 144 -39.88 -23.17 -17.13
C ALA H 144 -38.74 -22.15 -16.96
N ALA H 145 -37.78 -22.45 -16.10
CA ALA H 145 -36.61 -21.61 -15.89
C ALA H 145 -35.36 -22.37 -16.27
N LEU H 146 -34.41 -21.67 -16.86
CA LEU H 146 -33.12 -22.22 -17.23
C LEU H 146 -32.07 -21.12 -17.02
N GLY H 147 -30.81 -21.49 -17.07
CA GLY H 147 -29.77 -20.48 -16.89
C GLY H 147 -28.37 -20.99 -17.11
N CYS H 148 -27.40 -20.16 -16.73
CA CYS H 148 -25.98 -20.44 -16.77
C CYS H 148 -25.34 -20.00 -15.45
N LEU H 149 -24.43 -20.84 -14.95
CA LEU H 149 -23.64 -20.55 -13.75
C LEU H 149 -22.26 -20.18 -14.28
N VAL H 150 -21.81 -18.95 -13.99
CA VAL H 150 -20.54 -18.37 -14.42
C VAL H 150 -19.66 -18.40 -13.17
N LYS H 151 -18.83 -19.44 -13.07
CA LYS H 151 -18.06 -19.70 -11.87
C LYS H 151 -16.57 -19.51 -11.95
N ASP H 152 -16.00 -19.07 -10.80
CA ASP H 152 -14.56 -18.97 -10.52
C ASP H 152 -13.81 -18.08 -11.49
N TYR H 153 -14.17 -16.80 -11.51
CA TYR H 153 -13.47 -15.83 -12.34
C TYR H 153 -12.95 -14.70 -11.48
N PHE H 154 -12.03 -13.93 -12.03
CA PHE H 154 -11.47 -12.76 -11.34
C PHE H 154 -10.71 -11.93 -12.35
N PRO H 155 -10.81 -10.58 -12.28
CA PRO H 155 -11.68 -9.78 -11.41
C PRO H 155 -13.05 -9.58 -12.07
N GLU H 156 -13.86 -8.69 -11.51
CA GLU H 156 -15.12 -8.30 -12.12
C GLU H 156 -14.76 -7.33 -13.28
N PRO H 157 -15.60 -7.14 -14.31
CA PRO H 157 -16.95 -7.70 -14.51
C PRO H 157 -16.98 -8.82 -15.54
N VAL H 158 -18.15 -9.48 -15.65
CA VAL H 158 -18.46 -10.43 -16.72
C VAL H 158 -19.74 -9.88 -17.34
N THR H 159 -19.95 -10.11 -18.64
CA THR H 159 -21.21 -9.72 -19.28
C THR H 159 -21.89 -10.99 -19.69
N VAL H 160 -23.22 -11.07 -19.50
CA VAL H 160 -23.99 -12.23 -19.91
C VAL H 160 -25.16 -11.75 -20.78
N SER H 161 -25.32 -12.37 -21.93
CA SER H 161 -26.44 -12.12 -22.83
C SER H 161 -27.02 -13.46 -23.19
N TRP H 162 -28.26 -13.47 -23.74
CA TRP H 162 -28.90 -14.69 -24.16
C TRP H 162 -29.25 -14.60 -25.63
N ASN H 163 -28.93 -15.66 -26.39
CA ASN H 163 -29.20 -15.79 -27.85
C ASN H 163 -28.68 -14.57 -28.65
N SER H 164 -27.54 -14.00 -28.18
CA SER H 164 -26.75 -12.87 -28.66
C SER H 164 -27.44 -11.49 -28.50
N GLY H 165 -28.39 -11.41 -27.57
CA GLY H 165 -29.08 -10.16 -27.26
C GLY H 165 -30.54 -10.09 -27.68
N ALA H 166 -31.02 -11.09 -28.46
CA ALA H 166 -32.41 -11.14 -28.94
C ALA H 166 -33.40 -11.52 -27.82
N LEU H 167 -32.92 -12.25 -26.79
CA LEU H 167 -33.70 -12.70 -25.63
C LEU H 167 -33.29 -11.89 -24.40
N THR H 168 -34.13 -10.92 -24.01
CA THR H 168 -33.93 -10.01 -22.87
C THR H 168 -35.08 -10.14 -21.87
N SER H 169 -36.28 -10.46 -22.37
CA SER H 169 -37.49 -10.62 -21.55
C SER H 169 -37.35 -11.83 -20.62
N GLY H 170 -37.61 -11.60 -19.33
CA GLY H 170 -37.53 -12.65 -18.31
C GLY H 170 -36.13 -12.99 -17.83
N VAL H 171 -35.11 -12.25 -18.32
CA VAL H 171 -33.72 -12.49 -17.94
C VAL H 171 -33.39 -11.80 -16.60
N HIS H 172 -32.71 -12.55 -15.69
CA HIS H 172 -32.17 -12.02 -14.45
C HIS H 172 -30.73 -12.46 -14.34
N THR H 173 -29.81 -11.49 -14.40
CA THR H 173 -28.39 -11.74 -14.24
C THR H 173 -28.08 -11.20 -12.87
N PHE H 174 -27.73 -12.10 -11.95
CA PHE H 174 -27.51 -11.74 -10.56
C PHE H 174 -26.19 -11.07 -10.28
N PRO H 175 -26.12 -10.20 -9.25
CA PRO H 175 -24.81 -9.64 -8.85
C PRO H 175 -23.86 -10.78 -8.48
N ALA H 176 -22.58 -10.65 -8.84
CA ALA H 176 -21.60 -11.68 -8.49
C ALA H 176 -21.37 -11.71 -6.97
N VAL H 177 -20.98 -12.88 -6.48
CA VAL H 177 -20.60 -13.04 -5.08
C VAL H 177 -19.12 -13.35 -5.07
N LEU H 178 -18.37 -12.78 -4.12
CA LEU H 178 -16.95 -13.08 -4.00
C LEU H 178 -16.87 -14.26 -3.06
N GLN H 179 -16.43 -15.43 -3.58
CA GLN H 179 -16.32 -16.66 -2.80
C GLN H 179 -15.10 -16.60 -1.86
N SER H 180 -15.05 -17.53 -0.87
CA SER H 180 -13.96 -17.61 0.11
C SER H 180 -12.61 -17.87 -0.57
N SER H 181 -12.64 -18.48 -1.79
CA SER H 181 -11.47 -18.73 -2.64
C SER H 181 -10.86 -17.45 -3.21
N GLY H 182 -11.59 -16.33 -3.15
CA GLY H 182 -11.16 -15.05 -3.71
C GLY H 182 -11.59 -14.89 -5.15
N LEU H 183 -12.40 -15.85 -5.67
CA LEU H 183 -12.91 -15.82 -7.03
C LEU H 183 -14.41 -15.51 -7.02
N TYR H 184 -14.89 -14.86 -8.06
CA TYR H 184 -16.32 -14.53 -8.19
C TYR H 184 -17.15 -15.66 -8.81
N SER H 185 -18.45 -15.64 -8.54
CA SER H 185 -19.40 -16.56 -9.13
C SER H 185 -20.70 -15.81 -9.30
N LEU H 186 -21.41 -16.09 -10.39
CA LEU H 186 -22.74 -15.52 -10.61
C LEU H 186 -23.58 -16.43 -11.44
N SER H 187 -24.88 -16.23 -11.35
CA SER H 187 -25.83 -16.95 -12.17
C SER H 187 -26.61 -15.98 -13.03
N SER H 188 -27.01 -16.44 -14.21
CA SER H 188 -27.90 -15.72 -15.08
C SER H 188 -29.01 -16.69 -15.42
N VAL H 189 -30.25 -16.26 -15.19
CA VAL H 189 -31.43 -17.09 -15.43
C VAL H 189 -32.41 -16.42 -16.39
N VAL H 190 -33.32 -17.22 -16.95
CA VAL H 190 -34.39 -16.76 -17.82
C VAL H 190 -35.58 -17.69 -17.64
N THR H 191 -36.79 -17.11 -17.64
CA THR H 191 -38.02 -17.91 -17.61
C THR H 191 -38.60 -17.86 -19.01
N VAL H 192 -38.99 -19.05 -19.53
CA VAL H 192 -39.52 -19.22 -20.89
C VAL H 192 -40.78 -20.11 -20.86
N PRO H 193 -41.64 -20.12 -21.91
CA PRO H 193 -42.78 -21.07 -21.91
C PRO H 193 -42.25 -22.50 -21.92
N SER H 194 -42.82 -23.37 -21.07
CA SER H 194 -42.40 -24.77 -20.96
C SER H 194 -42.58 -25.53 -22.30
N SER H 195 -43.50 -25.07 -23.16
CA SER H 195 -43.79 -25.63 -24.48
C SER H 195 -42.66 -25.37 -25.50
N SER H 196 -41.82 -24.35 -25.25
CA SER H 196 -40.72 -23.98 -26.14
C SER H 196 -39.46 -24.86 -25.95
N LEU H 197 -39.33 -25.56 -24.81
CA LEU H 197 -38.14 -26.36 -24.46
C LEU H 197 -37.71 -27.40 -25.52
N GLY H 198 -38.67 -28.02 -26.21
CA GLY H 198 -38.37 -29.01 -27.23
C GLY H 198 -37.99 -28.45 -28.59
N THR H 199 -38.45 -27.23 -28.92
CA THR H 199 -38.23 -26.59 -30.22
C THR H 199 -37.23 -25.42 -30.23
N GLN H 200 -37.13 -24.65 -29.14
CA GLN H 200 -36.25 -23.49 -29.07
C GLN H 200 -34.84 -23.79 -28.55
N THR H 201 -33.85 -23.08 -29.11
CA THR H 201 -32.45 -23.17 -28.69
C THR H 201 -32.12 -21.99 -27.75
N TYR H 202 -31.53 -22.29 -26.59
CA TYR H 202 -31.14 -21.28 -25.61
C TYR H 202 -29.63 -21.33 -25.39
N ILE H 203 -28.96 -20.21 -25.68
CA ILE H 203 -27.51 -20.08 -25.55
C ILE H 203 -27.18 -18.86 -24.71
N CYS H 204 -26.34 -19.03 -23.67
CA CYS H 204 -25.87 -17.88 -22.89
C CYS H 204 -24.50 -17.48 -23.43
N ASN H 205 -24.30 -16.18 -23.61
CA ASN H 205 -23.06 -15.64 -24.15
C ASN H 205 -22.34 -14.90 -23.03
N VAL H 206 -21.22 -15.48 -22.60
CA VAL H 206 -20.44 -14.96 -21.48
C VAL H 206 -19.15 -14.34 -21.98
N ASN H 207 -18.89 -13.11 -21.56
CA ASN H 207 -17.66 -12.41 -21.92
C ASN H 207 -16.98 -11.88 -20.68
N HIS H 208 -15.72 -12.31 -20.45
CA HIS H 208 -14.88 -11.82 -19.36
C HIS H 208 -13.67 -11.19 -20.02
N LYS H 209 -13.76 -9.89 -20.27
CA LYS H 209 -12.71 -9.11 -20.94
C LYS H 209 -11.34 -9.12 -20.21
N PRO H 210 -11.24 -9.03 -18.85
CA PRO H 210 -9.91 -9.06 -18.21
C PRO H 210 -9.03 -10.29 -18.52
N SER H 211 -9.65 -11.43 -18.87
CA SER H 211 -8.93 -12.66 -19.23
C SER H 211 -9.09 -13.03 -20.71
N ASN H 212 -9.75 -12.15 -21.51
CA ASN H 212 -10.06 -12.37 -22.93
C ASN H 212 -10.78 -13.72 -23.15
N THR H 213 -11.76 -14.02 -22.27
CA THR H 213 -12.55 -15.25 -22.33
C THR H 213 -13.96 -14.96 -22.87
N LYS H 214 -14.36 -15.73 -23.88
CA LYS H 214 -15.68 -15.67 -24.52
C LYS H 214 -16.19 -17.08 -24.61
N VAL H 215 -17.34 -17.35 -23.97
CA VAL H 215 -17.93 -18.69 -23.92
C VAL H 215 -19.40 -18.61 -24.33
N ASP H 216 -19.82 -19.52 -25.23
CA ASP H 216 -21.22 -19.65 -25.63
C ASP H 216 -21.66 -21.02 -25.14
N LYS H 217 -22.61 -21.05 -24.21
CA LYS H 217 -23.07 -22.33 -23.65
C LYS H 217 -24.52 -22.60 -23.99
N ARG H 218 -24.75 -23.71 -24.70
CA ARG H 218 -26.09 -24.17 -25.05
C ARG H 218 -26.69 -24.79 -23.79
N VAL H 219 -27.93 -24.40 -23.43
CA VAL H 219 -28.61 -24.92 -22.24
C VAL H 219 -29.76 -25.80 -22.72
N GLU H 220 -29.64 -27.12 -22.47
CA GLU H 220 -30.60 -28.14 -22.91
C GLU H 220 -31.33 -28.81 -21.74
N PRO H 221 -32.59 -29.30 -21.95
CA PRO H 221 -33.31 -30.00 -20.86
C PRO H 221 -32.64 -31.28 -20.39
N ASP I 20 24.92 -49.16 34.21
CA ASP I 20 24.33 -49.17 32.88
C ASP I 20 22.81 -49.17 32.94
N ILE I 21 22.17 -48.65 31.89
CA ILE I 21 20.72 -48.54 31.81
C ILE I 21 20.24 -49.59 30.84
N GLN I 22 19.26 -50.38 31.27
CA GLN I 22 18.64 -51.43 30.46
C GLN I 22 17.28 -50.94 29.97
N MET I 23 16.94 -51.32 28.74
CA MET I 23 15.68 -50.95 28.09
C MET I 23 14.87 -52.23 27.97
N THR I 24 13.64 -52.20 28.46
CA THR I 24 12.74 -53.35 28.37
C THR I 24 11.63 -52.99 27.40
N GLN I 25 11.59 -53.67 26.27
CA GLN I 25 10.55 -53.42 25.27
C GLN I 25 9.44 -54.41 25.43
N SER I 26 8.20 -53.97 25.17
CA SER I 26 7.03 -54.84 25.29
C SER I 26 5.97 -54.48 24.23
N PRO I 27 5.23 -55.48 23.70
CA PRO I 27 5.39 -56.94 23.91
C PRO I 27 6.54 -57.44 23.02
N ALA I 28 6.90 -58.73 23.07
CA ALA I 28 7.93 -59.26 22.18
C ALA I 28 7.39 -59.33 20.73
N SER I 29 6.12 -59.69 20.60
CA SER I 29 5.51 -59.83 19.29
C SER I 29 4.05 -59.41 19.35
N LEU I 30 3.51 -58.92 18.23
CA LEU I 30 2.09 -58.60 18.14
C LEU I 30 1.64 -58.67 16.70
N SER I 31 0.33 -58.88 16.52
CA SER I 31 -0.30 -59.06 15.23
C SER I 31 -1.51 -58.14 15.19
N VAL I 32 -1.49 -57.15 14.30
CA VAL I 32 -2.53 -56.11 14.21
C VAL I 32 -3.00 -55.89 12.77
N SER I 33 -4.33 -55.66 12.57
CA SER I 33 -4.90 -55.52 11.23
C SER I 33 -4.65 -54.17 10.62
N VAL I 34 -4.67 -54.10 9.29
CA VAL I 34 -4.56 -52.84 8.55
C VAL I 34 -5.71 -51.91 9.02
N GLY I 35 -5.36 -50.65 9.28
CA GLY I 35 -6.30 -49.62 9.73
C GLY I 35 -6.41 -49.48 11.24
N GLU I 36 -5.89 -50.47 11.99
CA GLU I 36 -5.94 -50.41 13.46
C GLU I 36 -4.76 -49.63 14.02
N THR I 37 -4.75 -49.38 15.32
CA THR I 37 -3.65 -48.67 15.99
C THR I 37 -2.71 -49.68 16.70
N VAL I 38 -1.41 -49.51 16.54
CA VAL I 38 -0.38 -50.33 17.20
C VAL I 38 0.24 -49.46 18.28
N THR I 39 0.49 -50.03 19.49
CA THR I 39 1.24 -49.35 20.57
C THR I 39 2.32 -50.31 21.05
N ILE I 40 3.56 -49.85 21.02
CA ILE I 40 4.74 -50.61 21.45
C ILE I 40 5.35 -49.78 22.56
N THR I 41 5.79 -50.43 23.64
CA THR I 41 6.35 -49.68 24.77
C THR I 41 7.79 -50.04 25.06
N CYS I 42 8.45 -49.10 25.65
CA CYS I 42 9.84 -49.20 26.04
C CYS I 42 9.97 -48.60 27.44
N ARG I 43 10.52 -49.38 28.40
CA ARG I 43 10.73 -48.95 29.77
C ARG I 43 12.22 -48.92 30.10
N ALA I 44 12.72 -47.80 30.57
CA ALA I 44 14.13 -47.69 30.95
C ALA I 44 14.26 -48.03 32.45
N SER I 45 15.41 -48.63 32.86
CA SER I 45 15.67 -48.98 34.27
C SER I 45 15.79 -47.74 35.17
N GLU I 46 16.00 -46.56 34.56
CA GLU I 46 16.04 -45.26 35.28
C GLU I 46 15.67 -44.12 34.34
N ASN I 47 15.40 -42.93 34.88
CA ASN I 47 14.99 -41.76 34.10
C ASN I 47 16.00 -41.42 33.01
N ILE I 48 15.53 -41.37 31.74
CA ILE I 48 16.43 -41.08 30.60
C ILE I 48 16.14 -39.71 29.96
N TYR I 49 15.23 -38.94 30.58
CA TYR I 49 14.94 -37.55 30.22
C TYR I 49 14.65 -37.35 28.72
N SER I 50 13.83 -38.25 28.14
CA SER I 50 13.37 -38.19 26.74
C SER I 50 14.46 -38.42 25.70
N ASN I 51 15.64 -38.93 26.11
CA ASN I 51 16.72 -39.24 25.18
C ASN I 51 16.49 -40.65 24.69
N LEU I 52 15.51 -40.80 23.79
CA LEU I 52 15.03 -42.09 23.34
C LEU I 52 14.63 -42.02 21.87
N ALA I 53 15.08 -43.02 21.12
CA ALA I 53 14.75 -43.12 19.70
C ALA I 53 14.09 -44.44 19.40
N TRP I 54 13.36 -44.48 18.28
CA TRP I 54 12.72 -45.67 17.79
C TRP I 54 13.19 -45.92 16.36
N TYR I 55 13.52 -47.18 16.07
CA TYR I 55 13.95 -47.59 14.73
C TYR I 55 13.04 -48.72 14.24
N GLN I 56 12.92 -48.84 12.91
CA GLN I 56 12.21 -49.95 12.26
C GLN I 56 13.30 -50.71 11.48
N GLN I 57 13.21 -52.03 11.44
CA GLN I 57 14.14 -52.82 10.64
C GLN I 57 13.38 -53.93 9.92
N LYS I 58 13.59 -53.99 8.62
CA LYS I 58 13.06 -55.06 7.76
C LYS I 58 14.21 -56.07 7.49
N GLN I 59 13.85 -57.31 7.09
CA GLN I 59 14.82 -58.38 6.82
C GLN I 59 15.80 -57.98 5.75
N GLY I 60 17.07 -58.24 6.01
CA GLY I 60 18.18 -57.93 5.11
C GLY I 60 18.43 -56.46 4.90
N LYS I 61 17.85 -55.58 5.77
CA LYS I 61 18.04 -54.14 5.61
C LYS I 61 18.60 -53.51 6.88
N SER I 62 19.23 -52.36 6.73
CA SER I 62 19.72 -51.58 7.85
C SER I 62 18.51 -51.00 8.61
N PRO I 63 18.63 -50.80 9.94
CA PRO I 63 17.54 -50.12 10.66
C PRO I 63 17.33 -48.70 10.12
N GLN I 64 16.11 -48.18 10.29
CA GLN I 64 15.78 -46.83 9.83
C GLN I 64 15.19 -46.07 11.03
N LEU I 65 15.69 -44.87 11.29
CA LEU I 65 15.22 -44.02 12.35
C LEU I 65 13.78 -43.55 12.09
N LEU I 66 12.90 -43.72 13.09
CA LEU I 66 11.51 -43.28 12.97
C LEU I 66 11.24 -42.05 13.80
N VAL I 67 11.62 -42.14 15.10
CA VAL I 67 11.32 -41.10 16.09
C VAL I 67 12.56 -40.84 16.90
N TYR I 68 12.85 -39.56 17.18
CA TYR I 68 14.02 -39.20 18.00
C TYR I 68 13.60 -38.25 19.10
N ALA I 69 14.38 -38.23 20.18
CA ALA I 69 14.15 -37.40 21.37
C ALA I 69 12.69 -37.61 21.85
N ALA I 70 12.29 -38.90 21.88
CA ALA I 70 11.01 -39.45 22.33
C ALA I 70 9.79 -39.11 21.47
N THR I 71 9.67 -37.86 20.97
CA THR I 71 8.43 -37.38 20.32
C THR I 71 8.56 -36.77 18.91
N ASN I 72 9.77 -36.70 18.37
CA ASN I 72 9.95 -36.08 17.05
C ASN I 72 10.03 -37.05 15.91
N LEU I 73 9.26 -36.79 14.84
CA LEU I 73 9.32 -37.66 13.65
C LEU I 73 10.55 -37.35 12.85
N ALA I 74 11.29 -38.39 12.45
CA ALA I 74 12.47 -38.20 11.61
C ALA I 74 12.02 -37.82 10.18
N ASP I 75 12.92 -37.18 9.41
CA ASP I 75 12.63 -36.76 8.02
C ASP I 75 12.19 -37.92 7.16
N GLY I 76 11.13 -37.70 6.38
CA GLY I 76 10.58 -38.73 5.50
C GLY I 76 9.71 -39.79 6.14
N VAL I 77 9.56 -39.77 7.49
CA VAL I 77 8.72 -40.79 8.15
C VAL I 77 7.23 -40.40 8.02
N PRO I 78 6.33 -41.34 7.62
CA PRO I 78 4.89 -40.99 7.51
C PRO I 78 4.30 -40.48 8.82
N SER I 79 3.33 -39.57 8.73
CA SER I 79 2.66 -38.95 9.88
C SER I 79 1.88 -39.92 10.77
N ARG I 80 1.59 -41.14 10.29
CA ARG I 80 0.88 -42.12 11.13
C ARG I 80 1.72 -42.62 12.32
N PHE I 81 3.06 -42.43 12.27
CA PHE I 81 3.94 -42.80 13.36
C PHE I 81 4.04 -41.63 14.34
N SER I 82 4.06 -41.93 15.63
CA SER I 82 4.28 -40.93 16.66
C SER I 82 4.89 -41.57 17.89
N GLY I 83 5.64 -40.78 18.62
CA GLY I 83 6.25 -41.22 19.87
C GLY I 83 5.74 -40.39 21.02
N SER I 84 5.61 -40.99 22.19
CA SER I 84 5.21 -40.26 23.37
C SER I 84 5.98 -40.80 24.58
N GLY I 85 5.93 -40.05 25.67
CA GLY I 85 6.54 -40.46 26.92
C GLY I 85 7.55 -39.50 27.48
N SER I 86 7.95 -39.78 28.72
CA SER I 86 8.94 -39.05 29.49
C SER I 86 9.33 -39.99 30.66
N GLY I 87 10.34 -39.58 31.43
CA GLY I 87 10.81 -40.36 32.56
C GLY I 87 11.38 -41.70 32.13
N THR I 88 10.75 -42.77 32.58
CA THR I 88 11.21 -44.11 32.26
C THR I 88 10.31 -44.83 31.24
N GLN I 89 9.15 -44.25 30.88
CA GLN I 89 8.17 -44.96 30.03
C GLN I 89 7.88 -44.26 28.74
N TYR I 90 8.07 -45.00 27.62
CA TYR I 90 7.95 -44.48 26.27
C TYR I 90 7.09 -45.37 25.41
N SER I 91 6.41 -44.78 24.43
CA SER I 91 5.59 -45.56 23.50
C SER I 91 5.73 -45.08 22.08
N LEU I 92 5.68 -46.02 21.15
CA LEU I 92 5.63 -45.77 19.73
C LEU I 92 4.23 -46.17 19.30
N LYS I 93 3.55 -45.27 18.58
CA LYS I 93 2.19 -45.52 18.12
C LYS I 93 2.16 -45.44 16.62
N ILE I 94 1.44 -46.38 15.99
CA ILE I 94 1.21 -46.36 14.55
C ILE I 94 -0.30 -46.28 14.41
N ASN I 95 -0.80 -45.13 13.96
CA ASN I 95 -2.23 -44.96 13.69
C ASN I 95 -2.47 -45.51 12.30
N SER I 96 -3.69 -45.98 12.00
CA SER I 96 -4.08 -46.49 10.69
C SER I 96 -2.95 -47.34 10.04
N LEU I 97 -2.60 -48.43 10.74
CA LEU I 97 -1.55 -49.35 10.30
C LEU I 97 -1.69 -49.71 8.80
N GLN I 98 -0.55 -49.73 8.08
CA GLN I 98 -0.54 -50.09 6.67
C GLN I 98 0.22 -51.40 6.50
N SER I 99 -0.06 -52.16 5.41
CA SER I 99 0.59 -53.45 5.17
C SER I 99 2.13 -53.36 5.16
N GLU I 100 2.69 -52.21 4.70
CA GLU I 100 4.17 -52.04 4.67
C GLU I 100 4.81 -51.78 6.06
N ASP I 101 4.00 -51.72 7.14
CA ASP I 101 4.52 -51.43 8.49
C ASP I 101 4.98 -52.68 9.27
N PHE I 102 4.94 -53.86 8.64
CA PHE I 102 5.45 -55.05 9.35
C PHE I 102 6.97 -54.88 9.59
N GLY I 103 7.50 -55.65 10.52
CA GLY I 103 8.95 -55.67 10.76
C GLY I 103 9.28 -55.65 12.22
N ASN I 104 10.55 -55.35 12.53
CA ASN I 104 11.02 -55.29 13.91
C ASN I 104 11.22 -53.86 14.32
N TYR I 105 10.85 -53.56 15.54
CA TYR I 105 10.97 -52.21 16.06
C TYR I 105 11.89 -52.23 17.27
N TYR I 106 12.79 -51.24 17.39
CA TYR I 106 13.69 -51.19 18.53
C TYR I 106 13.73 -49.80 19.10
N CYS I 107 13.83 -49.70 20.44
CA CYS I 107 14.09 -48.42 21.09
C CYS I 107 15.58 -48.37 21.44
N GLN I 108 16.14 -47.18 21.69
CA GLN I 108 17.54 -47.00 22.11
C GLN I 108 17.57 -45.74 22.95
N HIS I 109 18.34 -45.75 24.06
CA HIS I 109 18.47 -44.57 24.91
C HIS I 109 19.83 -43.93 24.65
N PHE I 110 19.95 -42.62 24.99
CA PHE I 110 21.21 -41.86 24.86
C PHE I 110 21.47 -41.09 26.13
N TRP I 111 21.13 -41.71 27.27
CA TRP I 111 21.30 -41.04 28.56
C TRP I 111 22.48 -41.54 29.35
N GLY I 112 23.28 -40.63 29.88
CA GLY I 112 24.39 -40.94 30.76
C GLY I 112 25.59 -41.54 30.03
N THR I 113 26.53 -42.02 30.80
CA THR I 113 27.74 -42.63 30.27
C THR I 113 27.33 -43.85 29.44
N PRO I 114 27.86 -44.02 28.22
CA PRO I 114 27.53 -45.24 27.44
C PRO I 114 27.80 -46.53 28.23
N PRO I 115 27.18 -47.68 27.90
CA PRO I 115 26.45 -47.99 26.66
C PRO I 115 25.08 -47.34 26.47
N TRP I 116 24.82 -46.96 25.20
CA TRP I 116 23.56 -46.37 24.74
C TRP I 116 22.80 -47.53 24.12
N THR I 117 22.22 -48.33 24.99
CA THR I 117 21.65 -49.65 24.69
C THR I 117 20.31 -49.65 23.99
N PHE I 118 20.07 -50.72 23.22
CA PHE I 118 18.80 -50.94 22.54
C PHE I 118 17.89 -51.83 23.39
N GLY I 119 16.59 -51.67 23.19
CA GLY I 119 15.59 -52.58 23.74
C GLY I 119 15.73 -53.91 23.01
N GLY I 120 15.09 -54.97 23.55
CA GLY I 120 15.14 -56.31 22.94
C GLY I 120 14.36 -56.46 21.64
N GLY I 121 13.58 -55.46 21.27
CA GLY I 121 12.80 -55.49 20.02
C GLY I 121 11.38 -55.97 20.15
N THR I 122 10.54 -55.56 19.18
CA THR I 122 9.15 -56.00 19.04
C THR I 122 8.96 -56.40 17.61
N LYS I 123 8.45 -57.62 17.37
CA LYS I 123 8.21 -58.07 16.00
C LYS I 123 6.71 -57.81 15.70
N LEU I 124 6.43 -56.95 14.71
CA LEU I 124 5.06 -56.61 14.34
C LEU I 124 4.66 -57.37 13.10
N GLU I 125 3.59 -58.14 13.23
CA GLU I 125 3.03 -58.86 12.08
C GLU I 125 1.75 -58.11 11.67
N ILE I 126 1.45 -58.04 10.36
CA ILE I 126 0.19 -57.45 9.90
C ILE I 126 -0.82 -58.60 9.90
N LYS I 127 -1.88 -58.50 10.69
CA LYS I 127 -2.91 -59.54 10.73
C LYS I 127 -3.80 -59.32 9.50
N ARG I 128 -4.26 -60.40 8.89
CA ARG I 128 -5.15 -60.28 7.72
C ARG I 128 -6.06 -61.50 7.74
N THR I 129 -6.96 -61.60 6.78
CA THR I 129 -7.84 -62.78 6.70
C THR I 129 -6.99 -64.02 6.37
N VAL I 130 -7.53 -65.19 6.70
CA VAL I 130 -6.83 -66.44 6.41
C VAL I 130 -6.76 -66.60 4.87
N ALA I 131 -5.62 -67.10 4.39
CA ALA I 131 -5.41 -67.36 2.97
C ALA I 131 -4.73 -68.71 2.87
N ALA I 132 -5.35 -69.62 2.12
CA ALA I 132 -4.81 -70.97 1.93
C ALA I 132 -3.56 -70.89 1.08
N PRO I 133 -2.58 -71.77 1.27
CA PRO I 133 -1.43 -71.78 0.34
C PRO I 133 -1.79 -72.43 -1.00
N SER I 134 -1.10 -72.02 -2.07
CA SER I 134 -1.13 -72.69 -3.35
C SER I 134 0.11 -73.60 -3.27
N VAL I 135 -0.09 -74.90 -3.51
CA VAL I 135 0.96 -75.89 -3.31
C VAL I 135 1.53 -76.38 -4.63
N PHE I 136 2.87 -76.48 -4.70
CA PHE I 136 3.57 -76.94 -5.89
C PHE I 136 4.66 -77.93 -5.47
N ILE I 137 4.84 -78.98 -6.26
CA ILE I 137 5.89 -79.96 -5.98
C ILE I 137 6.87 -80.02 -7.16
N PHE I 138 8.17 -80.12 -6.88
CA PHE I 138 9.20 -80.17 -7.92
C PHE I 138 10.06 -81.42 -7.74
N PRO I 139 10.14 -82.26 -8.78
CA PRO I 139 11.06 -83.42 -8.69
C PRO I 139 12.51 -82.95 -8.77
N PRO I 140 13.50 -83.81 -8.36
CA PRO I 140 14.90 -83.42 -8.57
C PRO I 140 15.19 -83.34 -10.06
N SER I 141 16.08 -82.43 -10.45
CA SER I 141 16.44 -82.28 -11.85
C SER I 141 17.34 -83.45 -12.26
N ASP I 142 17.40 -83.77 -13.58
CA ASP I 142 18.28 -84.82 -14.07
C ASP I 142 19.75 -84.48 -13.78
N GLU I 143 20.09 -83.17 -13.85
CA GLU I 143 21.43 -82.62 -13.59
C GLU I 143 21.90 -83.00 -12.15
N GLN I 144 21.03 -82.82 -11.14
CA GLN I 144 21.37 -83.16 -9.75
C GLN I 144 21.53 -84.66 -9.55
N LEU I 145 20.65 -85.47 -10.17
CA LEU I 145 20.67 -86.93 -10.03
C LEU I 145 22.04 -87.51 -10.44
N LYS I 146 22.70 -86.91 -11.45
CA LYS I 146 24.04 -87.30 -11.93
C LYS I 146 25.10 -87.23 -10.82
N SER I 147 24.93 -86.30 -9.85
CA SER I 147 25.84 -86.08 -8.72
C SER I 147 25.62 -87.02 -7.50
N GLY I 148 24.58 -87.88 -7.54
CA GLY I 148 24.31 -88.84 -6.47
C GLY I 148 23.28 -88.46 -5.42
N THR I 149 22.73 -87.23 -5.50
CA THR I 149 21.73 -86.76 -4.53
C THR I 149 20.44 -86.35 -5.23
N ALA I 150 19.33 -86.39 -4.50
CA ALA I 150 18.03 -86.02 -5.00
C ALA I 150 17.39 -85.07 -4.00
N SER I 151 17.02 -83.88 -4.46
CA SER I 151 16.29 -82.93 -3.60
C SER I 151 14.90 -82.80 -4.19
N VAL I 152 13.85 -83.03 -3.39
CA VAL I 152 12.46 -82.90 -3.82
C VAL I 152 11.97 -81.66 -3.10
N VAL I 153 11.36 -80.72 -3.82
CA VAL I 153 10.95 -79.43 -3.20
C VAL I 153 9.45 -79.25 -3.25
N CYS I 154 8.88 -78.79 -2.12
CA CYS I 154 7.45 -78.50 -1.98
C CYS I 154 7.35 -77.02 -1.63
N LEU I 155 6.56 -76.27 -2.43
CA LEU I 155 6.38 -74.83 -2.24
C LEU I 155 4.94 -74.57 -1.76
N LEU I 156 4.78 -73.79 -0.67
CA LEU I 156 3.49 -73.36 -0.13
C LEU I 156 3.50 -71.84 -0.38
N ASN I 157 2.70 -71.40 -1.33
CA ASN I 157 2.78 -70.01 -1.73
C ASN I 157 1.65 -69.12 -1.24
N ASN I 158 2.04 -67.93 -0.72
CA ASN I 158 1.15 -66.84 -0.33
C ASN I 158 0.00 -67.26 0.59
N PHE I 159 0.34 -67.64 1.81
CA PHE I 159 -0.65 -68.09 2.81
C PHE I 159 -0.60 -67.24 4.08
N TYR I 160 -1.64 -67.33 4.88
CA TYR I 160 -1.74 -66.63 6.16
C TYR I 160 -2.74 -67.42 7.02
N PRO I 161 -2.46 -67.75 8.30
CA PRO I 161 -1.30 -67.37 9.13
C PRO I 161 -0.04 -68.16 8.81
N ARG I 162 1.05 -67.79 9.48
CA ARG I 162 2.37 -68.40 9.23
C ARG I 162 2.42 -69.91 9.53
N GLU I 163 1.63 -70.36 10.51
CA GLU I 163 1.65 -71.77 10.94
C GLU I 163 1.16 -72.71 9.83
N ALA I 164 1.98 -73.70 9.47
CA ALA I 164 1.64 -74.65 8.39
C ALA I 164 2.37 -75.94 8.67
N LYS I 165 1.79 -77.06 8.24
CA LYS I 165 2.40 -78.36 8.43
C LYS I 165 2.62 -79.00 7.06
N VAL I 166 3.84 -79.47 6.81
CA VAL I 166 4.18 -80.17 5.56
C VAL I 166 4.56 -81.60 5.98
N GLN I 167 3.99 -82.59 5.32
CA GLN I 167 4.33 -83.98 5.58
C GLN I 167 4.75 -84.58 4.24
N TRP I 168 5.95 -85.13 4.17
CA TRP I 168 6.44 -85.77 2.94
C TRP I 168 6.08 -87.25 2.98
N LYS I 169 5.65 -87.79 1.82
CA LYS I 169 5.33 -89.22 1.71
C LYS I 169 6.04 -89.79 0.48
N VAL I 170 6.66 -90.96 0.63
CA VAL I 170 7.38 -91.65 -0.45
C VAL I 170 6.74 -93.03 -0.51
N ASP I 171 6.00 -93.33 -1.62
CA ASP I 171 5.22 -94.57 -1.78
C ASP I 171 4.28 -94.76 -0.57
N ASN I 172 3.64 -93.63 -0.16
CA ASN I 172 2.72 -93.47 0.98
C ASN I 172 3.38 -93.61 2.36
N ALA I 173 4.70 -93.86 2.43
CA ALA I 173 5.41 -93.94 3.72
C ALA I 173 5.77 -92.54 4.21
N LEU I 174 5.28 -92.17 5.41
CA LEU I 174 5.55 -90.87 6.03
C LEU I 174 7.04 -90.74 6.32
N GLN I 175 7.62 -89.62 5.89
CA GLN I 175 9.05 -89.34 6.04
C GLN I 175 9.30 -88.54 7.30
N SER I 176 10.46 -88.75 7.90
CA SER I 176 10.86 -87.95 9.06
C SER I 176 12.38 -87.86 9.14
N GLY I 177 12.88 -86.72 9.59
CA GLY I 177 14.31 -86.46 9.78
C GLY I 177 15.13 -86.17 8.53
N ASN I 178 14.51 -86.20 7.34
CA ASN I 178 15.20 -86.00 6.06
C ASN I 178 14.67 -84.79 5.28
N SER I 179 14.02 -83.83 5.96
CA SER I 179 13.52 -82.61 5.33
C SER I 179 13.92 -81.36 6.12
N GLN I 180 13.97 -80.23 5.43
CA GLN I 180 14.25 -78.92 6.05
C GLN I 180 13.36 -77.90 5.36
N GLU I 181 12.92 -76.91 6.09
CA GLU I 181 12.09 -75.86 5.52
C GLU I 181 12.51 -74.48 5.98
N SER I 182 12.06 -73.47 5.21
CA SER I 182 12.28 -72.06 5.56
C SER I 182 11.10 -71.24 5.04
N VAL I 183 10.90 -70.09 5.67
CA VAL I 183 9.72 -69.24 5.41
C VAL I 183 10.17 -67.82 5.10
N THR I 184 9.49 -67.18 4.15
CA THR I 184 9.82 -65.79 3.80
C THR I 184 9.26 -64.84 4.86
N GLU I 185 9.74 -63.59 4.81
CA GLU I 185 9.21 -62.50 5.61
C GLU I 185 7.82 -62.19 5.02
N GLN I 186 6.94 -61.60 5.85
CA GLN I 186 5.60 -61.22 5.41
C GLN I 186 5.68 -60.30 4.16
N ASP I 187 4.82 -60.53 3.16
CA ASP I 187 4.78 -59.72 1.94
C ASP I 187 4.27 -58.29 2.26
N SER I 188 4.94 -57.25 1.71
CA SER I 188 4.58 -55.84 2.03
C SER I 188 3.21 -55.40 1.50
N LYS I 189 2.71 -56.03 0.44
CA LYS I 189 1.40 -55.67 -0.16
C LYS I 189 0.25 -56.61 0.30
N ASP I 190 0.43 -57.94 0.26
CA ASP I 190 -0.70 -58.82 0.61
C ASP I 190 -0.59 -59.49 2.01
N SER I 191 0.50 -59.19 2.77
CA SER I 191 0.69 -59.67 4.14
C SER I 191 0.74 -61.21 4.29
N THR I 192 1.06 -61.93 3.18
CA THR I 192 1.16 -63.38 3.25
C THR I 192 2.62 -63.84 3.44
N TYR I 193 2.77 -65.15 3.70
CA TYR I 193 4.05 -65.83 3.82
C TYR I 193 4.15 -66.87 2.74
N SER I 194 5.37 -67.33 2.46
CA SER I 194 5.55 -68.49 1.57
C SER I 194 6.54 -69.39 2.26
N LEU I 195 6.48 -70.68 1.97
CA LEU I 195 7.36 -71.66 2.61
C LEU I 195 7.88 -72.62 1.57
N SER I 196 9.16 -73.01 1.74
CA SER I 196 9.80 -73.99 0.86
C SER I 196 10.27 -75.13 1.76
N SER I 197 9.95 -76.38 1.39
CA SER I 197 10.41 -77.55 2.14
C SER I 197 11.22 -78.43 1.18
N THR I 198 12.40 -78.91 1.61
CA THR I 198 13.20 -79.80 0.75
C THR I 198 13.35 -81.14 1.40
N LEU I 199 13.02 -82.21 0.65
CA LEU I 199 13.21 -83.59 1.11
C LEU I 199 14.51 -84.06 0.43
N THR I 200 15.49 -84.53 1.22
CA THR I 200 16.77 -84.99 0.65
C THR I 200 16.91 -86.49 0.77
N LEU I 201 17.16 -87.17 -0.35
CA LEU I 201 17.38 -88.60 -0.41
C LEU I 201 18.61 -88.86 -1.26
N SER I 202 19.22 -90.04 -1.10
CA SER I 202 20.34 -90.41 -1.99
C SER I 202 19.69 -90.74 -3.34
N LYS I 203 20.48 -90.71 -4.44
CA LYS I 203 19.99 -91.10 -5.78
C LYS I 203 19.44 -92.53 -5.74
N ALA I 204 20.15 -93.46 -5.07
CA ALA I 204 19.75 -94.87 -4.96
C ALA I 204 18.37 -95.03 -4.29
N ASP I 205 18.13 -94.32 -3.17
CA ASP I 205 16.86 -94.35 -2.47
C ASP I 205 15.74 -93.75 -3.33
N TYR I 206 16.04 -92.64 -4.03
CA TYR I 206 15.08 -91.99 -4.93
C TYR I 206 14.61 -92.91 -6.06
N GLU I 207 15.56 -93.65 -6.66
CA GLU I 207 15.24 -94.56 -7.77
C GLU I 207 14.52 -95.86 -7.34
N LYS I 208 14.50 -96.15 -6.03
CA LYS I 208 13.82 -97.34 -5.48
C LYS I 208 12.31 -97.09 -5.31
N HIS I 209 11.85 -95.83 -5.39
CA HIS I 209 10.44 -95.51 -5.15
C HIS I 209 9.77 -94.76 -6.31
N LYS I 210 8.44 -94.80 -6.37
CA LYS I 210 7.66 -94.18 -7.45
C LYS I 210 6.93 -92.87 -7.08
N VAL I 211 6.06 -92.91 -6.06
CA VAL I 211 5.19 -91.78 -5.71
C VAL I 211 5.84 -90.88 -4.69
N TYR I 212 5.98 -89.61 -5.05
CA TYR I 212 6.54 -88.58 -4.16
C TYR I 212 5.47 -87.58 -3.91
N ALA I 213 5.12 -87.39 -2.63
CA ALA I 213 4.01 -86.48 -2.30
C ALA I 213 4.34 -85.56 -1.15
N CYS I 214 3.78 -84.35 -1.20
CA CYS I 214 3.86 -83.46 -0.06
C CYS I 214 2.43 -83.07 0.30
N GLU I 215 2.09 -83.35 1.57
CA GLU I 215 0.75 -83.12 2.12
C GLU I 215 0.80 -81.92 3.03
N VAL I 216 -0.11 -80.96 2.78
CA VAL I 216 -0.12 -79.68 3.46
C VAL I 216 -1.35 -79.51 4.32
N THR I 217 -1.14 -79.13 5.59
CA THR I 217 -2.21 -78.81 6.52
C THR I 217 -2.06 -77.33 6.87
N HIS I 218 -3.17 -76.57 6.79
CA HIS I 218 -3.12 -75.14 7.10
C HIS I 218 -4.55 -74.70 7.43
N GLN I 219 -4.69 -73.65 8.26
CA GLN I 219 -6.03 -73.11 8.63
C GLN I 219 -6.92 -72.74 7.41
N GLY I 220 -6.27 -72.35 6.30
CA GLY I 220 -6.96 -71.99 5.06
C GLY I 220 -7.49 -73.16 4.24
N LEU I 221 -7.21 -74.39 4.67
CA LEU I 221 -7.66 -75.60 3.97
C LEU I 221 -8.59 -76.40 4.88
N SER I 222 -9.82 -76.70 4.41
CA SER I 222 -10.78 -77.46 5.24
C SER I 222 -10.33 -78.91 5.43
N SER I 223 -9.50 -79.43 4.51
CA SER I 223 -8.88 -80.75 4.61
C SER I 223 -7.48 -80.66 3.93
N PRO I 224 -6.49 -81.49 4.37
CA PRO I 224 -5.13 -81.38 3.79
C PRO I 224 -5.06 -81.50 2.27
N VAL I 225 -4.14 -80.74 1.65
CA VAL I 225 -3.92 -80.75 0.21
C VAL I 225 -2.66 -81.55 -0.08
N THR I 226 -2.75 -82.51 -1.02
CA THR I 226 -1.59 -83.29 -1.44
C THR I 226 -1.22 -82.97 -2.88
N LYS I 227 0.08 -82.69 -3.13
CA LYS I 227 0.59 -82.55 -4.49
C LYS I 227 1.60 -83.65 -4.65
N SER I 228 1.57 -84.35 -5.78
CA SER I 228 2.46 -85.47 -5.99
C SER I 228 2.90 -85.62 -7.44
N PHE I 229 3.93 -86.45 -7.65
CA PHE I 229 4.39 -86.84 -8.97
C PHE I 229 4.85 -88.28 -8.90
N ASN I 230 4.89 -88.96 -10.06
CA ASN I 230 5.44 -90.33 -10.15
C ASN I 230 6.80 -90.21 -10.84
N ARG I 231 7.85 -90.76 -10.22
CA ARG I 231 9.20 -90.73 -10.79
C ARG I 231 9.21 -91.60 -12.08
N THR J 5 12.29 -27.40 27.98
CA THR J 5 13.13 -26.59 28.84
C THR J 5 14.52 -27.18 29.07
N THR J 6 14.75 -28.51 28.95
CA THR J 6 16.08 -29.12 29.19
C THR J 6 16.55 -29.95 27.99
N VAL J 7 17.82 -29.80 27.61
CA VAL J 7 18.40 -30.55 26.50
C VAL J 7 19.76 -31.05 26.96
N ALA J 8 20.13 -32.25 26.51
CA ALA J 8 21.45 -32.78 26.83
C ALA J 8 22.39 -32.45 25.67
N PHE J 9 23.68 -32.25 25.96
CA PHE J 9 24.69 -31.99 24.93
C PHE J 9 26.02 -32.53 25.43
N ASP J 10 26.84 -33.02 24.50
CA ASP J 10 28.13 -33.58 24.87
C ASP J 10 29.25 -32.55 24.81
N VAL J 11 30.03 -32.50 25.90
CA VAL J 11 31.23 -31.65 25.98
C VAL J 11 32.33 -32.52 25.41
N ARG J 12 32.96 -32.00 24.34
CA ARG J 12 33.97 -32.71 23.57
C ARG J 12 35.36 -32.18 23.87
N PRO J 13 36.20 -32.93 24.59
CA PRO J 13 37.57 -32.45 24.85
C PRO J 13 38.44 -32.59 23.61
N GLY J 14 39.70 -32.20 23.74
CA GLY J 14 40.66 -32.28 22.64
C GLY J 14 41.23 -30.96 22.24
N GLY J 15 40.61 -29.86 22.66
CA GLY J 15 41.15 -28.53 22.39
C GLY J 15 40.42 -27.69 21.39
N VAL J 16 39.53 -28.31 20.57
CA VAL J 16 38.73 -27.56 19.63
C VAL J 16 37.72 -26.73 20.45
N VAL J 17 37.55 -25.46 20.09
CA VAL J 17 36.58 -24.57 20.71
C VAL J 17 35.20 -24.95 20.18
N HIS J 18 34.30 -25.35 21.08
CA HIS J 18 32.94 -25.72 20.71
C HIS J 18 31.93 -24.85 21.42
N SER J 19 30.70 -24.84 20.91
CA SER J 19 29.64 -24.09 21.56
C SER J 19 28.35 -24.90 21.46
N PHE J 20 27.44 -24.66 22.39
CA PHE J 20 26.12 -25.25 22.35
C PHE J 20 25.17 -24.16 22.77
N SER J 21 24.09 -24.01 22.01
CA SER J 21 23.11 -22.98 22.34
C SER J 21 21.69 -23.50 22.27
N HIS J 22 20.79 -22.83 22.99
CA HIS J 22 19.37 -23.16 23.00
C HIS J 22 18.58 -21.88 23.28
N ASN J 23 17.37 -21.81 22.77
CA ASN J 23 16.46 -20.65 22.94
C ASN J 23 15.40 -20.94 24.00
N THR J 31 18.81 -16.32 23.80
CA THR J 31 19.53 -17.58 23.62
C THR J 31 20.66 -17.76 24.62
N CYS J 32 20.72 -18.92 25.28
CA CYS J 32 21.82 -19.23 26.18
C CYS J 32 22.85 -19.97 25.38
N MET J 33 24.11 -19.52 25.45
CA MET J 33 25.20 -20.15 24.69
C MET J 33 26.34 -20.47 25.62
N PHE J 34 26.84 -21.71 25.52
CA PHE J 34 27.99 -22.19 26.29
C PHE J 34 29.12 -22.46 25.29
N THR J 35 30.26 -21.76 25.46
CA THR J 35 31.46 -21.91 24.60
C THR J 35 32.60 -22.42 25.49
N TYR J 36 33.33 -23.43 25.03
CA TYR J 36 34.38 -24.00 25.85
C TYR J 36 35.45 -24.64 24.98
N ALA J 37 36.59 -24.97 25.63
CA ALA J 37 37.60 -25.85 25.07
C ALA J 37 38.05 -26.65 26.28
N SER J 38 38.24 -27.96 26.10
CA SER J 38 38.61 -28.80 27.25
C SER J 38 39.51 -29.95 26.85
N GLN J 39 40.08 -30.61 27.86
CA GLN J 39 40.95 -31.78 27.70
C GLN J 39 40.50 -32.86 28.67
N GLY J 40 40.64 -34.11 28.28
CA GLY J 40 40.21 -35.22 29.11
C GLY J 40 40.12 -36.50 28.33
N GLY J 41 39.83 -37.57 29.04
CA GLY J 41 39.80 -38.90 28.45
C GLY J 41 38.51 -39.32 27.77
N THR J 42 37.38 -38.67 28.07
CA THR J 42 36.09 -39.08 27.49
C THR J 42 35.23 -37.86 27.14
N ASN J 43 34.27 -38.06 26.24
CA ASN J 43 33.28 -37.01 25.97
C ASN J 43 32.30 -37.12 27.12
N GLU J 44 31.75 -36.00 27.60
CA GLU J 44 30.85 -36.04 28.73
C GLU J 44 29.53 -35.45 28.36
N GLN J 45 28.46 -36.13 28.76
CA GLN J 45 27.13 -35.59 28.53
C GLN J 45 26.77 -34.60 29.65
N TRP J 46 26.41 -33.38 29.25
CA TRP J 46 25.97 -32.32 30.14
C TRP J 46 24.54 -32.00 29.78
N GLN J 47 23.88 -31.17 30.61
CA GLN J 47 22.54 -30.67 30.33
C GLN J 47 22.53 -29.16 30.38
N MET J 48 21.63 -28.57 29.58
CA MET J 48 21.36 -27.14 29.58
C MET J 48 19.87 -27.03 29.85
N SER J 49 19.49 -26.31 30.91
CA SER J 49 18.09 -26.09 31.24
C SER J 49 17.79 -24.61 31.17
N LEU J 50 16.68 -24.25 30.52
CA LEU J 50 16.28 -22.87 30.31
C LEU J 50 14.90 -22.68 30.87
N GLY J 51 14.74 -21.64 31.67
CA GLY J 51 13.46 -21.33 32.27
C GLY J 51 13.18 -19.84 32.27
N THR J 52 11.91 -19.47 32.30
CA THR J 52 11.51 -18.07 32.37
C THR J 52 10.73 -17.94 33.69
N SER J 53 10.94 -16.84 34.43
CA SER J 53 10.26 -16.53 35.69
C SER J 53 8.74 -16.43 35.50
N GLU J 54 7.99 -16.53 36.62
CA GLU J 54 6.55 -16.41 36.64
C GLU J 54 6.12 -15.08 35.98
N ASP J 55 6.78 -13.95 36.34
CA ASP J 55 6.49 -12.63 35.79
C ASP J 55 7.10 -12.38 34.38
N HIS J 56 7.76 -13.40 33.79
CA HIS J 56 8.39 -13.41 32.45
C HIS J 56 9.48 -12.36 32.25
N GLN J 57 9.99 -11.79 33.36
CA GLN J 57 11.01 -10.75 33.34
C GLN J 57 12.41 -11.28 33.55
N HIS J 58 12.52 -12.55 33.97
CA HIS J 58 13.80 -13.17 34.21
C HIS J 58 13.92 -14.48 33.45
N PHE J 59 15.13 -14.75 32.95
CA PHE J 59 15.46 -15.94 32.19
C PHE J 59 16.61 -16.61 32.91
N THR J 60 16.49 -17.93 33.15
CA THR J 60 17.53 -18.68 33.87
C THR J 60 18.13 -19.73 32.98
N CYS J 61 19.46 -19.77 32.93
CA CYS J 61 20.15 -20.80 32.17
C CYS J 61 21.06 -21.55 33.12
N THR J 62 20.92 -22.88 33.16
CA THR J 62 21.75 -23.75 34.00
C THR J 62 22.43 -24.73 33.10
N ILE J 63 23.76 -24.83 33.21
CA ILE J 63 24.57 -25.74 32.41
C ILE J 63 25.30 -26.62 33.39
N TRP J 64 25.13 -27.94 33.32
CA TRP J 64 25.80 -28.78 34.32
C TRP J 64 26.03 -30.22 33.89
N ARG J 65 26.88 -30.93 34.62
CA ARG J 65 27.19 -32.34 34.40
C ARG J 65 26.26 -33.12 35.36
N PRO J 66 25.21 -33.83 34.85
CA PRO J 66 24.21 -34.43 35.77
C PRO J 66 24.74 -35.45 36.77
N GLN J 67 25.83 -36.14 36.44
CA GLN J 67 26.45 -37.11 37.34
C GLN J 67 27.12 -36.40 38.56
N GLY J 68 27.18 -35.07 38.50
CA GLY J 68 27.69 -34.24 39.57
C GLY J 68 29.11 -33.75 39.33
N LYS J 69 30.03 -34.66 39.02
CA LYS J 69 31.43 -34.27 38.86
C LYS J 69 31.97 -34.49 37.48
N SER J 70 32.44 -33.43 36.84
CA SER J 70 33.08 -33.50 35.53
C SER J 70 34.54 -33.92 35.75
N TYR J 71 35.04 -34.80 34.88
CA TYR J 71 36.42 -35.25 34.93
C TYR J 71 37.24 -34.60 33.81
N LEU J 72 36.69 -33.58 33.17
CA LEU J 72 37.39 -32.83 32.11
C LEU J 72 38.13 -31.65 32.70
N TYR J 73 39.07 -31.13 31.94
CA TYR J 73 39.87 -29.98 32.37
C TYR J 73 39.66 -28.90 31.35
N PHE J 74 38.97 -27.84 31.75
CA PHE J 74 38.61 -26.75 30.86
C PHE J 74 39.73 -25.76 30.72
N THR J 75 40.07 -25.41 29.46
CA THR J 75 41.11 -24.40 29.22
C THR J 75 40.45 -23.03 29.08
N GLN J 76 39.15 -23.02 28.79
CA GLN J 76 38.34 -21.81 28.68
C GLN J 76 36.88 -22.15 28.79
N PHE J 77 36.09 -21.21 29.29
CA PHE J 77 34.65 -21.37 29.30
C PHE J 77 34.02 -20.00 29.26
N LYS J 78 32.82 -19.94 28.64
CA LYS J 78 32.05 -18.69 28.58
C LYS J 78 30.58 -19.10 28.39
N ALA J 79 29.73 -18.57 29.25
CA ALA J 79 28.30 -18.75 29.08
C ALA J 79 27.73 -17.35 28.92
N GLU J 80 26.88 -17.17 27.89
CA GLU J 80 26.28 -15.87 27.55
C GLU J 80 24.77 -16.04 27.36
N VAL J 81 24.01 -14.99 27.63
CA VAL J 81 22.56 -14.97 27.42
C VAL J 81 22.28 -13.81 26.47
N ARG J 82 22.02 -14.12 25.20
CA ARG J 82 21.71 -13.07 24.20
C ARG J 82 20.29 -12.54 24.41
N GLY J 83 20.12 -11.22 24.32
CA GLY J 83 18.83 -10.53 24.50
C GLY J 83 18.47 -10.25 25.94
N ALA J 84 19.45 -10.42 26.85
CA ALA J 84 19.30 -10.25 28.28
C ALA J 84 20.59 -9.76 28.95
N GLU J 85 20.46 -9.22 30.18
CA GLU J 85 21.55 -8.71 31.01
C GLU J 85 21.61 -9.54 32.28
N ILE J 86 22.81 -10.07 32.61
CA ILE J 86 23.06 -10.91 33.78
C ILE J 86 22.81 -10.15 35.09
N GLU J 87 22.00 -10.74 35.98
CA GLU J 87 21.69 -10.21 37.30
C GLU J 87 22.48 -10.99 38.34
N TYR J 88 22.67 -12.30 38.10
CA TYR J 88 23.35 -13.22 38.99
C TYR J 88 24.00 -14.32 38.18
N ALA J 89 25.20 -14.73 38.59
CA ALA J 89 25.85 -15.89 37.96
C ALA J 89 26.74 -16.59 38.98
N MET J 90 26.81 -17.91 38.90
CA MET J 90 27.63 -18.71 39.80
C MET J 90 28.25 -19.86 38.99
N ALA J 91 29.48 -20.21 39.34
CA ALA J 91 30.22 -21.31 38.72
C ALA J 91 30.65 -22.26 39.84
N TYR J 92 30.66 -23.57 39.53
CA TYR J 92 30.92 -24.63 40.49
C TYR J 92 31.88 -25.67 39.92
N SER J 93 32.77 -26.20 40.77
CA SER J 93 33.68 -27.28 40.39
C SER J 93 32.96 -28.63 40.47
N LYS J 94 31.89 -28.69 41.29
CA LYS J 94 31.06 -29.88 41.49
C LYS J 94 29.57 -29.49 41.58
N ALA J 95 28.71 -30.19 40.82
CA ALA J 95 27.26 -29.96 40.82
C ALA J 95 26.61 -30.89 41.83
N ALA J 96 25.53 -30.42 42.49
CA ALA J 96 24.75 -31.22 43.42
C ALA J 96 24.22 -32.48 42.71
N PHE J 97 24.33 -33.63 43.37
CA PHE J 97 23.87 -34.93 42.88
C PHE J 97 23.57 -35.81 44.08
N GLU J 98 22.39 -36.45 44.09
CA GLU J 98 21.89 -37.31 45.19
C GLU J 98 21.90 -36.48 46.48
N ARG J 99 22.74 -36.88 47.47
CA ARG J 99 22.88 -36.20 48.75
C ARG J 99 24.10 -35.26 48.80
N GLU J 100 24.98 -35.30 47.75
CA GLU J 100 26.18 -34.46 47.65
C GLU J 100 25.81 -33.06 47.18
N SER J 101 26.38 -32.04 47.81
CA SER J 101 26.04 -30.66 47.49
C SER J 101 26.96 -29.99 46.45
N ASP J 102 26.53 -28.83 45.92
CA ASP J 102 27.27 -27.97 45.01
C ASP J 102 28.58 -27.53 45.68
N VAL J 103 29.66 -27.44 44.92
CA VAL J 103 30.95 -26.92 45.42
C VAL J 103 31.28 -25.72 44.53
N PRO J 104 31.07 -24.46 44.99
CA PRO J 104 31.39 -23.32 44.11
C PRO J 104 32.87 -23.19 43.83
N LEU J 105 33.19 -22.59 42.70
CA LEU J 105 34.53 -22.17 42.39
C LEU J 105 34.89 -21.04 43.38
N LYS J 106 36.17 -20.77 43.55
CA LYS J 106 36.57 -19.61 44.32
C LYS J 106 36.18 -18.40 43.42
N THR J 107 35.75 -17.29 44.04
CA THR J 107 35.36 -16.05 43.37
C THR J 107 36.41 -15.58 42.33
N GLU J 108 37.70 -15.71 42.65
CA GLU J 108 38.85 -15.31 41.80
C GLU J 108 38.94 -16.08 40.48
N GLU J 109 38.30 -17.25 40.43
CA GLU J 109 38.37 -18.14 39.28
C GLU J 109 37.61 -17.70 38.07
N PHE J 110 36.61 -16.83 38.25
CA PHE J 110 35.74 -16.47 37.12
C PHE J 110 35.27 -15.04 37.23
N GLU J 111 34.79 -14.51 36.11
CA GLU J 111 34.35 -13.11 36.02
C GLU J 111 32.94 -13.05 35.49
N VAL J 112 32.15 -12.14 36.06
CA VAL J 112 30.78 -11.95 35.65
C VAL J 112 30.64 -10.53 35.09
N THR J 113 30.23 -10.43 33.81
CA THR J 113 30.00 -9.14 33.16
C THR J 113 28.50 -8.97 32.90
N LYS J 114 28.14 -7.92 32.15
CA LYS J 114 26.77 -7.61 31.77
C LYS J 114 26.11 -8.70 30.95
N THR J 115 26.88 -9.37 30.09
CA THR J 115 26.31 -10.39 29.20
C THR J 115 26.95 -11.76 29.32
N ALA J 116 28.08 -11.90 30.02
CA ALA J 116 28.71 -13.21 30.11
C ALA J 116 29.32 -13.57 31.46
N VAL J 117 29.49 -14.87 31.69
CA VAL J 117 30.21 -15.46 32.82
C VAL J 117 31.34 -16.26 32.16
N ALA J 118 32.60 -15.93 32.51
CA ALA J 118 33.73 -16.58 31.85
C ALA J 118 34.86 -16.87 32.83
N HIS J 119 35.76 -17.77 32.44
CA HIS J 119 36.91 -18.08 33.29
C HIS J 119 37.84 -16.86 33.42
N ARG J 120 38.59 -16.78 34.54
CA ARG J 120 39.60 -15.73 34.69
C ARG J 120 40.92 -16.40 34.35
N PRO J 121 41.56 -16.03 33.21
CA PRO J 121 42.85 -16.63 32.85
C PRO J 121 43.89 -16.50 33.97
N GLY J 122 44.58 -17.59 34.27
CA GLY J 122 45.61 -17.57 35.30
C GLY J 122 45.14 -17.85 36.71
N ALA J 123 43.82 -17.71 36.98
CA ALA J 123 43.25 -17.99 38.30
C ALA J 123 42.32 -19.21 38.26
N PHE J 124 41.63 -19.42 37.14
CA PHE J 124 40.74 -20.57 36.98
C PHE J 124 41.54 -21.89 37.13
N LYS J 125 41.06 -22.82 37.96
CA LYS J 125 41.76 -24.08 38.25
C LYS J 125 41.40 -25.25 37.31
N ALA J 126 40.69 -24.96 36.19
CA ALA J 126 40.34 -25.92 35.11
C ALA J 126 39.19 -26.87 35.42
N GLU J 127 38.68 -26.89 36.68
CA GLU J 127 37.57 -27.80 37.00
C GLU J 127 36.25 -27.07 37.01
N LEU J 128 35.30 -27.53 36.17
CA LEU J 128 33.98 -26.89 36.10
C LEU J 128 32.94 -27.97 35.92
N SER J 129 31.87 -27.96 36.74
CA SER J 129 30.79 -28.94 36.63
C SER J 129 29.41 -28.30 36.53
N LYS J 130 29.32 -26.98 36.75
CA LYS J 130 28.03 -26.29 36.71
C LYS J 130 28.19 -24.81 36.57
N LEU J 131 27.29 -24.19 35.80
CA LEU J 131 27.16 -22.72 35.66
C LEU J 131 25.71 -22.39 35.75
N VAL J 132 25.39 -21.31 36.48
CA VAL J 132 24.02 -20.83 36.64
C VAL J 132 24.04 -19.36 36.24
N ILE J 133 23.09 -18.97 35.36
CA ILE J 133 22.94 -17.57 34.95
C ILE J 133 21.49 -17.18 35.16
N VAL J 134 21.27 -16.06 35.86
CA VAL J 134 19.94 -15.48 36.00
C VAL J 134 20.05 -14.11 35.32
N ALA J 135 19.24 -13.90 34.28
CA ALA J 135 19.28 -12.66 33.48
C ALA J 135 17.93 -11.99 33.32
N LYS J 136 17.92 -10.68 33.04
CA LYS J 136 16.71 -9.87 32.83
C LYS J 136 16.67 -9.34 31.39
N ALA J 137 15.45 -9.14 30.84
CA ALA J 137 15.25 -8.63 29.47
C ALA J 137 15.73 -7.19 29.31
N GLU K 1 9.91 -12.86 -26.86
CA GLU K 1 10.12 -12.98 -28.32
C GLU K 1 9.23 -11.96 -29.03
N VAL K 2 9.80 -11.22 -29.99
CA VAL K 2 9.06 -10.22 -30.75
C VAL K 2 8.40 -10.88 -31.93
N GLN K 3 7.10 -10.62 -32.13
CA GLN K 3 6.36 -11.13 -33.28
C GLN K 3 5.29 -10.15 -33.76
N LEU K 4 5.13 -10.03 -35.07
CA LEU K 4 4.12 -9.19 -35.71
C LEU K 4 3.26 -10.15 -36.49
N GLN K 5 2.02 -10.32 -36.05
CA GLN K 5 1.11 -11.27 -36.68
C GLN K 5 0.08 -10.57 -37.53
N GLN K 6 0.19 -10.73 -38.85
CA GLN K 6 -0.78 -10.06 -39.74
C GLN K 6 -2.00 -10.92 -40.04
N SER K 7 -3.07 -10.26 -40.42
CA SER K 7 -4.35 -10.88 -40.79
C SER K 7 -4.23 -11.66 -42.13
N GLY K 8 -5.21 -12.53 -42.40
CA GLY K 8 -5.18 -13.42 -43.56
C GLY K 8 -5.38 -12.77 -44.91
N ALA K 9 -5.13 -13.55 -45.99
CA ALA K 9 -5.29 -13.08 -47.37
C ALA K 9 -6.70 -12.55 -47.66
N GLU K 10 -6.78 -11.49 -48.49
CA GLU K 10 -8.05 -10.82 -48.80
C GLU K 10 -8.36 -10.87 -50.29
N LEU K 11 -9.64 -10.97 -50.58
CA LEU K 11 -10.20 -10.87 -51.90
C LEU K 11 -11.22 -9.73 -51.79
N VAL K 12 -11.07 -8.69 -52.60
CA VAL K 12 -11.97 -7.55 -52.51
C VAL K 12 -12.30 -7.00 -53.89
N ARG K 13 -13.54 -6.53 -54.04
CA ARG K 13 -14.01 -6.05 -55.34
C ARG K 13 -13.44 -4.68 -55.70
N PRO K 14 -13.25 -4.34 -57.00
CA PRO K 14 -12.80 -2.98 -57.36
C PRO K 14 -13.77 -1.93 -56.82
N GLY K 15 -13.21 -0.82 -56.33
CA GLY K 15 -13.98 0.30 -55.78
C GLY K 15 -14.24 0.14 -54.29
N ALA K 16 -14.04 -1.08 -53.76
CA ALA K 16 -14.33 -1.36 -52.35
C ALA K 16 -13.11 -1.01 -51.45
N LEU K 17 -13.13 -1.49 -50.20
CA LEU K 17 -12.16 -1.14 -49.18
C LEU K 17 -11.79 -2.39 -48.39
N VAL K 18 -10.57 -2.43 -47.87
CA VAL K 18 -10.06 -3.50 -47.01
C VAL K 18 -9.36 -2.89 -45.81
N LYS K 19 -9.41 -3.59 -44.66
CA LYS K 19 -8.71 -3.19 -43.45
C LYS K 19 -7.85 -4.36 -43.01
N LEU K 20 -6.55 -4.15 -42.98
CA LEU K 20 -5.58 -5.20 -42.62
C LEU K 20 -5.10 -4.95 -41.20
N SER K 21 -4.77 -6.03 -40.46
CA SER K 21 -4.31 -5.86 -39.09
C SER K 21 -2.92 -6.43 -38.88
N CYS K 22 -2.24 -5.91 -37.86
CA CYS K 22 -0.89 -6.33 -37.50
C CYS K 22 -0.82 -6.35 -35.97
N LYS K 23 -1.01 -7.54 -35.36
CA LYS K 23 -0.97 -7.70 -33.92
C LYS K 23 0.45 -7.90 -33.43
N ALA K 24 0.89 -7.03 -32.52
CA ALA K 24 2.23 -7.10 -31.96
C ALA K 24 2.28 -7.89 -30.66
N SER K 25 3.31 -8.74 -30.51
CA SER K 25 3.60 -9.53 -29.31
C SER K 25 5.06 -9.30 -28.89
N GLY K 26 5.34 -9.26 -27.60
CA GLY K 26 6.71 -9.16 -27.06
C GLY K 26 7.26 -7.75 -26.92
N PHE K 27 6.44 -6.74 -27.24
CA PHE K 27 6.82 -5.34 -27.08
C PHE K 27 5.53 -4.51 -27.09
N ASN K 28 5.60 -3.28 -26.62
CA ASN K 28 4.45 -2.36 -26.58
C ASN K 28 4.49 -1.47 -27.83
N ILE K 29 3.41 -1.46 -28.63
CA ILE K 29 3.42 -0.64 -29.88
C ILE K 29 3.62 0.86 -29.62
N LYS K 30 3.33 1.34 -28.39
CA LYS K 30 3.58 2.78 -28.07
C LYS K 30 5.08 3.12 -28.09
N ASP K 31 5.94 2.10 -28.06
CA ASP K 31 7.40 2.36 -28.01
C ASP K 31 8.09 2.40 -29.40
N TYR K 32 7.31 2.22 -30.50
CA TYR K 32 7.90 2.19 -31.83
C TYR K 32 6.96 2.80 -32.82
N TYR K 33 7.47 3.19 -33.99
CA TYR K 33 6.58 3.49 -35.09
C TYR K 33 6.11 2.13 -35.62
N MET K 34 4.94 2.11 -36.21
CA MET K 34 4.46 0.96 -36.96
C MET K 34 4.37 1.43 -38.40
N HIS K 35 5.21 0.83 -39.26
CA HIS K 35 5.30 1.20 -40.67
C HIS K 35 4.48 0.18 -41.50
N TRP K 36 4.05 0.60 -42.68
CA TRP K 36 3.40 -0.29 -43.65
C TRP K 36 4.09 -0.12 -44.97
N VAL K 37 4.29 -1.26 -45.65
CA VAL K 37 5.05 -1.35 -46.88
C VAL K 37 4.24 -2.19 -47.90
N LYS K 38 4.21 -1.73 -49.16
CA LYS K 38 3.49 -2.40 -50.26
C LYS K 38 4.47 -3.08 -51.19
N GLN K 39 4.07 -4.23 -51.72
CA GLN K 39 4.88 -4.90 -52.73
C GLN K 39 3.97 -5.55 -53.77
N ARG K 40 3.85 -4.93 -54.93
CA ARG K 40 3.08 -5.47 -56.06
C ARG K 40 3.79 -6.71 -56.60
N PRO K 41 3.04 -7.66 -57.25
CA PRO K 41 3.68 -8.89 -57.72
C PRO K 41 4.88 -8.63 -58.61
N GLU K 42 6.02 -9.27 -58.27
CA GLU K 42 7.32 -9.16 -58.96
C GLU K 42 7.91 -7.73 -58.94
N GLN K 43 7.41 -6.82 -58.06
CA GLN K 43 7.89 -5.45 -58.00
C GLN K 43 8.62 -5.18 -56.68
N GLY K 44 9.11 -3.96 -56.51
CA GLY K 44 9.90 -3.56 -55.35
C GLY K 44 9.07 -3.14 -54.15
N LEU K 45 9.75 -2.88 -53.05
CA LEU K 45 9.11 -2.42 -51.83
C LEU K 45 8.75 -0.94 -51.96
N GLU K 46 7.57 -0.56 -51.45
CA GLU K 46 7.16 0.84 -51.46
C GLU K 46 6.66 1.21 -50.08
N TRP K 47 7.30 2.22 -49.47
CA TRP K 47 6.90 2.67 -48.13
C TRP K 47 5.58 3.41 -48.24
N ILE K 48 4.57 2.96 -47.50
CA ILE K 48 3.23 3.58 -47.55
C ILE K 48 3.15 4.71 -46.56
N GLY K 49 3.46 4.40 -45.30
CA GLY K 49 3.34 5.35 -44.21
C GLY K 49 3.62 4.72 -42.87
N ARG K 50 3.39 5.49 -41.82
CA ARG K 50 3.64 5.02 -40.49
C ARG K 50 2.67 5.66 -39.51
N ILE K 51 2.60 5.10 -38.31
CA ILE K 51 1.88 5.72 -37.18
C ILE K 51 2.77 5.65 -35.96
N ASP K 52 2.73 6.68 -35.10
CA ASP K 52 3.36 6.66 -33.78
C ASP K 52 2.16 6.36 -32.85
N PRO K 53 2.02 5.10 -32.33
CA PRO K 53 0.82 4.77 -31.54
C PRO K 53 0.71 5.52 -30.21
N GLU K 54 1.80 6.15 -29.74
CA GLU K 54 1.72 6.90 -28.49
C GLU K 54 0.93 8.22 -28.66
N ASN K 55 1.06 8.87 -29.82
CA ASN K 55 0.35 10.16 -30.02
C ASN K 55 -0.59 10.18 -31.25
N SER K 56 -0.70 9.04 -31.97
CA SER K 56 -1.55 8.84 -33.16
C SER K 56 -1.05 9.57 -34.41
N ASN K 57 0.16 10.21 -34.38
CA ASN K 57 0.68 10.92 -35.56
C ASN K 57 0.90 9.92 -36.68
N ASN K 58 0.28 10.16 -37.82
CA ASN K 58 0.42 9.27 -38.97
C ASN K 58 0.70 10.08 -40.22
N ILE K 59 1.59 9.57 -41.08
CA ILE K 59 2.03 10.29 -42.26
C ILE K 59 2.29 9.27 -43.36
N TYR K 60 2.17 9.71 -44.61
CA TYR K 60 2.24 8.85 -45.77
C TYR K 60 3.13 9.41 -46.87
N ASP K 61 3.48 8.54 -47.79
CA ASP K 61 4.10 8.96 -49.04
C ASP K 61 2.90 9.63 -49.80
N PRO K 62 3.07 10.83 -50.39
CA PRO K 62 1.94 11.49 -51.12
C PRO K 62 1.23 10.59 -52.15
N LYS K 63 1.92 9.57 -52.68
CA LYS K 63 1.35 8.58 -53.61
C LYS K 63 0.15 7.82 -52.93
N PHE K 64 0.18 7.72 -51.58
CA PHE K 64 -0.82 6.96 -50.82
C PHE K 64 -1.80 7.83 -50.05
N GLN K 65 -1.62 9.17 -50.10
CA GLN K 65 -2.54 10.08 -49.41
C GLN K 65 -3.92 9.94 -50.05
N GLY K 66 -4.93 9.64 -49.24
CA GLY K 66 -6.28 9.42 -49.77
C GLY K 66 -6.60 7.99 -50.18
N LYS K 67 -5.59 7.12 -50.21
CA LYS K 67 -5.77 5.71 -50.52
C LYS K 67 -5.60 4.93 -49.22
N ALA K 68 -4.63 5.35 -48.38
CA ALA K 68 -4.26 4.61 -47.19
C ALA K 68 -4.56 5.37 -45.93
N SER K 69 -5.06 4.63 -44.93
CA SER K 69 -5.32 5.18 -43.60
C SER K 69 -4.75 4.21 -42.57
N ILE K 70 -3.75 4.64 -41.81
CA ILE K 70 -3.09 3.83 -40.79
C ILE K 70 -3.59 4.23 -39.42
N THR K 71 -4.06 3.24 -38.65
CA THR K 71 -4.56 3.47 -37.29
C THR K 71 -3.91 2.49 -36.33
N ALA K 72 -4.15 2.67 -35.01
CA ALA K 72 -3.60 1.77 -34.00
C ALA K 72 -4.56 1.66 -32.84
N ASP K 73 -4.59 0.51 -32.19
CA ASP K 73 -5.40 0.28 -31.01
C ASP K 73 -4.44 -0.16 -29.90
N THR K 74 -4.21 0.72 -28.92
CA THR K 74 -3.21 0.41 -27.90
C THR K 74 -3.65 -0.69 -26.92
N SER K 75 -4.94 -0.81 -26.58
CA SER K 75 -5.36 -1.89 -25.65
C SER K 75 -5.11 -3.27 -26.25
N SER K 76 -5.32 -3.44 -27.56
CA SER K 76 -5.07 -4.74 -28.22
C SER K 76 -3.66 -4.83 -28.84
N ASN K 77 -2.82 -3.77 -28.68
CA ASN K 77 -1.42 -3.75 -29.18
C ASN K 77 -1.37 -4.08 -30.71
N THR K 78 -2.29 -3.51 -31.47
CA THR K 78 -2.44 -3.82 -32.90
C THR K 78 -2.45 -2.55 -33.74
N ALA K 79 -1.77 -2.58 -34.91
CA ALA K 79 -1.80 -1.50 -35.90
C ALA K 79 -2.62 -1.99 -37.10
N TYR K 80 -3.18 -1.06 -37.86
CA TYR K 80 -4.03 -1.37 -39.00
C TYR K 80 -3.73 -0.52 -40.20
N LEU K 81 -4.01 -1.07 -41.38
CA LEU K 81 -3.91 -0.35 -42.64
C LEU K 81 -5.22 -0.52 -43.37
N GLN K 82 -5.86 0.61 -43.69
CA GLN K 82 -7.11 0.57 -44.44
C GLN K 82 -6.84 1.15 -45.82
N LEU K 83 -7.24 0.43 -46.86
CA LEU K 83 -7.05 0.84 -48.25
C LEU K 83 -8.40 0.99 -48.92
N SER K 84 -8.65 2.16 -49.51
CA SER K 84 -9.97 2.49 -50.07
C SER K 84 -9.94 2.69 -51.58
N SER K 85 -11.15 2.74 -52.23
CA SER K 85 -11.33 2.92 -53.70
C SER K 85 -10.38 2.00 -54.47
N LEU K 86 -10.38 0.72 -54.11
CA LEU K 86 -9.43 -0.24 -54.63
C LEU K 86 -9.47 -0.45 -56.15
N THR K 87 -8.29 -0.56 -56.75
CA THR K 87 -8.12 -0.85 -58.19
C THR K 87 -7.14 -2.02 -58.29
N SER K 88 -6.92 -2.52 -59.52
CA SER K 88 -5.97 -3.60 -59.76
C SER K 88 -4.54 -3.20 -59.35
N GLU K 89 -4.23 -1.89 -59.30
CA GLU K 89 -2.89 -1.40 -58.88
C GLU K 89 -2.68 -1.64 -57.38
N ASP K 90 -3.76 -1.92 -56.64
CA ASP K 90 -3.69 -2.19 -55.20
C ASP K 90 -3.49 -3.68 -54.90
N THR K 91 -3.60 -4.57 -55.92
CA THR K 91 -3.29 -5.99 -55.73
C THR K 91 -1.78 -6.08 -55.38
N ALA K 92 -1.46 -6.57 -54.17
CA ALA K 92 -0.09 -6.60 -53.67
C ALA K 92 -0.05 -7.35 -52.36
N VAL K 93 1.17 -7.53 -51.84
CA VAL K 93 1.37 -8.06 -50.50
C VAL K 93 1.68 -6.81 -49.67
N TYR K 94 1.06 -6.70 -48.49
CA TYR K 94 1.27 -5.57 -47.59
C TYR K 94 1.94 -6.09 -46.33
N TYR K 95 3.03 -5.44 -45.91
CA TYR K 95 3.77 -5.79 -44.70
C TYR K 95 3.66 -4.71 -43.67
N CYS K 96 3.59 -5.10 -42.37
CA CYS K 96 3.75 -4.14 -41.28
C CYS K 96 5.16 -4.38 -40.72
N ALA K 97 5.81 -3.34 -40.17
CA ALA K 97 7.14 -3.52 -39.62
C ALA K 97 7.35 -2.47 -38.53
N ARG K 98 8.05 -2.85 -37.47
CA ARG K 98 8.31 -1.88 -36.39
C ARG K 98 9.63 -1.17 -36.62
N GLY K 99 9.66 0.09 -36.25
CA GLY K 99 10.90 0.87 -36.36
C GLY K 99 11.00 1.84 -35.21
N GLY K 100 12.22 2.22 -34.87
CA GLY K 100 12.51 3.14 -33.75
C GLY K 100 12.54 4.61 -34.10
N PHE K 101 13.13 5.40 -33.20
CA PHE K 101 13.07 6.86 -33.25
C PHE K 101 14.40 7.59 -33.32
N ASP K 102 15.50 6.91 -33.69
CA ASP K 102 16.76 7.61 -33.79
C ASP K 102 17.65 6.85 -34.78
N THR K 103 18.75 7.48 -35.23
CA THR K 103 19.63 6.90 -36.26
C THR K 103 19.88 5.40 -36.10
N ASN K 104 20.27 4.97 -34.87
CA ASN K 104 20.63 3.56 -34.64
C ASN K 104 19.43 2.63 -34.49
N HIS K 105 18.20 3.18 -34.54
CA HIS K 105 16.99 2.37 -34.39
C HIS K 105 15.90 2.58 -35.43
N TYR K 106 16.02 3.56 -36.36
CA TYR K 106 14.93 3.80 -37.35
C TYR K 106 14.61 2.58 -38.20
N ALA K 107 15.66 1.89 -38.71
CA ALA K 107 15.48 0.76 -39.62
C ALA K 107 14.66 -0.34 -39.00
N MET K 108 13.81 -0.97 -39.82
CA MET K 108 12.85 -1.94 -39.32
C MET K 108 13.43 -3.31 -39.16
N ASP K 109 13.57 -3.72 -37.91
CA ASP K 109 14.20 -4.97 -37.51
C ASP K 109 13.25 -6.14 -37.50
N TYR K 110 11.98 -5.91 -37.15
CA TYR K 110 10.96 -6.96 -37.12
C TYR K 110 9.82 -6.61 -38.06
N TRP K 111 9.41 -7.60 -38.86
CA TRP K 111 8.38 -7.45 -39.89
C TRP K 111 7.31 -8.52 -39.70
N GLY K 112 6.09 -8.18 -40.09
CA GLY K 112 4.97 -9.13 -40.16
C GLY K 112 5.24 -10.07 -41.33
N GLN K 113 4.42 -11.12 -41.46
CA GLN K 113 4.60 -12.11 -42.52
C GLN K 113 4.01 -11.68 -43.87
N GLY K 114 3.30 -10.56 -43.87
CA GLY K 114 2.66 -10.03 -45.07
C GLY K 114 1.24 -10.54 -45.23
N THR K 115 0.40 -9.70 -45.84
CA THR K 115 -1.00 -10.04 -46.17
C THR K 115 -1.17 -9.79 -47.65
N SER K 116 -1.63 -10.82 -48.37
CA SER K 116 -1.91 -10.70 -49.79
C SER K 116 -3.31 -10.11 -49.99
N VAL K 117 -3.43 -9.09 -50.83
CA VAL K 117 -4.72 -8.48 -51.18
C VAL K 117 -4.90 -8.65 -52.71
N THR K 118 -5.99 -9.28 -53.15
CA THR K 118 -6.34 -9.42 -54.57
C THR K 118 -7.59 -8.58 -54.83
N VAL K 119 -7.50 -7.61 -55.78
CA VAL K 119 -8.62 -6.75 -56.15
C VAL K 119 -9.23 -7.35 -57.43
N SER K 120 -10.42 -7.93 -57.30
CA SER K 120 -11.08 -8.60 -58.43
C SER K 120 -12.55 -8.74 -58.16
N SER K 121 -13.36 -8.74 -59.23
CA SER K 121 -14.81 -8.95 -59.11
C SER K 121 -15.16 -10.47 -59.21
N ALA K 122 -14.15 -11.36 -59.44
CA ALA K 122 -14.37 -12.81 -59.52
C ALA K 122 -14.66 -13.41 -58.13
N SER K 123 -15.46 -14.48 -58.07
CA SER K 123 -15.84 -15.08 -56.80
C SER K 123 -14.80 -16.05 -56.25
N THR K 124 -14.83 -16.24 -54.93
CA THR K 124 -13.95 -17.15 -54.19
C THR K 124 -14.23 -18.58 -54.63
N LYS K 125 -13.18 -19.40 -54.82
CA LYS K 125 -13.36 -20.81 -55.18
C LYS K 125 -12.25 -21.63 -54.56
N GLY K 126 -12.62 -22.68 -53.83
CA GLY K 126 -11.66 -23.59 -53.19
C GLY K 126 -11.05 -24.53 -54.21
N PRO K 127 -9.80 -25.01 -54.00
CA PRO K 127 -9.19 -25.91 -54.99
C PRO K 127 -9.62 -27.37 -54.88
N SER K 128 -9.40 -28.09 -55.98
CA SER K 128 -9.52 -29.53 -56.03
C SER K 128 -8.05 -29.99 -55.93
N VAL K 129 -7.77 -31.03 -55.15
CA VAL K 129 -6.38 -31.48 -54.96
C VAL K 129 -6.26 -32.87 -55.54
N PHE K 130 -5.37 -33.04 -56.54
CA PHE K 130 -5.18 -34.31 -57.21
C PHE K 130 -3.77 -34.86 -57.01
N PRO K 131 -3.60 -36.18 -56.83
CA PRO K 131 -2.25 -36.72 -56.65
C PRO K 131 -1.47 -36.82 -57.97
N LEU K 132 -0.14 -36.70 -57.88
CA LEU K 132 0.81 -36.89 -58.99
C LEU K 132 1.59 -38.07 -58.47
N ALA K 133 1.07 -39.26 -58.76
CA ALA K 133 1.57 -40.51 -58.18
C ALA K 133 3.01 -40.83 -58.57
N PRO K 134 3.81 -41.47 -57.68
CA PRO K 134 5.18 -41.86 -58.07
C PRO K 134 5.17 -43.10 -58.97
N THR K 143 15.80 -42.66 -56.90
CA THR K 143 15.00 -41.47 -56.56
C THR K 143 13.67 -41.47 -57.29
N ALA K 144 12.57 -41.23 -56.55
CA ALA K 144 11.22 -41.14 -57.13
C ALA K 144 10.65 -39.75 -56.90
N ALA K 145 9.85 -39.25 -57.86
CA ALA K 145 9.18 -37.95 -57.73
C ALA K 145 7.68 -38.17 -57.59
N LEU K 146 7.05 -37.34 -56.82
CA LEU K 146 5.60 -37.41 -56.61
C LEU K 146 5.14 -36.03 -56.27
N GLY K 147 3.84 -35.82 -56.25
CA GLY K 147 3.36 -34.50 -55.91
C GLY K 147 1.86 -34.39 -55.83
N CYS K 148 1.40 -33.14 -55.78
CA CYS K 148 -0.01 -32.77 -55.74
C CYS K 148 -0.26 -31.64 -56.72
N LEU K 149 -1.40 -31.72 -57.40
CA LEU K 149 -1.86 -30.70 -58.32
C LEU K 149 -3.02 -30.01 -57.60
N VAL K 150 -2.86 -28.71 -57.32
CA VAL K 150 -3.83 -27.87 -56.61
C VAL K 150 -4.50 -27.02 -57.69
N LYS K 151 -5.68 -27.49 -58.14
CA LYS K 151 -6.34 -26.90 -59.29
C LYS K 151 -7.61 -26.13 -59.04
N ASP K 152 -7.82 -25.10 -59.89
CA ASP K 152 -9.05 -24.30 -60.03
C ASP K 152 -9.48 -23.60 -58.75
N TYR K 153 -8.62 -22.72 -58.26
CA TYR K 153 -8.94 -21.95 -57.06
C TYR K 153 -8.83 -20.47 -57.33
N PHE K 154 -9.48 -19.66 -56.49
CA PHE K 154 -9.40 -18.21 -56.58
C PHE K 154 -9.71 -17.59 -55.20
N PRO K 155 -8.98 -16.55 -54.75
CA PRO K 155 -7.80 -15.94 -55.37
C PRO K 155 -6.57 -16.69 -54.85
N GLU K 156 -5.40 -16.12 -55.09
CA GLU K 156 -4.17 -16.57 -54.46
C GLU K 156 -4.22 -16.05 -53.02
N PRO K 157 -3.48 -16.64 -52.05
CA PRO K 157 -2.55 -17.78 -52.20
C PRO K 157 -3.15 -19.06 -51.62
N VAL K 158 -2.42 -20.14 -51.80
CA VAL K 158 -2.67 -21.41 -51.14
C VAL K 158 -1.35 -21.72 -50.41
N THR K 159 -1.41 -22.52 -49.37
CA THR K 159 -0.17 -22.95 -48.72
C THR K 159 -0.12 -24.44 -48.92
N VAL K 160 1.06 -24.97 -49.20
CA VAL K 160 1.24 -26.41 -49.36
C VAL K 160 2.40 -26.83 -48.47
N SER K 161 2.19 -27.88 -47.68
CA SER K 161 3.24 -28.48 -46.87
C SER K 161 3.15 -29.97 -47.14
N TRP K 162 4.20 -30.71 -46.79
CA TRP K 162 4.24 -32.15 -46.93
C TRP K 162 4.44 -32.77 -45.56
N ASN K 163 3.66 -33.80 -45.25
CA ASN K 163 3.71 -34.54 -43.97
C ASN K 163 3.72 -33.59 -42.76
N SER K 164 2.77 -32.64 -42.77
CA SER K 164 2.56 -31.59 -41.75
C SER K 164 3.81 -30.71 -41.52
N GLY K 165 4.64 -30.56 -42.54
CA GLY K 165 5.84 -29.73 -42.49
C GLY K 165 7.11 -30.49 -42.15
N ALA K 166 6.99 -31.81 -41.85
CA ALA K 166 8.13 -32.67 -41.51
C ALA K 166 8.98 -32.99 -42.72
N LEU K 167 8.39 -32.91 -43.94
CA LEU K 167 9.11 -33.19 -45.18
C LEU K 167 9.33 -31.86 -45.92
N THR K 168 10.60 -31.43 -45.98
CA THR K 168 11.00 -30.16 -46.62
C THR K 168 12.07 -30.38 -47.66
N SER K 169 12.95 -31.36 -47.42
CA SER K 169 14.04 -31.68 -48.33
C SER K 169 13.49 -32.22 -49.66
N GLY K 170 13.96 -31.62 -50.76
CA GLY K 170 13.56 -32.00 -52.12
C GLY K 170 12.18 -31.51 -52.54
N VAL K 171 11.55 -30.64 -51.74
CA VAL K 171 10.21 -30.14 -52.05
C VAL K 171 10.33 -28.92 -52.98
N HIS K 172 9.48 -28.88 -54.02
CA HIS K 172 9.36 -27.71 -54.88
C HIS K 172 7.89 -27.40 -55.01
N THR K 173 7.47 -26.26 -54.49
CA THR K 173 6.09 -25.76 -54.63
C THR K 173 6.18 -24.63 -55.62
N PHE K 174 5.62 -24.86 -56.80
CA PHE K 174 5.73 -23.91 -57.90
C PHE K 174 4.85 -22.70 -57.79
N PRO K 175 5.23 -21.57 -58.42
CA PRO K 175 4.31 -20.43 -58.49
C PRO K 175 3.04 -20.86 -59.24
N ALA K 176 1.89 -20.39 -58.78
CA ALA K 176 0.63 -20.70 -59.47
C ALA K 176 0.59 -20.03 -60.83
N VAL K 177 -0.16 -20.62 -61.75
CA VAL K 177 -0.39 -20.02 -63.06
C VAL K 177 -1.86 -19.65 -63.13
N LEU K 178 -2.18 -18.52 -63.75
CA LEU K 178 -3.58 -18.14 -63.91
C LEU K 178 -4.04 -18.75 -65.23
N GLN K 179 -5.02 -19.68 -65.16
CA GLN K 179 -5.54 -20.36 -66.36
C GLN K 179 -6.49 -19.43 -67.13
N SER K 180 -6.80 -19.78 -68.41
CA SER K 180 -7.72 -19.01 -69.26
C SER K 180 -9.12 -18.88 -68.63
N SER K 181 -9.49 -19.82 -67.76
CA SER K 181 -10.76 -19.84 -67.01
C SER K 181 -10.85 -18.72 -65.95
N GLY K 182 -9.69 -18.14 -65.59
CA GLY K 182 -9.61 -17.10 -64.58
C GLY K 182 -9.33 -17.68 -63.20
N LEU K 183 -9.06 -19.00 -63.16
CA LEU K 183 -8.76 -19.70 -61.92
C LEU K 183 -7.30 -20.12 -61.91
N TYR K 184 -6.69 -20.19 -60.72
CA TYR K 184 -5.29 -20.60 -60.58
C TYR K 184 -5.12 -22.09 -60.53
N SER K 185 -3.90 -22.55 -60.83
CA SER K 185 -3.49 -23.94 -60.73
C SER K 185 -2.03 -23.95 -60.31
N LEU K 186 -1.71 -24.81 -59.35
CA LEU K 186 -0.35 -24.90 -58.80
C LEU K 186 0.04 -26.36 -58.61
N SER K 187 1.33 -26.68 -58.76
CA SER K 187 1.80 -28.02 -58.46
C SER K 187 2.85 -27.94 -57.36
N SER K 188 2.88 -28.98 -56.51
CA SER K 188 3.90 -29.12 -55.47
C SER K 188 4.45 -30.51 -55.66
N VAL K 189 5.76 -30.63 -55.77
CA VAL K 189 6.44 -31.92 -55.97
C VAL K 189 7.50 -32.17 -54.91
N VAL K 190 7.91 -33.43 -54.77
CA VAL K 190 8.97 -33.82 -53.86
C VAL K 190 9.68 -35.04 -54.44
N THR K 191 11.01 -35.08 -54.32
CA THR K 191 11.76 -36.26 -54.74
C THR K 191 12.14 -37.00 -53.45
N VAL K 192 11.94 -38.30 -53.42
CA VAL K 192 12.19 -39.13 -52.23
C VAL K 192 12.95 -40.41 -52.64
N PRO K 193 13.59 -41.16 -51.69
CA PRO K 193 14.24 -42.42 -52.10
C PRO K 193 13.16 -43.41 -52.56
N SER K 194 13.39 -44.08 -53.69
CA SER K 194 12.45 -45.05 -54.28
C SER K 194 12.16 -46.22 -53.30
N SER K 195 13.11 -46.52 -52.39
CA SER K 195 12.99 -47.57 -51.36
C SER K 195 11.98 -47.20 -50.25
N SER K 196 11.67 -45.90 -50.09
CA SER K 196 10.72 -45.43 -49.08
C SER K 196 9.25 -45.55 -49.51
N LEU K 197 8.96 -45.71 -50.81
CA LEU K 197 7.60 -45.77 -51.37
C LEU K 197 6.66 -46.82 -50.73
N GLY K 198 7.19 -47.96 -50.30
CA GLY K 198 6.40 -48.99 -49.67
C GLY K 198 6.16 -48.82 -48.18
N THR K 199 7.05 -48.09 -47.49
CA THR K 199 6.99 -47.90 -46.04
C THR K 199 6.60 -46.50 -45.56
N GLN K 200 6.95 -45.44 -46.31
CA GLN K 200 6.67 -44.05 -45.93
C GLN K 200 5.40 -43.51 -46.59
N THR K 201 4.55 -42.85 -45.79
CA THR K 201 3.30 -42.23 -46.25
C THR K 201 3.61 -40.78 -46.65
N TYR K 202 3.11 -40.37 -47.83
CA TYR K 202 3.28 -38.99 -48.31
C TYR K 202 1.96 -38.29 -48.45
N ILE K 203 1.79 -37.22 -47.67
CA ILE K 203 0.57 -36.43 -47.64
C ILE K 203 0.87 -34.98 -47.94
N CYS K 204 0.15 -34.38 -48.90
CA CYS K 204 0.29 -32.95 -49.12
C CYS K 204 -0.85 -32.26 -48.38
N ASN K 205 -0.51 -31.24 -47.59
CA ASN K 205 -1.48 -30.50 -46.81
C ASN K 205 -1.68 -29.17 -47.50
N VAL K 206 -2.88 -28.97 -48.04
CA VAL K 206 -3.25 -27.78 -48.81
C VAL K 206 -4.21 -26.94 -47.98
N ASN K 207 -3.92 -25.65 -47.89
CA ASN K 207 -4.79 -24.74 -47.17
C ASN K 207 -5.05 -23.53 -48.03
N HIS K 208 -6.34 -23.30 -48.30
CA HIS K 208 -6.81 -22.14 -49.03
C HIS K 208 -7.68 -21.35 -48.07
N LYS K 209 -7.04 -20.42 -47.36
CA LYS K 209 -7.71 -19.59 -46.36
C LYS K 209 -8.86 -18.72 -46.93
N PRO K 210 -8.76 -18.05 -48.11
CA PRO K 210 -9.91 -17.27 -48.60
C PRO K 210 -11.24 -18.03 -48.74
N SER K 211 -11.20 -19.35 -48.96
CA SER K 211 -12.41 -20.19 -49.08
C SER K 211 -12.59 -21.14 -47.91
N ASN K 212 -11.73 -21.02 -46.86
CA ASN K 212 -11.71 -21.90 -45.68
C ASN K 212 -11.66 -23.39 -46.09
N THR K 213 -10.79 -23.72 -47.07
CA THR K 213 -10.61 -25.08 -47.58
C THR K 213 -9.29 -25.65 -47.07
N LYS K 214 -9.35 -26.84 -46.48
CA LYS K 214 -8.21 -27.58 -45.96
C LYS K 214 -8.34 -28.99 -46.50
N VAL K 215 -7.34 -29.41 -47.28
CA VAL K 215 -7.34 -30.73 -47.89
C VAL K 215 -6.01 -31.42 -47.59
N ASP K 216 -6.09 -32.68 -47.14
CA ASP K 216 -4.91 -33.52 -46.92
C ASP K 216 -5.05 -34.64 -47.93
N LYS K 217 -4.11 -34.70 -48.89
CA LYS K 217 -4.18 -35.71 -49.94
C LYS K 217 -3.02 -36.67 -49.85
N ARG K 218 -3.34 -37.95 -49.65
CA ARG K 218 -2.36 -39.02 -49.59
C ARG K 218 -1.98 -39.32 -51.03
N VAL K 219 -0.67 -39.47 -51.29
CA VAL K 219 -0.17 -39.74 -52.64
C VAL K 219 0.44 -41.12 -52.63
N GLU K 220 -0.21 -42.05 -53.31
CA GLU K 220 0.21 -43.44 -53.31
C GLU K 220 0.79 -43.90 -54.64
N PRO K 221 1.73 -44.90 -54.66
CA PRO K 221 2.27 -45.38 -55.94
C PRO K 221 1.22 -45.97 -56.89
N ASP L 20 -17.71 9.83 21.07
CA ASP L 20 -18.36 9.70 19.80
C ASP L 20 -19.88 9.70 19.92
N ILE L 21 -20.52 10.34 18.96
CA ILE L 21 -21.97 10.51 18.89
C ILE L 21 -22.50 9.59 17.79
N GLN L 22 -23.48 8.76 18.12
CA GLN L 22 -24.09 7.82 17.18
C GLN L 22 -25.43 8.36 16.67
N MET L 23 -25.74 8.10 15.42
CA MET L 23 -26.96 8.50 14.77
C MET L 23 -27.79 7.25 14.53
N THR L 24 -29.04 7.27 15.00
CA THR L 24 -29.97 6.15 14.81
C THR L 24 -31.03 6.60 13.83
N GLN L 25 -31.03 5.97 12.68
CA GLN L 25 -31.94 6.27 11.59
C GLN L 25 -33.08 5.27 11.56
N SER L 26 -34.30 5.78 11.39
CA SER L 26 -35.47 4.92 11.32
C SER L 26 -36.47 5.44 10.27
N PRO L 27 -37.22 4.56 9.59
CA PRO L 27 -37.10 3.08 9.59
C PRO L 27 -35.92 2.67 8.69
N ALA L 28 -35.52 1.40 8.73
CA ALA L 28 -34.41 0.95 7.87
C ALA L 28 -34.90 0.83 6.42
N SER L 29 -36.19 0.54 6.24
CA SER L 29 -36.78 0.40 4.92
C SER L 29 -38.23 0.85 4.95
N LEU L 30 -38.66 1.45 3.84
CA LEU L 30 -40.04 1.91 3.71
C LEU L 30 -40.52 1.60 2.30
N SER L 31 -41.65 0.89 2.19
CA SER L 31 -42.24 0.55 0.90
C SER L 31 -43.33 1.58 0.65
N VAL L 32 -43.18 2.41 -0.37
CA VAL L 32 -44.13 3.48 -0.64
C VAL L 32 -44.48 3.63 -2.09
N SER L 33 -45.55 4.39 -2.32
CA SER L 33 -46.07 4.66 -3.63
C SER L 33 -45.90 6.14 -3.98
N VAL L 34 -45.77 6.43 -5.28
CA VAL L 34 -45.68 7.80 -5.80
C VAL L 34 -46.94 8.59 -5.31
N GLY L 35 -46.72 9.81 -4.84
CA GLY L 35 -47.80 10.65 -4.33
C GLY L 35 -47.97 10.60 -2.82
N GLU L 36 -47.42 9.56 -2.16
CA GLU L 36 -47.51 9.47 -0.70
C GLU L 36 -46.51 10.42 0.01
N THR L 37 -46.80 10.73 1.30
CA THR L 37 -45.95 11.56 2.17
C THR L 37 -45.19 10.64 3.10
N VAL L 38 -43.89 10.76 3.09
CA VAL L 38 -42.96 9.91 3.83
C VAL L 38 -42.22 10.76 4.86
N THR L 39 -41.93 10.18 6.05
CA THR L 39 -41.10 10.77 7.12
C THR L 39 -40.01 9.79 7.52
N ILE L 40 -38.75 10.23 7.48
CA ILE L 40 -37.57 9.47 7.89
C ILE L 40 -37.05 10.22 9.09
N THR L 41 -36.61 9.50 10.12
CA THR L 41 -36.12 10.16 11.30
C THR L 41 -34.69 9.78 11.60
N CYS L 42 -34.00 10.69 12.25
CA CYS L 42 -32.63 10.53 12.66
C CYS L 42 -32.54 11.04 14.09
N ARG L 43 -32.04 10.18 15.01
CA ARG L 43 -31.89 10.52 16.42
C ARG L 43 -30.42 10.47 16.78
N ALA L 44 -29.89 11.55 17.35
CA ALA L 44 -28.47 11.60 17.78
C ALA L 44 -28.41 11.15 19.24
N SER L 45 -27.28 10.51 19.67
CA SER L 45 -27.12 10.04 21.06
C SER L 45 -26.99 11.19 22.05
N GLU L 46 -26.67 12.40 21.55
CA GLU L 46 -26.51 13.64 22.32
C GLU L 46 -26.92 14.83 21.48
N ASN L 47 -27.11 15.99 22.10
CA ASN L 47 -27.49 17.22 21.40
C ASN L 47 -26.42 17.61 20.36
N ILE L 48 -26.84 17.76 19.11
CA ILE L 48 -25.91 18.09 18.01
C ILE L 48 -26.17 19.52 17.47
N TYR L 49 -27.09 20.26 18.12
CA TYR L 49 -27.31 21.69 17.84
C TYR L 49 -27.56 22.00 16.35
N SER L 50 -28.39 21.17 15.68
CA SER L 50 -28.81 21.33 14.29
C SER L 50 -27.72 21.14 13.25
N ASN L 51 -26.55 20.57 13.66
CA ASN L 51 -25.45 20.30 12.74
C ASN L 51 -25.69 18.93 12.15
N LEU L 52 -26.63 18.87 11.23
CA LEU L 52 -27.16 17.62 10.67
C LEU L 52 -27.48 17.81 9.19
N ALA L 53 -27.04 16.85 8.38
CA ALA L 53 -27.30 16.86 6.94
C ALA L 53 -27.97 15.59 6.52
N TRP L 54 -28.68 15.67 5.40
CA TRP L 54 -29.34 14.52 4.77
C TRP L 54 -28.75 14.38 3.37
N TYR L 55 -28.43 13.14 2.99
CA TYR L 55 -27.94 12.80 1.65
C TYR L 55 -28.86 11.79 1.03
N GLN L 56 -28.94 11.81 -0.30
CA GLN L 56 -29.69 10.82 -1.06
C GLN L 56 -28.63 10.07 -1.88
N GLN L 57 -28.83 8.76 -2.03
CA GLN L 57 -27.96 7.98 -2.89
C GLN L 57 -28.78 7.06 -3.74
N LYS L 58 -28.63 7.19 -5.04
CA LYS L 58 -29.32 6.33 -5.99
C LYS L 58 -28.42 5.16 -6.36
N GLN L 59 -29.03 4.07 -6.89
CA GLN L 59 -28.28 2.87 -7.29
C GLN L 59 -27.18 3.21 -8.29
N GLY L 60 -25.98 2.72 -8.00
CA GLY L 60 -24.80 2.94 -8.85
C GLY L 60 -24.28 4.36 -8.87
N LYS L 61 -24.76 5.26 -7.98
CA LYS L 61 -24.31 6.64 -7.96
C LYS L 61 -23.70 7.07 -6.63
N SER L 62 -22.94 8.19 -6.66
CA SER L 62 -22.36 8.78 -5.49
C SER L 62 -23.48 9.45 -4.70
N PRO L 63 -23.32 9.60 -3.35
CA PRO L 63 -24.35 10.34 -2.56
C PRO L 63 -24.40 11.79 -2.98
N GLN L 64 -25.55 12.43 -2.76
CA GLN L 64 -25.75 13.84 -3.10
C GLN L 64 -26.39 14.50 -1.89
N LEU L 65 -25.94 15.71 -1.58
CA LEU L 65 -26.50 16.48 -0.46
C LEU L 65 -27.92 16.98 -0.75
N LEU L 66 -28.85 16.77 0.19
CA LEU L 66 -30.23 17.24 0.05
C LEU L 66 -30.52 18.39 0.98
N VAL L 67 -30.20 18.18 2.27
CA VAL L 67 -30.50 19.12 3.35
C VAL L 67 -29.27 19.33 4.21
N TYR L 68 -29.03 20.58 4.62
CA TYR L 68 -27.88 20.88 5.49
C TYR L 68 -28.34 21.75 6.64
N ALA L 69 -27.58 21.67 7.77
CA ALA L 69 -27.89 22.44 8.98
C ALA L 69 -29.35 22.23 9.39
N ALA L 70 -29.79 20.95 9.32
CA ALA L 70 -31.09 20.40 9.69
C ALA L 70 -32.28 20.80 8.81
N THR L 71 -32.36 22.09 8.39
CA THR L 71 -33.57 22.63 7.75
C THR L 71 -33.37 23.31 6.40
N ASN L 72 -32.12 23.39 5.91
CA ASN L 72 -31.87 24.12 4.66
C ASN L 72 -31.76 23.21 3.48
N LEU L 73 -32.52 23.55 2.42
CA LEU L 73 -32.46 22.79 1.18
C LEU L 73 -31.19 23.14 0.42
N ALA L 74 -30.46 22.11 -0.03
CA ALA L 74 -29.27 22.33 -0.86
C ALA L 74 -29.73 22.86 -2.24
N ASP L 75 -28.79 23.47 -3.00
CA ASP L 75 -29.07 24.03 -4.32
C ASP L 75 -29.70 23.01 -5.26
N GLY L 76 -30.80 23.40 -5.91
CA GLY L 76 -31.49 22.56 -6.87
C GLY L 76 -32.41 21.50 -6.29
N VAL L 77 -32.49 21.35 -4.96
CA VAL L 77 -33.35 20.29 -4.38
C VAL L 77 -34.83 20.77 -4.42
N PRO L 78 -35.77 19.90 -4.87
CA PRO L 78 -37.18 20.30 -4.99
C PRO L 78 -37.79 20.70 -3.65
N SER L 79 -38.76 21.64 -3.69
CA SER L 79 -39.44 22.11 -2.48
C SER L 79 -40.27 21.04 -1.76
N ARG L 80 -40.51 19.86 -2.38
CA ARG L 80 -41.29 18.82 -1.69
C ARG L 80 -40.51 18.17 -0.53
N PHE L 81 -39.16 18.38 -0.50
CA PHE L 81 -38.29 17.94 0.58
C PHE L 81 -38.25 19.01 1.67
N SER L 82 -38.28 18.58 2.91
CA SER L 82 -38.10 19.48 4.03
C SER L 82 -37.46 18.75 5.20
N GLY L 83 -36.58 19.46 5.88
CA GLY L 83 -35.90 18.92 7.04
C GLY L 83 -36.35 19.70 8.24
N SER L 84 -36.49 19.01 9.37
CA SER L 84 -36.91 19.67 10.60
C SER L 84 -36.18 19.07 11.78
N GLY L 85 -36.25 19.76 12.90
CA GLY L 85 -35.69 19.28 14.14
C GLY L 85 -34.66 20.18 14.77
N SER L 86 -34.32 19.81 16.00
CA SER L 86 -33.31 20.44 16.85
C SER L 86 -33.00 19.42 17.96
N GLY L 87 -31.99 19.73 18.76
CA GLY L 87 -31.61 18.85 19.86
C GLY L 87 -31.06 17.54 19.35
N THR L 88 -31.75 16.46 19.71
CA THR L 88 -31.33 15.12 19.32
C THR L 88 -32.24 14.52 18.24
N GLN L 89 -33.37 15.17 17.90
CA GLN L 89 -34.34 14.55 16.99
C GLN L 89 -34.56 15.34 15.73
N TYR L 90 -34.35 14.66 14.58
CA TYR L 90 -34.42 15.25 13.25
C TYR L 90 -35.23 14.40 12.32
N SER L 91 -35.85 15.04 11.32
CA SER L 91 -36.61 14.29 10.37
C SER L 91 -36.51 14.90 8.99
N LEU L 92 -36.59 14.03 7.99
CA LEU L 92 -36.65 14.40 6.59
C LEU L 92 -38.05 14.03 6.10
N LYS L 93 -38.76 15.01 5.57
CA LYS L 93 -40.11 14.77 5.05
C LYS L 93 -40.11 14.94 3.53
N ILE L 94 -40.78 14.02 2.85
CA ILE L 94 -40.95 14.07 1.39
C ILE L 94 -42.45 14.13 1.15
N ASN L 95 -42.94 15.30 0.71
CA ASN L 95 -44.35 15.50 0.38
C ASN L 95 -44.59 15.01 -1.03
N SER L 96 -45.60 14.17 -1.22
CA SER L 96 -45.98 13.65 -2.53
C SER L 96 -44.76 13.13 -3.28
N LEU L 97 -44.19 12.04 -2.76
CA LEU L 97 -43.02 11.34 -3.27
C LEU L 97 -43.11 11.09 -4.80
N GLN L 98 -42.00 11.27 -5.53
CA GLN L 98 -41.92 11.10 -6.99
C GLN L 98 -41.01 9.90 -7.35
N SER L 99 -41.15 9.34 -8.59
CA SER L 99 -40.36 8.18 -9.02
C SER L 99 -38.84 8.40 -8.85
N GLU L 100 -38.38 9.66 -8.98
CA GLU L 100 -36.96 9.99 -8.82
C GLU L 100 -36.49 10.02 -7.33
N ASP L 101 -37.42 9.82 -6.40
CA ASP L 101 -37.09 9.83 -4.99
C ASP L 101 -36.72 8.46 -4.44
N PHE L 102 -36.98 7.37 -5.19
CA PHE L 102 -36.62 6.03 -4.71
C PHE L 102 -35.09 5.87 -4.66
N GLY L 103 -34.62 5.29 -3.57
CA GLY L 103 -33.19 5.15 -3.29
C GLY L 103 -32.93 5.17 -1.79
N ASN L 104 -31.68 5.45 -1.41
CA ASN L 104 -31.26 5.39 0.00
C ASN L 104 -30.99 6.77 0.54
N TYR L 105 -31.29 6.97 1.82
CA TYR L 105 -31.12 8.27 2.46
C TYR L 105 -30.28 8.10 3.69
N TYR L 106 -29.37 9.04 3.95
CA TYR L 106 -28.51 8.96 5.14
C TYR L 106 -28.44 10.30 5.81
N CYS L 107 -28.42 10.31 7.13
CA CYS L 107 -28.16 11.53 7.89
C CYS L 107 -26.68 11.50 8.33
N GLN L 108 -26.10 12.65 8.69
CA GLN L 108 -24.74 12.75 9.19
C GLN L 108 -24.71 13.96 10.11
N HIS L 109 -23.98 13.85 11.22
CA HIS L 109 -23.83 14.99 12.13
C HIS L 109 -22.44 15.61 11.97
N PHE L 110 -22.29 16.87 12.43
CA PHE L 110 -21.00 17.59 12.40
C PHE L 110 -20.76 18.27 13.72
N TRP L 111 -21.15 17.60 14.82
CA TRP L 111 -20.98 18.16 16.15
C TRP L 111 -19.86 17.54 16.93
N GLY L 112 -19.04 18.40 17.53
CA GLY L 112 -17.96 17.98 18.42
C GLY L 112 -16.77 17.40 17.70
N THR L 113 -15.87 16.82 18.48
CA THR L 113 -14.70 16.16 17.92
C THR L 113 -15.14 15.01 17.02
N PRO L 114 -14.58 14.92 15.79
CA PRO L 114 -14.92 13.78 14.92
C PRO L 114 -14.71 12.42 15.63
N PRO L 115 -15.34 11.32 15.19
CA PRO L 115 -16.06 11.12 13.93
C PRO L 115 -17.39 11.83 13.76
N TRP L 116 -17.60 12.32 12.54
CA TRP L 116 -18.83 12.97 12.08
C TRP L 116 -19.59 11.86 11.36
N THR L 117 -20.27 11.07 12.18
CA THR L 117 -20.87 9.78 11.77
C THR L 117 -22.16 9.89 11.01
N PHE L 118 -22.41 8.87 10.18
CA PHE L 118 -23.64 8.74 9.41
C PHE L 118 -24.62 7.83 10.15
N GLY L 119 -25.93 8.05 9.91
CA GLY L 119 -26.98 7.15 10.34
C GLY L 119 -26.87 5.88 9.50
N GLY L 120 -27.56 4.82 9.92
CA GLY L 120 -27.52 3.52 9.24
C GLY L 120 -28.16 3.47 7.86
N GLY L 121 -28.93 4.49 7.52
CA GLY L 121 -29.60 4.56 6.22
C GLY L 121 -31.05 4.12 6.21
N THR L 122 -31.80 4.65 5.25
CA THR L 122 -33.20 4.26 5.01
C THR L 122 -33.33 4.00 3.55
N LYS L 123 -33.88 2.83 3.20
CA LYS L 123 -34.12 2.51 1.81
C LYS L 123 -35.59 2.81 1.49
N LEU L 124 -35.86 3.67 0.48
CA LEU L 124 -37.23 3.93 0.02
C LEU L 124 -37.41 3.06 -1.21
N GLU L 125 -38.35 2.13 -1.12
CA GLU L 125 -38.64 1.12 -2.13
C GLU L 125 -40.06 1.29 -2.67
N ILE L 126 -40.30 0.83 -3.93
CA ILE L 126 -41.60 0.90 -4.62
C ILE L 126 -42.54 -0.17 -4.09
N LYS L 127 -43.67 0.27 -3.57
CA LYS L 127 -44.73 -0.59 -3.06
C LYS L 127 -45.47 -1.22 -4.26
N ARG L 128 -45.79 -2.51 -4.17
CA ARG L 128 -46.59 -3.19 -5.19
C ARG L 128 -47.35 -4.33 -4.50
N THR L 129 -48.18 -5.06 -5.24
CA THR L 129 -48.95 -6.19 -4.68
C THR L 129 -47.97 -7.32 -4.27
N VAL L 130 -48.30 -8.07 -3.21
CA VAL L 130 -47.51 -9.22 -2.76
C VAL L 130 -47.54 -10.24 -3.91
N ALA L 131 -46.39 -10.84 -4.20
CA ALA L 131 -46.27 -11.83 -5.26
C ALA L 131 -45.33 -12.87 -4.74
N ALA L 132 -45.82 -14.11 -4.67
CA ALA L 132 -45.03 -15.23 -4.18
C ALA L 132 -43.97 -15.55 -5.21
N PRO L 133 -42.76 -16.01 -4.83
CA PRO L 133 -41.78 -16.40 -5.86
C PRO L 133 -42.15 -17.70 -6.54
N SER L 134 -41.73 -17.85 -7.80
CA SER L 134 -41.82 -19.10 -8.51
C SER L 134 -40.47 -19.71 -8.15
N VAL L 135 -40.48 -20.93 -7.60
CA VAL L 135 -39.25 -21.55 -7.11
C VAL L 135 -38.76 -22.64 -8.05
N PHE L 136 -37.44 -22.64 -8.34
CA PHE L 136 -36.83 -23.63 -9.24
C PHE L 136 -35.54 -24.12 -8.62
N ILE L 137 -35.24 -25.42 -8.79
CA ILE L 137 -33.99 -25.99 -8.27
C ILE L 137 -33.19 -26.60 -9.43
N PHE L 138 -31.87 -26.37 -9.42
CA PHE L 138 -30.98 -26.87 -10.47
C PHE L 138 -29.88 -27.71 -9.89
N PRO L 139 -29.73 -28.98 -10.35
CA PRO L 139 -28.61 -29.79 -9.87
C PRO L 139 -27.29 -29.31 -10.51
N PRO L 140 -26.12 -29.66 -9.95
CA PRO L 140 -24.87 -29.33 -10.66
C PRO L 140 -24.79 -30.13 -11.97
N SER L 141 -24.16 -29.54 -12.99
CA SER L 141 -23.98 -30.21 -14.28
C SER L 141 -22.92 -31.30 -14.14
N ASP L 142 -22.95 -32.31 -15.04
CA ASP L 142 -21.94 -33.37 -15.06
C ASP L 142 -20.55 -32.78 -15.33
N GLU L 143 -20.50 -31.72 -16.18
CA GLU L 143 -19.28 -30.98 -16.53
C GLU L 143 -18.57 -30.41 -15.28
N GLN L 144 -19.34 -29.76 -14.37
CA GLN L 144 -18.78 -29.21 -13.12
C GLN L 144 -18.26 -30.30 -12.19
N LEU L 145 -19.01 -31.41 -12.06
CA LEU L 145 -18.64 -32.52 -11.19
C LEU L 145 -17.24 -33.08 -11.50
N LYS L 146 -16.85 -33.10 -12.80
CA LYS L 146 -15.52 -33.54 -13.27
C LYS L 146 -14.37 -32.71 -12.65
N SER L 147 -14.64 -31.42 -12.32
CA SER L 147 -13.67 -30.48 -11.74
C SER L 147 -13.49 -30.59 -10.20
N GLY L 148 -14.31 -31.40 -9.54
CA GLY L 148 -14.22 -31.62 -8.10
C GLY L 148 -15.16 -30.82 -7.20
N THR L 149 -15.98 -29.93 -7.78
CA THR L 149 -16.94 -29.11 -7.03
C THR L 149 -18.37 -29.32 -7.54
N ALA L 150 -19.35 -29.03 -6.67
CA ALA L 150 -20.77 -29.14 -6.99
C ALA L 150 -21.48 -27.90 -6.48
N SER L 151 -22.22 -27.24 -7.37
CA SER L 151 -23.01 -26.08 -7.00
C SER L 151 -24.47 -26.43 -7.27
N VAL L 152 -25.33 -26.29 -6.25
CA VAL L 152 -26.76 -26.58 -6.38
C VAL L 152 -27.42 -25.24 -6.28
N VAL L 153 -28.28 -24.90 -7.25
CA VAL L 153 -28.87 -23.54 -7.28
C VAL L 153 -30.38 -23.57 -7.08
N CYS L 154 -30.88 -22.66 -6.25
CA CYS L 154 -32.31 -22.46 -5.99
C CYS L 154 -32.63 -21.02 -6.43
N LEU L 155 -33.61 -20.90 -7.34
CA LEU L 155 -34.04 -19.62 -7.89
C LEU L 155 -35.42 -19.27 -7.34
N LEU L 156 -35.57 -18.02 -6.87
CA LEU L 156 -36.82 -17.44 -6.34
C LEU L 156 -37.13 -16.32 -7.30
N ASN L 157 -38.08 -16.58 -8.20
CA ASN L 157 -38.30 -15.63 -9.27
C ASN L 157 -39.48 -14.70 -9.10
N ASN L 158 -39.23 -13.39 -9.37
CA ASN L 158 -40.23 -12.31 -9.41
C ASN L 158 -41.18 -12.29 -8.21
N PHE L 159 -40.60 -12.01 -7.04
CA PHE L 159 -41.39 -11.95 -5.81
C PHE L 159 -41.40 -10.57 -5.20
N TYR L 160 -42.36 -10.34 -4.30
CA TYR L 160 -42.48 -9.08 -3.54
C TYR L 160 -43.31 -9.38 -2.28
N PRO L 161 -42.91 -8.90 -1.08
CA PRO L 161 -41.77 -8.02 -0.76
C PRO L 161 -40.42 -8.73 -0.81
N ARG L 162 -39.32 -7.97 -0.62
CA ARG L 162 -37.97 -8.48 -0.69
C ARG L 162 -37.68 -9.60 0.36
N GLU L 163 -38.27 -9.51 1.55
CA GLU L 163 -38.01 -10.47 2.63
C GLU L 163 -38.35 -11.89 2.27
N ALA L 164 -37.33 -12.78 2.27
CA ALA L 164 -37.49 -14.18 1.90
C ALA L 164 -36.47 -15.02 2.63
N LYS L 165 -36.82 -16.26 2.95
CA LYS L 165 -35.94 -17.18 3.62
C LYS L 165 -35.80 -18.44 2.79
N VAL L 166 -34.55 -18.84 2.53
CA VAL L 166 -34.20 -20.06 1.80
C VAL L 166 -33.49 -20.98 2.79
N GLN L 167 -33.96 -22.23 2.90
CA GLN L 167 -33.33 -23.23 3.75
C GLN L 167 -32.98 -24.42 2.87
N TRP L 168 -31.70 -24.81 2.86
CA TRP L 168 -31.23 -25.96 2.09
C TRP L 168 -31.28 -27.20 2.97
N LYS L 169 -31.70 -28.33 2.37
CA LYS L 169 -31.75 -29.63 3.05
C LYS L 169 -31.12 -30.67 2.14
N VAL L 170 -30.23 -31.51 2.71
CA VAL L 170 -29.52 -32.57 1.99
C VAL L 170 -29.85 -33.84 2.76
N ASP L 171 -30.64 -34.75 2.14
CA ASP L 171 -31.15 -35.98 2.75
C ASP L 171 -31.88 -35.63 4.08
N ASN L 172 -32.68 -34.54 4.03
CA ASN L 172 -33.46 -33.91 5.11
C ASN L 172 -32.61 -33.22 6.20
N ALA L 173 -31.27 -33.21 6.07
CA ALA L 173 -30.40 -32.55 7.04
C ALA L 173 -30.28 -31.06 6.68
N LEU L 174 -30.68 -30.17 7.62
CA LEU L 174 -30.62 -28.72 7.45
C LEU L 174 -29.16 -28.28 7.29
N GLN L 175 -28.90 -27.50 6.23
CA GLN L 175 -27.56 -27.00 5.90
C GLN L 175 -27.32 -25.64 6.48
N SER L 176 -26.06 -25.37 6.85
CA SER L 176 -25.63 -24.08 7.40
C SER L 176 -24.18 -23.79 7.05
N GLY L 177 -23.93 -22.53 6.72
CA GLY L 177 -22.60 -22.00 6.39
C GLY L 177 -22.01 -22.38 5.04
N ASN L 178 -22.76 -23.14 4.20
CA ASN L 178 -22.29 -23.58 2.89
C ASN L 178 -23.13 -23.05 1.71
N SER L 179 -23.88 -21.96 1.95
CA SER L 179 -24.69 -21.32 0.94
C SER L 179 -24.49 -19.82 0.89
N GLN L 180 -24.73 -19.24 -0.28
CA GLN L 180 -24.63 -17.79 -0.48
C GLN L 180 -25.79 -17.41 -1.36
N GLU L 181 -26.29 -16.20 -1.15
CA GLU L 181 -27.38 -15.71 -1.97
C GLU L 181 -27.11 -14.32 -2.48
N SER L 182 -27.80 -14.00 -3.57
CA SER L 182 -27.69 -12.74 -4.28
C SER L 182 -29.10 -12.34 -4.71
N VAL L 183 -29.40 -11.05 -4.66
CA VAL L 183 -30.74 -10.54 -5.01
C VAL L 183 -30.57 -9.47 -6.07
N THR L 184 -31.49 -9.43 -7.03
CA THR L 184 -31.47 -8.38 -8.05
C THR L 184 -32.05 -7.09 -7.46
N GLU L 185 -31.87 -5.96 -8.17
CA GLU L 185 -32.51 -4.71 -7.78
C GLU L 185 -33.98 -4.83 -8.18
N GLN L 186 -34.85 -4.02 -7.56
CA GLN L 186 -36.27 -4.00 -7.88
C GLN L 186 -36.44 -3.79 -9.41
N ASP L 187 -37.12 -4.74 -10.06
CA ASP L 187 -37.27 -4.75 -11.53
C ASP L 187 -37.88 -3.44 -12.03
N SER L 188 -37.30 -2.85 -13.10
CA SER L 188 -37.75 -1.57 -13.64
C SER L 188 -39.17 -1.58 -14.24
N LYS L 189 -39.68 -2.76 -14.62
CA LYS L 189 -41.02 -2.89 -15.17
C LYS L 189 -42.08 -3.38 -14.17
N ASP L 190 -41.82 -4.46 -13.41
CA ASP L 190 -42.84 -5.02 -12.50
C ASP L 190 -42.55 -4.83 -10.98
N SER L 191 -41.44 -4.15 -10.61
CA SER L 191 -41.07 -3.85 -9.22
C SER L 191 -40.84 -5.11 -8.32
N THR L 192 -40.56 -6.26 -8.93
CA THR L 192 -40.31 -7.46 -8.14
C THR L 192 -38.81 -7.66 -7.93
N TYR L 193 -38.46 -8.63 -7.09
CA TYR L 193 -37.09 -9.06 -6.81
C TYR L 193 -36.94 -10.50 -7.28
N SER L 194 -35.71 -10.90 -7.58
CA SER L 194 -35.41 -12.30 -7.83
C SER L 194 -34.20 -12.59 -6.98
N LEU L 195 -34.10 -13.82 -6.53
CA LEU L 195 -33.04 -14.24 -5.63
C LEU L 195 -32.50 -15.58 -6.10
N SER L 196 -31.20 -15.72 -6.02
CA SER L 196 -30.49 -16.94 -6.37
C SER L 196 -29.75 -17.37 -5.10
N SER L 197 -29.90 -18.63 -4.70
CA SER L 197 -29.14 -19.15 -3.57
C SER L 197 -28.33 -20.34 -4.08
N THR L 198 -27.02 -20.36 -3.79
CA THR L 198 -26.17 -21.45 -4.24
C THR L 198 -25.63 -22.21 -3.06
N LEU L 199 -25.81 -23.52 -3.08
CA LEU L 199 -25.28 -24.43 -2.07
C LEU L 199 -24.00 -25.01 -2.69
N THR L 200 -22.85 -24.87 -2.01
CA THR L 200 -21.58 -25.38 -2.52
C THR L 200 -21.10 -26.53 -1.68
N LEU L 201 -20.84 -27.66 -2.34
CA LEU L 201 -20.31 -28.86 -1.70
C LEU L 201 -19.17 -29.38 -2.56
N SER L 202 -18.30 -30.21 -1.96
CA SER L 202 -17.26 -30.89 -2.71
C SER L 202 -17.96 -31.98 -3.53
N LYS L 203 -17.33 -32.47 -4.61
CA LYS L 203 -17.88 -33.55 -5.44
C LYS L 203 -18.16 -34.78 -4.56
N ALA L 204 -17.21 -35.13 -3.65
CA ALA L 204 -17.32 -36.28 -2.75
C ALA L 204 -18.54 -36.19 -1.85
N ASP L 205 -18.78 -35.02 -1.22
CA ASP L 205 -19.94 -34.81 -0.35
C ASP L 205 -21.24 -34.88 -1.15
N TYR L 206 -21.24 -34.29 -2.38
CA TYR L 206 -22.41 -34.32 -3.25
C TYR L 206 -22.83 -35.74 -3.64
N GLU L 207 -21.84 -36.60 -3.97
CA GLU L 207 -22.09 -37.98 -4.38
C GLU L 207 -22.48 -38.90 -3.21
N LYS L 208 -22.28 -38.46 -1.96
CA LYS L 208 -22.63 -39.22 -0.75
C LYS L 208 -24.12 -39.10 -0.42
N HIS L 209 -24.84 -38.12 -1.04
CA HIS L 209 -26.25 -37.90 -0.73
C HIS L 209 -27.17 -37.97 -1.95
N LYS L 210 -28.46 -38.22 -1.71
CA LYS L 210 -29.46 -38.40 -2.76
C LYS L 210 -30.43 -37.24 -2.97
N VAL L 211 -31.14 -36.81 -1.91
CA VAL L 211 -32.16 -35.78 -2.01
C VAL L 211 -31.59 -34.41 -1.68
N TYR L 212 -31.85 -33.46 -2.58
CA TYR L 212 -31.42 -32.06 -2.45
C TYR L 212 -32.66 -31.20 -2.53
N ALA L 213 -32.90 -30.41 -1.48
CA ALA L 213 -34.11 -29.58 -1.39
C ALA L 213 -33.85 -28.16 -0.94
N CYS L 214 -34.62 -27.21 -1.49
CA CYS L 214 -34.58 -25.83 -1.04
C CYS L 214 -36.00 -25.42 -0.62
N GLU L 215 -36.15 -25.09 0.67
CA GLU L 215 -37.42 -24.70 1.28
C GLU L 215 -37.49 -23.18 1.35
N VAL L 216 -38.58 -22.62 0.83
CA VAL L 216 -38.77 -21.18 0.73
C VAL L 216 -39.92 -20.68 1.60
N THR L 217 -39.64 -19.65 2.40
CA THR L 217 -40.60 -18.96 3.26
C THR L 217 -40.73 -17.53 2.74
N HIS L 218 -41.98 -17.08 2.45
CA HIS L 218 -42.25 -15.72 1.95
C HIS L 218 -43.71 -15.34 2.25
N GLN L 219 -43.99 -14.01 2.46
CA GLN L 219 -45.33 -13.47 2.72
C GLN L 219 -46.41 -13.93 1.69
N GLY L 220 -46.00 -14.15 0.44
CA GLY L 220 -46.91 -14.60 -0.61
C GLY L 220 -47.26 -16.07 -0.56
N LEU L 221 -46.62 -16.85 0.33
CA LEU L 221 -46.89 -18.29 0.48
C LEU L 221 -47.55 -18.55 1.82
N SER L 222 -48.75 -19.19 1.82
CA SER L 222 -49.49 -19.49 3.06
C SER L 222 -48.69 -20.46 3.97
N SER L 223 -47.89 -21.35 3.35
CA SER L 223 -47.01 -22.30 4.02
C SER L 223 -45.73 -22.44 3.17
N PRO L 224 -44.55 -22.79 3.75
CA PRO L 224 -43.31 -22.87 2.94
C PRO L 224 -43.38 -23.83 1.76
N VAL L 225 -42.72 -23.47 0.66
CA VAL L 225 -42.67 -24.27 -0.57
C VAL L 225 -41.31 -24.95 -0.66
N THR L 226 -41.32 -26.24 -0.94
CA THR L 226 -40.08 -27.00 -1.11
C THR L 226 -39.95 -27.48 -2.56
N LYS L 227 -38.78 -27.25 -3.16
CA LYS L 227 -38.44 -27.76 -4.48
C LYS L 227 -37.27 -28.68 -4.26
N SER L 228 -37.33 -29.88 -4.83
CA SER L 228 -36.27 -30.86 -4.63
C SER L 228 -35.99 -31.71 -5.88
N PHE L 229 -34.87 -32.43 -5.85
CA PHE L 229 -34.51 -33.40 -6.86
C PHE L 229 -33.84 -34.56 -6.19
N ASN L 230 -34.06 -35.74 -6.77
CA ASN L 230 -33.57 -37.02 -6.31
C ASN L 230 -32.58 -37.52 -7.35
N ARG L 231 -31.32 -37.70 -6.93
CA ARG L 231 -30.22 -38.18 -7.76
C ARG L 231 -30.43 -39.64 -8.11
N ASP M 20 10.87 15.87 -51.05
CA ASP M 20 11.03 14.44 -50.84
C ASP M 20 12.39 14.02 -51.36
N ILE M 21 12.94 12.93 -50.80
CA ILE M 21 14.26 12.43 -51.16
C ILE M 21 14.08 11.13 -51.91
N GLN M 22 14.72 11.04 -53.08
CA GLN M 22 14.65 9.85 -53.93
C GLN M 22 15.99 9.13 -53.83
N MET M 23 15.92 7.78 -53.82
CA MET M 23 17.07 6.87 -53.76
C MET M 23 17.20 6.23 -55.10
N THR M 24 18.37 6.36 -55.72
CA THR M 24 18.62 5.77 -57.03
C THR M 24 19.57 4.59 -56.74
N GLN M 25 19.03 3.39 -56.89
CA GLN M 25 19.70 2.14 -56.60
C GLN M 25 20.22 1.49 -57.88
N SER M 26 21.45 0.98 -57.81
CA SER M 26 22.02 0.35 -59.00
C SER M 26 22.95 -0.80 -58.62
N PRO M 27 23.14 -1.83 -59.48
CA PRO M 27 22.46 -2.10 -60.76
C PRO M 27 21.09 -2.74 -60.46
N ALA M 28 20.22 -2.86 -61.45
CA ALA M 28 18.91 -3.47 -61.24
C ALA M 28 19.02 -4.99 -61.09
N SER M 29 20.01 -5.62 -61.73
CA SER M 29 20.12 -7.08 -61.78
C SER M 29 21.57 -7.49 -61.91
N LEU M 30 21.98 -8.57 -61.18
CA LEU M 30 23.34 -9.12 -61.19
C LEU M 30 23.28 -10.64 -61.17
N SER M 31 24.26 -11.32 -61.81
CA SER M 31 24.40 -12.77 -61.74
C SER M 31 25.90 -12.92 -61.44
N VAL M 32 26.23 -13.37 -60.20
CA VAL M 32 27.63 -13.41 -59.69
C VAL M 32 27.93 -14.77 -59.11
N SER M 33 29.18 -15.27 -59.33
CA SER M 33 29.58 -16.58 -58.85
C SER M 33 29.88 -16.56 -57.34
N VAL M 34 29.70 -17.70 -56.71
CA VAL M 34 30.04 -17.94 -55.30
C VAL M 34 31.54 -17.58 -55.10
N GLY M 35 31.81 -16.84 -54.02
CA GLY M 35 33.16 -16.43 -53.66
C GLY M 35 33.55 -15.05 -54.18
N GLU M 36 32.79 -14.53 -55.15
CA GLU M 36 33.10 -13.19 -55.70
C GLU M 36 32.49 -12.10 -54.81
N THR M 37 32.86 -10.84 -55.07
CA THR M 37 32.31 -9.73 -54.30
C THR M 37 31.21 -9.03 -55.08
N VAL M 38 30.06 -8.76 -54.42
CA VAL M 38 28.93 -8.05 -55.00
C VAL M 38 28.96 -6.64 -54.39
N THR M 39 28.73 -5.59 -55.23
CA THR M 39 28.63 -4.20 -54.76
C THR M 39 27.34 -3.63 -55.31
N ILE M 40 26.49 -3.16 -54.40
CA ILE M 40 25.19 -2.55 -54.77
C ILE M 40 25.26 -1.14 -54.26
N THR M 41 24.84 -0.16 -55.07
CA THR M 41 24.93 1.24 -54.67
C THR M 41 23.58 1.92 -54.58
N CYS M 42 23.52 2.93 -53.71
CA CYS M 42 22.34 3.78 -53.52
C CYS M 42 22.80 5.22 -53.42
N ARG M 43 22.25 6.06 -54.31
CA ARG M 43 22.54 7.48 -54.31
C ARG M 43 21.27 8.25 -53.92
N ALA M 44 21.37 9.10 -52.91
CA ALA M 44 20.25 9.93 -52.46
C ALA M 44 20.29 11.28 -53.22
N SER M 45 19.08 11.91 -53.41
CA SER M 45 18.97 13.20 -54.09
C SER M 45 19.55 14.37 -53.24
N GLU M 46 19.74 14.12 -51.95
CA GLU M 46 20.38 15.07 -51.03
C GLU M 46 21.03 14.33 -49.88
N ASN M 47 21.88 15.03 -49.11
CA ASN M 47 22.60 14.45 -47.99
C ASN M 47 21.63 13.85 -46.97
N ILE M 48 21.81 12.57 -46.67
CA ILE M 48 20.92 11.86 -45.73
C ILE M 48 21.64 11.53 -44.42
N TYR M 49 22.89 12.03 -44.27
CA TYR M 49 23.65 11.93 -43.01
C TYR M 49 23.72 10.52 -42.43
N SER M 50 23.97 9.51 -43.29
CA SER M 50 24.15 8.11 -42.93
C SER M 50 22.89 7.42 -42.42
N ASN M 51 21.70 8.04 -42.57
CA ASN M 51 20.43 7.46 -42.16
C ASN M 51 19.93 6.57 -43.28
N LEU M 52 20.62 5.43 -43.45
CA LEU M 52 20.38 4.51 -44.57
C LEU M 52 20.49 3.06 -44.07
N ALA M 53 19.58 2.21 -44.54
CA ALA M 53 19.59 0.79 -44.21
C ALA M 53 19.55 -0.03 -45.48
N TRP M 54 19.98 -1.30 -45.37
CA TRP M 54 19.92 -2.26 -46.45
C TRP M 54 19.11 -3.46 -45.95
N TYR M 55 18.29 -4.02 -46.83
CA TYR M 55 17.49 -5.19 -46.54
C TYR M 55 17.69 -6.23 -47.63
N GLN M 56 17.51 -7.50 -47.27
CA GLN M 56 17.50 -8.63 -48.22
C GLN M 56 16.10 -9.21 -48.17
N GLN M 57 15.58 -9.67 -49.33
CA GLN M 57 14.29 -10.30 -49.35
C GLN M 57 14.31 -11.52 -50.28
N LYS M 58 13.81 -12.63 -49.78
CA LYS M 58 13.62 -13.87 -50.54
C LYS M 58 12.13 -13.99 -50.91
N GLN M 59 11.81 -14.74 -51.96
CA GLN M 59 10.43 -14.92 -52.45
C GLN M 59 9.48 -15.43 -51.37
N GLY M 60 8.35 -14.75 -51.25
CA GLY M 60 7.32 -15.08 -50.28
C GLY M 60 7.71 -14.90 -48.83
N LYS M 61 8.82 -14.16 -48.57
CA LYS M 61 9.29 -13.89 -47.21
C LYS M 61 9.36 -12.41 -46.95
N SER M 62 9.26 -12.04 -45.69
CA SER M 62 9.37 -10.62 -45.37
C SER M 62 10.84 -10.16 -45.52
N PRO M 63 11.07 -8.89 -45.84
CA PRO M 63 12.45 -8.41 -45.91
C PRO M 63 13.14 -8.56 -44.56
N GLN M 64 14.47 -8.69 -44.57
CA GLN M 64 15.29 -8.84 -43.36
C GLN M 64 16.33 -7.73 -43.39
N LEU M 65 16.48 -7.06 -42.25
CA LEU M 65 17.49 -6.01 -42.12
C LEU M 65 18.90 -6.57 -42.13
N LEU M 66 19.79 -5.99 -42.96
CA LEU M 66 21.20 -6.41 -43.00
C LEU M 66 22.13 -5.40 -42.34
N VAL M 67 22.00 -4.12 -42.74
CA VAL M 67 22.90 -3.05 -42.32
C VAL M 67 22.04 -1.85 -41.97
N TYR M 68 22.38 -1.15 -40.88
CA TYR M 68 21.61 0.04 -40.48
C TYR M 68 22.58 1.18 -40.22
N ALA M 69 22.07 2.42 -40.31
CA ALA M 69 22.89 3.63 -40.10
C ALA M 69 24.18 3.55 -40.97
N ALA M 70 23.97 3.13 -42.23
CA ALA M 70 24.93 3.01 -43.32
C ALA M 70 26.00 1.95 -43.16
N THR M 71 26.57 1.78 -41.93
CA THR M 71 27.76 0.90 -41.75
C THR M 71 27.65 -0.18 -40.67
N ASN M 72 26.53 -0.23 -39.93
CA ASN M 72 26.37 -1.18 -38.82
C ASN M 72 25.71 -2.48 -39.20
N LEU M 73 26.36 -3.63 -38.91
CA LEU M 73 25.77 -4.94 -39.24
C LEU M 73 24.68 -5.23 -38.22
N ALA M 74 23.51 -5.64 -38.71
CA ALA M 74 22.40 -6.00 -37.84
C ALA M 74 22.70 -7.31 -37.11
N ASP M 75 22.04 -7.54 -35.96
CA ASP M 75 22.24 -8.78 -35.17
C ASP M 75 21.98 -10.02 -36.00
N GLY M 76 22.89 -11.00 -35.90
CA GLY M 76 22.77 -12.26 -36.63
C GLY M 76 23.16 -12.25 -38.10
N VAL M 77 23.53 -11.10 -38.65
CA VAL M 77 23.88 -11.04 -40.07
C VAL M 77 25.35 -11.53 -40.23
N PRO M 78 25.68 -12.38 -41.21
CA PRO M 78 27.10 -12.83 -41.35
C PRO M 78 28.04 -11.65 -41.63
N SER M 79 29.31 -11.78 -41.21
CA SER M 79 30.29 -10.69 -41.34
C SER M 79 30.71 -10.39 -42.79
N ARG M 80 30.36 -11.24 -43.75
CA ARG M 80 30.67 -10.99 -45.17
C ARG M 80 29.86 -9.79 -45.74
N PHE M 81 28.79 -9.37 -45.04
CA PHE M 81 28.02 -8.21 -45.46
C PHE M 81 28.59 -6.98 -44.77
N SER M 82 28.70 -5.89 -45.51
CA SER M 82 29.14 -4.62 -44.95
C SER M 82 28.51 -3.47 -45.72
N GLY M 83 28.39 -2.35 -45.06
CA GLY M 83 27.87 -1.15 -45.67
C GLY M 83 28.90 -0.04 -45.56
N SER M 84 28.96 0.85 -46.55
CA SER M 84 29.85 2.00 -46.50
C SER M 84 29.18 3.20 -47.10
N GLY M 85 29.75 4.36 -46.81
CA GLY M 85 29.26 5.61 -47.37
C GLY M 85 28.86 6.64 -46.36
N SER M 86 28.65 7.84 -46.88
CA SER M 86 28.20 9.03 -46.16
C SER M 86 27.69 10.00 -47.25
N GLY M 87 27.11 11.11 -46.82
CA GLY M 87 26.59 12.13 -47.70
C GLY M 87 25.45 11.56 -48.53
N THR M 88 25.65 11.54 -49.83
CA THR M 88 24.60 11.05 -50.75
C THR M 88 24.89 9.67 -51.34
N GLN M 89 26.10 9.12 -51.11
CA GLN M 89 26.49 7.88 -51.78
C GLN M 89 26.80 6.75 -50.82
N TYR M 90 26.11 5.60 -51.03
CA TYR M 90 26.17 4.44 -50.15
C TYR M 90 26.33 3.17 -50.90
N SER M 91 27.06 2.21 -50.33
CA SER M 91 27.19 0.89 -50.96
C SER M 91 27.00 -0.24 -49.95
N LEU M 92 26.40 -1.35 -50.43
CA LEU M 92 26.33 -2.59 -49.70
C LEU M 92 27.33 -3.51 -50.42
N LYS M 93 28.22 -4.14 -49.66
CA LYS M 93 29.20 -5.06 -50.24
C LYS M 93 28.97 -6.44 -49.62
N ILE M 94 28.93 -7.47 -50.46
CA ILE M 94 28.84 -8.86 -50.04
C ILE M 94 30.17 -9.48 -50.46
N ASN M 95 31.06 -9.71 -49.50
CA ASN M 95 32.33 -10.36 -49.78
C ASN M 95 32.04 -11.86 -49.82
N SER M 96 32.91 -12.63 -50.51
CA SER M 96 32.85 -14.08 -50.51
C SER M 96 31.39 -14.60 -50.66
N LEU M 97 30.68 -14.11 -51.69
CA LEU M 97 29.29 -14.41 -51.95
C LEU M 97 28.96 -15.90 -51.73
N GLN M 98 27.88 -16.22 -50.99
CA GLN M 98 27.48 -17.62 -50.76
C GLN M 98 26.18 -17.93 -51.49
N SER M 99 25.91 -19.21 -51.75
CA SER M 99 24.70 -19.63 -52.45
C SER M 99 23.40 -19.11 -51.77
N GLU M 100 23.40 -18.98 -50.41
CA GLU M 100 22.19 -18.49 -49.71
C GLU M 100 21.96 -16.97 -49.84
N ASP M 101 22.88 -16.26 -50.52
CA ASP M 101 22.78 -14.80 -50.67
C ASP M 101 21.96 -14.37 -51.89
N PHE M 102 21.38 -15.31 -52.63
CA PHE M 102 20.52 -14.89 -53.75
C PHE M 102 19.30 -14.11 -53.17
N GLY M 103 18.68 -13.31 -53.99
CA GLY M 103 17.48 -12.61 -53.59
C GLY M 103 17.43 -11.19 -54.07
N ASN M 104 16.54 -10.40 -53.49
CA ASN M 104 16.45 -9.01 -53.86
C ASN M 104 16.98 -8.17 -52.70
N TYR M 105 17.65 -7.08 -53.04
CA TYR M 105 18.23 -6.20 -52.01
C TYR M 105 17.65 -4.82 -52.18
N TYR M 106 17.39 -4.09 -51.05
CA TYR M 106 16.82 -2.76 -51.16
C TYR M 106 17.51 -1.86 -50.14
N CYS M 107 17.70 -0.57 -50.49
CA CYS M 107 18.14 0.41 -49.49
C CYS M 107 16.89 1.20 -49.09
N GLN M 108 16.96 1.93 -47.97
CA GLN M 108 15.90 2.81 -47.50
C GLN M 108 16.55 3.94 -46.68
N HIS M 109 16.04 5.16 -46.82
CA HIS M 109 16.61 6.26 -46.02
C HIS M 109 15.61 6.64 -44.91
N PHE M 110 16.09 7.38 -43.91
CA PHE M 110 15.26 7.83 -42.78
C PHE M 110 15.57 9.30 -42.48
N TRP M 111 15.85 10.09 -43.52
CA TRP M 111 16.22 11.50 -43.31
C TRP M 111 15.09 12.45 -43.68
N GLY M 112 14.83 13.39 -42.78
CA GLY M 112 13.84 14.44 -42.99
C GLY M 112 12.40 13.99 -42.88
N THR M 113 11.50 14.85 -43.30
CA THR M 113 10.07 14.57 -43.27
C THR M 113 9.80 13.38 -44.17
N PRO M 114 9.03 12.35 -43.72
CA PRO M 114 8.70 11.23 -44.62
C PRO M 114 8.07 11.72 -45.94
N PRO M 115 8.16 10.97 -47.05
CA PRO M 115 8.45 9.54 -47.14
C PRO M 115 9.87 9.10 -46.91
N TRP M 116 10.01 7.96 -46.20
CA TRP M 116 11.28 7.26 -45.93
C TRP M 116 11.35 6.15 -46.96
N THR M 117 11.74 6.56 -48.17
CA THR M 117 11.66 5.78 -49.39
C THR M 117 12.71 4.70 -49.54
N PHE M 118 12.33 3.65 -50.27
CA PHE M 118 13.23 2.57 -50.66
C PHE M 118 13.82 2.84 -52.06
N GLY M 119 15.01 2.28 -52.30
CA GLY M 119 15.61 2.29 -53.63
C GLY M 119 14.80 1.28 -54.44
N GLY M 120 14.99 1.28 -55.76
CA GLY M 120 14.25 0.42 -56.69
C GLY M 120 14.51 -1.07 -56.58
N GLY M 121 15.60 -1.45 -55.89
CA GLY M 121 15.94 -2.86 -55.72
C GLY M 121 17.00 -3.38 -56.67
N THR M 122 17.66 -4.44 -56.26
CA THR M 122 18.67 -5.13 -57.06
C THR M 122 18.37 -6.61 -56.94
N LYS M 123 18.21 -7.30 -58.10
CA LYS M 123 17.95 -8.75 -58.06
C LYS M 123 19.30 -9.44 -58.21
N LEU M 124 19.65 -10.31 -57.26
CA LEU M 124 20.92 -11.01 -57.32
C LEU M 124 20.68 -12.49 -57.58
N GLU M 125 21.26 -13.01 -58.66
CA GLU M 125 21.21 -14.44 -58.96
C GLU M 125 22.62 -14.98 -58.66
N ILE M 126 22.72 -16.22 -58.20
CA ILE M 126 24.01 -16.87 -57.99
C ILE M 126 24.35 -17.56 -59.29
N LYS M 127 25.45 -17.15 -59.96
CA LYS M 127 25.88 -17.80 -61.21
C LYS M 127 26.63 -19.07 -60.82
N ARG M 128 26.37 -20.19 -61.50
CA ARG M 128 27.06 -21.46 -61.18
C ARG M 128 27.27 -22.22 -62.51
N THR M 129 27.87 -23.41 -62.42
CA THR M 129 28.11 -24.22 -63.61
C THR M 129 26.79 -24.71 -64.19
N VAL M 130 26.79 -25.03 -65.48
CA VAL M 130 25.59 -25.56 -66.14
C VAL M 130 25.20 -26.90 -65.49
N ALA M 131 23.90 -27.12 -65.26
CA ALA M 131 23.40 -28.38 -64.69
C ALA M 131 22.15 -28.78 -65.52
N ALA M 132 22.13 -29.98 -66.09
CA ALA M 132 21.00 -30.41 -66.89
C ALA M 132 19.80 -30.79 -66.03
N PRO M 133 18.55 -30.59 -66.51
CA PRO M 133 17.39 -31.03 -65.70
C PRO M 133 17.21 -32.55 -65.69
N SER M 134 16.58 -33.05 -64.63
CA SER M 134 16.09 -34.44 -64.53
C SER M 134 14.61 -34.28 -64.89
N VAL M 135 14.13 -35.03 -65.87
CA VAL M 135 12.78 -34.84 -66.37
C VAL M 135 11.84 -35.98 -65.92
N PHE M 136 10.62 -35.62 -65.47
CA PHE M 136 9.61 -36.57 -65.01
C PHE M 136 8.26 -36.20 -65.62
N ILE M 137 7.45 -37.20 -65.93
CA ILE M 137 6.13 -36.95 -66.51
C ILE M 137 5.06 -37.62 -65.65
N PHE M 138 3.93 -36.92 -65.42
CA PHE M 138 2.84 -37.44 -64.63
C PHE M 138 1.54 -37.44 -65.42
N PRO M 139 0.89 -38.63 -65.57
CA PRO M 139 -0.42 -38.64 -66.24
C PRO M 139 -1.48 -38.00 -65.34
N PRO M 140 -2.66 -37.60 -65.87
CA PRO M 140 -3.71 -37.11 -64.97
C PRO M 140 -4.17 -38.25 -64.07
N SER M 141 -4.53 -37.93 -62.81
CA SER M 141 -5.00 -38.92 -61.85
C SER M 141 -6.39 -39.41 -62.26
N ASP M 142 -6.78 -40.60 -61.78
CA ASP M 142 -8.11 -41.16 -62.00
C ASP M 142 -9.17 -40.21 -61.40
N GLU M 143 -8.85 -39.62 -60.22
CA GLU M 143 -9.69 -38.65 -59.48
C GLU M 143 -10.06 -37.45 -60.37
N GLN M 144 -9.04 -36.87 -61.07
CA GLN M 144 -9.28 -35.75 -61.97
C GLN M 144 -10.13 -36.13 -63.17
N LEU M 145 -9.84 -37.29 -63.79
CA LEU M 145 -10.55 -37.77 -64.97
C LEU M 145 -12.07 -37.86 -64.77
N LYS M 146 -12.52 -38.16 -63.54
CA LYS M 146 -13.94 -38.23 -63.17
C LYS M 146 -14.64 -36.87 -63.33
N SER M 147 -13.89 -35.74 -63.16
CA SER M 147 -14.38 -34.36 -63.24
C SER M 147 -14.54 -33.79 -64.69
N GLY M 148 -14.02 -34.50 -65.70
CA GLY M 148 -14.10 -34.07 -67.10
C GLY M 148 -12.89 -33.36 -67.70
N THR M 149 -11.85 -33.13 -66.89
CA THR M 149 -10.60 -32.48 -67.32
C THR M 149 -9.41 -33.40 -67.06
N ALA M 150 -8.36 -33.22 -67.86
CA ALA M 150 -7.12 -33.98 -67.76
C ALA M 150 -5.98 -33.01 -67.74
N SER M 151 -5.12 -33.09 -66.72
CA SER M 151 -3.91 -32.27 -66.65
C SER M 151 -2.72 -33.20 -66.69
N VAL M 152 -1.80 -32.98 -67.64
CA VAL M 152 -0.58 -33.78 -67.79
C VAL M 152 0.56 -32.90 -67.32
N VAL M 153 1.38 -33.37 -66.39
CA VAL M 153 2.45 -32.52 -65.82
C VAL M 153 3.85 -33.05 -66.17
N CYS M 154 4.74 -32.14 -66.58
CA CYS M 154 6.12 -32.42 -66.90
C CYS M 154 6.96 -31.59 -65.91
N LEU M 155 7.84 -32.27 -65.18
CA LEU M 155 8.71 -31.65 -64.18
C LEU M 155 10.16 -31.66 -64.68
N LEU M 156 10.82 -30.50 -64.65
CA LEU M 156 12.25 -30.33 -65.00
C LEU M 156 12.89 -29.99 -63.68
N ASN M 157 13.67 -30.90 -63.15
CA ASN M 157 14.21 -30.71 -61.80
C ASN M 157 15.68 -30.38 -61.73
N ASN M 158 15.98 -29.35 -60.93
CA ASN M 158 17.31 -28.89 -60.51
C ASN M 158 18.27 -28.63 -61.65
N PHE M 159 17.98 -27.57 -62.40
CA PHE M 159 18.82 -27.22 -63.56
C PHE M 159 19.38 -25.79 -63.47
N TYR M 160 20.38 -25.47 -64.31
CA TYR M 160 20.99 -24.14 -64.40
C TYR M 160 21.65 -24.04 -65.77
N PRO M 161 21.52 -22.93 -66.52
CA PRO M 161 20.76 -21.68 -66.21
C PRO M 161 19.23 -21.83 -66.26
N ARG M 162 18.54 -20.76 -65.96
CA ARG M 162 17.09 -20.73 -65.85
C ARG M 162 16.33 -21.05 -67.15
N GLU M 163 16.94 -20.77 -68.31
CA GLU M 163 16.24 -20.96 -69.58
C GLU M 163 16.05 -22.42 -69.91
N ALA M 164 14.82 -22.77 -70.27
CA ALA M 164 14.50 -24.16 -70.66
C ALA M 164 13.26 -24.12 -71.51
N LYS M 165 13.15 -25.05 -72.45
CA LYS M 165 12.01 -25.11 -73.35
C LYS M 165 11.34 -26.47 -73.21
N VAL M 166 10.01 -26.47 -73.09
CA VAL M 166 9.21 -27.70 -73.04
C VAL M 166 8.29 -27.73 -74.27
N GLN M 167 8.34 -28.83 -75.02
CA GLN M 167 7.46 -29.04 -76.16
C GLN M 167 6.59 -30.28 -75.86
N TRP M 168 5.27 -30.11 -75.83
CA TRP M 168 4.34 -31.21 -75.59
C TRP M 168 3.97 -31.88 -76.91
N LYS M 169 3.80 -33.21 -76.88
CA LYS M 169 3.35 -33.98 -78.06
C LYS M 169 2.30 -34.99 -77.62
N VAL M 170 1.23 -35.12 -78.41
CA VAL M 170 0.11 -36.05 -78.17
C VAL M 170 -0.02 -36.86 -79.44
N ASP M 171 0.35 -38.17 -79.38
CA ASP M 171 0.40 -39.09 -80.53
C ASP M 171 1.27 -38.45 -81.65
N ASN M 172 2.40 -37.86 -81.22
CA ASN M 172 3.44 -37.17 -82.01
C ASN M 172 2.97 -35.82 -82.58
N ALA M 173 1.71 -35.39 -82.32
CA ALA M 173 1.23 -34.09 -82.77
C ALA M 173 1.71 -32.99 -81.79
N LEU M 174 2.47 -32.02 -82.29
CA LEU M 174 3.00 -30.90 -81.50
C LEU M 174 1.85 -30.06 -80.97
N GLN M 175 1.91 -29.76 -79.67
CA GLN M 175 0.88 -28.98 -78.99
C GLN M 175 1.26 -27.52 -78.91
N SER M 176 0.25 -26.64 -78.96
CA SER M 176 0.44 -25.19 -78.87
C SER M 176 -0.78 -24.54 -78.24
N GLY M 177 -0.54 -23.57 -77.37
CA GLY M 177 -1.58 -22.79 -76.71
C GLY M 177 -2.36 -23.45 -75.59
N ASN M 178 -2.06 -24.75 -75.28
CA ASN M 178 -2.76 -25.51 -74.25
C ASN M 178 -1.83 -25.94 -73.08
N SER M 179 -0.71 -25.22 -72.89
CA SER M 179 0.19 -25.49 -71.78
C SER M 179 0.61 -24.20 -71.07
N GLN M 180 0.92 -24.35 -69.78
CA GLN M 180 1.41 -23.24 -68.97
C GLN M 180 2.52 -23.76 -68.10
N GLU M 181 3.48 -22.89 -67.76
CA GLU M 181 4.59 -23.29 -66.94
C GLU M 181 4.97 -22.25 -65.93
N SER M 182 5.68 -22.69 -64.89
CA SER M 182 6.21 -21.80 -63.85
C SER M 182 7.50 -22.38 -63.32
N VAL M 183 8.33 -21.51 -62.76
CA VAL M 183 9.68 -21.84 -62.33
C VAL M 183 9.87 -21.45 -60.86
N THR M 184 10.58 -22.28 -60.11
CA THR M 184 10.86 -21.98 -58.71
C THR M 184 11.95 -20.92 -58.59
N GLU M 185 12.08 -20.40 -57.37
CA GLU M 185 13.14 -19.49 -56.97
C GLU M 185 14.41 -20.34 -56.95
N GLN M 186 15.57 -19.71 -57.14
CA GLN M 186 16.87 -20.41 -57.11
C GLN M 186 17.04 -21.13 -55.77
N ASP M 187 17.54 -22.37 -55.79
CA ASP M 187 17.73 -23.17 -54.57
C ASP M 187 18.86 -22.57 -53.70
N SER M 188 18.63 -22.47 -52.37
CA SER M 188 19.62 -21.85 -51.48
C SER M 188 20.94 -22.62 -51.35
N LYS M 189 20.93 -23.93 -51.63
CA LYS M 189 22.13 -24.74 -51.50
C LYS M 189 22.84 -25.01 -52.83
N ASP M 190 22.12 -25.46 -53.87
CA ASP M 190 22.81 -25.80 -55.13
C ASP M 190 22.60 -24.76 -56.25
N SER M 191 21.87 -23.65 -55.99
CA SER M 191 21.67 -22.55 -56.97
C SER M 191 20.95 -22.97 -58.26
N THR M 192 20.20 -24.09 -58.22
CA THR M 192 19.47 -24.54 -59.41
C THR M 192 18.01 -24.04 -59.37
N TYR M 193 17.30 -24.27 -60.49
CA TYR M 193 15.88 -23.96 -60.66
C TYR M 193 15.15 -25.27 -60.97
N SER M 194 13.85 -25.27 -60.80
CA SER M 194 13.00 -26.37 -61.24
C SER M 194 11.84 -25.74 -61.99
N LEU M 195 11.24 -26.49 -62.94
CA LEU M 195 10.17 -25.97 -63.75
C LEU M 195 9.07 -27.02 -63.84
N SER M 196 7.81 -26.57 -63.76
CA SER M 196 6.65 -27.43 -63.91
C SER M 196 5.87 -26.92 -65.12
N SER M 197 5.49 -27.82 -66.03
CA SER M 197 4.66 -27.45 -67.18
C SER M 197 3.41 -28.31 -67.15
N THR M 198 2.21 -27.70 -67.31
CA THR M 198 0.96 -28.46 -67.34
C THR M 198 0.32 -28.36 -68.71
N LEU M 199 -0.03 -29.51 -69.30
CA LEU M 199 -0.76 -29.59 -70.53
C LEU M 199 -2.22 -29.86 -70.13
N THR M 200 -3.17 -29.02 -70.59
CA THR M 200 -4.58 -29.19 -70.26
C THR M 200 -5.38 -29.63 -71.48
N LEU M 201 -6.12 -30.72 -71.34
CA LEU M 201 -7.00 -31.28 -72.37
C LEU M 201 -8.32 -31.66 -71.71
N SER M 202 -9.38 -31.80 -72.51
CA SER M 202 -10.64 -32.28 -71.99
C SER M 202 -10.46 -33.79 -71.77
N LYS M 203 -11.28 -34.41 -70.91
CA LYS M 203 -11.25 -35.87 -70.68
C LYS M 203 -11.44 -36.61 -72.01
N ALA M 204 -12.40 -36.15 -72.85
CA ALA M 204 -12.72 -36.74 -74.15
C ALA M 204 -11.50 -36.75 -75.07
N ASP M 205 -10.79 -35.61 -75.19
CA ASP M 205 -9.57 -35.50 -76.01
C ASP M 205 -8.48 -36.40 -75.46
N TYR M 206 -8.31 -36.46 -74.13
CA TYR M 206 -7.30 -37.30 -73.47
C TYR M 206 -7.53 -38.81 -73.78
N GLU M 207 -8.77 -39.26 -73.71
CA GLU M 207 -9.10 -40.67 -73.97
C GLU M 207 -9.04 -41.06 -75.45
N LYS M 208 -8.98 -40.07 -76.37
CA LYS M 208 -8.88 -40.32 -77.81
C LYS M 208 -7.42 -40.62 -78.25
N HIS M 209 -6.44 -40.35 -77.38
CA HIS M 209 -5.03 -40.54 -77.75
C HIS M 209 -4.25 -41.45 -76.79
N LYS M 210 -3.11 -41.98 -77.25
CA LYS M 210 -2.28 -42.92 -76.49
C LYS M 210 -1.00 -42.35 -75.91
N VAL M 211 -0.10 -41.81 -76.77
CA VAL M 211 1.23 -41.35 -76.39
C VAL M 211 1.25 -39.89 -75.96
N TYR M 212 1.68 -39.65 -74.73
CA TYR M 212 1.81 -38.29 -74.17
C TYR M 212 3.26 -38.07 -73.85
N ALA M 213 3.85 -37.03 -74.45
CA ALA M 213 5.29 -36.78 -74.32
C ALA M 213 5.64 -35.34 -74.08
N CYS M 214 6.69 -35.10 -73.30
CA CYS M 214 7.21 -33.74 -73.13
C CYS M 214 8.68 -33.79 -73.49
N GLU M 215 9.04 -32.97 -74.47
CA GLU M 215 10.42 -32.85 -74.97
C GLU M 215 11.06 -31.60 -74.37
N VAL M 216 12.22 -31.78 -73.76
CA VAL M 216 12.93 -30.72 -73.02
C VAL M 216 14.23 -30.32 -73.71
N THR M 217 14.41 -29.01 -73.93
CA THR M 217 15.63 -28.41 -74.50
C THR M 217 16.25 -27.54 -73.40
N HIS M 218 17.57 -27.66 -73.19
CA HIS M 218 18.29 -26.92 -72.14
C HIS M 218 19.78 -26.95 -72.49
N GLN M 219 20.53 -25.92 -72.09
CA GLN M 219 21.96 -25.79 -72.34
C GLN M 219 22.79 -27.00 -71.86
N GLY M 220 22.32 -27.65 -70.79
CA GLY M 220 22.99 -28.81 -70.20
C GLY M 220 22.80 -30.10 -70.98
N LEU M 221 21.85 -30.10 -71.94
CA LEU M 221 21.56 -31.32 -72.72
C LEU M 221 22.10 -31.17 -74.13
N SER M 222 22.93 -32.14 -74.58
CA SER M 222 23.52 -32.16 -75.93
C SER M 222 22.46 -32.46 -77.01
N SER M 223 21.32 -33.04 -76.61
CA SER M 223 20.17 -33.25 -77.48
C SER M 223 18.92 -33.15 -76.62
N PRO M 224 17.74 -32.74 -77.16
CA PRO M 224 16.53 -32.68 -76.32
C PRO M 224 16.15 -34.04 -75.71
N VAL M 225 15.65 -34.02 -74.45
CA VAL M 225 15.27 -35.23 -73.73
C VAL M 225 13.75 -35.34 -73.76
N THR M 226 13.22 -36.53 -74.09
CA THR M 226 11.79 -36.75 -74.09
C THR M 226 11.40 -37.74 -72.99
N LYS M 227 10.35 -37.40 -72.21
CA LYS M 227 9.75 -38.32 -71.24
C LYS M 227 8.34 -38.52 -71.70
N SER M 228 7.89 -39.77 -71.75
CA SER M 228 6.57 -40.07 -72.23
C SER M 228 5.91 -41.22 -71.47
N PHE M 229 4.60 -41.39 -71.69
CA PHE M 229 3.84 -42.51 -71.16
C PHE M 229 2.77 -42.85 -72.16
N ASN M 230 2.22 -44.07 -72.06
CA ASN M 230 1.10 -44.50 -72.86
C ASN M 230 -0.11 -44.53 -71.93
N ARG M 231 -1.21 -43.90 -72.34
CA ARG M 231 -2.46 -43.91 -71.57
C ARG M 231 -3.05 -45.32 -71.56
N THR N 5 29.55 10.58 -33.97
CA THR N 5 29.64 11.91 -33.40
C THR N 5 28.29 12.66 -33.59
N THR N 6 27.51 12.41 -34.68
CA THR N 6 26.18 13.03 -34.90
C THR N 6 25.14 11.96 -35.12
N VAL N 7 23.98 12.09 -34.44
CA VAL N 7 22.88 11.16 -34.57
C VAL N 7 21.58 11.94 -34.66
N ALA N 8 20.64 11.43 -35.44
CA ALA N 8 19.32 12.04 -35.53
C ALA N 8 18.40 11.34 -34.51
N PHE N 9 17.41 12.07 -34.00
CA PHE N 9 16.43 11.50 -33.07
C PHE N 9 15.13 12.27 -33.22
N ASP N 10 14.02 11.58 -33.05
CA ASP N 10 12.71 12.22 -33.20
C ASP N 10 12.17 12.71 -31.90
N VAL N 11 11.74 13.98 -31.89
CA VAL N 11 11.09 14.61 -30.75
C VAL N 11 9.59 14.27 -30.96
N ARG N 12 9.00 13.56 -29.98
CA ARG N 12 7.64 13.04 -30.02
C ARG N 12 6.71 13.89 -29.16
N PRO N 13 5.77 14.63 -29.78
CA PRO N 13 4.83 15.42 -28.96
C PRO N 13 3.73 14.54 -28.39
N GLY N 14 2.86 15.14 -27.59
CA GLY N 14 1.74 14.41 -27.01
C GLY N 14 1.71 14.47 -25.50
N GLY N 15 2.82 14.90 -24.89
CA GLY N 15 2.89 15.10 -23.44
C GLY N 15 3.68 14.09 -22.65
N VAL N 16 4.00 12.93 -23.23
CA VAL N 16 4.82 11.93 -22.54
C VAL N 16 6.24 12.51 -22.44
N VAL N 17 6.88 12.32 -21.28
CA VAL N 17 8.25 12.80 -21.05
C VAL N 17 9.18 11.77 -21.70
N HIS N 18 10.01 12.22 -22.64
CA HIS N 18 10.96 11.34 -23.33
C HIS N 18 12.38 11.84 -23.17
N SER N 19 13.35 10.96 -23.40
CA SER N 19 14.76 11.34 -23.34
C SER N 19 15.52 10.66 -24.44
N PHE N 20 16.59 11.31 -24.88
CA PHE N 20 17.50 10.75 -25.86
C PHE N 20 18.90 11.04 -25.37
N SER N 21 19.77 10.02 -25.37
CA SER N 21 21.16 10.22 -24.97
C SER N 21 22.13 9.58 -25.94
N HIS N 22 23.35 10.10 -25.96
CA HIS N 22 24.43 9.59 -26.80
C HIS N 22 25.76 9.82 -26.09
N ASN N 23 26.73 8.92 -26.31
CA ASN N 23 28.05 8.97 -25.68
C ASN N 23 29.14 9.36 -26.69
N VAL N 24 30.29 9.82 -26.17
CA VAL N 24 31.49 10.18 -26.95
C VAL N 24 32.72 10.07 -26.04
N GLY N 25 33.89 9.85 -26.64
CA GLY N 25 35.17 9.74 -25.94
C GLY N 25 35.52 8.32 -25.54
N PRO N 26 36.80 8.07 -25.16
CA PRO N 26 37.18 6.69 -24.77
C PRO N 26 36.40 6.15 -23.58
N GLY N 27 36.04 4.86 -23.66
CA GLY N 27 35.27 4.14 -22.65
C GLY N 27 34.00 4.82 -22.20
N ASP N 28 33.30 5.50 -23.15
CA ASP N 28 32.06 6.26 -22.94
C ASP N 28 32.20 7.27 -21.78
N LYS N 29 33.32 8.04 -21.81
CA LYS N 29 33.72 9.06 -20.83
C LYS N 29 32.66 10.14 -20.66
N TYR N 30 32.04 10.57 -21.78
CA TYR N 30 31.03 11.63 -21.80
C TYR N 30 29.67 11.17 -22.32
N THR N 31 28.60 11.73 -21.76
CA THR N 31 27.24 11.46 -22.23
C THR N 31 26.50 12.79 -22.31
N CYS N 32 25.67 12.95 -23.33
CA CYS N 32 24.78 14.11 -23.43
C CYS N 32 23.37 13.55 -23.51
N MET N 33 22.45 14.11 -22.70
CA MET N 33 21.08 13.64 -22.67
C MET N 33 20.12 14.81 -22.81
N PHE N 34 19.06 14.61 -23.61
CA PHE N 34 18.03 15.61 -23.81
C PHE N 34 16.70 15.00 -23.34
N THR N 35 16.05 15.64 -22.35
CA THR N 35 14.76 15.21 -21.79
C THR N 35 13.74 16.30 -22.09
N TYR N 36 12.55 15.92 -22.57
CA TYR N 36 11.56 16.92 -22.95
C TYR N 36 10.15 16.34 -22.86
N ALA N 37 9.15 17.24 -22.94
CA ALA N 37 7.74 16.89 -23.19
C ALA N 37 7.28 18.01 -24.12
N SER N 38 6.49 17.67 -25.13
CA SER N 38 6.04 18.69 -26.08
C SER N 38 4.67 18.40 -26.65
N GLN N 39 4.10 19.40 -27.33
CA GLN N 39 2.81 19.29 -28.02
C GLN N 39 3.02 19.83 -29.42
N GLY N 40 2.31 19.30 -30.39
CA GLY N 40 2.46 19.71 -31.78
C GLY N 40 1.78 18.75 -32.72
N GLY N 41 1.85 19.04 -34.02
CA GLY N 41 1.17 18.23 -35.03
C GLY N 41 1.92 17.05 -35.58
N THR N 42 3.25 17.09 -35.54
CA THR N 42 4.06 16.01 -36.12
C THR N 42 5.26 15.68 -35.24
N ASN N 43 5.82 14.48 -35.44
CA ASN N 43 7.06 14.09 -34.79
C ASN N 43 8.14 14.84 -35.57
N GLU N 44 9.13 15.44 -34.90
CA GLU N 44 10.16 16.21 -35.61
C GLU N 44 11.47 15.55 -35.45
N GLN N 45 12.21 15.45 -36.55
CA GLN N 45 13.54 14.88 -36.47
C GLN N 45 14.53 15.99 -36.08
N TRP N 46 15.26 15.75 -35.01
CA TRP N 46 16.32 16.64 -34.52
C TRP N 46 17.65 15.92 -34.65
N GLN N 47 18.75 16.62 -34.38
CA GLN N 47 20.09 16.05 -34.37
C GLN N 47 20.78 16.36 -33.05
N MET N 48 21.67 15.45 -32.63
CA MET N 48 22.52 15.63 -31.47
C MET N 48 23.94 15.38 -31.97
N SER N 49 24.83 16.35 -31.78
CA SER N 49 26.23 16.23 -32.22
C SER N 49 27.13 16.35 -31.01
N LEU N 50 28.13 15.46 -30.91
CA LEU N 50 29.06 15.40 -29.79
C LEU N 50 30.47 15.49 -30.31
N GLY N 51 31.25 16.40 -29.74
CA GLY N 51 32.64 16.60 -30.11
C GLY N 51 33.53 16.70 -28.88
N THR N 52 34.77 16.20 -28.99
CA THR N 52 35.74 16.27 -27.89
C THR N 52 36.97 17.07 -28.34
N SER N 53 37.64 17.74 -27.40
CA SER N 53 38.85 18.49 -27.69
C SER N 53 40.00 17.51 -27.96
N GLU N 54 41.10 18.01 -28.57
CA GLU N 54 42.27 17.18 -28.85
C GLU N 54 42.81 16.56 -27.54
N ASP N 55 42.89 17.35 -26.45
CA ASP N 55 43.37 16.88 -25.14
C ASP N 55 42.31 16.07 -24.35
N HIS N 56 41.12 15.84 -24.95
CA HIS N 56 39.97 15.09 -24.42
C HIS N 56 39.40 15.65 -23.11
N GLN N 57 39.75 16.90 -22.77
CA GLN N 57 39.33 17.59 -21.54
C GLN N 57 38.11 18.46 -21.73
N HIS N 58 37.74 18.77 -22.99
CA HIS N 58 36.55 19.55 -23.29
C HIS N 58 35.62 18.79 -24.20
N PHE N 59 34.33 18.90 -23.94
CA PHE N 59 33.30 18.19 -24.64
C PHE N 59 32.18 19.13 -25.02
N THR N 60 31.72 19.05 -26.30
CA THR N 60 30.64 19.91 -26.79
C THR N 60 29.45 19.09 -27.22
N CYS N 61 28.26 19.45 -26.76
CA CYS N 61 27.04 18.80 -27.19
C CYS N 61 26.13 19.86 -27.79
N THR N 62 25.64 19.60 -29.03
CA THR N 62 24.74 20.50 -29.73
C THR N 62 23.49 19.70 -30.08
N ILE N 63 22.32 20.23 -29.71
CA ILE N 63 21.01 19.61 -29.96
C ILE N 63 20.22 20.61 -30.78
N TRP N 64 19.77 20.22 -31.99
CA TRP N 64 19.07 21.18 -32.83
C TRP N 64 18.14 20.55 -33.85
N ARG N 65 17.23 21.37 -34.36
CA ARG N 65 16.27 21.00 -35.39
C ARG N 65 16.92 21.40 -36.73
N PRO N 66 17.30 20.43 -37.61
CA PRO N 66 17.90 20.79 -38.91
C PRO N 66 17.05 21.75 -39.76
N LYS N 69 13.90 25.78 -37.77
CA LYS N 69 12.74 26.15 -36.95
C LYS N 69 11.86 24.97 -36.53
N SER N 70 11.72 24.78 -35.22
CA SER N 70 10.83 23.76 -34.66
C SER N 70 9.41 24.34 -34.60
N TYR N 71 8.41 23.52 -34.93
CA TYR N 71 7.01 23.92 -34.85
C TYR N 71 6.30 23.26 -33.65
N LEU N 72 7.09 22.68 -32.73
CA LEU N 72 6.56 22.08 -31.51
C LEU N 72 6.52 23.09 -30.37
N TYR N 73 5.68 22.82 -29.37
N TYR N 73 5.65 22.82 -29.39
CA TYR N 73 5.54 23.67 -28.20
CA TYR N 73 5.43 23.63 -28.19
C TYR N 73 5.98 22.85 -27.01
C TYR N 73 5.99 22.79 -27.04
N PHE N 74 7.18 23.14 -26.51
CA PHE N 74 7.80 22.41 -25.40
C PHE N 74 7.20 22.85 -24.09
N THR N 75 6.78 21.87 -23.27
CA THR N 75 6.25 22.18 -21.94
C THR N 75 7.39 22.07 -20.93
N GLN N 76 8.48 21.39 -21.31
CA GLN N 76 9.68 21.21 -20.49
C GLN N 76 10.84 20.77 -21.35
N PHE N 77 12.05 21.13 -20.95
CA PHE N 77 13.27 20.66 -21.61
C PHE N 77 14.42 20.67 -20.62
N LYS N 78 15.35 19.73 -20.79
CA LYS N 78 16.54 19.64 -19.95
C LYS N 78 17.61 18.92 -20.76
N ALA N 79 18.77 19.54 -20.91
CA ALA N 79 19.90 18.88 -21.57
C ALA N 79 20.97 18.76 -20.49
N GLU N 80 21.51 17.55 -20.32
CA GLU N 80 22.49 17.24 -19.28
C GLU N 80 23.72 16.59 -19.85
N VAL N 81 24.86 16.75 -19.15
CA VAL N 81 26.10 16.10 -19.50
C VAL N 81 26.56 15.20 -18.34
N ARG N 82 27.20 14.07 -18.67
CA ARG N 82 27.73 13.11 -17.70
C ARG N 82 29.23 13.03 -17.92
N GLY N 83 29.97 12.90 -16.83
CA GLY N 83 31.43 12.83 -16.83
C GLY N 83 32.05 14.19 -17.10
N ALA N 84 31.25 15.27 -17.03
CA ALA N 84 31.68 16.64 -17.29
C ALA N 84 30.88 17.70 -16.54
N GLU N 85 31.44 18.93 -16.47
CA GLU N 85 30.86 20.10 -15.83
C GLU N 85 30.73 21.22 -16.89
N ILE N 86 29.54 21.85 -16.98
CA ILE N 86 29.23 22.91 -17.93
C ILE N 86 30.07 24.17 -17.71
N GLU N 87 30.74 24.65 -18.77
CA GLU N 87 31.54 25.88 -18.79
C GLU N 87 30.71 26.99 -19.45
N TYR N 88 29.95 26.63 -20.50
CA TYR N 88 29.12 27.52 -21.30
C TYR N 88 27.90 26.77 -21.81
N ALA N 89 26.75 27.42 -21.82
CA ALA N 89 25.52 26.86 -22.40
C ALA N 89 24.64 27.96 -22.95
N MET N 90 24.01 27.71 -24.08
CA MET N 90 23.10 28.64 -24.73
C MET N 90 21.92 27.90 -25.31
N ALA N 91 20.77 28.56 -25.32
CA ALA N 91 19.53 28.07 -25.88
C ALA N 91 19.09 29.10 -26.92
N TYR N 92 18.44 28.64 -27.99
CA TYR N 92 17.94 29.47 -29.09
C TYR N 92 16.49 29.09 -29.41
N SER N 93 15.69 30.08 -29.87
CA SER N 93 14.29 29.83 -30.24
C SER N 93 14.12 29.48 -31.73
N LYS N 94 14.82 30.21 -32.63
CA LYS N 94 14.75 30.08 -34.08
C LYS N 94 16.08 29.60 -34.69
N VAL N 103 18.18 33.33 -33.09
CA VAL N 103 17.53 34.15 -32.06
C VAL N 103 17.72 33.45 -30.70
N PRO N 104 18.56 33.97 -29.76
CA PRO N 104 18.69 33.28 -28.46
C PRO N 104 17.44 33.43 -27.60
N LEU N 105 17.25 32.51 -26.64
CA LEU N 105 16.13 32.64 -25.72
C LEU N 105 16.46 33.80 -24.78
N LYS N 106 15.42 34.44 -24.20
CA LYS N 106 15.62 35.49 -23.20
C LYS N 106 16.22 34.77 -21.99
N THR N 107 17.15 35.45 -21.28
CA THR N 107 17.85 34.90 -20.11
C THR N 107 16.92 34.25 -19.08
N GLU N 108 15.75 34.87 -18.86
CA GLU N 108 14.71 34.42 -17.92
C GLU N 108 14.09 33.08 -18.25
N GLU N 109 14.07 32.70 -19.55
CA GLU N 109 13.44 31.47 -20.05
C GLU N 109 14.16 30.18 -19.63
N PHE N 110 15.47 30.24 -19.28
CA PHE N 110 16.23 29.03 -18.96
C PHE N 110 17.26 29.23 -17.87
N GLU N 111 17.73 28.12 -17.29
CA GLU N 111 18.71 28.12 -16.21
C GLU N 111 19.88 27.21 -16.57
N VAL N 112 21.10 27.63 -16.22
CA VAL N 112 22.30 26.84 -16.48
C VAL N 112 22.92 26.47 -15.13
N THR N 113 23.09 25.17 -14.88
CA THR N 113 23.70 24.66 -13.65
C THR N 113 25.01 23.95 -13.99
N LYS N 114 25.60 23.27 -13.00
CA LYS N 114 26.85 22.51 -13.11
C LYS N 114 26.80 21.41 -14.19
N THR N 115 25.68 20.69 -14.31
CA THR N 115 25.56 19.60 -15.28
C THR N 115 24.38 19.74 -16.23
N ALA N 116 23.50 20.75 -16.06
CA ALA N 116 22.32 20.86 -16.91
C ALA N 116 21.93 22.26 -17.38
N VAL N 117 21.22 22.30 -18.51
CA VAL N 117 20.57 23.51 -19.07
C VAL N 117 19.08 23.15 -19.15
N ALA N 118 18.23 23.90 -18.44
CA ALA N 118 16.82 23.54 -18.39
C ALA N 118 15.90 24.75 -18.50
N HIS N 119 14.62 24.52 -18.88
CA HIS N 119 13.63 25.59 -18.97
C HIS N 119 13.34 26.15 -17.59
N ARG N 120 12.94 27.42 -17.52
CA ARG N 120 12.51 28.02 -16.26
C ARG N 120 10.98 28.00 -16.29
N PRO N 121 10.32 27.18 -15.42
CA PRO N 121 8.84 27.13 -15.43
C PRO N 121 8.19 28.50 -15.23
N GLY N 122 7.19 28.80 -16.04
CA GLY N 122 6.46 30.06 -16.02
C GLY N 122 7.09 31.21 -16.77
N ALA N 123 8.35 31.05 -17.23
CA ALA N 123 9.04 32.09 -18.00
C ALA N 123 9.38 31.59 -19.40
N PHE N 124 9.62 30.29 -19.57
CA PHE N 124 9.92 29.69 -20.89
C PHE N 124 8.72 29.86 -21.83
N LYS N 125 8.98 30.38 -23.05
CA LYS N 125 7.93 30.69 -24.02
C LYS N 125 7.55 29.51 -24.95
N ALA N 126 8.02 28.29 -24.63
CA ALA N 126 7.69 27.02 -25.33
C ALA N 126 8.40 26.80 -26.67
N GLU N 127 9.15 27.78 -27.20
CA GLU N 127 9.83 27.62 -28.48
C GLU N 127 11.31 27.33 -28.27
N LEU N 128 11.79 26.25 -28.89
CA LEU N 128 13.19 25.83 -28.79
C LEU N 128 13.63 25.19 -30.09
N SER N 129 14.77 25.62 -30.65
CA SER N 129 15.29 25.02 -31.90
C SER N 129 16.74 24.61 -31.79
N LYS N 130 17.44 25.07 -30.72
CA LYS N 130 18.86 24.74 -30.53
C LYS N 130 19.33 24.89 -29.11
N LEU N 131 20.22 23.98 -28.67
CA LEU N 131 20.91 24.02 -27.38
C LEU N 131 22.36 23.71 -27.63
N VAL N 132 23.28 24.47 -27.02
CA VAL N 132 24.72 24.26 -27.15
C VAL N 132 25.28 24.15 -25.73
N ILE N 133 26.06 23.10 -25.46
CA ILE N 133 26.71 22.90 -24.16
C ILE N 133 28.19 22.69 -24.40
N VAL N 134 29.04 23.47 -23.72
CA VAL N 134 30.49 23.30 -23.75
C VAL N 134 30.83 22.93 -22.31
N ALA N 135 31.42 21.74 -22.12
CA ALA N 135 31.74 21.20 -20.80
C ALA N 135 33.19 20.73 -20.65
N LYS N 136 33.68 20.66 -19.39
CA LYS N 136 35.03 20.22 -19.04
C LYS N 136 35.01 18.94 -18.21
N ALA N 137 36.03 18.09 -18.36
CA ALA N 137 36.20 16.83 -17.62
C ALA N 137 36.31 17.06 -16.11
N GLU O 1 -19.61 5.24 -9.50
CA GLU O 1 -20.34 5.94 -10.56
C GLU O 1 -19.44 6.25 -11.71
N VAL O 2 -19.99 6.24 -12.94
CA VAL O 2 -19.26 6.66 -14.14
C VAL O 2 -18.83 8.11 -13.97
N GLN O 3 -17.67 8.46 -14.54
CA GLN O 3 -17.18 9.83 -14.52
C GLN O 3 -16.25 10.08 -15.71
N LEU O 4 -16.28 11.29 -16.25
CA LEU O 4 -15.39 11.72 -17.36
C LEU O 4 -14.51 12.78 -16.72
N GLN O 5 -13.23 12.47 -16.61
CA GLN O 5 -12.28 13.33 -15.87
C GLN O 5 -11.46 14.13 -16.84
N GLN O 6 -11.71 15.45 -16.93
CA GLN O 6 -10.95 16.27 -17.88
C GLN O 6 -9.74 16.90 -17.21
N SER O 7 -8.75 17.20 -18.06
CA SER O 7 -7.49 17.81 -17.65
C SER O 7 -7.67 19.27 -17.19
N GLY O 8 -6.63 19.82 -16.55
CA GLY O 8 -6.68 21.15 -15.95
C GLY O 8 -6.72 22.33 -16.90
N ALA O 9 -7.04 23.52 -16.38
CA ALA O 9 -7.12 24.76 -17.15
C ALA O 9 -5.85 25.06 -17.91
N GLU O 10 -5.96 25.58 -19.15
CA GLU O 10 -4.80 25.89 -19.97
C GLU O 10 -4.73 27.38 -20.24
N LEU O 11 -3.51 27.89 -20.24
CA LEU O 11 -3.19 29.30 -20.52
C LEU O 11 -2.19 29.16 -21.66
N VAL O 12 -2.55 29.61 -22.85
CA VAL O 12 -1.71 29.38 -24.05
C VAL O 12 -1.64 30.63 -24.92
N ARG O 13 -0.46 30.89 -25.52
CA ARG O 13 -0.28 32.08 -26.36
C ARG O 13 -1.02 31.99 -27.70
N PRO O 14 -1.45 33.13 -28.28
CA PRO O 14 -2.04 33.08 -29.64
C PRO O 14 -1.06 32.43 -30.63
N GLY O 15 -1.59 31.63 -31.55
CA GLY O 15 -0.83 30.93 -32.58
C GLY O 15 -0.34 29.55 -32.11
N ALA O 16 -0.37 29.31 -30.80
CA ALA O 16 0.08 28.03 -30.23
C ALA O 16 -0.99 26.93 -30.30
N LEU O 17 -0.77 25.83 -29.59
CA LEU O 17 -1.61 24.62 -29.64
C LEU O 17 -1.78 24.07 -28.22
N VAL O 18 -2.89 23.39 -27.97
CA VAL O 18 -3.19 22.73 -26.71
C VAL O 18 -3.73 21.34 -27.00
N LYS O 19 -3.46 20.39 -26.08
CA LYS O 19 -4.02 19.04 -26.12
C LYS O 19 -4.71 18.79 -24.80
N LEU O 20 -6.03 18.56 -24.87
CA LEU O 20 -6.86 18.36 -23.69
C LEU O 20 -7.18 16.90 -23.56
N SER O 21 -7.30 16.40 -22.33
CA SER O 21 -7.62 14.98 -22.14
C SER O 21 -8.92 14.77 -21.39
N CYS O 22 -9.51 13.60 -21.60
CA CYS O 22 -10.76 13.21 -21.01
C CYS O 22 -10.66 11.73 -20.66
N LYS O 23 -10.40 11.43 -19.40
CA LYS O 23 -10.21 10.06 -18.95
C LYS O 23 -11.57 9.49 -18.50
N ALA O 24 -11.94 8.33 -19.05
CA ALA O 24 -13.19 7.69 -18.64
C ALA O 24 -12.97 6.81 -17.40
N SER O 25 -13.85 6.93 -16.37
CA SER O 25 -13.83 6.05 -15.20
C SER O 25 -15.17 5.31 -15.15
N GLY O 26 -15.13 3.99 -14.95
CA GLY O 26 -16.36 3.21 -14.78
C GLY O 26 -16.99 2.64 -16.02
N PHE O 27 -16.35 2.87 -17.18
CA PHE O 27 -16.84 2.32 -18.44
C PHE O 27 -15.65 2.24 -19.41
N ASN O 28 -15.82 1.47 -20.48
CA ASN O 28 -14.80 1.28 -21.52
C ASN O 28 -15.08 2.26 -22.64
N ILE O 29 -14.11 3.14 -22.98
CA ILE O 29 -14.33 4.13 -24.07
C ILE O 29 -14.66 3.49 -25.41
N LYS O 30 -14.29 2.21 -25.66
CA LYS O 30 -14.65 1.54 -26.93
C LYS O 30 -16.15 1.31 -27.06
N ASP O 31 -16.93 1.47 -25.97
CA ASP O 31 -18.38 1.21 -25.99
C ASP O 31 -19.25 2.45 -26.26
N TYR O 32 -18.63 3.60 -26.46
CA TYR O 32 -19.36 4.85 -26.70
C TYR O 32 -18.61 5.73 -27.67
N TYR O 33 -19.32 6.68 -28.31
CA TYR O 33 -18.60 7.74 -28.98
C TYR O 33 -18.11 8.66 -27.85
N MET O 34 -17.01 9.36 -28.08
N MET O 34 -16.99 9.35 -28.06
CA MET O 34 -16.53 10.41 -27.17
CA MET O 34 -16.59 10.41 -27.16
C MET O 34 -16.67 11.71 -27.96
C MET O 34 -16.72 11.69 -27.98
N HIS O 35 -17.61 12.57 -27.54
CA HIS O 35 -17.93 13.83 -28.20
C HIS O 35 -17.16 14.97 -27.51
N TRP O 36 -16.85 16.01 -28.26
CA TRP O 36 -16.24 17.23 -27.72
C TRP O 36 -17.12 18.41 -28.10
N VAL O 37 -17.35 19.30 -27.14
CA VAL O 37 -18.27 20.44 -27.23
C VAL O 37 -17.55 21.69 -26.74
N LYS O 38 -17.71 22.80 -27.47
CA LYS O 38 -17.12 24.09 -27.11
C LYS O 38 -18.17 25.02 -26.55
N GLN O 39 -17.76 25.85 -25.56
CA GLN O 39 -18.63 26.88 -25.04
C GLN O 39 -17.83 28.13 -24.72
N ARG O 40 -17.95 29.12 -25.61
CA ARG O 40 -17.31 30.43 -25.41
C ARG O 40 -17.98 31.17 -24.24
N PRO O 41 -17.24 32.07 -23.54
CA PRO O 41 -17.83 32.76 -22.38
C PRO O 41 -19.20 33.37 -22.65
N GLU O 42 -20.20 32.98 -21.83
CA GLU O 42 -21.60 33.43 -21.92
C GLU O 42 -22.28 33.10 -23.25
N GLN O 43 -21.75 32.10 -24.00
CA GLN O 43 -22.32 31.71 -25.29
C GLN O 43 -22.87 30.28 -25.21
N GLY O 44 -23.39 29.81 -26.34
CA GLY O 44 -24.03 28.52 -26.43
C GLY O 44 -23.10 27.36 -26.64
N LEU O 45 -23.66 26.17 -26.63
CA LEU O 45 -22.87 24.96 -26.90
C LEU O 45 -22.64 24.79 -28.39
N GLU O 46 -21.42 24.38 -28.78
CA GLU O 46 -21.14 24.10 -30.18
C GLU O 46 -20.47 22.71 -30.26
N TRP O 47 -21.05 21.82 -31.05
CA TRP O 47 -20.52 20.47 -31.23
C TRP O 47 -19.27 20.57 -32.10
N ILE O 48 -18.14 20.06 -31.60
CA ILE O 48 -16.88 20.13 -32.36
C ILE O 48 -16.72 18.88 -33.23
N GLY O 49 -16.84 17.72 -32.59
CA GLY O 49 -16.62 16.45 -33.28
C GLY O 49 -16.71 15.28 -32.33
N ARG O 50 -16.41 14.09 -32.86
CA ARG O 50 -16.47 12.90 -32.04
C ARG O 50 -15.44 11.89 -32.53
N ILE O 51 -15.19 10.87 -31.71
CA ILE O 51 -14.38 9.72 -32.13
C ILE O 51 -15.10 8.46 -31.65
N ASP O 52 -15.06 7.38 -32.46
CA ASP O 52 -15.52 6.06 -32.04
C ASP O 52 -14.17 5.36 -31.68
N PRO O 53 -13.86 5.19 -30.37
CA PRO O 53 -12.53 4.61 -30.02
C PRO O 53 -12.35 3.16 -30.42
N GLU O 54 -13.44 2.44 -30.79
CA GLU O 54 -13.26 1.06 -31.22
C GLU O 54 -12.60 0.97 -32.61
N ASN O 55 -12.91 1.91 -33.51
CA ASN O 55 -12.34 1.86 -34.87
C ASN O 55 -11.57 3.12 -35.28
N SER O 56 -11.46 4.14 -34.38
CA SER O 56 -10.75 5.41 -34.59
C SER O 56 -11.46 6.38 -35.53
N ASN O 57 -12.71 6.08 -35.98
CA ASN O 57 -13.42 6.98 -36.88
C ASN O 57 -13.70 8.27 -36.17
N ASN O 58 -13.25 9.39 -36.77
CA ASN O 58 -13.44 10.70 -36.14
C ASN O 58 -13.95 11.68 -37.18
N ILE O 59 -14.85 12.55 -36.79
CA ILE O 59 -15.51 13.49 -37.73
C ILE O 59 -15.81 14.76 -36.99
N TYR O 60 -15.87 15.87 -37.72
CA TYR O 60 -16.02 17.21 -37.13
C TYR O 60 -17.07 18.05 -37.82
N ASP O 61 -17.45 19.15 -37.15
CA ASP O 61 -18.22 20.18 -37.81
C ASP O 61 -17.16 20.85 -38.74
N PRO O 62 -17.47 21.11 -40.05
CA PRO O 62 -16.47 21.72 -40.96
C PRO O 62 -15.91 23.06 -40.48
N LYS O 63 -16.63 23.79 -39.61
CA LYS O 63 -16.12 25.05 -39.03
C LYS O 63 -14.79 24.80 -38.24
N PHE O 64 -14.52 23.54 -37.80
CA PHE O 64 -13.30 23.14 -37.05
C PHE O 64 -12.33 22.24 -37.82
N GLN O 65 -12.56 21.95 -39.13
CA GLN O 65 -11.60 21.16 -39.90
C GLN O 65 -10.25 21.88 -39.87
N GLY O 66 -9.20 21.15 -39.51
CA GLY O 66 -7.86 21.69 -39.45
C GLY O 66 -7.57 22.53 -38.22
N LYS O 67 -8.56 22.73 -37.33
CA LYS O 67 -8.34 23.43 -36.08
C LYS O 67 -8.33 22.36 -34.98
N ALA O 68 -9.25 21.37 -35.09
CA ALA O 68 -9.48 20.34 -34.07
C ALA O 68 -9.10 18.96 -34.56
N SER O 69 -8.43 18.21 -33.67
CA SER O 69 -8.02 16.84 -33.90
C SER O 69 -8.37 16.02 -32.67
N ILE O 70 -9.26 15.06 -32.85
CA ILE O 70 -9.71 14.18 -31.76
C ILE O 70 -9.03 12.82 -31.90
N THR O 71 -8.40 12.36 -30.81
CA THR O 71 -7.73 11.07 -30.79
C THR O 71 -8.20 10.28 -29.55
N ALA O 72 -7.76 9.02 -29.45
CA ALA O 72 -8.11 8.21 -28.29
C ALA O 72 -6.99 7.25 -28.04
N ASP O 73 -6.79 6.90 -26.79
CA ASP O 73 -5.78 5.92 -26.42
C ASP O 73 -6.55 4.88 -25.62
N THR O 74 -6.78 3.70 -26.22
CA THR O 74 -7.62 2.71 -25.55
C THR O 74 -6.94 2.07 -24.35
N SER O 75 -5.59 1.89 -24.35
CA SER O 75 -4.94 1.30 -23.16
C SER O 75 -5.11 2.15 -21.92
N SER O 76 -5.13 3.48 -22.07
CA SER O 76 -5.33 4.39 -20.92
C SER O 76 -6.78 4.88 -20.78
N ASN O 77 -7.69 4.34 -21.65
CA ASN O 77 -9.14 4.64 -21.62
C ASN O 77 -9.40 6.18 -21.62
N THR O 78 -8.67 6.89 -22.50
CA THR O 78 -8.72 8.36 -22.54
C THR O 78 -8.92 8.86 -23.97
N ALA O 79 -9.73 9.92 -24.11
CA ALA O 79 -9.93 10.60 -25.41
C ALA O 79 -9.28 11.97 -25.29
N TYR O 80 -8.91 12.55 -26.42
CA TYR O 80 -8.19 13.84 -26.44
C TYR O 80 -8.72 14.75 -27.49
N LEU O 81 -8.56 16.05 -27.25
CA LEU O 81 -8.89 17.08 -28.21
C LEU O 81 -7.68 17.99 -28.34
N GLN O 82 -7.16 18.12 -29.56
CA GLN O 82 -6.04 19.01 -29.83
C GLN O 82 -6.53 20.16 -30.66
N LEU O 83 -6.23 21.39 -30.24
CA LEU O 83 -6.63 22.64 -30.90
C LEU O 83 -5.39 23.40 -31.32
N SER O 84 -5.30 23.73 -32.60
CA SER O 84 -4.09 24.39 -33.13
C SER O 84 -4.36 25.81 -33.63
N SER O 85 -3.27 26.59 -33.93
CA SER O 85 -3.31 27.98 -34.44
C SER O 85 -4.31 28.80 -33.63
N LEU O 86 -4.17 28.75 -32.30
CA LEU O 86 -5.12 29.37 -31.37
C LEU O 86 -5.28 30.87 -31.52
N THR O 87 -6.52 31.35 -31.44
CA THR O 87 -6.87 32.76 -31.48
C THR O 87 -7.78 33.04 -30.27
N SER O 88 -8.15 34.30 -30.07
CA SER O 88 -9.05 34.68 -28.97
C SER O 88 -10.43 34.04 -29.13
N GLU O 89 -10.82 33.61 -30.36
CA GLU O 89 -12.10 32.92 -30.60
C GLU O 89 -12.07 31.50 -30.00
N ASP O 90 -10.87 31.00 -29.68
CA ASP O 90 -10.71 29.67 -29.08
C ASP O 90 -10.77 29.70 -27.57
N THR O 91 -10.78 30.90 -26.95
CA THR O 91 -10.94 31.00 -25.50
C THR O 91 -12.36 30.50 -25.19
N ALA O 92 -12.46 29.42 -24.39
CA ALA O 92 -13.74 28.77 -24.11
C ALA O 92 -13.53 27.66 -23.11
N VAL O 93 -14.63 27.07 -22.68
CA VAL O 93 -14.62 25.86 -21.88
C VAL O 93 -14.92 24.75 -22.90
N TYR O 94 -14.17 23.66 -22.81
CA TYR O 94 -14.33 22.51 -23.70
C TYR O 94 -14.79 21.34 -22.86
N TYR O 95 -15.89 20.68 -23.28
CA TYR O 95 -16.43 19.52 -22.58
C TYR O 95 -16.25 18.28 -23.41
N CYS O 96 -16.00 17.14 -22.76
CA CYS O 96 -16.09 15.84 -23.44
C CYS O 96 -17.39 15.23 -22.90
N ALA O 97 -18.05 14.37 -23.69
CA ALA O 97 -19.28 13.75 -23.25
C ALA O 97 -19.41 12.42 -23.97
N ARG O 98 -19.89 11.40 -23.28
CA ARG O 98 -20.03 10.10 -23.95
C ARG O 98 -21.46 9.98 -24.53
N GLY O 99 -21.58 9.28 -25.64
CA GLY O 99 -22.87 9.04 -26.29
C GLY O 99 -22.89 7.68 -26.94
N GLY O 100 -24.09 7.13 -27.10
CA GLY O 100 -24.29 5.81 -27.69
C GLY O 100 -24.47 5.78 -29.20
N PHE O 101 -24.99 4.66 -29.70
CA PHE O 101 -25.04 4.35 -31.13
C PHE O 101 -26.41 4.05 -31.71
N ASP O 102 -27.50 4.43 -31.03
CA ASP O 102 -28.82 4.21 -31.59
C ASP O 102 -29.76 5.26 -31.02
N THR O 103 -30.96 5.42 -31.58
CA THR O 103 -31.91 6.47 -31.18
C THR O 103 -32.04 6.66 -29.67
N ASN O 104 -32.26 5.56 -28.94
CA ASN O 104 -32.47 5.66 -27.47
C ASN O 104 -31.17 5.85 -26.67
N HIS O 105 -30.02 5.91 -27.35
CA HIS O 105 -28.73 6.06 -26.66
C HIS O 105 -27.79 7.13 -27.23
N TYR O 106 -28.11 7.78 -28.36
CA TYR O 106 -27.18 8.80 -28.96
C TYR O 106 -26.90 9.96 -28.01
N ALA O 107 -27.96 10.51 -27.40
CA ALA O 107 -27.80 11.67 -26.51
C ALA O 107 -26.79 11.42 -25.36
N MET O 108 -25.99 12.42 -25.07
CA MET O 108 -24.91 12.31 -24.10
C MET O 108 -25.38 12.41 -22.68
N ASP O 109 -25.30 11.28 -21.97
CA ASP O 109 -25.80 11.17 -20.60
C ASP O 109 -24.80 11.61 -19.55
N TYR O 110 -23.49 11.39 -19.80
CA TYR O 110 -22.43 11.82 -18.89
C TYR O 110 -21.50 12.76 -19.60
N TRP O 111 -21.16 13.84 -18.90
CA TRP O 111 -20.32 14.90 -19.40
C TRP O 111 -19.16 15.11 -18.43
N GLY O 112 -18.02 15.49 -18.99
CA GLY O 112 -16.86 15.89 -18.18
C GLY O 112 -17.16 17.22 -17.52
N GLN O 113 -16.30 17.65 -16.59
CA GLN O 113 -16.51 18.89 -15.85
C GLN O 113 -16.08 20.14 -16.66
N GLY O 114 -15.45 19.92 -17.82
CA GLY O 114 -15.00 21.01 -18.69
C GLY O 114 -13.57 21.42 -18.39
N THR O 115 -12.87 21.88 -19.42
CA THR O 115 -11.51 22.40 -19.33
C THR O 115 -11.53 23.79 -19.93
N SER O 116 -11.10 24.76 -19.13
CA SER O 116 -11.03 26.14 -19.58
C SER O 116 -9.72 26.33 -20.36
N VAL O 117 -9.81 26.95 -21.54
CA VAL O 117 -8.63 27.33 -22.35
C VAL O 117 -8.67 28.85 -22.50
N THR O 118 -7.59 29.54 -22.10
CA THR O 118 -7.48 31.00 -22.23
C THR O 118 -6.34 31.29 -23.16
N VAL O 119 -6.64 32.00 -24.28
CA VAL O 119 -5.64 32.35 -25.29
C VAL O 119 -5.17 33.77 -24.98
N SER O 120 -3.92 33.90 -24.51
CA SER O 120 -3.31 35.16 -24.08
C SER O 120 -1.79 35.05 -24.13
N SER O 121 -1.10 36.15 -24.42
CA SER O 121 0.38 36.17 -24.43
C SER O 121 0.94 36.55 -23.04
N ALA O 122 0.05 36.88 -22.06
CA ALA O 122 0.44 37.30 -20.71
C ALA O 122 1.08 36.18 -19.88
N SER O 123 2.04 36.56 -19.01
CA SER O 123 2.74 35.71 -18.00
C SER O 123 2.00 35.96 -16.67
N THR O 124 2.27 35.21 -15.55
CA THR O 124 1.58 35.50 -14.27
C THR O 124 1.86 36.94 -13.83
N LYS O 125 0.80 37.68 -13.45
CA LYS O 125 0.92 39.07 -13.04
C LYS O 125 -0.13 39.37 -12.00
N GLY O 126 0.30 39.98 -10.90
CA GLY O 126 -0.58 40.38 -9.82
C GLY O 126 -1.31 41.67 -10.15
N PRO O 127 -2.52 41.88 -9.59
CA PRO O 127 -3.25 43.11 -9.93
C PRO O 127 -2.82 44.35 -9.17
N SER O 128 -3.17 45.51 -9.74
CA SER O 128 -3.06 46.80 -9.09
C SER O 128 -4.49 47.05 -8.59
N VAL O 129 -4.64 47.53 -7.36
CA VAL O 129 -5.96 47.77 -6.75
C VAL O 129 -6.14 49.25 -6.54
N PHE O 130 -7.16 49.82 -7.20
CA PHE O 130 -7.43 51.25 -7.12
C PHE O 130 -8.78 51.53 -6.48
N PRO O 131 -8.92 52.57 -5.64
CA PRO O 131 -10.24 52.85 -5.04
C PRO O 131 -11.19 53.53 -6.02
N LEU O 132 -12.49 53.24 -5.87
CA LEU O 132 -13.58 53.89 -6.60
C LEU O 132 -14.25 54.67 -5.48
N ALA O 133 -13.74 55.88 -5.22
CA ALA O 133 -14.15 56.74 -4.10
C ALA O 133 -15.60 57.20 -4.16
N PRO O 134 -16.33 57.14 -3.01
CA PRO O 134 -17.73 57.62 -3.00
C PRO O 134 -17.84 59.13 -3.18
N THR O 143 -28.24 57.04 -0.50
CA THR O 143 -27.40 55.88 -0.81
C THR O 143 -26.17 56.30 -1.65
N ALA O 144 -24.98 55.86 -1.24
CA ALA O 144 -23.73 56.12 -1.96
C ALA O 144 -23.13 54.81 -2.49
N ALA O 145 -22.42 54.89 -3.62
CA ALA O 145 -21.73 53.72 -4.17
C ALA O 145 -20.22 53.93 -4.09
N LEU O 146 -19.49 52.87 -3.70
CA LEU O 146 -18.04 52.87 -3.65
C LEU O 146 -17.51 51.53 -4.14
N GLY O 147 -16.21 51.45 -4.40
CA GLY O 147 -15.67 50.19 -4.87
C GLY O 147 -14.18 50.14 -5.02
N CYS O 148 -13.71 49.08 -5.68
CA CYS O 148 -12.32 48.84 -5.99
C CYS O 148 -12.20 48.37 -7.43
N LEU O 149 -11.18 48.89 -8.15
CA LEU O 149 -10.86 48.46 -9.50
C LEU O 149 -9.62 47.58 -9.38
N VAL O 150 -9.76 46.31 -9.78
CA VAL O 150 -8.73 45.27 -9.71
C VAL O 150 -8.23 45.11 -11.16
N LYS O 151 -7.12 45.76 -11.46
CA LYS O 151 -6.63 45.86 -12.83
C LYS O 151 -5.35 45.12 -13.15
N ASP O 152 -5.30 44.60 -14.40
CA ASP O 152 -4.13 44.03 -15.04
C ASP O 152 -3.52 42.85 -14.32
N TYR O 153 -4.27 41.77 -14.18
CA TYR O 153 -3.79 40.54 -13.56
C TYR O 153 -3.94 39.38 -14.53
N PHE O 154 -3.17 38.31 -14.30
CA PHE O 154 -3.23 37.07 -15.07
C PHE O 154 -2.64 35.95 -14.23
N PRO O 155 -3.25 34.74 -14.22
CA PRO O 155 -4.53 34.37 -14.85
C PRO O 155 -5.69 34.56 -13.86
N GLU O 156 -6.88 34.05 -14.22
CA GLU O 156 -8.02 34.06 -13.32
C GLU O 156 -7.72 32.96 -12.27
N PRO O 157 -8.30 32.99 -11.06
CA PRO O 157 -9.29 33.95 -10.53
C PRO O 157 -8.67 34.93 -9.52
N VAL O 158 -9.45 35.94 -9.15
CA VAL O 158 -9.16 36.87 -8.05
C VAL O 158 -10.38 36.74 -7.12
N THR O 159 -10.17 36.92 -5.81
CA THR O 159 -11.31 36.95 -4.91
C THR O 159 -11.36 38.37 -4.36
N VAL O 160 -12.57 38.92 -4.19
CA VAL O 160 -12.76 40.23 -3.58
C VAL O 160 -13.77 40.07 -2.45
N SER O 161 -13.43 40.53 -1.27
CA SER O 161 -14.34 40.56 -0.14
C SER O 161 -14.32 41.99 0.40
N TRP O 162 -15.31 42.36 1.20
CA TRP O 162 -15.37 43.67 1.81
C TRP O 162 -15.38 43.50 3.33
N ASN O 163 -14.55 44.28 4.02
CA ASN O 163 -14.39 44.25 5.49
C ASN O 163 -14.23 42.79 6.01
N SER O 164 -13.31 42.02 5.37
CA SER O 164 -12.98 40.62 5.67
C SER O 164 -14.19 39.67 5.59
N GLY O 165 -15.18 40.02 4.76
CA GLY O 165 -16.38 39.23 4.60
C GLY O 165 -17.54 39.63 5.49
N ALA O 166 -17.35 40.65 6.35
CA ALA O 166 -18.41 41.15 7.24
C ALA O 166 -19.43 42.00 6.47
N LEU O 167 -19.03 42.55 5.30
CA LEU O 167 -19.91 43.34 4.44
C LEU O 167 -20.23 42.55 3.17
N THR O 168 -21.48 42.09 3.04
CA THR O 168 -21.92 41.28 1.89
C THR O 168 -23.12 41.92 1.21
N SER O 169 -23.99 42.57 1.98
CA SER O 169 -25.19 43.25 1.50
C SER O 169 -24.82 44.42 0.57
N GLY O 170 -25.44 44.45 -0.61
CA GLY O 170 -25.23 45.48 -1.62
C GLY O 170 -23.94 45.36 -2.41
N VAL O 171 -23.18 44.27 -2.22
CA VAL O 171 -21.92 44.08 -2.92
C VAL O 171 -22.17 43.50 -4.32
N HIS O 172 -21.51 44.07 -5.36
CA HIS O 172 -21.51 43.49 -6.71
C HIS O 172 -20.07 43.38 -7.19
N THR O 173 -19.59 42.15 -7.37
CA THR O 173 -18.25 41.93 -7.90
C THR O 173 -18.49 41.43 -9.30
N PHE O 174 -18.08 42.24 -10.27
CA PHE O 174 -18.34 41.96 -11.69
C PHE O 174 -17.46 40.90 -12.27
N PRO O 175 -17.96 40.13 -13.26
CA PRO O 175 -17.08 39.14 -13.93
C PRO O 175 -15.88 39.86 -14.54
N ALA O 176 -14.69 39.24 -14.51
CA ALA O 176 -13.52 39.88 -15.12
C ALA O 176 -13.68 39.92 -16.65
N VAL O 177 -13.05 40.92 -17.25
CA VAL O 177 -13.02 41.06 -18.70
C VAL O 177 -11.56 40.85 -19.09
N LEU O 178 -11.31 40.02 -20.14
CA LEU O 178 -9.97 39.82 -20.66
C LEU O 178 -9.73 40.92 -21.70
N GLN O 179 -8.77 41.80 -21.42
CA GLN O 179 -8.44 42.96 -22.26
C GLN O 179 -7.59 42.54 -23.45
N SER O 180 -7.40 43.44 -24.41
CA SER O 180 -6.59 43.23 -25.62
C SER O 180 -5.11 42.98 -25.26
N SER O 181 -4.67 43.44 -24.08
CA SER O 181 -3.31 43.24 -23.54
C SER O 181 -3.09 41.77 -23.11
N GLY O 182 -4.17 41.02 -22.95
CA GLY O 182 -4.14 39.64 -22.48
C GLY O 182 -4.24 39.56 -20.97
N LEU O 183 -4.48 40.72 -20.30
CA LEU O 183 -4.63 40.80 -18.85
C LEU O 183 -6.08 41.03 -18.48
N TYR O 184 -6.49 40.54 -17.31
CA TYR O 184 -7.86 40.73 -16.83
C TYR O 184 -8.03 42.01 -16.04
N SER O 185 -9.28 42.49 -15.96
CA SER O 185 -9.65 43.66 -15.16
C SER O 185 -11.03 43.41 -14.65
N LEU O 186 -11.30 43.89 -13.45
CA LEU O 186 -12.57 43.65 -12.77
C LEU O 186 -12.83 44.81 -11.82
N SER O 187 -14.11 45.09 -11.56
CA SER O 187 -14.50 46.05 -10.55
C SER O 187 -15.38 45.37 -9.51
N SER O 188 -15.29 45.82 -8.27
CA SER O 188 -16.16 45.37 -7.19
C SER O 188 -16.72 46.59 -6.52
N VAL O 189 -18.05 46.66 -6.39
CA VAL O 189 -18.74 47.81 -5.85
C VAL O 189 -19.66 47.44 -4.68
N VAL O 190 -20.03 48.43 -3.88
CA VAL O 190 -20.98 48.27 -2.78
C VAL O 190 -21.77 49.55 -2.63
N THR O 191 -23.07 49.44 -2.39
CA THR O 191 -23.89 50.61 -2.10
C THR O 191 -24.08 50.62 -0.59
N VAL O 192 -23.81 51.79 0.03
CA VAL O 192 -23.85 51.99 1.47
C VAL O 192 -24.69 53.25 1.82
N PRO O 193 -25.23 53.41 3.06
CA PRO O 193 -25.93 54.66 3.39
C PRO O 193 -24.95 55.84 3.33
N SER O 194 -25.38 56.97 2.72
CA SER O 194 -24.60 58.21 2.57
C SER O 194 -24.16 58.80 3.93
N SER O 195 -24.90 58.47 5.01
CA SER O 195 -24.67 58.90 6.38
C SER O 195 -23.54 58.12 7.08
N SER O 196 -23.28 56.88 6.66
CA SER O 196 -22.25 56.01 7.26
C SER O 196 -20.83 56.25 6.74
N LEU O 197 -20.65 57.19 5.77
CA LEU O 197 -19.34 57.47 5.17
C LEU O 197 -18.31 58.05 6.15
N GLY O 198 -18.73 59.01 6.97
CA GLY O 198 -17.87 59.65 7.95
C GLY O 198 -17.52 58.83 9.18
N THR O 199 -18.29 57.74 9.44
CA THR O 199 -18.10 56.91 10.63
C THR O 199 -17.61 55.46 10.31
N GLN O 200 -18.08 54.85 9.21
CA GLN O 200 -17.70 53.47 8.84
C GLN O 200 -16.46 53.40 7.92
N THR O 201 -15.61 52.38 8.15
CA THR O 201 -14.40 52.10 7.37
C THR O 201 -14.74 51.02 6.32
N TYR O 202 -14.36 51.26 5.06
CA TYR O 202 -14.60 50.29 3.97
C TYR O 202 -13.30 49.86 3.36
N ILE O 203 -13.02 48.56 3.45
CA ILE O 203 -11.80 47.97 2.93
C ILE O 203 -12.15 46.84 1.98
N CYS O 204 -11.55 46.86 0.77
CA CYS O 204 -11.73 45.73 -0.13
C CYS O 204 -10.51 44.83 0.01
N ASN O 205 -10.73 43.55 0.19
CA ASN O 205 -9.67 42.58 0.36
C ASN O 205 -9.60 41.80 -0.95
N VAL O 206 -8.48 42.03 -1.68
CA VAL O 206 -8.20 41.41 -2.99
C VAL O 206 -7.07 40.38 -2.87
N ASN O 207 -7.35 39.13 -3.28
CA ASN O 207 -6.38 38.05 -3.27
C ASN O 207 -6.26 37.42 -4.66
N HIS O 208 -5.04 37.43 -5.19
CA HIS O 208 -4.72 36.79 -6.46
C HIS O 208 -3.65 35.71 -6.14
N LYS O 209 -4.14 34.50 -5.81
CA LYS O 209 -3.32 33.34 -5.44
C LYS O 209 -2.25 32.96 -6.50
N PRO O 210 -2.52 32.98 -7.85
CA PRO O 210 -1.46 32.60 -8.80
C PRO O 210 -0.16 33.41 -8.72
N SER O 211 -0.22 34.66 -8.23
CA SER O 211 0.96 35.52 -8.07
C SER O 211 1.30 35.78 -6.60
N ASN O 212 0.58 35.12 -5.65
CA ASN O 212 0.70 35.30 -4.20
C ASN O 212 0.56 36.78 -3.81
N THR O 213 -0.44 37.47 -4.41
CA THR O 213 -0.72 38.88 -4.16
C THR O 213 -1.94 39.02 -3.26
N LYS O 214 -1.78 39.77 -2.16
CA LYS O 214 -2.84 40.03 -1.20
C LYS O 214 -2.80 41.52 -0.91
N VAL O 215 -3.88 42.22 -1.27
CA VAL O 215 -3.99 43.67 -1.13
C VAL O 215 -5.28 44.01 -0.38
N ASP O 216 -5.15 44.87 0.63
CA ASP O 216 -6.27 45.42 1.38
C ASP O 216 -6.26 46.91 1.06
N LYS O 217 -7.32 47.39 0.40
CA LYS O 217 -7.39 48.80 0.01
C LYS O 217 -8.52 49.51 0.72
N ARG O 218 -8.18 50.52 1.53
CA ARG O 218 -9.15 51.36 2.23
C ARG O 218 -9.75 52.30 1.18
N VAL O 219 -11.10 52.40 1.14
CA VAL O 219 -11.79 53.24 0.17
C VAL O 219 -12.44 54.39 0.94
N GLU O 220 -11.91 55.61 0.74
CA GLU O 220 -12.34 56.81 1.45
C GLU O 220 -13.03 57.85 0.56
N PRO O 221 -13.97 58.69 1.13
CA PRO O 221 -14.62 59.73 0.30
C PRO O 221 -13.65 60.72 -0.36
N ASP P 20 -25.37 19.74 -44.24
CA ASP P 20 -25.46 19.74 -42.79
C ASP P 20 -26.85 20.16 -42.36
N ILE P 21 -27.26 19.74 -41.17
CA ILE P 21 -28.58 20.05 -40.62
C ILE P 21 -28.40 21.09 -39.53
N GLN P 22 -29.14 22.19 -39.62
CA GLN P 22 -29.11 23.28 -38.62
C GLN P 22 -30.38 23.21 -37.77
N MET P 23 -30.23 23.55 -36.47
CA MET P 23 -31.31 23.60 -35.51
C MET P 23 -31.58 25.05 -35.18
N THR P 24 -32.84 25.47 -35.35
CA THR P 24 -33.26 26.84 -35.03
C THR P 24 -34.11 26.77 -33.80
N GLN P 25 -33.55 27.26 -32.70
CA GLN P 25 -34.18 27.22 -31.40
C GLN P 25 -34.83 28.54 -31.07
N SER P 26 -36.01 28.49 -30.48
CA SER P 26 -36.76 29.72 -30.16
C SER P 26 -37.48 29.50 -28.83
N PRO P 27 -37.62 30.49 -27.93
CA PRO P 27 -37.06 31.86 -28.01
C PRO P 27 -35.61 31.84 -27.52
N ALA P 28 -34.81 32.86 -27.86
CA ALA P 28 -33.45 33.00 -27.33
C ALA P 28 -33.51 33.27 -25.79
N SER P 29 -34.52 33.99 -25.34
CA SER P 29 -34.65 34.32 -23.93
C SER P 29 -36.11 34.44 -23.55
N LEU P 30 -36.41 34.08 -22.34
CA LEU P 30 -37.77 34.14 -21.81
C LEU P 30 -37.71 34.55 -20.34
N SER P 31 -38.51 35.57 -19.98
CA SER P 31 -38.67 36.10 -18.63
C SER P 31 -39.94 35.46 -18.08
N VAL P 32 -39.82 34.60 -17.07
CA VAL P 32 -40.95 33.86 -16.54
C VAL P 32 -40.94 33.83 -15.03
N SER P 33 -42.07 33.46 -14.46
CA SER P 33 -42.27 33.34 -13.03
C SER P 33 -42.48 31.88 -12.63
N VAL P 34 -42.18 31.55 -11.36
CA VAL P 34 -42.45 30.22 -10.80
C VAL P 34 -43.96 29.94 -10.96
N GLY P 35 -44.30 28.73 -11.40
CA GLY P 35 -45.70 28.33 -11.55
C GLY P 35 -46.21 28.45 -12.99
N GLU P 36 -45.51 29.23 -13.83
CA GLU P 36 -45.93 29.39 -15.23
C GLU P 36 -45.54 28.18 -16.09
N THR P 37 -46.16 28.08 -17.28
CA THR P 37 -45.80 27.03 -18.25
C THR P 37 -44.89 27.61 -19.33
N VAL P 38 -43.85 26.87 -19.69
CA VAL P 38 -42.82 27.30 -20.63
C VAL P 38 -42.86 26.32 -21.80
N THR P 39 -42.73 26.85 -23.02
CA THR P 39 -42.57 26.06 -24.25
C THR P 39 -41.36 26.58 -25.01
N ILE P 40 -40.41 25.70 -25.30
CA ILE P 40 -39.21 26.03 -26.05
C ILE P 40 -39.28 25.16 -27.28
N THR P 41 -38.93 25.72 -28.45
CA THR P 41 -39.03 24.96 -29.70
C THR P 41 -37.73 24.87 -30.46
N CYS P 42 -37.60 23.80 -31.25
CA CYS P 42 -36.46 23.63 -32.14
C CYS P 42 -36.99 23.17 -33.47
N ARG P 43 -36.58 23.87 -34.52
CA ARG P 43 -36.91 23.49 -35.89
C ARG P 43 -35.60 22.98 -36.56
N ALA P 44 -35.64 21.77 -37.11
CA ALA P 44 -34.50 21.22 -37.85
C ALA P 44 -34.66 21.61 -39.33
N SER P 45 -33.55 21.82 -40.07
CA SER P 45 -33.61 22.26 -41.48
C SER P 45 -34.11 21.14 -42.39
N GLU P 46 -34.13 19.89 -41.88
CA GLU P 46 -34.71 18.74 -42.58
C GLU P 46 -35.17 17.70 -41.58
N ASN P 47 -35.96 16.73 -42.03
CA ASN P 47 -36.51 15.67 -41.18
C ASN P 47 -35.40 14.93 -40.42
N ILE P 48 -35.49 14.92 -39.09
CA ILE P 48 -34.47 14.25 -38.26
C ILE P 48 -35.04 12.98 -37.58
N TYR P 49 -36.29 12.61 -37.91
CA TYR P 49 -36.91 11.35 -37.48
C TYR P 49 -36.84 11.09 -35.96
N SER P 50 -37.15 12.13 -35.16
CA SER P 50 -37.22 12.11 -33.69
C SER P 50 -35.87 11.92 -32.99
N ASN P 51 -34.76 12.06 -33.73
CA ASN P 51 -33.41 11.91 -33.16
C ASN P 51 -33.00 13.26 -32.62
N LEU P 52 -33.62 13.63 -31.50
CA LEU P 52 -33.50 14.97 -30.89
C LEU P 52 -33.46 14.85 -29.38
N ALA P 53 -32.53 15.59 -28.76
CA ALA P 53 -32.41 15.61 -27.30
C ALA P 53 -32.48 17.03 -26.79
N TRP P 54 -32.84 17.17 -25.51
CA TRP P 54 -32.85 18.45 -24.79
C TRP P 54 -31.88 18.33 -23.61
N TYR P 55 -31.06 19.36 -23.42
CA TYR P 55 -30.12 19.45 -22.29
C TYR P 55 -30.47 20.71 -21.50
N GLN P 56 -30.15 20.69 -20.20
CA GLN P 56 -30.30 21.83 -19.31
C GLN P 56 -28.90 22.14 -18.84
N GLN P 57 -28.58 23.43 -18.67
CA GLN P 57 -27.29 23.82 -18.14
C GLN P 57 -27.50 24.95 -17.16
N LYS P 58 -27.19 24.69 -15.89
CA LYS P 58 -27.30 25.68 -14.81
C LYS P 58 -26.02 26.46 -14.76
N GLN P 59 -26.07 27.65 -14.16
CA GLN P 59 -24.90 28.50 -14.01
C GLN P 59 -23.76 27.74 -13.29
N GLY P 60 -22.57 27.76 -13.88
CA GLY P 60 -21.36 27.13 -13.37
C GLY P 60 -21.32 25.61 -13.44
N LYS P 61 -22.26 24.98 -14.19
CA LYS P 61 -22.28 23.51 -14.24
C LYS P 61 -22.16 22.97 -15.66
N SER P 62 -21.83 21.68 -15.77
CA SER P 62 -21.82 21.00 -17.05
C SER P 62 -23.28 20.81 -17.50
N PRO P 63 -23.55 20.73 -18.83
CA PRO P 63 -24.92 20.42 -19.28
C PRO P 63 -25.36 19.04 -18.82
N GLN P 64 -26.67 18.85 -18.65
CA GLN P 64 -27.20 17.55 -18.28
C GLN P 64 -28.36 17.21 -19.21
N LEU P 65 -28.45 15.95 -19.53
CA LEU P 65 -29.50 15.44 -20.40
C LEU P 65 -30.89 15.49 -19.72
N LEU P 66 -31.89 16.01 -20.44
CA LEU P 66 -33.23 16.09 -19.88
C LEU P 66 -34.19 15.16 -20.62
N VAL P 67 -34.14 15.22 -21.97
CA VAL P 67 -35.07 14.50 -22.82
C VAL P 67 -34.28 13.90 -23.98
N TYR P 68 -34.61 12.67 -24.36
CA TYR P 68 -33.91 12.02 -25.46
C TYR P 68 -34.91 11.38 -26.42
N ALA P 69 -34.49 11.21 -27.67
CA ALA P 69 -35.33 10.63 -28.73
C ALA P 69 -36.69 11.34 -28.77
N ALA P 70 -36.63 12.70 -28.67
CA ALA P 70 -37.74 13.67 -28.73
C ALA P 70 -38.71 13.66 -27.55
N THR P 71 -39.12 12.47 -27.07
CA THR P 71 -40.23 12.35 -26.09
C THR P 71 -39.92 11.60 -24.79
N ASN P 72 -38.67 11.10 -24.62
CA ASN P 72 -38.37 10.32 -23.43
C ASN P 72 -37.66 11.11 -22.38
N LEU P 73 -38.15 11.01 -21.15
CA LEU P 73 -37.52 11.70 -20.02
C LEU P 73 -36.27 10.93 -19.59
N ALA P 74 -35.16 11.62 -19.41
CA ALA P 74 -33.92 10.99 -18.92
C ALA P 74 -34.13 10.62 -17.42
N ASP P 75 -33.26 9.74 -16.90
CA ASP P 75 -33.31 9.30 -15.49
C ASP P 75 -33.29 10.46 -14.52
N GLY P 76 -34.22 10.42 -13.56
CA GLY P 76 -34.33 11.43 -12.52
C GLY P 76 -35.00 12.72 -12.91
N VAL P 77 -35.40 12.89 -14.19
CA VAL P 77 -36.02 14.16 -14.61
C VAL P 77 -37.48 14.24 -14.12
N PRO P 78 -37.89 15.37 -13.49
CA PRO P 78 -39.27 15.49 -12.97
C PRO P 78 -40.34 15.38 -14.06
N SER P 79 -41.53 14.90 -13.68
CA SER P 79 -42.65 14.71 -14.61
C SER P 79 -43.23 16.04 -15.19
N ARG P 80 -42.87 17.21 -14.61
CA ARG P 80 -43.33 18.50 -15.16
C ARG P 80 -42.68 18.79 -16.54
N PHE P 81 -41.57 18.09 -16.87
CA PHE P 81 -40.92 18.23 -18.16
C PHE P 81 -41.54 17.23 -19.14
N SER P 82 -41.66 17.64 -20.40
CA SER P 82 -42.11 16.75 -21.47
C SER P 82 -41.56 17.23 -22.80
N GLY P 83 -41.27 16.29 -23.66
CA GLY P 83 -40.80 16.58 -25.00
C GLY P 83 -41.85 16.11 -25.99
N SER P 84 -42.03 16.84 -27.09
CA SER P 84 -42.96 16.42 -28.12
C SER P 84 -42.38 16.72 -29.49
N GLY P 85 -42.91 16.05 -30.50
CA GLY P 85 -42.60 16.37 -31.88
C GLY P 85 -42.14 15.20 -32.70
N SER P 86 -42.03 15.46 -33.99
CA SER P 86 -41.55 14.51 -35.00
C SER P 86 -41.19 15.39 -36.23
N GLY P 87 -40.66 14.77 -37.27
CA GLY P 87 -40.32 15.48 -38.49
C GLY P 87 -39.23 16.52 -38.20
N THR P 88 -39.57 17.78 -38.46
CA THR P 88 -38.63 18.90 -38.26
C THR P 88 -38.97 19.80 -37.04
N GLN P 89 -40.08 19.54 -36.36
CA GLN P 89 -40.55 20.45 -35.31
C GLN P 89 -40.68 19.75 -33.97
N TYR P 90 -39.95 20.29 -32.97
CA TYR P 90 -39.87 19.71 -31.63
C TYR P 90 -40.06 20.74 -30.58
N SER P 91 -40.54 20.30 -29.41
CA SER P 91 -40.74 21.21 -28.31
C SER P 91 -40.39 20.57 -26.99
N LEU P 92 -39.95 21.41 -26.06
CA LEU P 92 -39.72 21.03 -24.67
C LEU P 92 -40.73 21.87 -23.89
N LYS P 93 -41.52 21.22 -23.03
CA LYS P 93 -42.55 21.91 -22.25
C LYS P 93 -42.26 21.72 -20.77
N ILE P 94 -42.32 22.82 -19.99
CA ILE P 94 -42.13 22.74 -18.55
C ILE P 94 -43.42 23.26 -17.90
N ASN P 95 -44.19 22.37 -17.31
CA ASN P 95 -45.40 22.77 -16.57
C ASN P 95 -44.96 23.24 -15.17
N SER P 96 -45.69 24.17 -14.56
CA SER P 96 -45.46 24.66 -13.21
C SER P 96 -43.96 24.87 -12.92
N LEU P 97 -43.33 25.77 -13.69
CA LEU P 97 -41.91 26.12 -13.57
C LEU P 97 -41.50 26.27 -12.09
N GLN P 98 -40.36 25.68 -11.73
CA GLN P 98 -39.84 25.76 -10.36
C GLN P 98 -38.55 26.60 -10.36
N SER P 99 -38.16 27.18 -9.19
CA SER P 99 -36.94 28.00 -9.10
C SER P 99 -35.67 27.26 -9.58
N GLU P 100 -35.61 25.92 -9.41
CA GLU P 100 -34.45 25.13 -9.88
C GLU P 100 -34.41 24.95 -11.41
N ASP P 101 -35.44 25.45 -12.15
CA ASP P 101 -35.49 25.30 -13.61
C ASP P 101 -34.86 26.49 -14.33
N PHE P 102 -34.61 27.60 -13.61
CA PHE P 102 -34.00 28.78 -14.25
C PHE P 102 -32.56 28.41 -14.66
N GLY P 103 -32.20 28.74 -15.90
CA GLY P 103 -30.90 28.43 -16.50
C GLY P 103 -31.05 28.37 -18.01
N ASN P 104 -30.16 27.62 -18.69
CA ASN P 104 -30.13 27.52 -20.14
C ASN P 104 -30.57 26.15 -20.64
N TYR P 105 -31.19 26.12 -21.84
CA TYR P 105 -31.67 24.86 -22.45
C TYR P 105 -31.18 24.78 -23.86
N TYR P 106 -30.79 23.58 -24.32
CA TYR P 106 -30.30 23.43 -25.70
C TYR P 106 -30.87 22.16 -26.29
N CYS P 107 -31.23 22.20 -27.57
CA CYS P 107 -31.61 20.98 -28.29
C CYS P 107 -30.37 20.54 -29.09
N GLN P 108 -30.35 19.27 -29.52
CA GLN P 108 -29.27 18.72 -30.37
C GLN P 108 -29.90 17.58 -31.17
N HIS P 109 -29.49 17.43 -32.42
CA HIS P 109 -30.02 16.36 -33.29
C HIS P 109 -28.92 15.33 -33.49
N PHE P 110 -29.30 14.11 -33.89
CA PHE P 110 -28.37 13.00 -34.14
C PHE P 110 -28.75 12.28 -35.43
N TRP P 111 -29.16 13.04 -36.44
CA TRP P 111 -29.55 12.50 -37.74
C TRP P 111 -28.52 12.75 -38.82
N GLY P 112 -28.17 11.68 -39.52
CA GLY P 112 -27.29 11.69 -40.68
C GLY P 112 -25.85 11.95 -40.36
N THR P 113 -25.07 12.25 -41.41
CA THR P 113 -23.65 12.49 -41.26
C THR P 113 -23.45 13.70 -40.33
N PRO P 114 -22.57 13.59 -39.31
CA PRO P 114 -22.30 14.76 -38.44
C PRO P 114 -21.86 15.99 -39.27
N PRO P 115 -22.02 17.23 -38.78
CA PRO P 115 -22.23 17.63 -37.38
C PRO P 115 -23.58 17.36 -36.78
N TRP P 116 -23.58 16.91 -35.52
CA TRP P 116 -24.78 16.67 -34.71
C TRP P 116 -24.94 17.94 -33.86
N THR P 117 -25.47 18.95 -34.51
CA THR P 117 -25.49 20.32 -34.04
C THR P 117 -26.49 20.63 -32.95
N PHE P 118 -26.16 21.67 -32.16
CA PHE P 118 -27.01 22.17 -31.10
C PHE P 118 -27.80 23.37 -31.63
N GLY P 119 -28.97 23.59 -31.05
CA GLY P 119 -29.74 24.82 -31.25
C GLY P 119 -28.98 25.94 -30.52
N GLY P 120 -29.33 27.20 -30.80
CA GLY P 120 -28.65 28.36 -30.21
C GLY P 120 -28.87 28.57 -28.72
N GLY P 121 -29.82 27.85 -28.11
CA GLY P 121 -30.06 27.96 -26.68
C GLY P 121 -31.21 28.87 -26.30
N THR P 122 -31.78 28.65 -25.13
CA THR P 122 -32.86 29.46 -24.57
C THR P 122 -32.47 29.73 -23.13
N LYS P 123 -32.43 30.99 -22.76
CA LYS P 123 -32.15 31.37 -21.38
C LYS P 123 -33.49 31.66 -20.68
N LEU P 124 -33.77 30.94 -19.56
CA LEU P 124 -34.95 31.24 -18.75
C LEU P 124 -34.50 32.10 -17.60
N GLU P 125 -35.04 33.31 -17.51
CA GLU P 125 -34.69 34.21 -16.42
C GLU P 125 -35.94 34.61 -15.62
N ILE P 126 -35.72 35.10 -14.40
CA ILE P 126 -36.80 35.44 -13.47
C ILE P 126 -37.44 36.75 -13.84
N LYS P 127 -38.76 36.71 -14.01
CA LYS P 127 -39.57 37.86 -14.34
C LYS P 127 -39.75 38.73 -13.10
N ARG P 128 -39.66 40.05 -13.27
CA ARG P 128 -39.98 41.02 -12.21
C ARG P 128 -40.39 42.34 -12.85
N THR P 129 -40.79 43.32 -12.03
CA THR P 129 -41.22 44.63 -12.52
C THR P 129 -40.01 45.46 -12.97
N VAL P 130 -40.23 46.41 -13.91
CA VAL P 130 -39.20 47.30 -14.41
C VAL P 130 -38.57 48.08 -13.24
N ALA P 131 -37.24 48.16 -13.22
CA ALA P 131 -36.48 48.92 -12.22
C ALA P 131 -35.40 49.69 -12.96
N ALA P 132 -35.45 51.02 -12.87
CA ALA P 132 -34.45 51.89 -13.52
C ALA P 132 -33.10 51.72 -12.82
N PRO P 133 -31.96 51.80 -13.53
CA PRO P 133 -30.67 51.72 -12.84
C PRO P 133 -30.37 53.00 -12.06
N SER P 134 -29.57 52.88 -11.00
CA SER P 134 -29.00 54.01 -10.26
C SER P 134 -27.63 54.10 -10.92
N VAL P 135 -27.30 55.27 -11.47
CA VAL P 135 -26.08 55.46 -12.23
C VAL P 135 -25.03 56.23 -11.44
N PHE P 136 -23.79 55.74 -11.48
CA PHE P 136 -22.65 56.34 -10.80
C PHE P 136 -21.47 56.38 -11.73
N ILE P 137 -20.72 57.46 -11.69
CA ILE P 137 -19.52 57.62 -12.49
C ILE P 137 -18.33 57.80 -11.57
N PHE P 138 -17.22 57.11 -11.88
CA PHE P 138 -15.99 57.22 -11.09
C PHE P 138 -14.84 57.68 -11.96
N PRO P 139 -14.22 58.84 -11.64
CA PRO P 139 -13.05 59.26 -12.43
C PRO P 139 -11.84 58.37 -12.09
N PRO P 140 -10.74 58.36 -12.89
CA PRO P 140 -9.59 57.53 -12.48
C PRO P 140 -8.96 58.08 -11.19
N SER P 141 -8.58 57.18 -10.26
CA SER P 141 -7.97 57.57 -8.97
C SER P 141 -6.62 58.25 -9.20
N ASP P 142 -6.18 59.10 -8.23
CA ASP P 142 -4.87 59.75 -8.30
C ASP P 142 -3.79 58.65 -8.39
N GLU P 143 -3.97 57.55 -7.61
CA GLU P 143 -3.08 56.38 -7.54
C GLU P 143 -2.86 55.77 -8.93
N GLN P 144 -3.95 55.53 -9.71
CA GLN P 144 -3.87 54.96 -11.07
C GLN P 144 -3.17 55.88 -12.07
N LEU P 145 -3.51 57.18 -12.05
CA LEU P 145 -2.93 58.22 -12.92
C LEU P 145 -1.39 58.24 -12.87
N LYS P 146 -0.79 57.95 -11.69
CA LYS P 146 0.67 57.86 -11.48
C LYS P 146 1.32 56.74 -12.30
N SER P 147 0.57 55.64 -12.57
CA SER P 147 1.05 54.46 -13.31
C SER P 147 1.01 54.58 -14.85
N GLY P 148 0.44 55.67 -15.37
CA GLY P 148 0.37 55.91 -16.82
C GLY P 148 -0.93 55.56 -17.53
N THR P 149 -1.90 54.96 -16.80
CA THR P 149 -3.21 54.59 -17.36
C THR P 149 -4.35 55.31 -16.65
N ALA P 150 -5.49 55.40 -17.34
CA ALA P 150 -6.71 56.05 -16.85
C ALA P 150 -7.91 55.12 -17.14
N SER P 151 -8.72 54.87 -16.10
CA SER P 151 -9.92 54.03 -16.23
C SER P 151 -11.09 54.77 -15.62
N VAL P 152 -12.08 55.11 -16.47
CA VAL P 152 -13.29 55.81 -16.07
C VAL P 152 -14.34 54.70 -15.96
N VAL P 153 -14.96 54.57 -14.77
CA VAL P 153 -15.96 53.50 -14.53
C VAL P 153 -17.38 54.05 -14.43
N CYS P 154 -18.30 53.41 -15.16
CA CYS P 154 -19.70 53.77 -15.10
C CYS P 154 -20.45 52.59 -14.54
N LEU P 155 -21.17 52.79 -13.42
CA LEU P 155 -21.93 51.73 -12.74
C LEU P 155 -23.44 51.93 -12.93
N LEU P 156 -24.13 50.88 -13.40
CA LEU P 156 -25.59 50.83 -13.55
C LEU P 156 -25.99 49.81 -12.49
N ASN P 157 -26.58 50.30 -11.41
CA ASN P 157 -26.91 49.47 -10.26
C ASN P 157 -28.35 49.05 -10.15
N ASN P 158 -28.57 47.72 -9.99
CA ASN P 158 -29.86 47.09 -9.68
C ASN P 158 -31.00 47.51 -10.63
N PHE P 159 -30.89 47.11 -11.90
CA PHE P 159 -31.88 47.46 -12.91
C PHE P 159 -32.57 46.22 -13.48
N TYR P 160 -33.72 46.41 -14.12
CA TYR P 160 -34.48 45.33 -14.74
C TYR P 160 -35.42 45.96 -15.79
N PRO P 161 -35.50 45.41 -17.03
CA PRO P 161 -34.83 44.21 -17.58
C PRO P 161 -33.34 44.40 -17.88
N ARG P 162 -32.66 43.30 -18.28
CA ARG P 162 -31.21 43.27 -18.54
C ARG P 162 -30.77 44.23 -19.63
N GLU P 163 -31.63 44.49 -20.63
CA GLU P 163 -31.30 45.37 -21.75
C GLU P 163 -31.07 46.80 -21.32
N ALA P 164 -29.86 47.30 -21.60
CA ALA P 164 -29.42 48.64 -21.24
C ALA P 164 -28.36 49.05 -22.24
N LYS P 165 -28.32 50.34 -22.54
CA LYS P 165 -27.38 50.89 -23.47
C LYS P 165 -26.52 51.93 -22.77
N VAL P 166 -25.19 51.75 -22.87
CA VAL P 166 -24.21 52.67 -22.30
C VAL P 166 -23.44 53.25 -23.47
N GLN P 167 -23.39 54.57 -23.57
CA GLN P 167 -22.64 55.29 -24.60
C GLN P 167 -21.68 56.21 -23.86
N TRP P 168 -20.37 56.11 -24.15
CA TRP P 168 -19.38 56.95 -23.49
C TRP P 168 -19.19 58.28 -24.22
N GLY P 177 -14.82 49.70 -29.27
CA GLY P 177 -13.89 50.83 -29.32
C GLY P 177 -12.87 50.77 -28.21
N ASN P 178 -12.99 51.68 -27.22
CA ASN P 178 -12.08 51.76 -26.08
C ASN P 178 -12.78 51.48 -24.72
N SER P 179 -13.91 50.76 -24.76
CA SER P 179 -14.68 50.41 -23.57
C SER P 179 -15.04 48.94 -23.54
N GLN P 180 -15.20 48.41 -22.32
CA GLN P 180 -15.62 47.03 -22.10
C GLN P 180 -16.64 47.03 -20.99
N GLU P 181 -17.61 46.13 -21.08
CA GLU P 181 -18.61 46.03 -20.03
C GLU P 181 -18.78 44.61 -19.55
N SER P 182 -19.34 44.49 -18.35
CA SER P 182 -19.54 43.26 -17.61
C SER P 182 -20.88 43.38 -16.89
N VAL P 183 -21.66 42.31 -16.86
CA VAL P 183 -22.98 42.28 -16.24
C VAL P 183 -22.98 41.18 -15.21
N THR P 184 -23.61 41.42 -14.05
CA THR P 184 -23.70 40.38 -13.05
C THR P 184 -24.85 39.42 -13.43
N GLU P 185 -24.87 38.26 -12.79
CA GLU P 185 -26.00 37.36 -12.93
C GLU P 185 -27.14 37.99 -12.13
N GLN P 186 -28.34 37.57 -12.45
CA GLN P 186 -29.53 38.06 -11.80
C GLN P 186 -29.38 37.88 -10.28
N ASP P 187 -29.58 38.97 -9.52
CA ASP P 187 -29.41 39.00 -8.06
C ASP P 187 -30.32 37.97 -7.37
N SER P 188 -29.75 37.20 -6.41
CA SER P 188 -30.48 36.14 -5.70
C SER P 188 -31.64 36.62 -4.84
N LYS P 189 -31.61 37.89 -4.40
CA LYS P 189 -32.66 38.47 -3.58
C LYS P 189 -33.68 39.31 -4.36
N ASP P 190 -33.22 40.26 -5.19
CA ASP P 190 -34.20 41.15 -5.87
C ASP P 190 -34.35 40.91 -7.39
N SER P 191 -33.66 39.88 -7.96
CA SER P 191 -33.76 39.53 -9.39
C SER P 191 -33.37 40.67 -10.39
N THR P 192 -32.54 41.63 -9.93
CA THR P 192 -32.06 42.71 -10.80
C THR P 192 -30.67 42.35 -11.35
N TYR P 193 -30.18 43.19 -12.27
CA TYR P 193 -28.84 43.08 -12.85
C TYR P 193 -28.07 44.34 -12.49
N SER P 194 -26.75 44.25 -12.55
CA SER P 194 -25.90 45.43 -12.41
C SER P 194 -24.91 45.33 -13.54
N LEU P 195 -24.44 46.49 -14.01
CA LEU P 195 -23.51 46.54 -15.12
C LEU P 195 -22.42 47.57 -14.83
N SER P 196 -21.20 47.21 -15.20
CA SER P 196 -20.02 48.08 -15.07
C SER P 196 -19.48 48.26 -16.48
N SER P 197 -19.27 49.50 -16.91
CA SER P 197 -18.72 49.81 -18.22
C SER P 197 -17.44 50.61 -17.98
N THR P 198 -16.30 50.12 -18.48
CA THR P 198 -15.01 50.76 -18.25
C THR P 198 -14.40 51.37 -19.53
N LEU P 199 -14.15 52.69 -19.47
CA LEU P 199 -13.50 53.46 -20.53
C LEU P 199 -11.99 53.48 -20.25
N THR P 200 -11.16 52.90 -21.13
CA THR P 200 -9.72 52.87 -20.88
C THR P 200 -8.93 53.75 -21.85
N LEU P 201 -8.12 54.65 -21.28
CA LEU P 201 -7.29 55.59 -22.02
C LEU P 201 -5.91 55.62 -21.41
N SER P 202 -4.93 56.12 -22.18
CA SER P 202 -3.55 56.36 -21.69
C SER P 202 -3.64 57.60 -20.80
N ALA P 213 -18.35 61.83 -19.28
CA ALA P 213 -19.79 61.58 -19.38
C ALA P 213 -20.18 60.16 -19.82
N CYS P 214 -21.09 59.53 -19.05
CA CYS P 214 -21.64 58.20 -19.31
C CYS P 214 -23.14 58.37 -19.59
N GLU P 215 -23.61 57.96 -20.79
CA GLU P 215 -25.03 58.07 -21.16
C GLU P 215 -25.70 56.72 -21.01
N VAL P 216 -26.78 56.66 -20.22
CA VAL P 216 -27.51 55.41 -19.95
C VAL P 216 -28.96 55.45 -20.49
N THR P 217 -29.32 54.47 -21.35
CA THR P 217 -30.66 54.31 -21.91
C THR P 217 -31.20 53.00 -21.35
N HIS P 218 -32.39 53.06 -20.73
CA HIS P 218 -33.04 51.89 -20.13
C HIS P 218 -34.56 52.11 -20.07
N GLN P 219 -35.36 51.02 -20.16
CA GLN P 219 -36.85 51.01 -20.10
C GLN P 219 -37.44 51.75 -18.86
N GLY P 220 -36.76 51.71 -17.73
CA GLY P 220 -37.19 52.36 -16.50
C GLY P 220 -36.93 53.86 -16.46
N LEU P 221 -36.27 54.41 -17.48
CA LEU P 221 -35.94 55.85 -17.55
C LEU P 221 -36.77 56.50 -18.64
N SER P 222 -37.50 57.59 -18.32
CA SER P 222 -38.33 58.28 -19.34
C SER P 222 -37.47 58.93 -20.44
N SER P 223 -36.23 59.32 -20.09
CA SER P 223 -35.24 59.87 -21.01
C SER P 223 -33.84 59.39 -20.54
N PRO P 224 -32.82 59.32 -21.44
CA PRO P 224 -31.48 58.85 -20.98
C PRO P 224 -30.88 59.65 -19.84
N VAL P 225 -30.16 58.95 -18.95
CA VAL P 225 -29.50 59.56 -17.79
C VAL P 225 -28.01 59.71 -18.07
N THR P 226 -27.47 60.91 -17.86
CA THR P 226 -26.06 61.20 -18.05
C THR P 226 -25.41 61.53 -16.71
N LYS P 227 -24.27 60.88 -16.43
CA LYS P 227 -23.48 61.17 -15.26
C LYS P 227 -22.13 61.61 -15.79
N SER P 228 -21.61 62.76 -15.31
CA SER P 228 -20.34 63.30 -15.81
C SER P 228 -19.44 63.88 -14.73
N THR Q 5 -29.53 33.28 17.92
CA THR Q 5 -29.02 32.47 16.80
C THR Q 5 -27.57 32.03 17.06
N THR Q 6 -27.31 30.70 17.01
CA THR Q 6 -26.00 30.11 17.26
C THR Q 6 -25.51 29.27 16.07
N VAL Q 7 -24.24 29.47 15.70
CA VAL Q 7 -23.61 28.74 14.60
C VAL Q 7 -22.26 28.23 15.08
N ALA Q 8 -21.88 27.05 14.61
CA ALA Q 8 -20.56 26.50 14.93
C ALA Q 8 -19.61 26.88 13.79
N PHE Q 9 -18.34 27.06 14.11
CA PHE Q 9 -17.30 27.33 13.11
C PHE Q 9 -15.98 26.77 13.64
N ASP Q 10 -15.13 26.32 12.73
CA ASP Q 10 -13.87 25.71 13.11
C ASP Q 10 -12.73 26.69 13.08
N VAL Q 11 -11.98 26.74 14.18
CA VAL Q 11 -10.77 27.56 14.30
C VAL Q 11 -9.66 26.68 13.76
N ARG Q 12 -8.98 27.18 12.73
CA ARG Q 12 -7.97 26.44 11.98
C ARG Q 12 -6.57 26.96 12.33
N PRO Q 13 -5.76 26.18 13.08
CA PRO Q 13 -4.40 26.64 13.38
C PRO Q 13 -3.49 26.50 12.14
N GLY Q 14 -2.23 26.92 12.31
CA GLY Q 14 -1.26 26.83 11.22
C GLY Q 14 -0.68 28.16 10.82
N GLY Q 15 -1.33 29.25 11.22
CA GLY Q 15 -0.79 30.59 10.99
C GLY Q 15 -1.50 31.44 9.95
N VAL Q 16 -2.36 30.83 9.12
CA VAL Q 16 -3.10 31.60 8.14
C VAL Q 16 -4.17 32.42 8.92
N VAL Q 17 -4.35 33.67 8.54
CA VAL Q 17 -5.32 34.56 9.17
C VAL Q 17 -6.69 34.20 8.58
N HIS Q 18 -7.64 33.84 9.43
CA HIS Q 18 -8.98 33.46 9.02
C HIS Q 18 -10.00 34.34 9.72
N SER Q 19 -11.20 34.44 9.12
CA SER Q 19 -12.28 35.20 9.73
C SER Q 19 -13.58 34.41 9.58
N PHE Q 20 -14.47 34.59 10.54
CA PHE Q 20 -15.80 34.00 10.49
C PHE Q 20 -16.76 35.11 10.90
N SER Q 21 -17.84 35.28 10.14
CA SER Q 21 -18.83 36.28 10.49
C SER Q 21 -20.25 35.74 10.37
N HIS Q 22 -21.17 36.35 11.11
CA HIS Q 22 -22.59 35.99 11.11
C HIS Q 22 -23.41 37.25 11.40
N ASN Q 23 -24.62 37.32 10.83
CA ASN Q 23 -25.55 38.46 10.99
C ASN Q 23 -26.72 38.13 11.92
N VAL Q 24 -27.41 39.18 12.43
CA VAL Q 24 -28.62 39.09 13.24
C VAL Q 24 -29.41 40.40 13.13
N TYR Q 30 -26.99 43.89 12.02
CA TYR Q 30 -25.82 43.66 12.87
C TYR Q 30 -24.97 42.53 12.32
N THR Q 31 -23.64 42.68 12.41
CA THR Q 31 -22.72 41.60 12.02
C THR Q 31 -21.69 41.44 13.12
N CYS Q 32 -21.32 40.22 13.43
CA CYS Q 32 -20.25 39.95 14.36
C CYS Q 32 -19.22 39.18 13.59
N MET Q 33 -17.94 39.57 13.72
CA MET Q 33 -16.87 38.92 13.01
C MET Q 33 -15.73 38.60 13.94
N PHE Q 34 -15.14 37.42 13.76
CA PHE Q 34 -14.01 36.96 14.51
C PHE Q 34 -12.87 36.68 13.56
N THR Q 35 -11.73 37.39 13.72
CA THR Q 35 -10.52 37.23 12.89
C THR Q 35 -9.39 36.74 13.80
N TYR Q 36 -8.64 35.73 13.35
CA TYR Q 36 -7.61 35.15 14.21
C TYR Q 36 -6.52 34.49 13.38
N ALA Q 37 -5.43 34.13 14.05
CA ALA Q 37 -4.38 33.25 13.52
C ALA Q 37 -3.95 32.46 14.76
N SER Q 38 -3.77 31.15 14.62
CA SER Q 38 -3.41 30.32 15.77
C SER Q 38 -2.51 29.17 15.40
N GLN Q 39 -1.96 28.52 16.42
CA GLN Q 39 -1.07 27.35 16.28
C GLN Q 39 -1.54 26.29 17.25
N GLY Q 40 -1.38 25.03 16.88
CA GLY Q 40 -1.86 23.93 17.71
C GLY Q 40 -1.98 22.62 16.96
N GLY Q 41 -2.43 21.58 17.64
CA GLY Q 41 -2.46 20.25 17.05
C GLY Q 41 -3.70 19.85 16.29
N THR Q 42 -4.84 20.48 16.58
CA THR Q 42 -6.11 20.08 15.94
C THR Q 42 -6.93 21.30 15.56
N ASN Q 43 -7.89 21.12 14.64
CA ASN Q 43 -8.84 22.20 14.32
C ASN Q 43 -9.86 22.11 15.45
N GLU Q 44 -10.34 23.24 15.95
CA GLU Q 44 -11.30 23.20 17.06
C GLU Q 44 -12.62 23.77 16.65
N GLN Q 45 -13.71 23.08 17.00
CA GLN Q 45 -15.02 23.64 16.71
C GLN Q 45 -15.40 24.62 17.82
N TRP Q 46 -15.69 25.85 17.44
CA TRP Q 46 -16.14 26.91 18.34
C TRP Q 46 -17.58 27.25 17.97
N GLN Q 47 -18.22 28.10 18.77
CA GLN Q 47 -19.58 28.58 18.51
C GLN Q 47 -19.59 30.10 18.55
N MET Q 48 -20.49 30.67 17.77
CA MET Q 48 -20.76 32.12 17.78
C MET Q 48 -22.25 32.24 18.00
N SER Q 49 -22.66 32.97 19.05
CA SER Q 49 -24.07 33.18 19.35
C SER Q 49 -24.35 34.67 19.28
N LEU Q 50 -25.46 35.02 18.62
CA LEU Q 50 -25.87 36.40 18.42
C LEU Q 50 -27.27 36.59 18.96
N GLY Q 51 -27.43 37.59 19.81
CA GLY Q 51 -28.71 37.93 20.42
C GLY Q 51 -28.99 39.41 20.35
N THR Q 52 -30.26 39.78 20.23
CA THR Q 52 -30.68 41.18 20.19
C THR Q 52 -31.63 41.42 21.36
N HIS Q 58 -29.82 46.87 21.50
CA HIS Q 58 -28.63 46.18 22.01
C HIS Q 58 -28.40 44.84 21.35
N PHE Q 59 -27.15 44.54 21.08
CA PHE Q 59 -26.75 43.34 20.38
C PHE Q 59 -25.61 42.68 21.12
N THR Q 60 -25.72 41.35 21.36
CA THR Q 60 -24.69 40.60 22.07
C THR Q 60 -24.07 39.54 21.16
N CYS Q 61 -22.74 39.52 21.11
CA CYS Q 61 -22.06 38.48 20.36
C CYS Q 61 -21.14 37.73 21.31
N THR Q 62 -21.28 36.39 21.36
CA THR Q 62 -20.47 35.54 22.20
C THR Q 62 -19.76 34.55 21.30
N ILE Q 63 -18.46 34.46 21.42
CA ILE Q 63 -17.61 33.55 20.64
C ILE Q 63 -16.90 32.66 21.66
N TRP Q 64 -17.08 31.34 21.56
CA TRP Q 64 -16.46 30.46 22.55
C TRP Q 64 -16.23 29.05 22.12
N ARG Q 65 -15.34 28.36 22.86
CA ARG Q 65 -15.09 26.95 22.65
C ARG Q 65 -16.00 26.12 23.60
N PRO Q 66 -16.97 25.36 23.05
CA PRO Q 66 -17.85 24.53 23.91
C PRO Q 66 -17.02 23.57 24.76
N GLN Q 67 -17.41 23.34 26.01
CA GLN Q 67 -16.64 22.51 26.99
C GLN Q 67 -15.58 23.34 27.71
N GLY Q 68 -15.49 24.63 27.36
CA GLY Q 68 -14.74 25.66 28.07
C GLY Q 68 -13.27 25.92 27.84
N LYS Q 69 -12.49 24.94 27.32
CA LYS Q 69 -11.06 25.20 27.19
C LYS Q 69 -10.47 24.90 25.80
N SER Q 70 -9.93 25.94 25.18
CA SER Q 70 -9.23 25.84 23.90
C SER Q 70 -7.79 25.43 24.20
N TYR Q 71 -7.23 24.54 23.37
CA TYR Q 71 -5.85 24.09 23.50
C TYR Q 71 -4.95 24.70 22.41
N LEU Q 72 -5.51 25.67 21.67
CA LEU Q 72 -4.75 26.38 20.62
C LEU Q 72 -4.02 27.59 21.21
N TYR Q 73 -3.01 28.06 20.49
CA TYR Q 73 -2.23 29.22 20.92
C TYR Q 73 -2.43 30.28 19.88
N PHE Q 74 -3.14 31.34 20.26
CA PHE Q 74 -3.48 32.40 19.35
C PHE Q 74 -2.33 33.38 19.23
N THR Q 75 -2.00 33.74 17.98
CA THR Q 75 -0.96 34.73 17.76
C THR Q 75 -1.61 36.09 17.56
N GLN Q 76 -2.94 36.09 17.27
CA GLN Q 76 -3.71 37.32 17.12
C GLN Q 76 -5.20 36.98 17.22
N PHE Q 77 -5.99 37.95 17.64
CA PHE Q 77 -7.43 37.78 17.63
C PHE Q 77 -8.06 39.16 17.58
N LYS Q 78 -9.24 39.23 16.95
CA LYS Q 78 -10.01 40.47 16.86
C LYS Q 78 -11.46 40.09 16.63
N ALA Q 79 -12.34 40.61 17.47
CA ALA Q 79 -13.77 40.38 17.29
C ALA Q 79 -14.36 41.77 17.09
N GLU Q 80 -15.17 41.93 16.04
CA GLU Q 80 -15.73 43.22 15.64
C GLU Q 80 -17.23 43.12 15.45
N VAL Q 81 -17.89 44.26 15.62
CA VAL Q 81 -19.31 44.37 15.34
C VAL Q 81 -19.54 45.43 14.26
N ARG Q 82 -20.53 45.19 13.39
CA ARG Q 82 -20.93 46.12 12.34
C ARG Q 82 -22.35 46.57 12.62
N GLY Q 83 -22.64 47.84 12.37
CA GLY Q 83 -23.96 48.41 12.62
C GLY Q 83 -24.20 48.68 14.10
N ALA Q 84 -23.11 48.62 14.91
CA ALA Q 84 -23.17 48.84 16.36
C ALA Q 84 -21.85 49.38 16.95
N GLU Q 85 -21.94 49.92 18.18
CA GLU Q 85 -20.82 50.45 18.97
C GLU Q 85 -20.72 49.65 20.28
N ILE Q 86 -19.52 49.16 20.63
CA ILE Q 86 -19.25 48.38 21.84
C ILE Q 86 -19.49 49.19 23.12
N GLU Q 87 -20.30 48.63 24.03
CA GLU Q 87 -20.61 49.19 25.34
C GLU Q 87 -19.77 48.47 26.39
N TYR Q 88 -19.59 47.14 26.21
CA TYR Q 88 -18.89 46.25 27.10
C TYR Q 88 -18.27 45.11 26.29
N ALA Q 89 -17.05 44.71 26.65
CA ALA Q 89 -16.42 43.52 26.04
C ALA Q 89 -15.50 42.86 27.06
N MET Q 90 -15.44 41.54 27.01
CA MET Q 90 -14.61 40.74 27.89
C MET Q 90 -14.01 39.57 27.12
N ALA Q 91 -12.76 39.22 27.47
CA ALA Q 91 -12.02 38.09 26.88
C ALA Q 91 -11.62 37.16 28.03
N TYR Q 92 -11.66 35.85 27.76
CA TYR Q 92 -11.41 34.82 28.77
C TYR Q 92 -10.44 33.77 28.26
N SER Q 93 -9.59 33.26 29.15
CA SER Q 93 -8.66 32.17 28.79
C SER Q 93 -9.40 30.83 28.91
N LYS Q 94 -10.47 30.81 29.71
CA LYS Q 94 -11.33 29.62 29.94
C LYS Q 94 -12.81 30.06 30.05
N ALA Q 95 -13.71 29.36 29.35
CA ALA Q 95 -15.14 29.65 29.37
C ALA Q 95 -15.86 28.81 30.45
N ALA Q 96 -16.94 29.37 31.02
CA ALA Q 96 -17.78 28.69 32.00
C ALA Q 96 -18.40 27.50 31.32
N PHE Q 97 -18.35 26.37 31.99
CA PHE Q 97 -18.90 25.11 31.49
C PHE Q 97 -19.36 24.30 32.68
N GLU Q 98 -20.61 23.77 32.59
CA GLU Q 98 -21.25 23.01 33.69
C GLU Q 98 -21.29 23.93 34.93
N ARG Q 99 -20.59 23.57 36.02
CA ARG Q 99 -20.54 24.39 37.24
C ARG Q 99 -19.20 25.14 37.38
N GLU Q 100 -18.27 24.93 36.40
CA GLU Q 100 -16.96 25.59 36.37
C GLU Q 100 -17.07 27.01 35.83
N SER Q 101 -16.34 27.96 36.44
CA SER Q 101 -16.49 29.37 36.09
C SER Q 101 -15.53 29.90 35.01
N ASP Q 102 -15.91 31.07 34.44
CA ASP Q 102 -15.13 31.83 33.45
C ASP Q 102 -13.81 32.27 34.09
N VAL Q 103 -12.73 32.26 33.32
CA VAL Q 103 -11.43 32.76 33.79
C VAL Q 103 -11.07 33.94 32.84
N PRO Q 104 -11.20 35.21 33.28
CA PRO Q 104 -10.90 36.32 32.35
C PRO Q 104 -9.42 36.44 32.07
N LEU Q 105 -9.10 37.07 30.93
CA LEU Q 105 -7.73 37.44 30.62
C LEU Q 105 -7.35 38.59 31.56
N LYS Q 106 -6.07 38.83 31.78
CA LYS Q 106 -5.63 40.00 32.53
C LYS Q 106 -5.99 41.20 31.62
N THR Q 107 -6.37 42.35 32.20
CA THR Q 107 -6.75 43.57 31.47
C THR Q 107 -5.70 43.99 30.42
N GLU Q 108 -4.41 43.84 30.74
CA GLU Q 108 -3.26 44.17 29.89
C GLU Q 108 -3.20 43.35 28.59
N GLU Q 109 -3.82 42.17 28.59
CA GLU Q 109 -3.75 41.23 27.45
C GLU Q 109 -4.57 41.65 26.23
N PHE Q 110 -5.57 42.52 26.42
CA PHE Q 110 -6.45 42.87 25.32
C PHE Q 110 -6.92 44.32 25.38
N GLU Q 111 -7.44 44.83 24.26
CA GLU Q 111 -7.88 46.22 24.13
C GLU Q 111 -9.30 46.27 23.59
N VAL Q 112 -10.10 47.18 24.10
CA VAL Q 112 -11.48 47.36 23.66
C VAL Q 112 -11.63 48.77 23.08
N THR Q 113 -12.08 48.83 21.82
CA THR Q 113 -12.32 50.10 21.12
C THR Q 113 -13.83 50.24 20.83
N LYS Q 114 -14.20 51.27 20.03
CA LYS Q 114 -15.57 51.56 19.60
C LYS Q 114 -16.25 50.39 18.85
N THR Q 115 -15.53 49.66 17.99
CA THR Q 115 -16.14 48.55 17.24
C THR Q 115 -15.42 47.21 17.39
N ALA Q 116 -14.27 47.18 18.11
CA ALA Q 116 -13.51 45.91 18.22
C ALA Q 116 -12.90 45.59 19.58
N VAL Q 117 -12.68 44.30 19.83
CA VAL Q 117 -11.97 43.75 20.98
C VAL Q 117 -10.81 42.94 20.37
N ALA Q 118 -9.57 43.29 20.71
CA ALA Q 118 -8.41 42.66 20.09
C ALA Q 118 -7.30 42.37 21.07
N HIS Q 119 -6.37 41.47 20.71
CA HIS Q 119 -5.23 41.16 21.57
C HIS Q 119 -4.29 42.36 21.66
N ARG Q 120 -3.53 42.44 22.77
CA ARG Q 120 -2.50 43.46 22.92
C ARG Q 120 -1.18 42.75 22.63
N PRO Q 121 -0.51 43.08 21.51
CA PRO Q 121 0.77 42.41 21.18
C PRO Q 121 1.80 42.54 22.30
N GLY Q 122 2.45 41.43 22.62
CA GLY Q 122 3.47 41.37 23.66
C GLY Q 122 2.97 41.18 25.08
N ALA Q 123 1.66 41.39 25.33
CA ALA Q 123 1.07 41.22 26.66
C ALA Q 123 0.10 40.04 26.67
N PHE Q 124 -0.55 39.79 25.52
CA PHE Q 124 -1.48 38.67 25.38
C PHE Q 124 -0.73 37.34 25.58
N LYS Q 125 -1.22 36.46 26.44
CA LYS Q 125 -0.53 35.20 26.75
C LYS Q 125 -0.89 34.03 25.81
N ALA Q 126 -1.57 34.31 24.68
CA ALA Q 126 -1.91 33.35 23.61
C ALA Q 126 -3.08 32.39 23.92
N GLU Q 127 -3.61 32.39 25.15
CA GLU Q 127 -4.73 31.50 25.49
C GLU Q 127 -6.04 32.26 25.46
N LEU Q 128 -7.02 31.74 24.70
CA LEU Q 128 -8.31 32.38 24.56
C LEU Q 128 -9.37 31.29 24.36
N SER Q 129 -10.43 31.36 25.16
CA SER Q 129 -11.50 30.38 25.03
C SER Q 129 -12.86 31.02 24.86
N LYS Q 130 -12.98 32.33 25.11
CA LYS Q 130 -14.27 33.01 25.02
C LYS Q 130 -14.09 34.53 24.86
N LEU Q 131 -14.98 35.15 24.09
CA LEU Q 131 -15.09 36.60 23.90
C LEU Q 131 -16.55 36.95 24.00
N VAL Q 132 -16.86 38.05 24.70
CA VAL Q 132 -18.23 38.54 24.85
C VAL Q 132 -18.24 40.00 24.43
N ILE Q 133 -19.14 40.37 23.52
CA ILE Q 133 -19.32 41.76 23.11
C ILE Q 133 -20.77 42.17 23.35
N VAL Q 134 -20.99 43.29 24.04
CA VAL Q 134 -22.31 43.86 24.22
C VAL Q 134 -22.23 45.22 23.51
N ALA Q 135 -23.06 45.41 22.48
CA ALA Q 135 -23.02 46.62 21.66
C ALA Q 135 -24.38 47.28 21.49
N LYS Q 136 -24.39 48.58 21.15
CA LYS Q 136 -25.60 49.39 20.94
C LYS Q 136 -25.68 49.88 19.49
N ALA Q 137 -26.91 50.04 18.95
CA ALA Q 137 -27.19 50.52 17.59
C ALA Q 137 -26.68 51.94 17.36
N THR R 5 -43.06 1.14 -35.36
CA THR R 5 -42.00 1.67 -34.51
C THR R 5 -40.65 1.61 -35.24
N THR R 6 -40.00 2.78 -35.36
CA THR R 6 -38.73 2.92 -36.07
C THR R 6 -37.65 3.49 -35.16
N VAL R 7 -36.46 2.91 -35.22
CA VAL R 7 -35.31 3.38 -34.46
C VAL R 7 -34.09 3.39 -35.39
N ALA R 8 -33.21 4.38 -35.19
CA ALA R 8 -31.97 4.46 -35.95
C ALA R 8 -30.87 3.76 -35.14
N PHE R 9 -29.89 3.20 -35.82
CA PHE R 9 -28.73 2.57 -35.18
C PHE R 9 -27.54 2.70 -36.10
N ASP R 10 -26.35 2.86 -35.51
CA ASP R 10 -25.14 3.03 -36.30
C ASP R 10 -24.46 1.70 -36.51
N VAL R 11 -24.13 1.42 -37.76
CA VAL R 11 -23.35 0.24 -38.16
C VAL R 11 -21.89 0.68 -38.04
N ARG R 12 -21.17 0.00 -37.17
CA ARG R 12 -19.80 0.32 -36.82
C ARG R 12 -18.84 -0.60 -37.54
N PRO R 13 -18.09 -0.05 -38.53
CA PRO R 13 -17.09 -0.87 -39.23
C PRO R 13 -15.85 -1.15 -38.37
N GLY R 14 -14.95 -1.95 -38.91
CA GLY R 14 -13.75 -2.28 -38.19
C GLY R 14 -13.54 -3.76 -37.96
N GLY R 15 -14.60 -4.55 -38.13
CA GLY R 15 -14.53 -6.01 -38.01
C GLY R 15 -15.08 -6.62 -36.74
N VAL R 16 -15.38 -5.79 -35.71
CA VAL R 16 -16.00 -6.30 -34.48
C VAL R 16 -17.43 -6.72 -34.83
N VAL R 17 -17.87 -7.89 -34.31
CA VAL R 17 -19.23 -8.38 -34.53
C VAL R 17 -20.14 -7.62 -33.58
N HIS R 18 -21.13 -6.91 -34.13
CA HIS R 18 -22.09 -6.13 -33.32
C HIS R 18 -23.50 -6.57 -33.64
N SER R 19 -24.42 -6.24 -32.74
CA SER R 19 -25.82 -6.56 -32.98
C SER R 19 -26.70 -5.43 -32.48
N PHE R 20 -27.85 -5.27 -33.10
CA PHE R 20 -28.85 -4.30 -32.68
C PHE R 20 -30.19 -5.00 -32.72
N SER R 21 -30.98 -4.83 -31.66
CA SER R 21 -32.31 -5.45 -31.60
C SER R 21 -33.36 -4.48 -31.09
N HIS R 22 -34.61 -4.71 -31.48
CA HIS R 22 -35.76 -3.90 -31.06
C HIS R 22 -36.99 -4.83 -30.94
N ASN R 23 -37.92 -4.48 -30.05
CA ASN R 23 -39.14 -5.26 -29.82
C ASN R 23 -40.39 -4.53 -30.32
N VAL R 24 -41.49 -5.28 -30.51
CA VAL R 24 -42.81 -4.78 -30.93
C VAL R 24 -43.89 -5.78 -30.48
N GLY R 25 -45.11 -5.29 -30.27
CA GLY R 25 -46.26 -6.10 -29.87
C GLY R 25 -46.46 -6.25 -28.38
N PRO R 26 -47.63 -6.78 -27.95
CA PRO R 26 -47.88 -6.94 -26.49
C PRO R 26 -46.87 -7.83 -25.78
N GLY R 27 -46.46 -7.41 -24.57
CA GLY R 27 -45.49 -8.11 -23.72
C GLY R 27 -44.20 -8.48 -24.41
N ASP R 28 -43.71 -7.62 -25.34
CA ASP R 28 -42.51 -7.83 -26.16
C ASP R 28 -42.54 -9.20 -26.88
N LYS R 29 -43.68 -9.49 -27.53
CA LYS R 29 -43.97 -10.73 -28.27
C LYS R 29 -42.98 -10.98 -29.41
N TYR R 30 -42.58 -9.91 -30.11
CA TYR R 30 -41.68 -10.00 -31.25
C TYR R 30 -40.38 -9.22 -31.07
N THR R 31 -39.28 -9.77 -31.59
CA THR R 31 -37.99 -9.09 -31.59
C THR R 31 -37.39 -9.24 -32.97
N CYS R 32 -36.72 -8.21 -33.43
CA CYS R 32 -35.95 -8.26 -34.67
C CYS R 32 -34.53 -7.88 -34.30
N MET R 33 -33.56 -8.68 -34.75
CA MET R 33 -32.15 -8.44 -34.43
C MET R 33 -31.32 -8.45 -35.69
N PHE R 34 -30.38 -7.55 -35.77
CA PHE R 34 -29.45 -7.45 -36.89
C PHE R 34 -28.03 -7.62 -36.34
N THR R 35 -27.30 -8.65 -36.81
CA THR R 35 -25.92 -8.94 -36.40
C THR R 35 -25.02 -8.77 -37.62
N TYR R 36 -23.88 -8.08 -37.46
CA TYR R 36 -23.04 -7.82 -38.61
C TYR R 36 -21.59 -7.62 -38.18
N ALA R 37 -20.69 -7.62 -39.14
CA ALA R 37 -19.32 -7.12 -39.01
C ALA R 37 -19.08 -6.47 -40.35
N SER R 38 -18.43 -5.30 -40.39
CA SER R 38 -18.24 -4.58 -41.64
C SER R 38 -16.95 -3.79 -41.67
N GLN R 39 -16.61 -3.27 -42.84
CA GLN R 39 -15.44 -2.42 -43.05
C GLN R 39 -15.89 -1.23 -43.87
N GLY R 40 -15.33 -0.07 -43.59
CA GLY R 40 -15.71 1.15 -44.28
C GLY R 40 -15.02 2.36 -43.71
N GLY R 41 -15.17 3.50 -44.36
CA GLY R 41 -14.53 4.75 -43.96
C GLY R 41 -15.19 5.49 -42.79
N THR R 42 -16.49 5.28 -42.55
CA THR R 42 -17.22 5.99 -41.48
C THR R 42 -18.22 5.03 -40.81
N ASN R 43 -18.73 5.41 -39.65
CA ASN R 43 -19.83 4.70 -39.04
C ASN R 43 -21.07 5.11 -39.86
N GLU R 44 -22.02 4.22 -40.04
CA GLU R 44 -23.15 4.52 -40.92
C GLU R 44 -24.48 4.31 -40.25
N GLN R 45 -25.33 5.35 -40.30
CA GLN R 45 -26.60 5.29 -39.61
C GLN R 45 -27.62 4.52 -40.47
N TRP R 46 -28.24 3.49 -39.88
CA TRP R 46 -29.31 2.70 -40.50
C TRP R 46 -30.61 2.89 -39.68
N GLN R 47 -31.73 2.33 -40.17
CA GLN R 47 -33.00 2.36 -39.51
C GLN R 47 -33.47 0.93 -39.43
N MET R 48 -34.22 0.65 -38.37
CA MET R 48 -34.92 -0.62 -38.18
C MET R 48 -36.35 -0.25 -37.88
N SER R 49 -37.31 -0.76 -38.72
CA SER R 49 -38.72 -0.47 -38.50
C SER R 49 -39.44 -1.80 -38.24
N LEU R 50 -40.36 -1.80 -37.28
CA LEU R 50 -41.11 -2.98 -36.88
C LEU R 50 -42.58 -2.64 -36.92
N GLY R 51 -43.35 -3.48 -37.62
CA GLY R 51 -44.79 -3.33 -37.74
C GLY R 51 -45.51 -4.64 -37.50
N THR R 52 -46.73 -4.57 -36.95
CA THR R 52 -47.54 -5.75 -36.68
C THR R 52 -48.85 -5.69 -37.46
N HIS R 58 -49.09 -11.32 -37.89
CA HIS R 58 -47.98 -11.05 -38.78
C HIS R 58 -47.12 -9.91 -38.28
N PHE R 59 -45.81 -10.04 -38.49
CA PHE R 59 -44.83 -9.07 -38.05
C PHE R 59 -43.85 -8.80 -39.17
N THR R 60 -43.57 -7.51 -39.43
CA THR R 60 -42.64 -7.10 -40.48
C THR R 60 -41.48 -6.34 -39.89
N CYS R 61 -40.26 -6.76 -40.26
CA CYS R 61 -39.05 -6.05 -39.85
C CYS R 61 -38.33 -5.59 -41.10
N THR R 62 -38.05 -4.29 -41.18
CA THR R 62 -37.31 -3.71 -42.30
C THR R 62 -36.07 -3.05 -41.72
N ILE R 63 -34.91 -3.39 -42.28
CA ILE R 63 -33.61 -2.82 -41.86
C ILE R 63 -33.03 -2.16 -43.12
N TRP R 64 -32.67 -0.86 -43.05
CA TRP R 64 -32.17 -0.21 -44.25
C TRP R 64 -31.31 0.97 -43.97
N ARG R 65 -30.55 1.38 -44.99
CA ARG R 65 -29.70 2.56 -44.93
C ARG R 65 -30.55 3.69 -45.61
N PRO R 66 -30.93 4.74 -44.83
CA PRO R 66 -31.71 5.87 -45.41
C PRO R 66 -31.04 6.45 -46.65
N GLN R 67 -31.84 6.75 -47.71
CA GLN R 67 -31.43 7.21 -49.07
C GLN R 67 -31.04 6.00 -50.01
N GLY R 68 -31.16 4.78 -49.49
CA GLY R 68 -31.03 3.55 -50.25
C GLY R 68 -29.69 2.91 -50.57
N LYS R 69 -28.54 3.60 -50.32
CA LYS R 69 -27.22 3.02 -50.61
C LYS R 69 -26.24 3.08 -49.44
N SER R 70 -25.79 1.91 -48.99
CA SER R 70 -24.76 1.79 -47.96
C SER R 70 -23.39 1.91 -48.62
N TYR R 71 -22.49 2.62 -47.95
CA TYR R 71 -21.12 2.76 -48.46
C TYR R 71 -20.15 1.87 -47.65
N LEU R 72 -20.69 0.95 -46.82
CA LEU R 72 -19.94 -0.02 -46.03
C LEU R 72 -19.82 -1.33 -46.76
N TYR R 73 -18.91 -2.18 -46.29
CA TYR R 73 -18.68 -3.49 -46.91
C TYR R 73 -18.80 -4.57 -45.84
N PHE R 74 -19.88 -5.38 -45.95
CA PHE R 74 -20.16 -6.36 -44.92
C PHE R 74 -19.38 -7.62 -45.11
N THR R 75 -18.78 -8.12 -44.03
CA THR R 75 -18.06 -9.41 -44.08
C THR R 75 -19.04 -10.51 -43.63
N GLN R 76 -20.10 -10.10 -42.90
CA GLN R 76 -21.16 -10.99 -42.44
C GLN R 76 -22.41 -10.19 -42.08
N PHE R 77 -23.58 -10.81 -42.21
CA PHE R 77 -24.83 -10.19 -41.78
C PHE R 77 -25.82 -11.30 -41.46
N LYS R 78 -26.68 -11.02 -40.48
CA LYS R 78 -27.74 -11.95 -40.08
C LYS R 78 -28.86 -11.13 -39.46
N ALA R 79 -30.07 -11.27 -39.98
CA ALA R 79 -31.25 -10.61 -39.39
C ALA R 79 -32.15 -11.73 -38.91
N GLU R 80 -32.57 -11.67 -37.65
CA GLU R 80 -33.37 -12.72 -37.02
C GLU R 80 -34.62 -12.17 -36.37
N VAL R 81 -35.64 -13.01 -36.29
CA VAL R 81 -36.89 -12.67 -35.60
C VAL R 81 -37.13 -13.63 -34.44
N ARG R 82 -37.68 -13.12 -33.35
CA ARG R 82 -38.03 -13.96 -32.19
C ARG R 82 -39.54 -13.88 -32.01
N GLY R 83 -40.13 -15.00 -31.59
CA GLY R 83 -41.57 -15.14 -31.39
C GLY R 83 -42.33 -15.27 -32.70
N ALA R 84 -41.59 -15.52 -33.81
CA ALA R 84 -42.18 -15.61 -35.16
C ALA R 84 -41.36 -16.48 -36.10
N GLU R 85 -42.00 -16.93 -37.20
CA GLU R 85 -41.42 -17.75 -38.26
C GLU R 85 -41.52 -16.97 -39.58
N ILE R 86 -40.39 -16.87 -40.31
CA ILE R 86 -40.29 -16.16 -41.60
C ILE R 86 -41.17 -16.79 -42.68
N GLU R 87 -42.01 -15.97 -43.34
CA GLU R 87 -42.89 -16.33 -44.46
C GLU R 87 -42.22 -15.86 -45.75
N TYR R 88 -41.60 -14.67 -45.71
CA TYR R 88 -40.95 -14.03 -46.83
C TYR R 88 -39.76 -13.21 -46.33
N ALA R 89 -38.65 -13.21 -47.08
CA ALA R 89 -37.48 -12.35 -46.76
C ALA R 89 -36.75 -11.98 -48.02
N MET R 90 -36.26 -10.73 -48.09
CA MET R 90 -35.51 -10.25 -49.24
C MET R 90 -34.37 -9.39 -48.78
N ALA R 91 -33.23 -9.49 -49.50
CA ALA R 91 -32.03 -8.71 -49.24
C ALA R 91 -31.69 -7.92 -50.51
N TYR R 92 -31.25 -6.66 -50.34
CA TYR R 92 -30.96 -5.76 -51.45
C TYR R 92 -29.60 -5.12 -51.31
N SER R 93 -28.89 -4.93 -52.45
CA SER R 93 -27.61 -4.21 -52.46
C SER R 93 -27.86 -2.69 -52.44
N LYS R 94 -29.02 -2.26 -52.94
CA LYS R 94 -29.40 -0.85 -53.01
C LYS R 94 -30.90 -0.66 -52.78
N ASP R 102 -35.19 -0.55 -56.07
CA ASP R 102 -34.62 -1.68 -55.33
C ASP R 102 -33.79 -2.59 -56.23
N VAL R 103 -32.58 -2.94 -55.76
CA VAL R 103 -31.69 -3.85 -56.47
C VAL R 103 -31.51 -5.06 -55.55
N PRO R 104 -32.21 -6.19 -55.79
CA PRO R 104 -32.03 -7.34 -54.90
C PRO R 104 -30.64 -7.97 -55.05
N LEU R 105 -30.21 -8.67 -53.98
CA LEU R 105 -28.98 -9.46 -54.04
C LEU R 105 -29.26 -10.65 -54.93
N LYS R 106 -28.21 -11.26 -55.51
CA LYS R 106 -28.37 -12.49 -56.29
C LYS R 106 -28.77 -13.56 -55.27
N THR R 107 -29.62 -14.53 -55.68
CA THR R 107 -30.13 -15.61 -54.81
C THR R 107 -29.00 -16.32 -54.03
N GLU R 108 -27.86 -16.56 -54.69
CA GLU R 108 -26.68 -17.25 -54.15
C GLU R 108 -26.00 -16.49 -53.01
N GLU R 109 -26.23 -15.16 -52.90
CA GLU R 109 -25.62 -14.29 -51.91
C GLU R 109 -26.15 -14.44 -50.49
N PHE R 110 -27.36 -14.99 -50.34
CA PHE R 110 -27.95 -15.08 -49.01
C PHE R 110 -28.83 -16.30 -48.85
N GLU R 111 -29.16 -16.63 -47.59
CA GLU R 111 -29.98 -17.80 -47.26
C GLU R 111 -31.11 -17.37 -46.33
N VAL R 112 -32.30 -17.93 -46.54
CA VAL R 112 -33.46 -17.63 -45.71
C VAL R 112 -33.87 -18.93 -45.01
N THR R 113 -33.91 -18.89 -43.67
CA THR R 113 -34.32 -20.04 -42.85
C THR R 113 -35.62 -19.70 -42.12
N LYS R 114 -36.01 -20.55 -41.16
CA LYS R 114 -37.24 -20.42 -40.35
C LYS R 114 -37.26 -19.11 -39.54
N THR R 115 -36.12 -18.69 -38.97
CA THR R 115 -36.06 -17.47 -38.15
C THR R 115 -35.02 -16.46 -38.60
N ALA R 116 -34.21 -16.76 -39.63
CA ALA R 116 -33.15 -15.82 -40.03
C ALA R 116 -32.92 -15.67 -41.52
N VAL R 117 -32.37 -14.51 -41.89
CA VAL R 117 -31.90 -14.17 -43.23
C VAL R 117 -30.40 -13.84 -43.04
N ALA R 118 -29.52 -14.59 -43.71
CA ALA R 118 -28.08 -14.40 -43.50
C ALA R 118 -27.28 -14.47 -44.77
N HIS R 119 -26.06 -13.92 -44.76
CA HIS R 119 -25.17 -13.98 -45.93
C HIS R 119 -24.72 -15.41 -46.20
N ARG R 120 -24.38 -15.71 -47.47
CA ARG R 120 -23.81 -17.00 -47.81
C ARG R 120 -22.29 -16.80 -47.94
N PRO R 121 -21.49 -17.38 -47.04
CA PRO R 121 -20.03 -17.18 -47.09
C PRO R 121 -19.41 -17.53 -48.43
N GLY R 122 -18.57 -16.63 -48.93
CA GLY R 122 -17.87 -16.78 -50.20
C GLY R 122 -18.65 -16.39 -51.44
N ALA R 123 -19.99 -16.27 -51.35
CA ALA R 123 -20.85 -15.89 -52.49
C ALA R 123 -21.40 -14.47 -52.30
N PHE R 124 -21.59 -14.05 -51.05
CA PHE R 124 -22.08 -12.70 -50.74
C PHE R 124 -21.03 -11.66 -51.21
N LYS R 125 -21.48 -10.64 -51.96
CA LYS R 125 -20.59 -9.65 -52.58
C LYS R 125 -20.32 -8.41 -51.69
N ALA R 126 -20.65 -8.49 -50.40
CA ALA R 126 -20.35 -7.46 -49.35
C ALA R 126 -21.24 -6.21 -49.37
N GLU R 127 -22.11 -6.05 -50.39
CA GLU R 127 -22.94 -4.86 -50.42
C GLU R 127 -24.35 -5.16 -49.95
N LEU R 128 -24.82 -4.43 -48.95
CA LEU R 128 -26.16 -4.60 -48.44
C LEU R 128 -26.69 -3.23 -48.06
N SER R 129 -27.91 -2.90 -48.55
CA SER R 129 -28.53 -1.62 -48.15
C SER R 129 -29.92 -1.78 -47.55
N LYS R 130 -30.53 -2.98 -47.67
CA LYS R 130 -31.88 -3.21 -47.14
C LYS R 130 -32.15 -4.68 -46.94
N LEU R 131 -32.92 -5.00 -45.88
CA LEU R 131 -33.41 -6.35 -45.59
C LEU R 131 -34.87 -6.20 -45.19
N VAL R 132 -35.73 -7.08 -45.71
CA VAL R 132 -37.15 -7.08 -45.39
C VAL R 132 -37.50 -8.49 -44.89
N ILE R 133 -38.18 -8.58 -43.73
CA ILE R 133 -38.63 -9.87 -43.19
C ILE R 133 -40.11 -9.77 -42.91
N VAL R 134 -40.92 -10.71 -43.46
CA VAL R 134 -42.33 -10.80 -43.16
C VAL R 134 -42.48 -12.15 -42.44
N ALA R 135 -42.97 -12.13 -41.20
CA ALA R 135 -43.04 -13.31 -40.35
C ALA R 135 -44.42 -13.49 -39.70
N LYS R 136 -44.72 -14.74 -39.30
CA LYS R 136 -46.00 -15.13 -38.67
C LYS R 136 -45.79 -15.64 -37.25
#